data_1IH0
#
_entry.id   1IH0
#
loop_
_entity.id
_entity.type
_entity.pdbx_description
1 polymer 'TROPONIN C, SLOW SKELETAL AND CARDIAC MUSCLES'
2 non-polymer 'CALCIUM ION'
3 non-polymer 5-[1-(3,4-DIMETHOXY-BENZOYL)-1,2,3,4-TETRAHYDRO-QUINOLIN-6-YL]-6-METHYL-3,6-DIHYDRO-[1,3,4]THIADIAZIN-2-ONE
#
_entity_poly.entity_id   1
_entity_poly.type   'polypeptide(L)'
_entity_poly.pdbx_seq_one_letter_code
;GKSEEELSDLFRMFDKNADGYIDLEELKIMLQATGETITEDDIEELMKDGDKNNDGRIDYDEFLEFMKGVE
;
_entity_poly.pdbx_strand_id   A
#
loop_
_chem_comp.id
_chem_comp.type
_chem_comp.name
_chem_comp.formula
CA non-polymer 'CALCIUM ION' 'Ca 2'
EMD non-polymer 5-[1-(3,4-DIMETHOXY-BENZOYL)-1,2,3,4-TETRAHYDRO-QUINOLIN-6-YL]-6-METHYL-3,6-DIHYDRO-[1,3,4]THIADIAZIN-2-ONE 'C22 H23 N3 O4 S'
#
# COMPACT_ATOMS: atom_id res chain seq x y z
N GLY A 1 -5.87 -18.56 1.43
CA GLY A 1 -5.28 -18.85 2.74
C GLY A 1 -4.31 -17.75 3.16
N LYS A 2 -3.04 -18.12 3.28
CA LYS A 2 -2.01 -17.16 3.67
C LYS A 2 -2.24 -16.68 5.11
N SER A 3 -3.39 -16.05 5.33
CA SER A 3 -3.73 -15.55 6.66
C SER A 3 -2.96 -14.26 6.95
N GLU A 4 -3.12 -13.76 8.18
CA GLU A 4 -2.44 -12.53 8.58
C GLU A 4 -0.93 -12.71 8.53
N GLU A 5 -0.49 -13.97 8.41
CA GLU A 5 0.93 -14.28 8.36
C GLU A 5 1.60 -13.51 7.22
N GLU A 6 1.04 -13.64 6.02
CA GLU A 6 1.60 -12.97 4.86
C GLU A 6 1.26 -11.48 4.87
N LEU A 7 0.08 -11.16 5.38
CA LEU A 7 -0.36 -9.76 5.44
C LEU A 7 0.63 -8.92 6.25
N SER A 8 1.10 -9.48 7.35
CA SER A 8 2.06 -8.78 8.22
C SER A 8 3.28 -8.34 7.41
N ASP A 9 3.84 -9.28 6.65
CA ASP A 9 5.01 -8.98 5.84
C ASP A 9 4.67 -7.94 4.78
N LEU A 10 3.60 -8.20 4.03
CA LEU A 10 3.17 -7.28 2.98
C LEU A 10 3.26 -5.85 3.47
N PHE A 11 2.67 -5.58 4.62
CA PHE A 11 2.70 -4.23 5.19
C PHE A 11 4.11 -3.67 5.10
N ARG A 12 5.07 -4.41 5.66
CA ARG A 12 6.46 -3.98 5.64
C ARG A 12 6.99 -4.07 4.22
N MET A 13 6.50 -5.08 3.50
CA MET A 13 6.89 -5.28 2.11
C MET A 13 6.59 -4.02 1.29
N PHE A 14 5.62 -3.25 1.78
CA PHE A 14 5.22 -2.03 1.11
C PHE A 14 5.85 -0.82 1.80
N ASP A 15 6.05 -0.95 3.12
CA ASP A 15 6.64 0.12 3.90
C ASP A 15 8.14 0.21 3.61
N LYS A 16 8.57 1.34 3.07
CA LYS A 16 9.98 1.53 2.74
C LYS A 16 10.60 2.61 3.62
N ASN A 17 9.83 3.12 4.57
CA ASN A 17 10.34 4.16 5.47
C ASN A 17 10.36 3.66 6.92
N ALA A 18 10.04 2.39 7.10
CA ALA A 18 10.02 1.79 8.44
C ALA A 18 9.32 2.73 9.43
N ASP A 19 8.04 3.00 9.17
CA ASP A 19 7.27 3.87 10.04
C ASP A 19 5.96 3.20 10.48
N GLY A 20 5.49 2.25 9.67
CA GLY A 20 4.25 1.55 10.00
C GLY A 20 3.07 2.19 9.26
N TYR A 21 3.39 2.97 8.24
CA TYR A 21 2.36 3.65 7.45
C TYR A 21 2.84 3.87 6.02
N ILE A 22 2.01 3.50 5.07
CA ILE A 22 2.36 3.67 3.66
C ILE A 22 1.80 4.99 3.13
N ASP A 23 2.54 5.61 2.22
CA ASP A 23 2.11 6.88 1.65
C ASP A 23 2.22 6.85 0.13
N LEU A 24 1.63 7.85 -0.52
CA LEU A 24 1.67 7.93 -1.98
C LEU A 24 3.11 8.08 -2.46
N GLU A 25 3.88 8.92 -1.76
CA GLU A 25 5.27 9.14 -2.12
C GLU A 25 5.99 7.80 -2.28
N GLU A 26 5.56 6.81 -1.52
CA GLU A 26 6.17 5.48 -1.58
C GLU A 26 5.49 4.65 -2.65
N LEU A 27 4.16 4.70 -2.69
CA LEU A 27 3.41 3.94 -3.68
C LEU A 27 4.07 4.03 -5.05
N LYS A 28 4.12 5.24 -5.60
CA LYS A 28 4.75 5.45 -6.91
C LYS A 28 6.06 4.69 -6.98
N ILE A 29 6.87 4.82 -5.94
CA ILE A 29 8.16 4.13 -5.90
C ILE A 29 7.95 2.62 -5.96
N MET A 30 6.80 2.18 -5.47
CA MET A 30 6.49 0.75 -5.48
C MET A 30 6.14 0.30 -6.90
N LEU A 31 5.44 1.16 -7.63
CA LEU A 31 5.05 0.85 -9.00
C LEU A 31 6.26 0.92 -9.92
N GLN A 32 6.94 2.06 -9.89
CA GLN A 32 8.12 2.25 -10.73
C GLN A 32 9.10 1.10 -10.53
N ALA A 33 9.05 0.50 -9.34
CA ALA A 33 9.94 -0.61 -9.02
C ALA A 33 9.41 -1.92 -9.64
N THR A 34 8.09 -2.05 -9.67
CA THR A 34 7.48 -3.26 -10.24
C THR A 34 6.99 -3.00 -11.66
N GLY A 35 7.24 -1.79 -12.16
CA GLY A 35 6.82 -1.43 -13.51
C GLY A 35 6.23 -0.03 -13.54
N GLU A 36 7.10 0.95 -13.75
CA GLU A 36 6.67 2.35 -13.80
C GLU A 36 5.62 2.54 -14.90
N THR A 37 5.67 3.69 -15.58
CA THR A 37 4.71 3.97 -16.65
C THR A 37 3.31 3.55 -16.21
N ILE A 38 2.87 4.09 -15.08
CA ILE A 38 1.54 3.79 -14.56
C ILE A 38 0.70 5.06 -14.44
N THR A 39 -0.42 5.08 -15.15
CA THR A 39 -1.30 6.25 -15.12
C THR A 39 -1.52 6.71 -13.67
N GLU A 40 -1.79 8.00 -13.52
CA GLU A 40 -2.02 8.57 -12.20
C GLU A 40 -3.32 8.04 -11.60
N ASP A 41 -4.13 7.42 -12.45
CA ASP A 41 -5.41 6.88 -12.00
C ASP A 41 -5.20 5.54 -11.28
N ASP A 42 -3.95 5.14 -11.14
CA ASP A 42 -3.62 3.89 -10.45
C ASP A 42 -2.97 4.17 -9.11
N ILE A 43 -2.50 5.40 -8.93
CA ILE A 43 -1.85 5.78 -7.68
C ILE A 43 -2.88 6.29 -6.68
N GLU A 44 -3.68 7.25 -7.11
CA GLU A 44 -4.71 7.83 -6.25
C GLU A 44 -5.93 6.90 -6.17
N GLU A 45 -6.42 6.49 -7.33
CA GLU A 45 -7.58 5.60 -7.39
C GLU A 45 -7.40 4.44 -6.41
N LEU A 46 -6.15 3.96 -6.31
CA LEU A 46 -5.86 2.84 -5.42
C LEU A 46 -5.79 3.32 -3.97
N MET A 47 -5.09 4.44 -3.76
CA MET A 47 -4.96 5.00 -2.41
C MET A 47 -6.30 5.45 -1.87
N LYS A 48 -7.06 6.15 -2.71
CA LYS A 48 -8.37 6.65 -2.31
C LYS A 48 -9.19 5.55 -1.64
N ASP A 49 -9.36 4.44 -2.34
CA ASP A 49 -10.13 3.31 -1.80
C ASP A 49 -9.37 2.63 -0.67
N GLY A 50 -8.12 3.04 -0.47
CA GLY A 50 -7.30 2.45 0.59
C GLY A 50 -6.92 3.50 1.63
N ASP A 51 -7.68 4.60 1.64
CA ASP A 51 -7.41 5.68 2.59
C ASP A 51 -8.68 6.04 3.36
N LYS A 52 -9.31 5.01 3.96
CA LYS A 52 -10.52 5.24 4.73
C LYS A 52 -10.31 6.39 5.72
N ASN A 53 -9.10 6.48 6.26
CA ASN A 53 -8.77 7.53 7.21
C ASN A 53 -8.61 8.86 6.48
N ASN A 54 -8.37 8.79 5.17
CA ASN A 54 -8.20 10.00 4.37
C ASN A 54 -7.09 10.87 4.96
N ASP A 55 -5.92 10.26 5.15
CA ASP A 55 -4.78 10.99 5.70
C ASP A 55 -3.64 11.03 4.69
N GLY A 56 -3.78 10.27 3.60
CA GLY A 56 -2.75 10.22 2.58
C GLY A 56 -1.81 9.05 2.81
N ARG A 57 -2.28 8.08 3.59
CA ARG A 57 -1.47 6.90 3.90
C ARG A 57 -2.36 5.74 4.33
N ILE A 58 -1.73 4.62 4.65
CA ILE A 58 -2.46 3.43 5.08
C ILE A 58 -2.07 3.06 6.51
N ASP A 59 -2.98 2.38 7.21
CA ASP A 59 -2.72 1.97 8.58
C ASP A 59 -2.78 0.45 8.70
N TYR A 60 -2.50 -0.04 9.91
CA TYR A 60 -2.52 -1.49 10.15
C TYR A 60 -3.94 -2.04 10.05
N ASP A 61 -4.91 -1.13 10.06
CA ASP A 61 -6.31 -1.53 9.97
C ASP A 61 -6.78 -1.54 8.51
N GLU A 62 -6.74 -0.35 7.89
CA GLU A 62 -7.15 -0.23 6.50
C GLU A 62 -6.29 -1.11 5.61
N PHE A 63 -4.98 -1.11 5.87
CA PHE A 63 -4.06 -1.92 5.08
C PHE A 63 -4.46 -3.39 5.14
N LEU A 64 -4.66 -3.89 6.36
CA LEU A 64 -5.05 -5.28 6.55
C LEU A 64 -6.30 -5.60 5.75
N GLU A 65 -7.10 -4.57 5.47
CA GLU A 65 -8.33 -4.75 4.71
C GLU A 65 -8.01 -4.82 3.21
N PHE A 66 -7.43 -3.76 2.69
CA PHE A 66 -7.08 -3.71 1.28
C PHE A 66 -6.05 -4.78 0.96
N MET A 67 -5.27 -5.15 1.97
CA MET A 67 -4.24 -6.18 1.80
C MET A 67 -4.77 -7.53 2.26
N LYS A 68 -5.88 -7.95 1.67
CA LYS A 68 -6.50 -9.23 2.02
C LYS A 68 -5.73 -10.38 1.38
N GLY A 69 -4.43 -10.45 1.65
CA GLY A 69 -3.60 -11.50 1.09
C GLY A 69 -3.26 -11.21 -0.37
N VAL A 70 -2.54 -10.11 -0.59
CA VAL A 70 -2.15 -9.73 -1.94
C VAL A 70 -0.71 -10.16 -2.22
N GLU A 71 -0.40 -10.32 -3.50
CA GLU A 71 0.95 -10.74 -3.90
C GLU A 71 1.25 -12.14 -3.37
CA CA B . 6.14 3.84 4.33
CA CA C . -5.86 5.44 5.93
S1 EMD D . -2.81 -0.58 1.12
C2 EMD D . -4.24 0.21 0.41
O2 EMD D . -5.09 0.71 1.14
N3 EMD D . -4.32 0.33 -0.90
N4 EMD D . -3.35 -0.07 -1.80
C5 EMD D . -2.17 -0.55 -1.65
C6 EMD D . -1.59 -0.63 -0.22
C7 EMD D . -0.60 0.51 0.01
C8 EMD D . -1.49 -1.30 -2.85
C9 EMD D . -1.18 -2.66 -2.73
C10 EMD D . -0.57 -3.34 -3.80
C11 EMD D . -0.27 -2.63 -4.99
C12 EMD D . -0.58 -1.27 -5.09
C13 EMD D . -1.19 -0.61 -4.03
N14 EMD D . 0.41 -3.38 -6.14
C15 EMD D . 0.37 -4.90 -6.14
C16 EMD D . -0.40 -5.56 -5.01
C17 EMD D . -0.24 -4.83 -3.66
C18 EMD D . 1.04 -2.74 -7.19
O18 EMD D . 1.11 -1.51 -7.25
C19 EMD D . 1.71 -3.52 -8.32
C20 EMD D . 1.21 -3.43 -9.63
C21 EMD D . 1.72 -4.27 -10.63
O21 EMD D . 1.19 -4.13 -11.93
C22 EMD D . 2.71 -5.18 -10.34
O22 EMD D . 3.24 -6.03 -11.31
C23 EMD D . 3.21 -5.28 -9.04
C24 EMD D . 2.71 -4.45 -8.02
C25 EMD D . -0.09 -3.51 -12.23
C26 EMD D . 3.81 -7.35 -11.03
H3 EMD D . -5.23 0.70 -1.24
H6 EMD D . -1.06 -1.57 -0.14
H71 EMD D . -0.04 0.33 0.90
H72 EMD D . -1.14 1.44 0.09
H73 EMD D . 0.08 0.57 -0.83
H9 EMD D . -1.41 -3.20 -1.82
H12 EMD D . -0.36 -0.73 -6.01
H13 EMD D . -1.43 0.44 -4.12
H151 EMD D . 1.38 -5.26 -6.09
H152 EMD D . -0.07 -5.25 -7.06
H161 EMD D . -0.08 -6.59 -4.91
H162 EMD D . -1.45 -5.61 -5.27
H171 EMD D . 0.80 -4.95 -3.27
H172 EMD D . -0.89 -5.30 -2.89
H20 EMD D . 0.44 -2.72 -9.87
H23 EMD D . 3.98 -6.00 -8.81
H24 EMD D . 3.10 -4.54 -7.03
H251 EMD D . -0.71 -3.47 -11.35
H252 EMD D . -0.61 -4.07 -12.99
H253 EMD D . 0.05 -2.50 -12.59
H261 EMD D . 3.12 -8.13 -11.32
H262 EMD D . 4.02 -7.44 -9.98
H263 EMD D . 4.73 -7.47 -11.58
N GLY A 1 -5.21 -14.08 -0.53
CA GLY A 1 -5.51 -15.41 0.02
C GLY A 1 -4.22 -16.12 0.45
N LYS A 2 -3.65 -15.65 1.55
CA LYS A 2 -2.42 -16.25 2.06
C LYS A 2 -2.54 -16.52 3.56
N SER A 3 -2.31 -15.47 4.35
CA SER A 3 -2.39 -15.60 5.81
C SER A 3 -1.90 -14.32 6.49
N GLU A 4 -2.29 -14.15 7.75
CA GLU A 4 -1.88 -12.97 8.49
C GLU A 4 -0.37 -12.92 8.62
N GLU A 5 0.21 -14.07 8.97
CA GLU A 5 1.66 -14.15 9.13
C GLU A 5 2.37 -13.59 7.90
N GLU A 6 1.85 -13.95 6.72
CA GLU A 6 2.44 -13.47 5.47
C GLU A 6 2.19 -11.97 5.33
N LEU A 7 1.05 -11.52 5.83
CA LEU A 7 0.70 -10.10 5.77
C LEU A 7 1.83 -9.25 6.32
N SER A 8 2.33 -9.65 7.50
CA SER A 8 3.43 -8.92 8.13
C SER A 8 4.47 -8.53 7.09
N ASP A 9 4.68 -9.42 6.13
CA ASP A 9 5.65 -9.16 5.06
C ASP A 9 5.08 -8.13 4.09
N LEU A 10 3.90 -8.43 3.56
CA LEU A 10 3.25 -7.53 2.62
C LEU A 10 3.38 -6.09 3.11
N PHE A 11 3.32 -5.92 4.43
CA PHE A 11 3.44 -4.61 5.02
C PHE A 11 4.84 -4.06 4.77
N ARG A 12 5.83 -4.67 5.42
CA ARG A 12 7.21 -4.24 5.25
C ARG A 12 7.55 -4.26 3.77
N MET A 13 6.80 -5.06 3.01
CA MET A 13 7.02 -5.15 1.57
C MET A 13 6.61 -3.85 0.89
N PHE A 14 5.44 -3.36 1.30
CA PHE A 14 4.93 -2.11 0.74
C PHE A 14 5.65 -0.91 1.34
N ASP A 15 5.90 -0.99 2.64
CA ASP A 15 6.59 0.10 3.33
C ASP A 15 8.04 0.18 2.88
N LYS A 16 8.41 1.33 2.32
CA LYS A 16 9.77 1.53 1.84
C LYS A 16 10.55 2.43 2.80
N ASN A 17 9.98 2.66 3.97
CA ASN A 17 10.63 3.51 4.97
C ASN A 17 10.77 2.75 6.29
N ALA A 18 10.23 1.53 6.34
CA ALA A 18 10.31 0.72 7.54
C ALA A 18 9.86 1.52 8.77
N ASP A 19 8.67 2.10 8.66
CA ASP A 19 8.13 2.90 9.76
C ASP A 19 6.83 2.28 10.29
N GLY A 20 6.44 1.15 9.69
CA GLY A 20 5.21 0.47 10.10
C GLY A 20 3.98 1.15 9.50
N TYR A 21 4.21 2.03 8.53
CA TYR A 21 3.11 2.75 7.89
C TYR A 21 3.45 3.04 6.43
N ILE A 22 2.41 3.07 5.60
CA ILE A 22 2.59 3.35 4.17
C ILE A 22 1.96 4.70 3.83
N ASP A 23 2.65 5.47 2.99
CA ASP A 23 2.15 6.77 2.59
C ASP A 23 2.04 6.87 1.07
N LEU A 24 1.32 7.89 0.61
CA LEU A 24 1.15 8.09 -0.82
C LEU A 24 2.49 8.22 -1.53
N GLU A 25 3.47 8.77 -0.83
CA GLU A 25 4.81 8.94 -1.39
C GLU A 25 5.44 7.58 -1.69
N GLU A 26 4.88 6.53 -1.12
CA GLU A 26 5.39 5.18 -1.34
C GLU A 26 4.52 4.43 -2.34
N LEU A 27 3.26 4.82 -2.40
CA LEU A 27 2.32 4.18 -3.32
C LEU A 27 2.85 4.21 -4.75
N LYS A 28 3.25 5.39 -5.20
CA LYS A 28 3.76 5.56 -6.55
C LYS A 28 5.04 4.74 -6.75
N ILE A 29 5.77 4.51 -5.66
CA ILE A 29 7.01 3.74 -5.73
C ILE A 29 6.75 2.35 -6.29
N MET A 30 5.98 1.56 -5.55
CA MET A 30 5.66 0.19 -5.97
C MET A 30 5.31 0.16 -7.46
N LEU A 31 4.57 1.17 -7.91
CA LEU A 31 4.17 1.24 -9.31
C LEU A 31 5.36 1.59 -10.19
N GLN A 32 5.94 2.77 -9.92
CA GLN A 32 7.10 3.22 -10.69
C GLN A 32 8.18 2.14 -10.72
N ALA A 33 8.19 1.32 -9.66
CA ALA A 33 9.18 0.26 -9.54
C ALA A 33 8.86 -0.88 -10.52
N THR A 34 7.57 -1.17 -10.66
CA THR A 34 7.15 -2.26 -11.56
C THR A 34 7.17 -1.78 -13.01
N GLY A 35 8.35 -1.39 -13.48
CA GLY A 35 8.49 -0.91 -14.85
C GLY A 35 7.51 0.21 -15.15
N GLU A 36 7.14 0.95 -14.11
CA GLU A 36 6.20 2.06 -14.25
C GLU A 36 5.19 1.79 -15.35
N THR A 37 4.06 1.19 -14.98
CA THR A 37 3.01 0.88 -15.95
C THR A 37 1.68 1.43 -15.48
N ILE A 38 1.73 2.46 -14.64
CA ILE A 38 0.52 3.08 -14.12
C ILE A 38 0.67 4.59 -14.09
N THR A 39 -0.43 5.29 -14.41
CA THR A 39 -0.41 6.75 -14.41
C THR A 39 -0.96 7.30 -13.09
N GLU A 40 -1.54 8.49 -13.14
CA GLU A 40 -2.11 9.10 -11.94
C GLU A 40 -3.59 8.77 -11.83
N ASP A 41 -3.94 7.53 -12.17
CA ASP A 41 -5.34 7.09 -12.10
C ASP A 41 -5.47 5.85 -11.21
N ASP A 42 -4.33 5.32 -10.78
CA ASP A 42 -4.34 4.13 -9.93
C ASP A 42 -3.67 4.42 -8.59
N ILE A 43 -3.03 5.59 -8.50
CA ILE A 43 -2.36 5.98 -7.27
C ILE A 43 -3.33 6.70 -6.34
N GLU A 44 -3.98 7.74 -6.86
CA GLU A 44 -4.93 8.51 -6.07
C GLU A 44 -6.26 7.78 -5.96
N GLU A 45 -6.72 7.25 -7.09
CA GLU A 45 -7.98 6.51 -7.12
C GLU A 45 -7.96 5.38 -6.10
N LEU A 46 -6.88 4.61 -6.12
CA LEU A 46 -6.73 3.49 -5.19
C LEU A 46 -6.36 3.98 -3.81
N MET A 47 -5.72 5.16 -3.76
CA MET A 47 -5.31 5.74 -2.49
C MET A 47 -6.45 5.69 -1.47
N LYS A 48 -7.68 5.74 -1.96
CA LYS A 48 -8.84 5.71 -1.08
C LYS A 48 -9.39 4.29 -0.93
N ASP A 49 -8.82 3.36 -1.69
CA ASP A 49 -9.27 1.98 -1.63
C ASP A 49 -8.73 1.29 -0.38
N GLY A 50 -7.81 1.96 0.31
CA GLY A 50 -7.23 1.40 1.53
C GLY A 50 -6.75 2.50 2.46
N ASP A 51 -7.49 3.61 2.49
CA ASP A 51 -7.13 4.74 3.34
C ASP A 51 -8.36 5.29 4.06
N LYS A 52 -9.03 4.40 4.80
CA LYS A 52 -10.24 4.80 5.54
C LYS A 52 -9.95 6.00 6.44
N ASN A 53 -8.78 5.98 7.08
CA ASN A 53 -8.40 7.07 7.97
C ASN A 53 -8.40 8.40 7.22
N ASN A 54 -8.39 8.31 5.90
CA ASN A 54 -8.39 9.51 5.07
C ASN A 54 -7.38 10.53 5.60
N ASP A 55 -6.13 10.09 5.73
CA ASP A 55 -5.08 10.97 6.23
C ASP A 55 -3.80 10.81 5.40
N GLY A 56 -3.93 10.11 4.26
CA GLY A 56 -2.79 9.89 3.39
C GLY A 56 -1.77 8.97 4.04
N ARG A 57 -2.22 7.77 4.42
CA ARG A 57 -1.34 6.80 5.07
C ARG A 57 -2.11 5.50 5.34
N ILE A 58 -1.35 4.44 5.59
CA ILE A 58 -1.97 3.14 5.87
C ILE A 58 -1.52 2.62 7.23
N ASP A 59 -2.42 1.91 7.91
CA ASP A 59 -2.11 1.36 9.23
C ASP A 59 -2.27 -0.16 9.22
N TYR A 60 -1.97 -0.77 10.36
CA TYR A 60 -2.08 -2.22 10.48
C TYR A 60 -3.51 -2.68 10.23
N ASP A 61 -4.42 -2.25 11.09
CA ASP A 61 -5.82 -2.62 10.96
C ASP A 61 -6.30 -2.39 9.53
N GLU A 62 -5.96 -1.24 8.98
CA GLU A 62 -6.36 -0.91 7.62
C GLU A 62 -5.68 -1.85 6.62
N PHE A 63 -4.35 -1.87 6.67
CA PHE A 63 -3.58 -2.74 5.77
C PHE A 63 -3.97 -4.20 5.97
N LEU A 64 -4.43 -4.52 7.18
CA LEU A 64 -4.83 -5.89 7.48
C LEU A 64 -6.15 -6.24 6.80
N GLU A 65 -6.94 -5.20 6.54
CA GLU A 65 -8.23 -5.41 5.88
C GLU A 65 -8.09 -5.31 4.37
N PHE A 66 -7.52 -4.20 3.92
CA PHE A 66 -7.32 -3.98 2.48
C PHE A 66 -6.40 -5.05 1.90
N MET A 67 -5.18 -5.12 2.44
CA MET A 67 -4.21 -6.11 1.96
C MET A 67 -4.40 -7.43 2.68
N LYS A 68 -5.57 -8.02 2.52
CA LYS A 68 -5.88 -9.30 3.15
C LYS A 68 -5.06 -10.41 2.51
N GLY A 69 -3.74 -10.32 2.64
CA GLY A 69 -2.86 -11.33 2.07
C GLY A 69 -3.00 -11.38 0.55
N VAL A 70 -2.69 -10.25 -0.09
CA VAL A 70 -2.80 -10.16 -1.55
C VAL A 70 -1.48 -9.69 -2.14
N GLU A 71 -0.87 -10.54 -2.96
CA GLU A 71 0.40 -10.21 -3.59
C GLU A 71 0.26 -10.21 -5.10
CA CA B . 5.97 3.70 4.04
CA CA C . -5.38 4.35 6.29
S1 EMD D . -3.63 0.74 0.65
C2 EMD D . -4.32 2.19 -0.13
O2 EMD D . -5.07 2.93 0.49
N3 EMD D . -4.08 2.40 -1.42
N4 EMD D . -3.30 1.59 -2.22
C5 EMD D . -2.58 0.55 -1.98
C6 EMD D . -2.39 0.12 -0.52
C7 EMD D . -1.02 0.55 -0.01
C8 EMD D . -2.13 -0.37 -3.17
C9 EMD D . -1.99 -1.75 -2.97
C10 EMD D . -1.59 -2.57 -4.03
C11 EMD D . -1.32 -2.00 -5.30
C12 EMD D . -1.47 -0.62 -5.50
C13 EMD D . -1.87 0.20 -4.43
N14 EMD D . -0.88 -2.92 -6.43
C15 EMD D . -1.11 -4.41 -6.30
C16 EMD D . -1.84 -4.89 -5.05
C17 EMD D . -1.42 -4.09 -3.78
C18 EMD D . -0.29 -2.45 -7.60
O18 EMD D . -0.08 -1.25 -7.78
C19 EMD D . 0.14 -3.40 -8.72
C20 EMD D . -0.67 -3.55 -9.85
C21 EMD D . -0.28 -4.43 -10.88
O21 EMD D . -1.13 -4.54 -11.99
C22 EMD D . 0.90 -5.13 -10.77
O22 EMD D . 1.33 -6.01 -11.78
C23 EMD D . 1.72 -4.98 -9.65
C24 EMD D . 1.33 -4.12 -8.62
C25 EMD D . -2.51 -4.08 -12.02
C26 EMD D . 2.21 -7.14 -11.55
H3 EMD D . -4.59 3.20 -1.81
H6 EMD D . -2.43 -0.96 -0.49
H71 EMD D . -1.12 1.44 0.61
H72 EMD D . -0.38 0.78 -0.85
H73 EMD D . -0.58 -0.24 0.58
H9 EMD D . -2.18 -2.17 -2.00
H12 EMD D . -1.28 -0.19 -6.46
H13 EMD D . -1.98 1.26 -4.58
H151 EMD D . -0.15 -4.91 -6.32
H152 EMD D . -1.68 -4.77 -7.14
H161 EMD D . -1.65 -5.94 -4.90
H162 EMD D . -2.90 -4.81 -5.20
H171 EMD D . -0.38 -4.31 -3.50
H172 EMD D . -2.06 -4.40 -2.92
H20 EMD D . -1.60 -3.00 -9.94
H23 EMD D . 2.64 -5.54 -9.56
H24 EMD D . 1.97 -4.01 -7.75
H251 EMD D . -2.55 -3.02 -12.19
H252 EMD D . -3.00 -4.31 -11.09
H253 EMD D . -3.04 -4.58 -12.82
H261 EMD D . 2.58 -7.13 -10.54
H262 EMD D . 3.05 -7.09 -12.23
H263 EMD D . 1.69 -8.07 -11.72
N GLY A 1 -1.71 -20.09 3.64
CA GLY A 1 -2.88 -19.31 4.01
C GLY A 1 -2.52 -17.84 4.23
N LYS A 2 -1.24 -17.61 4.55
CA LYS A 2 -0.76 -16.25 4.78
C LYS A 2 -1.32 -15.71 6.09
N SER A 3 -2.61 -15.46 6.11
CA SER A 3 -3.26 -14.93 7.31
C SER A 3 -2.70 -13.56 7.67
N GLU A 4 -3.18 -13.01 8.76
CA GLU A 4 -2.72 -11.69 9.22
C GLU A 4 -1.24 -11.73 9.56
N GLU A 5 -0.70 -12.95 9.69
CA GLU A 5 0.71 -13.12 10.01
C GLU A 5 1.58 -12.73 8.82
N GLU A 6 1.27 -13.30 7.66
CA GLU A 6 2.04 -13.03 6.46
C GLU A 6 1.87 -11.56 6.05
N LEU A 7 0.63 -11.09 6.07
CA LEU A 7 0.36 -9.70 5.71
C LEU A 7 1.39 -8.77 6.34
N SER A 8 1.72 -9.04 7.60
CA SER A 8 2.71 -8.23 8.29
C SER A 8 3.86 -7.87 7.36
N ASP A 9 4.31 -8.87 6.60
CA ASP A 9 5.39 -8.66 5.65
C ASP A 9 4.96 -7.69 4.56
N LEU A 10 3.86 -8.04 3.89
CA LEU A 10 3.33 -7.20 2.82
C LEU A 10 3.38 -5.73 3.23
N PHE A 11 3.21 -5.48 4.52
CA PHE A 11 3.24 -4.12 5.03
C PHE A 11 4.63 -3.53 4.84
N ARG A 12 5.62 -4.20 5.43
CA ARG A 12 7.00 -3.73 5.30
C ARG A 12 7.44 -3.87 3.85
N MET A 13 6.98 -4.93 3.20
CA MET A 13 7.29 -5.17 1.80
C MET A 13 7.00 -3.92 1.00
N PHE A 14 6.10 -3.10 1.52
CA PHE A 14 5.71 -1.86 0.87
C PHE A 14 6.40 -0.68 1.55
N ASP A 15 6.47 -0.74 2.88
CA ASP A 15 7.11 0.33 3.64
C ASP A 15 8.58 0.43 3.27
N LYS A 16 8.86 1.26 2.27
CA LYS A 16 10.22 1.45 1.79
C LYS A 16 10.98 2.45 2.67
N ASN A 17 10.31 2.94 3.72
CA ASN A 17 10.93 3.91 4.61
C ASN A 17 11.01 3.36 6.04
N ALA A 18 10.19 2.35 6.31
CA ALA A 18 10.17 1.74 7.64
C ALA A 18 9.63 2.74 8.67
N ASP A 19 8.32 2.69 8.89
CA ASP A 19 7.69 3.58 9.85
C ASP A 19 6.42 2.96 10.41
N GLY A 20 5.69 2.25 9.55
CA GLY A 20 4.45 1.60 9.97
C GLY A 20 3.25 2.20 9.24
N TYR A 21 3.53 3.02 8.23
CA TYR A 21 2.46 3.66 7.46
C TYR A 21 2.96 4.02 6.07
N ILE A 22 2.40 3.35 5.06
CA ILE A 22 2.79 3.63 3.68
C ILE A 22 2.27 4.99 3.25
N ASP A 23 3.08 5.70 2.47
CA ASP A 23 2.69 7.03 2.00
C ASP A 23 2.64 7.05 0.47
N LEU A 24 2.00 8.08 -0.07
CA LEU A 24 1.89 8.22 -1.52
C LEU A 24 3.25 8.07 -2.17
N GLU A 25 4.27 8.62 -1.51
CA GLU A 25 5.63 8.54 -2.05
C GLU A 25 5.99 7.09 -2.36
N GLU A 26 5.58 6.18 -1.48
CA GLU A 26 5.87 4.77 -1.67
C GLU A 26 4.90 4.17 -2.70
N LEU A 27 3.75 4.81 -2.86
CA LEU A 27 2.76 4.35 -3.82
C LEU A 27 3.28 4.51 -5.25
N LYS A 28 3.79 5.70 -5.55
CA LYS A 28 4.32 5.97 -6.87
C LYS A 28 5.54 5.09 -7.14
N ILE A 29 6.44 5.04 -6.17
CA ILE A 29 7.65 4.23 -6.29
C ILE A 29 7.29 2.78 -6.62
N MET A 30 6.20 2.31 -6.05
CA MET A 30 5.77 0.93 -6.27
C MET A 30 5.21 0.76 -7.68
N LEU A 31 4.75 1.87 -8.26
CA LEU A 31 4.18 1.84 -9.61
C LEU A 31 5.28 2.02 -10.66
N GLN A 32 6.04 3.10 -10.52
CA GLN A 32 7.13 3.39 -11.46
C GLN A 32 8.17 2.27 -11.48
N ALA A 33 8.07 1.35 -10.51
CA ALA A 33 9.02 0.25 -10.44
C ALA A 33 8.37 -1.06 -10.88
N THR A 34 7.04 -1.09 -10.89
CA THR A 34 6.32 -2.29 -11.29
C THR A 34 6.02 -2.27 -12.78
N GLY A 35 6.81 -1.49 -13.53
CA GLY A 35 6.63 -1.39 -14.97
C GLY A 35 6.52 0.07 -15.41
N GLU A 36 6.37 0.95 -14.42
CA GLU A 36 6.24 2.38 -14.70
C GLU A 36 5.36 2.61 -15.94
N THR A 37 4.26 1.89 -15.99
CA THR A 37 3.33 2.02 -17.11
C THR A 37 1.93 2.30 -16.58
N ILE A 38 1.87 3.14 -15.55
CA ILE A 38 0.59 3.50 -14.92
C ILE A 38 0.35 4.99 -15.04
N THR A 39 -0.90 5.35 -15.37
CA THR A 39 -1.26 6.76 -15.52
C THR A 39 -1.30 7.44 -14.16
N GLU A 40 -1.54 8.75 -14.18
CA GLU A 40 -1.60 9.53 -12.94
C GLU A 40 -2.80 9.10 -12.09
N ASP A 41 -3.99 9.20 -12.69
CA ASP A 41 -5.22 8.82 -11.98
C ASP A 41 -5.01 7.52 -11.20
N ASP A 42 -4.43 6.54 -11.86
CA ASP A 42 -4.18 5.25 -11.22
C ASP A 42 -3.46 5.43 -9.89
N ILE A 43 -2.79 6.57 -9.75
CA ILE A 43 -2.06 6.85 -8.52
C ILE A 43 -2.98 7.47 -7.47
N GLU A 44 -3.35 8.73 -7.70
CA GLU A 44 -4.24 9.43 -6.77
C GLU A 44 -5.46 8.57 -6.46
N GLU A 45 -6.02 7.96 -7.51
CA GLU A 45 -7.19 7.10 -7.34
C GLU A 45 -6.87 5.95 -6.41
N LEU A 46 -5.74 5.29 -6.66
CA LEU A 46 -5.32 4.17 -5.84
C LEU A 46 -5.36 4.55 -4.36
N MET A 47 -4.50 5.49 -3.99
CA MET A 47 -4.45 5.95 -2.60
C MET A 47 -5.85 6.08 -2.01
N LYS A 48 -6.64 6.99 -2.59
CA LYS A 48 -8.00 7.21 -2.12
C LYS A 48 -8.79 5.91 -2.12
N ASP A 49 -8.32 4.93 -2.88
CA ASP A 49 -8.99 3.63 -2.96
C ASP A 49 -8.63 2.77 -1.76
N GLY A 50 -7.45 3.03 -1.20
CA GLY A 50 -7.00 2.26 -0.04
C GLY A 50 -6.77 3.17 1.16
N ASP A 51 -7.31 4.38 1.07
CA ASP A 51 -7.17 5.35 2.16
C ASP A 51 -8.53 5.69 2.74
N LYS A 52 -9.27 4.66 3.12
CA LYS A 52 -10.61 4.86 3.70
C LYS A 52 -10.52 5.76 4.92
N ASN A 53 -9.42 5.64 5.67
CA ASN A 53 -9.22 6.45 6.86
C ASN A 53 -8.94 7.90 6.49
N ASN A 54 -8.76 8.15 5.20
CA ASN A 54 -8.48 9.50 4.73
C ASN A 54 -7.54 10.20 5.68
N ASP A 55 -6.37 9.60 5.90
CA ASP A 55 -5.37 10.17 6.80
C ASP A 55 -4.11 10.55 6.04
N GLY A 56 -4.07 10.21 4.76
CA GLY A 56 -2.92 10.51 3.92
C GLY A 56 -1.89 9.40 3.98
N ARG A 57 -2.34 8.22 4.44
CA ARG A 57 -1.45 7.06 4.55
C ARG A 57 -2.27 5.79 4.75
N ILE A 58 -1.56 4.69 5.00
CA ILE A 58 -2.21 3.40 5.21
C ILE A 58 -1.93 2.88 6.61
N ASP A 59 -2.96 2.30 7.23
CA ASP A 59 -2.81 1.75 8.58
C ASP A 59 -3.12 0.26 8.56
N TYR A 60 -2.68 -0.43 9.62
CA TYR A 60 -2.92 -1.87 9.72
C TYR A 60 -4.32 -2.21 9.20
N ASP A 61 -5.33 -1.67 9.86
CA ASP A 61 -6.71 -1.93 9.46
C ASP A 61 -6.87 -1.77 7.96
N GLU A 62 -6.62 -0.56 7.47
CA GLU A 62 -6.73 -0.27 6.04
C GLU A 62 -5.84 -1.23 5.25
N PHE A 63 -4.54 -1.19 5.54
CA PHE A 63 -3.59 -2.05 4.85
C PHE A 63 -4.05 -3.50 4.91
N LEU A 64 -4.86 -3.80 5.92
CA LEU A 64 -5.39 -5.16 6.10
C LEU A 64 -6.50 -5.43 5.09
N GLU A 65 -7.04 -4.36 4.51
CA GLU A 65 -8.11 -4.50 3.54
C GLU A 65 -7.56 -4.42 2.12
N PHE A 66 -6.69 -3.43 1.89
CA PHE A 66 -6.10 -3.24 0.58
C PHE A 66 -5.06 -4.32 0.29
N MET A 67 -4.67 -5.04 1.35
CA MET A 67 -3.68 -6.10 1.20
C MET A 67 -4.18 -7.39 1.84
N LYS A 68 -5.28 -7.90 1.31
CA LYS A 68 -5.86 -9.14 1.83
C LYS A 68 -4.97 -10.33 1.49
N GLY A 69 -3.80 -10.38 2.11
CA GLY A 69 -2.86 -11.47 1.88
C GLY A 69 -2.73 -11.77 0.39
N VAL A 70 -2.13 -10.82 -0.34
CA VAL A 70 -1.96 -10.99 -1.78
C VAL A 70 -0.58 -11.57 -2.08
N GLU A 71 0.45 -10.72 -1.95
CA GLU A 71 1.81 -11.15 -2.21
C GLU A 71 2.81 -10.17 -1.60
CA CA B . 5.89 4.16 4.23
CA CA C . -5.27 6.03 6.30
S1 EMD D . -2.97 1.38 0.07
C2 EMD D . -3.91 2.62 -0.78
O2 EMD D . -4.57 3.45 -0.14
N3 EMD D . -3.77 2.75 -2.09
N4 EMD D . -2.91 2.00 -2.86
C5 EMD D . -2.01 1.12 -2.59
C6 EMD D . -1.70 0.85 -1.11
C7 EMD D . -0.40 1.56 -0.72
C8 EMD D . -1.55 0.12 -3.71
C9 EMD D . -1.47 -1.26 -3.44
C10 EMD D . -1.05 -2.15 -4.44
C11 EMD D . -0.72 -1.65 -5.72
C12 EMD D . -0.81 -0.28 -5.99
C13 EMD D . -1.22 0.60 -4.98
N14 EMD D . -0.26 -2.63 -6.79
C15 EMD D . -0.55 -4.11 -6.58
C16 EMD D . -1.33 -4.50 -5.35
C17 EMD D . -0.95 -3.65 -4.11
C18 EMD D . 0.40 -2.23 -7.95
O18 EMD D . 0.66 -1.06 -8.17
C19 EMD D . 0.83 -3.25 -9.01
C20 EMD D . 0.03 -3.48 -10.13
C21 EMD D . 0.29 -4.58 -10.96
O21 EMD D . -0.56 -4.77 -12.07
C22 EMD D . 1.32 -5.44 -10.69
O22 EMD D . 1.61 -6.55 -11.50
C23 EMD D . 2.14 -5.22 -9.57
C24 EMD D . 1.90 -4.13 -8.72
C25 EMD D . -1.17 -3.68 -12.83
C26 EMD D . 2.94 -7.12 -11.64
H3 EMD D . -4.42 3.42 -2.52
H6 EMD D . -1.56 -0.22 -0.98
H71 EMD D . 0.38 0.83 -0.58
H72 EMD D . -0.54 2.10 0.21
H73 EMD D . -0.11 2.25 -1.50
H9 EMD D . -1.71 -1.63 -2.45
H12 EMD D . -0.56 0.10 -6.97
H13 EMD D . -1.30 1.67 -5.20
H151 EMD D . 0.39 -4.64 -6.55
H152 EMD D . -1.09 -4.49 -7.45
H161 EMD D . -1.18 -5.54 -5.14
H162 EMD D . -2.39 -4.40 -5.55
H171 EMD D . 0.08 -3.90 -3.77
H172 EMD D . -1.62 -3.90 -3.25
H20 EMD D . -0.79 -2.81 -10.35
H23 EMD D . 2.95 -5.90 -9.35
H24 EMD D . 2.53 -3.97 -7.86
H251 EMD D . -0.79 -2.73 -12.49
H252 EMD D . -2.24 -3.70 -12.68
H253 EMD D . -0.95 -3.79 -13.87
H261 EMD D . 3.56 -6.87 -10.80
H262 EMD D . 3.41 -6.75 -12.54
H263 EMD D . 2.87 -8.20 -11.71
N GLY A 1 -0.06 -21.59 3.24
CA GLY A 1 -0.76 -20.47 2.61
C GLY A 1 -0.11 -19.14 2.99
N LYS A 2 -0.95 -18.17 3.33
CA LYS A 2 -0.45 -16.85 3.73
C LYS A 2 -0.53 -16.67 5.24
N SER A 3 -1.72 -16.35 5.72
CA SER A 3 -1.92 -16.15 7.15
C SER A 3 -1.46 -14.76 7.57
N GLU A 4 -1.65 -14.45 8.85
CA GLU A 4 -1.26 -13.14 9.37
C GLU A 4 0.26 -13.00 9.37
N GLU A 5 0.95 -14.13 9.23
CA GLU A 5 2.41 -14.13 9.21
C GLU A 5 2.92 -13.64 7.86
N GLU A 6 2.13 -13.88 6.82
CA GLU A 6 2.52 -13.46 5.47
C GLU A 6 2.18 -11.98 5.26
N LEU A 7 1.14 -11.53 5.95
CA LEU A 7 0.71 -10.13 5.83
C LEU A 7 1.70 -9.22 6.53
N SER A 8 2.17 -9.64 7.69
CA SER A 8 3.13 -8.86 8.46
C SER A 8 4.25 -8.36 7.54
N ASP A 9 4.57 -9.16 6.54
CA ASP A 9 5.62 -8.80 5.59
C ASP A 9 5.09 -7.83 4.55
N LEU A 10 3.91 -8.15 4.00
CA LEU A 10 3.30 -7.30 3.00
C LEU A 10 3.42 -5.82 3.38
N PHE A 11 2.68 -5.43 4.40
CA PHE A 11 2.70 -4.04 4.87
C PHE A 11 4.12 -3.47 4.82
N ARG A 12 5.05 -4.16 5.46
CA ARG A 12 6.44 -3.70 5.48
C ARG A 12 7.01 -3.78 4.08
N MET A 13 6.57 -4.77 3.33
CA MET A 13 7.02 -4.96 1.97
C MET A 13 6.67 -3.72 1.14
N PHE A 14 5.68 -2.98 1.62
CA PHE A 14 5.26 -1.76 0.95
C PHE A 14 5.87 -0.54 1.63
N ASP A 15 6.11 -0.67 2.94
CA ASP A 15 6.71 0.41 3.71
C ASP A 15 8.21 0.47 3.45
N LYS A 16 8.59 1.09 2.35
CA LYS A 16 10.00 1.19 1.97
C LYS A 16 10.69 2.31 2.74
N ASN A 17 9.93 3.05 3.54
CA ASN A 17 10.52 4.14 4.32
C ASN A 17 9.92 4.19 5.72
N ALA A 18 8.60 4.00 5.81
CA ALA A 18 7.92 4.03 7.09
C ALA A 18 7.84 2.62 7.68
N ASP A 19 7.05 2.49 8.74
CA ASP A 19 6.89 1.20 9.41
C ASP A 19 5.58 1.17 10.18
N GLY A 20 4.48 1.47 9.50
CA GLY A 20 3.18 1.48 10.14
C GLY A 20 2.15 2.20 9.29
N TYR A 21 2.63 3.12 8.46
CA TYR A 21 1.73 3.89 7.60
C TYR A 21 2.36 4.11 6.23
N ILE A 22 1.73 3.56 5.19
CA ILE A 22 2.23 3.71 3.83
C ILE A 22 1.83 5.07 3.28
N ASP A 23 2.73 5.67 2.50
CA ASP A 23 2.47 6.98 1.91
C ASP A 23 2.51 6.89 0.38
N LEU A 24 1.98 7.92 -0.27
CA LEU A 24 1.96 7.96 -1.73
C LEU A 24 3.37 7.81 -2.28
N GLU A 25 4.34 8.38 -1.57
CA GLU A 25 5.73 8.31 -1.99
C GLU A 25 6.12 6.86 -2.26
N GLU A 26 5.61 5.96 -1.41
CA GLU A 26 5.90 4.54 -1.56
C GLU A 26 5.11 3.98 -2.74
N LEU A 27 3.84 4.34 -2.81
CA LEU A 27 2.98 3.86 -3.88
C LEU A 27 3.67 4.04 -5.24
N LYS A 28 3.99 5.29 -5.56
CA LYS A 28 4.65 5.60 -6.83
C LYS A 28 5.81 4.63 -7.06
N ILE A 29 6.75 4.62 -6.13
CA ILE A 29 7.91 3.73 -6.24
C ILE A 29 7.46 2.29 -6.48
N MET A 30 6.27 1.96 -5.97
CA MET A 30 5.74 0.61 -6.12
C MET A 30 5.15 0.42 -7.52
N LEU A 31 4.98 1.53 -8.24
CA LEU A 31 4.41 1.48 -9.58
C LEU A 31 5.49 1.74 -10.63
N GLN A 32 6.06 2.95 -10.59
CA GLN A 32 7.10 3.32 -11.54
C GLN A 32 8.28 2.35 -11.47
N ALA A 33 8.80 2.15 -10.27
CA ALA A 33 9.93 1.25 -10.06
C ALA A 33 9.59 -0.17 -10.53
N THR A 34 8.30 -0.43 -10.71
CA THR A 34 7.87 -1.75 -11.16
C THR A 34 7.55 -1.74 -12.66
N GLY A 35 8.48 -1.20 -13.44
CA GLY A 35 8.30 -1.14 -14.89
C GLY A 35 7.36 -0.01 -15.27
N GLU A 36 7.01 0.82 -14.29
CA GLU A 36 6.11 1.95 -14.53
C GLU A 36 5.02 1.56 -15.54
N THR A 37 4.38 0.42 -15.27
CA THR A 37 3.31 -0.04 -16.14
C THR A 37 1.96 0.46 -15.64
N ILE A 38 1.99 1.59 -14.93
CA ILE A 38 0.77 2.17 -14.40
C ILE A 38 0.90 3.68 -14.28
N THR A 39 -0.19 4.39 -14.56
CA THR A 39 -0.18 5.84 -14.49
C THR A 39 -0.61 6.31 -13.10
N GLU A 40 -0.44 7.61 -12.85
CA GLU A 40 -0.81 8.17 -11.55
C GLU A 40 -2.30 7.95 -11.28
N ASP A 41 -3.06 7.71 -12.35
CA ASP A 41 -4.49 7.48 -12.21
C ASP A 41 -4.77 6.32 -11.28
N ASP A 42 -3.75 5.50 -11.05
CA ASP A 42 -3.89 4.35 -10.17
C ASP A 42 -3.37 4.66 -8.77
N ILE A 43 -2.79 5.85 -8.61
CA ILE A 43 -2.25 6.26 -7.31
C ILE A 43 -3.34 6.93 -6.48
N GLU A 44 -3.80 8.09 -6.94
CA GLU A 44 -4.83 8.82 -6.22
C GLU A 44 -6.06 7.94 -5.98
N GLU A 45 -6.60 7.39 -7.06
CA GLU A 45 -7.77 6.53 -6.95
C GLU A 45 -7.54 5.44 -5.91
N LEU A 46 -6.75 4.44 -6.28
CA LEU A 46 -6.46 3.33 -5.38
C LEU A 46 -6.13 3.86 -3.99
N MET A 47 -5.23 4.84 -3.93
CA MET A 47 -4.84 5.43 -2.66
C MET A 47 -6.07 5.90 -1.87
N LYS A 48 -7.06 6.42 -2.59
CA LYS A 48 -8.28 6.91 -1.95
C LYS A 48 -9.10 5.75 -1.41
N ASP A 49 -8.77 4.54 -1.86
CA ASP A 49 -9.50 3.35 -1.41
C ASP A 49 -8.94 2.87 -0.07
N GLY A 50 -7.76 2.25 -0.11
CA GLY A 50 -7.14 1.73 1.10
C GLY A 50 -7.08 2.81 2.19
N ASP A 51 -7.18 4.06 1.77
CA ASP A 51 -7.13 5.18 2.71
C ASP A 51 -8.55 5.70 2.97
N LYS A 52 -9.46 4.78 3.28
CA LYS A 52 -10.84 5.14 3.55
C LYS A 52 -10.94 6.07 4.75
N ASN A 53 -10.00 5.91 5.69
CA ASN A 53 -10.00 6.73 6.90
C ASN A 53 -9.82 8.20 6.54
N ASN A 54 -9.41 8.45 5.30
CA ASN A 54 -9.20 9.82 4.83
C ASN A 54 -8.08 10.50 5.61
N ASP A 55 -6.92 9.84 5.63
CA ASP A 55 -5.76 10.39 6.35
C ASP A 55 -4.59 10.58 5.41
N GLY A 56 -4.70 10.03 4.20
CA GLY A 56 -3.63 10.15 3.21
C GLY A 56 -2.58 9.05 3.41
N ARG A 57 -2.94 8.05 4.22
CA ARG A 57 -2.03 6.94 4.49
C ARG A 57 -2.82 5.66 4.76
N ILE A 58 -2.09 4.58 5.02
CA ILE A 58 -2.74 3.30 5.30
C ILE A 58 -2.41 2.83 6.71
N ASP A 59 -3.33 2.07 7.30
CA ASP A 59 -3.14 1.56 8.65
C ASP A 59 -3.14 0.03 8.65
N TYR A 60 -2.50 -0.55 9.66
CA TYR A 60 -2.44 -2.00 9.77
C TYR A 60 -3.82 -2.61 9.57
N ASP A 61 -4.85 -1.86 9.93
CA ASP A 61 -6.22 -2.34 9.79
C ASP A 61 -6.67 -2.27 8.33
N GLU A 62 -6.79 -1.05 7.83
CA GLU A 62 -7.23 -0.84 6.44
C GLU A 62 -6.32 -1.61 5.48
N PHE A 63 -5.06 -1.78 5.88
CA PHE A 63 -4.10 -2.50 5.04
C PHE A 63 -4.38 -3.99 5.06
N LEU A 64 -4.77 -4.50 6.23
CA LEU A 64 -5.06 -5.92 6.38
C LEU A 64 -6.35 -6.29 5.66
N GLU A 65 -7.36 -5.44 5.81
CA GLU A 65 -8.66 -5.69 5.19
C GLU A 65 -8.61 -5.41 3.69
N PHE A 66 -7.68 -4.55 3.28
CA PHE A 66 -7.55 -4.21 1.86
C PHE A 66 -6.79 -5.29 1.12
N MET A 67 -5.71 -5.77 1.72
CA MET A 67 -4.89 -6.80 1.09
C MET A 67 -4.64 -7.95 2.07
N LYS A 68 -5.67 -8.75 2.29
CA LYS A 68 -5.55 -9.89 3.20
C LYS A 68 -4.56 -10.91 2.65
N GLY A 69 -3.28 -10.62 2.83
CA GLY A 69 -2.23 -11.52 2.34
C GLY A 69 -2.39 -11.75 0.84
N VAL A 70 -2.33 -10.66 0.09
CA VAL A 70 -2.47 -10.74 -1.37
C VAL A 70 -1.25 -11.43 -1.98
N GLU A 71 -0.12 -10.74 -1.96
CA GLU A 71 1.11 -11.29 -2.52
C GLU A 71 2.13 -11.57 -1.41
CA CA B . 5.61 4.35 4.47
CA CA C . -6.34 4.66 5.50
S1 EMD D . -3.16 1.16 0.57
C2 EMD D . -4.22 2.26 -0.34
O2 EMD D . -4.96 3.05 0.25
N3 EMD D . -4.12 2.31 -1.66
N4 EMD D . -3.22 1.58 -2.41
C5 EMD D . -2.25 0.80 -2.10
C6 EMD D . -1.88 0.66 -0.60
C7 EMD D . -0.63 1.49 -0.31
C8 EMD D . -1.71 -0.23 -3.16
C9 EMD D . -1.57 -1.58 -2.83
C10 EMD D . -1.10 -2.50 -3.78
C11 EMD D . -0.75 -2.05 -5.07
C12 EMD D . -0.89 -0.68 -5.40
C13 EMD D . -1.37 0.22 -4.45
N14 EMD D . -0.22 -3.05 -6.08
C15 EMD D . -0.45 -4.53 -5.82
C16 EMD D . -1.26 -4.89 -4.60
C17 EMD D . -0.95 -3.98 -3.38
C18 EMD D . 0.46 -2.68 -7.24
O18 EMD D . 0.68 -1.50 -7.51
C19 EMD D . 0.97 -3.73 -8.23
C20 EMD D . 0.05 -4.46 -9.02
C21 EMD D . 0.48 -5.56 -9.76
O21 EMD D . -0.47 -6.24 -10.53
C22 EMD D . 1.82 -5.93 -9.73
O22 EMD D . 2.29 -7.03 -10.46
C23 EMD D . 2.73 -5.22 -8.95
C24 EMD D . 2.31 -4.12 -8.21
C25 EMD D . -1.59 -5.61 -11.21
C26 EMD D . 3.41 -7.85 -10.05
H3 EMD D . -4.83 2.89 -2.12
H6 EMD D . -1.64 -0.37 -0.42
H71 EMD D . 0.06 0.91 0.29
H72 EMD D . -0.91 2.39 0.23
H73 EMD D . -0.15 1.76 -1.24
H9 EMD D . -1.84 -1.93 -1.84
H12 EMD D . -0.63 -0.35 -6.39
H13 EMD D . -1.48 1.26 -4.70
H151 EMD D . 0.51 -5.02 -5.73
H152 EMD D . -0.95 -4.97 -6.68
H161 EMD D . -1.08 -5.93 -4.33
H162 EMD D . -2.31 -4.85 -4.83
H171 EMD D . 0.08 -4.18 -3.01
H172 EMD D . -1.64 -4.22 -2.54
H20 EMD D . -0.99 -4.16 -9.05
H23 EMD D . 3.77 -5.53 -8.92
H24 EMD D . 3.02 -3.58 -7.60
H251 EMD D . -1.27 -4.68 -11.66
H252 EMD D . -2.38 -5.40 -10.51
H253 EMD D . -1.97 -6.25 -11.98
H261 EMD D . 3.06 -8.74 -9.55
H262 EMD D . 4.05 -7.30 -9.39
H263 EMD D . 3.99 -8.15 -10.91
N GLY A 1 -4.04 -20.97 0.92
CA GLY A 1 -4.52 -19.76 1.57
C GLY A 1 -3.44 -19.13 2.45
N LYS A 2 -3.63 -17.87 2.80
CA LYS A 2 -2.67 -17.16 3.64
C LYS A 2 -3.37 -16.56 4.85
N SER A 3 -2.62 -15.75 5.60
CA SER A 3 -3.18 -15.10 6.79
C SER A 3 -2.35 -13.87 7.17
N GLU A 4 -2.69 -13.29 8.31
CA GLU A 4 -1.98 -12.10 8.79
C GLU A 4 -0.48 -12.35 8.80
N GLU A 5 -0.09 -13.57 9.20
CA GLU A 5 1.32 -13.92 9.25
C GLU A 5 2.06 -13.39 8.03
N GLU A 6 1.35 -13.32 6.91
CA GLU A 6 1.93 -12.83 5.66
C GLU A 6 1.77 -11.32 5.57
N LEU A 7 0.56 -10.84 5.84
CA LEU A 7 0.28 -9.41 5.78
C LEU A 7 1.34 -8.62 6.56
N SER A 8 1.73 -9.17 7.71
CA SER A 8 2.73 -8.51 8.55
C SER A 8 3.96 -8.17 7.71
N ASP A 9 4.15 -8.91 6.63
CA ASP A 9 5.28 -8.69 5.74
C ASP A 9 4.93 -7.66 4.67
N LEU A 10 3.88 -7.95 3.92
CA LEU A 10 3.43 -7.04 2.87
C LEU A 10 3.47 -5.59 3.35
N PHE A 11 3.05 -5.38 4.60
CA PHE A 11 3.06 -4.03 5.17
C PHE A 11 4.49 -3.50 5.21
N ARG A 12 5.29 -4.05 6.12
CA ARG A 12 6.68 -3.63 6.24
C ARG A 12 7.36 -3.70 4.89
N MET A 13 7.08 -4.79 4.17
CA MET A 13 7.64 -4.98 2.84
C MET A 13 7.37 -3.75 1.98
N PHE A 14 6.22 -3.13 2.22
CA PHE A 14 5.84 -1.93 1.47
C PHE A 14 6.62 -0.73 1.96
N ASP A 15 6.62 -0.54 3.28
CA ASP A 15 7.33 0.59 3.88
C ASP A 15 8.71 0.74 3.23
N LYS A 16 8.79 1.68 2.29
CA LYS A 16 10.05 1.93 1.57
C LYS A 16 11.10 2.50 2.53
N ASN A 17 10.63 3.07 3.64
CA ASN A 17 11.55 3.66 4.62
C ASN A 17 11.41 2.95 5.97
N ALA A 18 10.41 2.09 6.08
CA ALA A 18 10.18 1.36 7.32
C ALA A 18 9.92 2.34 8.47
N ASP A 19 8.65 2.44 8.86
CA ASP A 19 8.27 3.34 9.94
C ASP A 19 7.02 2.83 10.66
N GLY A 20 6.07 2.31 9.87
CA GLY A 20 4.84 1.79 10.44
C GLY A 20 3.63 2.31 9.67
N TYR A 21 3.89 3.14 8.66
CA TYR A 21 2.81 3.71 7.84
C TYR A 21 3.27 3.92 6.41
N ILE A 22 2.36 3.71 5.47
CA ILE A 22 2.67 3.90 4.06
C ILE A 22 2.05 5.18 3.55
N ASP A 23 2.77 5.89 2.70
CA ASP A 23 2.29 7.16 2.16
C ASP A 23 2.11 7.07 0.65
N LEU A 24 1.51 8.11 0.08
CA LEU A 24 1.27 8.16 -1.37
C LEU A 24 2.58 8.03 -2.12
N GLU A 25 3.51 8.96 -1.86
CA GLU A 25 4.81 8.94 -2.54
C GLU A 25 5.29 7.51 -2.71
N GLU A 26 5.48 6.82 -1.59
CA GLU A 26 5.94 5.43 -1.61
C GLU A 26 5.11 4.64 -2.62
N LEU A 27 3.82 4.93 -2.67
CA LEU A 27 2.92 4.24 -3.60
C LEU A 27 3.28 4.57 -5.04
N LYS A 28 2.84 5.74 -5.49
CA LYS A 28 3.11 6.17 -6.86
C LYS A 28 4.51 5.76 -7.29
N ILE A 29 5.45 5.79 -6.34
CA ILE A 29 6.83 5.42 -6.63
C ILE A 29 6.93 3.92 -6.90
N MET A 30 6.53 3.12 -5.92
CA MET A 30 6.59 1.67 -6.05
C MET A 30 6.06 1.23 -7.41
N LEU A 31 5.14 2.02 -7.96
CA LEU A 31 4.55 1.71 -9.27
C LEU A 31 5.58 1.91 -10.37
N GLN A 32 5.87 3.18 -10.66
CA GLN A 32 6.84 3.50 -11.71
C GLN A 32 8.20 2.89 -11.35
N ALA A 33 8.37 2.60 -10.07
CA ALA A 33 9.63 2.01 -9.60
C ALA A 33 9.71 0.56 -10.05
N THR A 34 8.55 -0.08 -10.17
CA THR A 34 8.49 -1.48 -10.60
C THR A 34 8.29 -1.56 -12.11
N GLY A 35 8.76 -0.54 -12.82
CA GLY A 35 8.63 -0.50 -14.27
C GLY A 35 7.17 -0.66 -14.68
N GLU A 36 6.32 0.23 -14.17
CA GLU A 36 4.90 0.18 -14.50
C GLU A 36 4.48 1.43 -15.23
N THR A 37 3.32 1.35 -15.91
CA THR A 37 2.80 2.49 -16.67
C THR A 37 1.48 2.97 -16.08
N ILE A 38 1.54 4.11 -15.38
CA ILE A 38 0.35 4.67 -14.77
C ILE A 38 0.23 6.16 -15.12
N THR A 39 -1.01 6.63 -15.21
CA THR A 39 -1.25 8.04 -15.54
C THR A 39 -2.14 8.70 -14.49
N GLU A 40 -1.60 8.84 -13.29
CA GLU A 40 -2.35 9.45 -12.19
C GLU A 40 -3.76 8.87 -12.11
N ASP A 41 -3.89 7.61 -12.52
CA ASP A 41 -5.20 6.95 -12.50
C ASP A 41 -5.14 5.69 -11.63
N ASP A 42 -3.93 5.25 -11.31
CA ASP A 42 -3.76 4.05 -10.49
C ASP A 42 -3.15 4.42 -9.14
N ILE A 43 -2.68 5.66 -9.03
CA ILE A 43 -2.08 6.13 -7.78
C ILE A 43 -3.15 6.62 -6.81
N GLU A 44 -3.92 7.61 -7.26
CA GLU A 44 -4.97 8.18 -6.42
C GLU A 44 -6.11 7.18 -6.22
N GLU A 45 -6.62 6.65 -7.33
CA GLU A 45 -7.71 5.68 -7.27
C GLU A 45 -7.39 4.58 -6.27
N LEU A 46 -6.32 3.83 -6.54
CA LEU A 46 -5.93 2.73 -5.66
C LEU A 46 -5.76 3.22 -4.23
N MET A 47 -4.93 4.26 -4.06
CA MET A 47 -4.68 4.81 -2.73
C MET A 47 -5.99 5.15 -2.03
N LYS A 48 -6.99 5.52 -2.83
CA LYS A 48 -8.30 5.88 -2.28
C LYS A 48 -9.13 4.62 -2.05
N ASP A 49 -8.97 3.65 -2.94
CA ASP A 49 -9.71 2.40 -2.85
C ASP A 49 -9.36 1.67 -1.55
N GLY A 50 -8.16 1.91 -1.05
CA GLY A 50 -7.71 1.27 0.19
C GLY A 50 -7.16 2.28 1.17
N ASP A 51 -8.01 3.22 1.59
CA ASP A 51 -7.59 4.25 2.54
C ASP A 51 -8.81 4.90 3.18
N LYS A 52 -9.43 4.20 4.12
CA LYS A 52 -10.61 4.72 4.80
C LYS A 52 -10.27 6.01 5.54
N ASN A 53 -8.97 6.27 5.70
CA ASN A 53 -8.52 7.48 6.39
C ASN A 53 -8.67 8.69 5.48
N ASN A 54 -8.47 8.45 4.18
CA ASN A 54 -8.58 9.53 3.20
C ASN A 54 -7.59 10.65 3.53
N ASP A 55 -6.42 10.26 4.02
CA ASP A 55 -5.39 11.23 4.39
C ASP A 55 -4.14 11.05 3.52
N GLY A 56 -4.14 9.97 2.73
CA GLY A 56 -3.00 9.69 1.85
C GLY A 56 -2.00 8.75 2.54
N ARG A 57 -2.42 8.20 3.69
CA ARG A 57 -1.55 7.29 4.43
C ARG A 57 -2.28 5.97 4.70
N ILE A 58 -1.51 4.92 4.92
CA ILE A 58 -2.09 3.60 5.20
C ILE A 58 -1.66 3.12 6.57
N ASP A 59 -2.59 2.49 7.28
CA ASP A 59 -2.31 1.97 8.62
C ASP A 59 -2.60 0.47 8.68
N TYR A 60 -2.19 -0.15 9.79
CA TYR A 60 -2.42 -1.58 9.97
C TYR A 60 -3.84 -1.95 9.55
N ASP A 61 -4.81 -1.55 10.36
CA ASP A 61 -6.21 -1.85 10.07
C ASP A 61 -6.47 -1.71 8.57
N GLU A 62 -6.44 -0.46 8.09
CA GLU A 62 -6.67 -0.20 6.68
C GLU A 62 -5.87 -1.17 5.81
N PHE A 63 -4.58 -1.24 6.07
CA PHE A 63 -3.69 -2.12 5.32
C PHE A 63 -4.20 -3.57 5.40
N LEU A 64 -4.82 -3.90 6.52
CA LEU A 64 -5.34 -5.26 6.72
C LEU A 64 -6.61 -5.46 5.90
N GLU A 65 -7.26 -4.35 5.54
CA GLU A 65 -8.50 -4.42 4.78
C GLU A 65 -8.20 -4.56 3.29
N PHE A 66 -7.46 -3.59 2.75
CA PHE A 66 -7.12 -3.62 1.33
C PHE A 66 -6.00 -4.63 1.08
N MET A 67 -5.00 -4.62 1.94
CA MET A 67 -3.88 -5.53 1.82
C MET A 67 -4.09 -6.76 2.69
N LYS A 68 -5.16 -7.50 2.41
CA LYS A 68 -5.49 -8.70 3.17
C LYS A 68 -4.78 -9.92 2.59
N GLY A 69 -3.58 -9.71 2.06
CA GLY A 69 -2.82 -10.81 1.47
C GLY A 69 -2.94 -10.79 -0.05
N VAL A 70 -2.44 -9.73 -0.67
CA VAL A 70 -2.51 -9.61 -2.13
C VAL A 70 -1.10 -9.66 -2.72
N GLU A 71 -0.16 -10.20 -1.96
CA GLU A 71 1.23 -10.30 -2.41
C GLU A 71 1.73 -8.94 -2.89
CA CA B . 6.38 4.01 4.35
CA CA C . -5.06 5.88 6.45
S1 EMD D . -2.83 -0.80 1.10
C2 EMD D . -4.33 -0.13 0.44
O2 EMD D . -5.31 0.03 1.16
N3 EMD D . -4.43 0.10 -0.87
N4 EMD D . -3.41 -0.12 -1.77
C5 EMD D . -2.19 -0.48 -1.64
C6 EMD D . -1.60 -0.61 -0.22
C7 EMD D . -0.75 0.61 0.11
C8 EMD D . -1.43 -1.09 -2.89
C9 EMD D . -0.86 -2.36 -2.80
C10 EMD D . -0.19 -2.92 -3.91
C11 EMD D . -0.09 -2.17 -5.10
C12 EMD D . -0.67 -0.90 -5.19
C13 EMD D . -1.35 -0.36 -4.08
N14 EMD D . 0.64 -2.78 -6.28
C15 EMD D . 0.90 -4.28 -6.28
C16 EMD D . 0.34 -5.07 -5.12
C17 EMD D . 0.44 -4.32 -3.78
C18 EMD D . 1.09 -2.04 -7.37
O18 EMD D . 0.91 -0.81 -7.43
C19 EMD D . 1.82 -2.70 -8.54
C20 EMD D . 1.23 -2.70 -9.81
C21 EMD D . 1.72 -3.56 -10.81
O21 EMD D . 1.10 -3.53 -12.06
C22 EMD D . 2.78 -4.40 -10.54
O22 EMD D . 3.30 -5.28 -11.50
C23 EMD D . 3.38 -4.40 -9.27
C24 EMD D . 2.90 -3.55 -8.27
C25 EMD D . -0.29 -3.14 -12.29
C26 EMD D . 4.59 -5.93 -11.41
H3 EMD D . -5.36 0.39 -1.18
H6 EMD D . -0.97 -1.48 -0.21
H71 EMD D . -1.13 1.09 1.00
H72 EMD D . -0.78 1.30 -0.72
H73 EMD D . 0.27 0.30 0.27
H9 EMD D . -0.93 -2.93 -1.88
H12 EMD D . -0.61 -0.33 -6.10
H13 EMD D . -1.78 0.63 -4.14
H151 EMD D . 1.97 -4.45 -6.30
H152 EMD D . 0.50 -4.71 -7.19
H161 EMD D . 0.85 -6.02 -5.05
H162 EMD D . -0.69 -5.32 -5.33
H171 EMD D . 1.49 -4.23 -3.46
H172 EMD D . -0.08 -4.89 -2.97
H20 EMD D . 0.40 -2.05 -10.03
H23 EMD D . 4.21 -5.06 -9.07
H24 EMD D . 3.36 -3.56 -7.29
H251 EMD D . -0.36 -2.07 -12.44
H252 EMD D . -0.88 -3.40 -11.42
H253 EMD D . -0.67 -3.64 -13.15
H261 EMD D . 4.46 -6.99 -11.21
H262 EMD D . 5.16 -5.50 -10.60
H263 EMD D . 5.14 -5.81 -12.33
N GLY A 1 -2.41 -21.04 0.90
CA GLY A 1 -3.04 -19.87 1.52
C GLY A 1 -2.01 -19.07 2.32
N LYS A 2 -2.50 -18.09 3.07
CA LYS A 2 -1.61 -17.25 3.88
C LYS A 2 -2.43 -16.32 4.77
N SER A 3 -1.83 -15.90 5.87
CA SER A 3 -2.51 -15.00 6.80
C SER A 3 -1.59 -13.84 7.17
N GLU A 4 -2.03 -13.03 8.13
CA GLU A 4 -1.23 -11.88 8.56
C GLU A 4 0.25 -12.25 8.61
N GLU A 5 0.51 -13.51 8.93
CA GLU A 5 1.89 -13.99 8.99
C GLU A 5 2.66 -13.58 7.74
N GLU A 6 2.00 -13.70 6.60
CA GLU A 6 2.61 -13.33 5.32
C GLU A 6 2.45 -11.84 5.05
N LEU A 7 1.26 -11.32 5.35
CA LEU A 7 0.98 -9.90 5.13
C LEU A 7 1.94 -9.04 5.94
N SER A 8 2.11 -9.40 7.21
CA SER A 8 2.99 -8.65 8.09
C SER A 8 4.27 -8.23 7.35
N ASP A 9 4.67 -9.06 6.40
CA ASP A 9 5.87 -8.78 5.62
C ASP A 9 5.55 -7.82 4.48
N LEU A 10 4.39 -8.04 3.86
CA LEU A 10 3.96 -7.19 2.75
C LEU A 10 3.94 -5.72 3.18
N PHE A 11 3.55 -5.50 4.43
CA PHE A 11 3.49 -4.16 4.99
C PHE A 11 4.90 -3.57 5.10
N ARG A 12 5.86 -4.42 5.45
CA ARG A 12 7.24 -3.98 5.60
C ARG A 12 7.82 -3.60 4.25
N MET A 13 7.87 -4.56 3.34
CA MET A 13 8.41 -4.32 2.00
C MET A 13 7.91 -2.99 1.46
N PHE A 14 6.68 -2.63 1.83
CA PHE A 14 6.08 -1.38 1.37
C PHE A 14 6.61 -0.20 2.18
N ASP A 15 6.60 -0.35 3.50
CA ASP A 15 7.08 0.72 4.38
C ASP A 15 8.58 0.97 4.12
N LYS A 16 8.87 2.13 3.57
CA LYS A 16 10.27 2.48 3.27
C LYS A 16 10.76 3.61 4.17
N ASN A 17 9.90 4.02 5.11
CA ASN A 17 10.26 5.11 6.02
C ASN A 17 10.31 4.58 7.47
N ALA A 18 9.61 3.47 7.70
CA ALA A 18 9.57 2.87 9.03
C ALA A 18 8.60 3.61 9.95
N ASP A 19 7.35 3.74 9.49
CA ASP A 19 6.34 4.43 10.29
C ASP A 19 5.12 3.54 10.52
N GLY A 20 5.08 2.42 9.80
CA GLY A 20 3.96 1.48 9.94
C GLY A 20 2.73 1.99 9.18
N TYR A 21 2.97 2.97 8.32
CA TYR A 21 1.88 3.55 7.52
C TYR A 21 2.40 3.97 6.15
N ILE A 22 1.75 3.46 5.11
CA ILE A 22 2.16 3.79 3.75
C ILE A 22 1.39 5.00 3.25
N ASP A 23 2.11 5.96 2.70
CA ASP A 23 1.50 7.17 2.17
C ASP A 23 1.79 7.29 0.69
N LEU A 24 1.34 8.40 0.10
CA LEU A 24 1.55 8.62 -1.33
C LEU A 24 3.03 8.87 -1.62
N GLU A 25 3.83 8.97 -0.57
CA GLU A 25 5.26 9.22 -0.72
C GLU A 25 6.01 7.90 -0.90
N GLU A 26 5.26 6.81 -1.07
CA GLU A 26 5.87 5.49 -1.24
C GLU A 26 5.27 4.78 -2.45
N LEU A 27 3.94 4.78 -2.54
CA LEU A 27 3.26 4.11 -3.64
C LEU A 27 3.85 4.53 -4.97
N LYS A 28 3.93 5.85 -5.20
CA LYS A 28 4.49 6.35 -6.44
C LYS A 28 5.70 5.53 -6.84
N ILE A 29 6.67 5.42 -5.93
CA ILE A 29 7.86 4.62 -6.20
C ILE A 29 7.47 3.20 -6.55
N MET A 30 6.44 2.69 -5.87
CA MET A 30 5.96 1.34 -6.11
C MET A 30 5.45 1.23 -7.55
N LEU A 31 4.60 2.17 -7.94
CA LEU A 31 4.04 2.19 -9.29
C LEU A 31 5.15 2.50 -10.30
N GLN A 32 5.77 3.67 -10.12
CA GLN A 32 6.84 4.09 -11.02
C GLN A 32 7.93 3.02 -11.09
N ALA A 33 7.95 2.13 -10.10
CA ALA A 33 8.94 1.07 -10.07
C ALA A 33 8.47 -0.15 -10.86
N THR A 34 7.15 -0.28 -11.00
CA THR A 34 6.58 -1.40 -11.74
C THR A 34 6.26 -1.01 -13.18
N GLY A 35 7.31 -0.71 -13.94
CA GLY A 35 7.13 -0.31 -15.34
C GLY A 35 6.70 1.15 -15.46
N GLU A 36 6.46 1.78 -14.30
CA GLU A 36 6.03 3.17 -14.30
C GLU A 36 5.06 3.44 -15.44
N THR A 37 4.18 2.48 -15.69
CA THR A 37 3.19 2.63 -16.77
C THR A 37 1.85 3.05 -16.18
N ILE A 38 1.86 4.14 -15.42
CA ILE A 38 0.63 4.64 -14.81
C ILE A 38 0.64 6.16 -14.75
N THR A 39 -0.48 6.76 -15.14
CA THR A 39 -0.60 8.22 -15.13
C THR A 39 -0.59 8.74 -13.70
N GLU A 40 -1.09 9.96 -13.52
CA GLU A 40 -1.14 10.56 -12.19
C GLU A 40 -2.54 10.41 -11.59
N ASP A 41 -3.50 10.01 -12.41
CA ASP A 41 -4.87 9.83 -11.96
C ASP A 41 -4.97 8.58 -11.08
N ASP A 42 -4.01 7.67 -11.26
CA ASP A 42 -3.99 6.44 -10.48
C ASP A 42 -3.34 6.69 -9.13
N ILE A 43 -2.29 7.50 -9.12
CA ILE A 43 -1.58 7.81 -7.89
C ILE A 43 -2.56 8.26 -6.81
N GLU A 44 -3.43 9.20 -7.18
CA GLU A 44 -4.42 9.71 -6.23
C GLU A 44 -5.56 8.70 -6.05
N GLU A 45 -6.13 8.27 -7.17
CA GLU A 45 -7.23 7.31 -7.12
C GLU A 45 -6.83 6.07 -6.34
N LEU A 46 -5.67 5.51 -6.69
CA LEU A 46 -5.18 4.32 -6.00
C LEU A 46 -5.34 4.46 -4.49
N MET A 47 -4.54 5.34 -3.91
CA MET A 47 -4.61 5.57 -2.47
C MET A 47 -6.05 5.81 -2.04
N LYS A 48 -6.81 6.46 -2.91
CA LYS A 48 -8.21 6.75 -2.63
C LYS A 48 -9.07 5.52 -2.85
N ASP A 49 -8.44 4.41 -3.22
CA ASP A 49 -9.15 3.17 -3.47
C ASP A 49 -9.29 2.36 -2.19
N GLY A 50 -8.28 2.46 -1.33
CA GLY A 50 -8.30 1.72 -0.06
C GLY A 50 -7.78 2.59 1.08
N ASP A 51 -8.32 3.80 1.17
CA ASP A 51 -7.89 4.73 2.23
C ASP A 51 -9.09 5.14 3.07
N LYS A 52 -9.80 4.16 3.61
CA LYS A 52 -10.98 4.44 4.45
C LYS A 52 -10.62 5.44 5.55
N ASN A 53 -9.33 5.54 5.85
CA ASN A 53 -8.88 6.47 6.88
C ASN A 53 -8.96 7.90 6.36
N ASN A 54 -8.95 8.04 5.04
CA ASN A 54 -9.03 9.35 4.41
C ASN A 54 -7.91 10.25 4.94
N ASP A 55 -6.68 9.74 4.88
CA ASP A 55 -5.52 10.51 5.36
C ASP A 55 -4.35 10.32 4.41
N GLY A 56 -4.65 10.07 3.14
CA GLY A 56 -3.60 9.89 2.14
C GLY A 56 -2.57 8.87 2.62
N ARG A 57 -3.04 7.87 3.36
CA ARG A 57 -2.15 6.83 3.87
C ARG A 57 -2.91 5.53 4.08
N ILE A 58 -2.17 4.46 4.38
CA ILE A 58 -2.77 3.15 4.61
C ILE A 58 -2.52 2.68 6.04
N ASP A 59 -3.41 1.82 6.52
CA ASP A 59 -3.29 1.30 7.88
C ASP A 59 -3.37 -0.22 7.86
N TYR A 60 -3.32 -0.83 9.05
CA TYR A 60 -3.40 -2.28 9.15
C TYR A 60 -4.72 -2.79 8.62
N ASP A 61 -5.81 -2.20 9.11
CA ASP A 61 -7.14 -2.60 8.66
C ASP A 61 -7.27 -2.46 7.15
N GLU A 62 -6.78 -1.32 6.64
CA GLU A 62 -6.83 -1.07 5.20
C GLU A 62 -5.85 -1.97 4.46
N PHE A 63 -4.63 -2.04 4.98
CA PHE A 63 -3.59 -2.88 4.36
C PHE A 63 -4.05 -4.34 4.33
N LEU A 64 -4.69 -4.76 5.41
CA LEU A 64 -5.17 -6.13 5.52
C LEU A 64 -6.35 -6.37 4.58
N GLU A 65 -7.01 -5.28 4.17
CA GLU A 65 -8.15 -5.39 3.29
C GLU A 65 -7.74 -5.22 1.83
N PHE A 66 -6.99 -4.15 1.56
CA PHE A 66 -6.53 -3.88 0.20
C PHE A 66 -5.39 -4.82 -0.18
N MET A 67 -4.56 -5.15 0.80
CA MET A 67 -3.42 -6.04 0.56
C MET A 67 -3.69 -7.44 1.11
N LYS A 68 -4.68 -8.11 0.51
CA LYS A 68 -5.03 -9.46 0.95
C LYS A 68 -4.00 -10.47 0.46
N GLY A 69 -2.82 -10.43 1.08
CA GLY A 69 -1.75 -11.34 0.69
C GLY A 69 -1.37 -11.15 -0.77
N VAL A 70 -0.89 -9.96 -1.10
CA VAL A 70 -0.49 -9.66 -2.48
C VAL A 70 0.96 -10.06 -2.70
N GLU A 71 1.47 -10.92 -1.82
CA GLU A 71 2.86 -11.38 -1.93
C GLU A 71 3.82 -10.20 -1.80
CA CA B . 5.33 3.40 4.71
CA CA C . -5.39 5.13 5.82
S1 EMD D . -3.08 0.15 0.19
C2 EMD D . -4.58 0.85 -0.48
O2 EMD D . -5.48 1.19 0.28
N3 EMD D . -4.74 0.90 -1.79
N4 EMD D . -3.81 0.47 -2.72
C5 EMD D . -2.61 0.03 -2.62
C6 EMD D . -1.95 0.05 -1.22
C7 EMD D . -0.98 1.24 -1.12
C8 EMD D . -1.93 -0.68 -3.84
C9 EMD D . -0.98 -1.69 -3.62
C10 EMD D . -0.38 -2.33 -4.72
C11 EMD D . -0.74 -1.95 -6.03
C12 EMD D . -1.69 -0.94 -6.24
C13 EMD D . -2.29 -0.32 -5.15
N14 EMD D . -0.07 -2.65 -7.21
C15 EMD D . 0.66 -3.97 -6.95
C16 EMD D . 0.59 -4.53 -5.55
C17 EMD D . 0.67 -3.43 -4.46
C18 EMD D . -0.08 -2.15 -8.50
O18 EMD D . -0.65 -1.09 -8.77
C19 EMD D . 0.60 -2.88 -9.66
C20 EMD D . -0.11 -3.17 -10.82
C21 EMD D . 0.52 -3.78 -11.91
O21 EMD D . -0.25 -4.05 -13.06
C22 EMD D . 1.87 -4.11 -11.83
O22 EMD D . 2.55 -4.73 -12.89
C23 EMD D . 2.59 -3.83 -10.66
C24 EMD D . 1.96 -3.21 -9.58
C25 EMD D . -1.36 -3.24 -13.49
C26 EMD D . 3.76 -5.49 -12.74
H3 EMD D . -5.67 1.22 -2.08
H6 EMD D . -1.36 -0.85 -1.12
H71 EMD D . -0.55 1.44 -2.10
H72 EMD D . -0.19 1.01 -0.42
H73 EMD D . -1.52 2.11 -0.79
H9 EMD D . -0.71 -1.96 -2.62
H12 EMD D . -1.97 -0.66 -7.24
H13 EMD D . -3.02 0.46 -5.31
H151 EMD D . 1.69 -3.84 -7.20
H152 EMD D . 0.25 -4.73 -7.62
H161 EMD D . 1.38 -5.25 -5.41
H162 EMD D . -0.33 -5.09 -5.43
H171 EMD D . 1.69 -2.98 -4.45
H172 EMD D . 0.52 -3.87 -3.46
H20 EMD D . -1.17 -2.92 -10.90
H23 EMD D . 3.64 -4.09 -10.61
H24 EMD D . 2.52 -3.00 -8.68
H251 EMD D . -2.24 -3.49 -12.93
H252 EMD D . -1.56 -3.42 -14.54
H253 EMD D . -1.15 -2.20 -13.35
H261 EMD D . 4.04 -5.54 -11.70
H262 EMD D . 4.57 -5.01 -13.28
H263 EMD D . 3.63 -6.49 -13.12
N GLY A 1 -2.22 -19.92 1.04
CA GLY A 1 -1.76 -18.82 0.21
C GLY A 1 -0.76 -17.95 0.96
N LYS A 2 -1.28 -17.16 1.89
CA LYS A 2 -0.42 -16.27 2.69
C LYS A 2 -0.82 -16.34 4.16
N SER A 3 -2.09 -16.08 4.43
CA SER A 3 -2.59 -16.11 5.79
C SER A 3 -2.32 -14.78 6.49
N GLU A 4 -3.10 -14.49 7.52
CA GLU A 4 -2.94 -13.26 8.27
C GLU A 4 -1.47 -13.05 8.65
N GLU A 5 -0.77 -14.16 8.84
CA GLU A 5 0.65 -14.10 9.21
C GLU A 5 1.46 -13.43 8.10
N GLU A 6 1.29 -13.93 6.88
CA GLU A 6 2.01 -13.37 5.74
C GLU A 6 1.74 -11.88 5.62
N LEU A 7 0.46 -11.52 5.68
CA LEU A 7 0.07 -10.12 5.57
C LEU A 7 1.05 -9.23 6.35
N SER A 8 1.45 -9.70 7.52
CA SER A 8 2.39 -8.94 8.34
C SER A 8 3.59 -8.51 7.52
N ASP A 9 4.01 -9.38 6.60
CA ASP A 9 5.15 -9.09 5.75
C ASP A 9 4.78 -8.05 4.69
N LEU A 10 3.63 -8.27 4.06
CA LEU A 10 3.15 -7.35 3.02
C LEU A 10 3.35 -5.90 3.47
N PHE A 11 2.82 -5.58 4.65
CA PHE A 11 2.95 -4.22 5.18
C PHE A 11 4.40 -3.77 5.09
N ARG A 12 5.31 -4.62 5.55
CA ARG A 12 6.73 -4.29 5.51
C ARG A 12 7.22 -4.34 4.07
N MET A 13 6.64 -5.27 3.31
CA MET A 13 7.01 -5.43 1.91
C MET A 13 6.65 -4.17 1.13
N PHE A 14 5.72 -3.40 1.69
CA PHE A 14 5.28 -2.16 1.07
C PHE A 14 6.09 -0.98 1.59
N ASP A 15 6.07 -0.80 2.92
CA ASP A 15 6.80 0.30 3.54
C ASP A 15 8.23 0.36 3.00
N LYS A 16 8.56 1.48 2.38
CA LYS A 16 9.89 1.67 1.82
C LYS A 16 10.77 2.47 2.78
N ASN A 17 10.23 2.75 3.97
CA ASN A 17 10.97 3.51 4.97
C ASN A 17 11.02 2.74 6.29
N ALA A 18 9.96 2.00 6.57
CA ALA A 18 9.88 1.22 7.81
C ALA A 18 9.36 2.08 8.96
N ASP A 19 8.09 2.46 8.86
CA ASP A 19 7.47 3.29 9.89
C ASP A 19 6.19 2.64 10.40
N GLY A 20 5.47 2.00 9.49
CA GLY A 20 4.21 1.33 9.85
C GLY A 20 3.02 2.05 9.23
N TYR A 21 3.30 2.98 8.33
CA TYR A 21 2.23 3.74 7.66
C TYR A 21 2.66 4.16 6.26
N ILE A 22 2.23 3.39 5.27
CA ILE A 22 2.57 3.69 3.89
C ILE A 22 1.95 5.04 3.49
N ASP A 23 2.65 5.76 2.61
CA ASP A 23 2.17 7.06 2.16
C ASP A 23 2.02 7.09 0.65
N LEU A 24 1.70 8.27 0.12
CA LEU A 24 1.52 8.44 -1.32
C LEU A 24 2.87 8.35 -2.04
N GLU A 25 3.88 8.97 -1.45
CA GLU A 25 5.22 8.95 -2.04
C GLU A 25 5.68 7.51 -2.28
N GLU A 26 5.70 6.73 -1.21
CA GLU A 26 6.13 5.33 -1.32
C GLU A 26 5.31 4.60 -2.37
N LEU A 27 4.04 5.00 -2.51
CA LEU A 27 3.17 4.38 -3.48
C LEU A 27 3.73 4.54 -4.89
N LYS A 28 4.50 5.60 -5.09
CA LYS A 28 5.10 5.87 -6.39
C LYS A 28 6.30 4.95 -6.59
N ILE A 29 7.17 4.92 -5.58
CA ILE A 29 8.36 4.08 -5.64
C ILE A 29 7.98 2.62 -5.86
N MET A 30 6.83 2.24 -5.31
CA MET A 30 6.35 0.87 -5.44
C MET A 30 5.94 0.58 -6.88
N LEU A 31 5.27 1.54 -7.49
CA LEU A 31 4.82 1.38 -8.87
C LEU A 31 6.01 1.41 -9.82
N GLN A 32 6.57 2.61 -10.02
CA GLN A 32 7.72 2.76 -10.90
C GLN A 32 8.66 1.57 -10.77
N ALA A 33 8.68 1.00 -9.58
CA ALA A 33 9.54 -0.16 -9.31
C ALA A 33 9.01 -1.40 -10.04
N THR A 34 7.71 -1.63 -9.88
CA THR A 34 7.07 -2.79 -10.53
C THR A 34 7.48 -2.87 -12.00
N GLY A 35 6.88 -2.00 -12.80
CA GLY A 35 7.17 -1.98 -14.23
C GLY A 35 7.11 -0.56 -14.78
N GLU A 36 7.06 0.42 -13.88
CA GLU A 36 7.00 1.83 -14.28
C GLU A 36 6.19 1.98 -15.58
N THR A 37 5.16 1.15 -15.71
CA THR A 37 4.31 1.20 -16.91
C THR A 37 2.89 1.61 -16.52
N ILE A 38 2.79 2.54 -15.59
CA ILE A 38 1.49 3.01 -15.13
C ILE A 38 1.39 4.53 -15.30
N THR A 39 0.15 5.02 -15.31
CA THR A 39 -0.09 6.45 -15.46
C THR A 39 -0.24 7.11 -14.09
N GLU A 40 -0.53 8.40 -14.08
CA GLU A 40 -0.70 9.12 -12.83
C GLU A 40 -2.16 9.09 -12.39
N ASP A 41 -2.89 8.11 -12.90
CA ASP A 41 -4.30 7.95 -12.55
C ASP A 41 -4.52 6.70 -11.70
N ASP A 42 -3.43 5.99 -11.43
CA ASP A 42 -3.50 4.78 -10.63
C ASP A 42 -2.93 5.01 -9.24
N ILE A 43 -2.26 6.15 -9.07
CA ILE A 43 -1.67 6.49 -7.78
C ILE A 43 -2.69 7.19 -6.89
N GLU A 44 -3.18 8.33 -7.34
CA GLU A 44 -4.17 9.09 -6.57
C GLU A 44 -5.46 8.30 -6.41
N GLU A 45 -5.97 7.78 -7.52
CA GLU A 45 -7.21 7.01 -7.50
C GLU A 45 -7.15 5.91 -6.44
N LEU A 46 -6.12 5.06 -6.53
CA LEU A 46 -5.97 3.97 -5.57
C LEU A 46 -5.77 4.51 -4.15
N MET A 47 -4.74 5.33 -3.98
CA MET A 47 -4.45 5.90 -2.67
C MET A 47 -5.70 6.53 -2.06
N LYS A 48 -6.60 7.00 -2.92
CA LYS A 48 -7.84 7.62 -2.46
C LYS A 48 -8.63 6.64 -1.61
N ASP A 49 -9.15 5.60 -2.26
CA ASP A 49 -9.94 4.59 -1.55
C ASP A 49 -9.06 3.82 -0.57
N GLY A 50 -7.77 3.75 -0.88
CA GLY A 50 -6.83 3.04 -0.01
C GLY A 50 -6.76 3.69 1.36
N ASP A 51 -7.18 4.96 1.43
CA ASP A 51 -7.17 5.69 2.68
C ASP A 51 -8.58 5.84 3.23
N LYS A 52 -9.31 4.74 3.29
CA LYS A 52 -10.68 4.75 3.80
C LYS A 52 -10.76 5.58 5.08
N ASN A 53 -9.76 5.43 5.93
CA ASN A 53 -9.73 6.16 7.19
C ASN A 53 -9.70 7.66 6.94
N ASN A 54 -8.99 8.06 5.89
CA ASN A 54 -8.87 9.47 5.54
C ASN A 54 -7.92 10.18 6.49
N ASP A 55 -6.67 9.72 6.51
CA ASP A 55 -5.65 10.32 7.37
C ASP A 55 -4.33 10.47 6.62
N GLY A 56 -4.42 10.50 5.29
CA GLY A 56 -3.24 10.64 4.45
C GLY A 56 -2.26 9.49 4.68
N ARG A 57 -2.82 8.29 4.82
CA ARG A 57 -2.00 7.10 5.05
C ARG A 57 -2.88 5.89 5.32
N ILE A 58 -2.25 4.71 5.37
CA ILE A 58 -2.98 3.48 5.63
C ILE A 58 -2.50 2.84 6.93
N ASP A 59 -3.38 2.06 7.57
CA ASP A 59 -3.04 1.40 8.83
C ASP A 59 -3.29 -0.10 8.70
N TYR A 60 -2.88 -0.84 9.72
CA TYR A 60 -3.06 -2.29 9.72
C TYR A 60 -4.52 -2.63 9.48
N ASP A 61 -5.40 -1.67 9.75
CA ASP A 61 -6.83 -1.88 9.56
C ASP A 61 -7.18 -1.79 8.08
N GLU A 62 -6.97 -0.61 7.50
CA GLU A 62 -7.26 -0.40 6.09
C GLU A 62 -6.44 -1.39 5.24
N PHE A 63 -5.21 -1.61 5.67
CA PHE A 63 -4.31 -2.52 4.97
C PHE A 63 -4.84 -3.95 5.05
N LEU A 64 -5.14 -4.39 6.27
CA LEU A 64 -5.65 -5.73 6.47
C LEU A 64 -6.89 -5.97 5.62
N GLU A 65 -7.72 -4.93 5.51
CA GLU A 65 -8.95 -5.03 4.72
C GLU A 65 -8.63 -4.85 3.23
N PHE A 66 -7.97 -3.75 2.92
CA PHE A 66 -7.59 -3.46 1.53
C PHE A 66 -6.63 -4.52 1.01
N MET A 67 -5.47 -4.61 1.66
CA MET A 67 -4.46 -5.59 1.25
C MET A 67 -4.68 -6.92 1.96
N LYS A 68 -5.79 -7.57 1.64
CA LYS A 68 -6.11 -8.86 2.25
C LYS A 68 -5.28 -9.97 1.62
N GLY A 69 -4.03 -10.08 2.06
CA GLY A 69 -3.14 -11.11 1.53
C GLY A 69 -3.11 -11.06 0.02
N VAL A 70 -2.66 -9.93 -0.52
CA VAL A 70 -2.59 -9.76 -1.97
C VAL A 70 -1.26 -10.27 -2.50
N GLU A 71 -0.19 -9.54 -2.21
CA GLU A 71 1.14 -9.93 -2.68
C GLU A 71 1.26 -9.73 -4.19
CA CA B . 5.39 4.88 4.88
CA CA C . -5.83 5.46 6.87
S1 EMD D . -2.96 -0.18 0.56
C2 EMD D . -4.25 0.86 -0.10
O2 EMD D . -5.22 1.14 0.59
N3 EMD D . -4.25 1.12 -1.41
N4 EMD D . -3.31 0.67 -2.30
C5 EMD D . -2.21 0.01 -2.18
C6 EMD D . -1.71 -0.28 -0.75
C7 EMD D . -0.58 0.69 -0.40
C8 EMD D . -1.67 -0.79 -3.42
C9 EMD D . -1.45 -2.17 -3.31
C10 EMD D . -0.96 -2.90 -4.40
C11 EMD D . -0.68 -2.22 -5.61
C12 EMD D . -0.90 -0.84 -5.72
C13 EMD D . -1.39 -0.13 -4.62
N14 EMD D . -0.14 -3.03 -6.79
C15 EMD D . -0.28 -4.54 -6.75
C16 EMD D . -1.03 -5.14 -5.58
C17 EMD D . -0.73 -4.41 -4.25
C18 EMD D . 0.48 -2.45 -7.88
O18 EMD D . 0.63 -1.23 -7.97
C19 EMD D . 1.01 -3.29 -9.05
C20 EMD D . 0.42 -3.17 -10.31
C21 EMD D . 0.70 -4.12 -11.31
O21 EMD D . 0.09 -3.96 -12.56
C22 EMD D . 1.54 -5.18 -11.04
O22 EMD D . 1.84 -6.16 -12.00
C23 EMD D . 2.13 -5.32 -9.78
C24 EMD D . 1.87 -4.37 -8.77
C25 EMD D . -0.75 -2.82 -12.92
C26 EMD D . 2.44 -7.44 -11.69
H3 EMD D . -5.09 1.64 -1.71
H6 EMD D . -1.31 -1.28 -0.74
H71 EMD D . -0.85 1.24 0.50
H72 EMD D . -0.44 1.38 -1.21
H73 EMD D . 0.33 0.13 -0.22
H9 EMD D . -1.67 -2.68 -2.38
H12 EMD D . -0.69 -0.34 -6.64
H13 EMD D . -1.56 0.94 -4.71
H151 EMD D . 0.71 -4.98 -6.77
H152 EMD D . -0.79 -4.87 -7.65
H161 EMD D . -0.78 -6.19 -5.49
H162 EMD D . -2.09 -5.12 -5.78
H171 EMD D . 0.33 -4.60 -3.94
H172 EMD D . -1.36 -4.81 -3.44
H20 EMD D . -0.24 -2.34 -10.54
H23 EMD D . 2.79 -6.15 -9.56
H24 EMD D . 2.32 -4.47 -7.80
H251 EMD D . -1.11 -2.93 -13.93
H252 EMD D . -0.19 -1.90 -12.85
H253 EMD D . -1.60 -2.76 -12.25
H261 EMD D . 3.48 -7.44 -11.98
H262 EMD D . 1.93 -8.24 -12.24
H263 EMD D . 2.38 -7.66 -10.63
N GLY A 1 -2.13 -18.85 -0.82
CA GLY A 1 -1.98 -17.42 -0.54
C GLY A 1 -1.14 -17.19 0.71
N LYS A 2 -1.46 -16.12 1.43
CA LYS A 2 -0.73 -15.79 2.65
C LYS A 2 -1.70 -15.61 3.82
N SER A 3 -1.19 -15.08 4.92
CA SER A 3 -2.02 -14.85 6.11
C SER A 3 -1.64 -13.54 6.79
N GLU A 4 -2.55 -13.04 7.62
CA GLU A 4 -2.29 -11.79 8.34
C GLU A 4 -0.87 -11.77 8.89
N GLU A 5 -0.38 -12.96 9.25
CA GLU A 5 0.97 -13.07 9.80
C GLU A 5 2.00 -12.53 8.83
N GLU A 6 1.95 -13.04 7.60
CA GLU A 6 2.89 -12.61 6.56
C GLU A 6 2.63 -11.15 6.17
N LEU A 7 1.36 -10.79 6.17
CA LEU A 7 0.97 -9.42 5.81
C LEU A 7 1.97 -8.42 6.39
N SER A 8 2.34 -8.63 7.65
CA SER A 8 3.29 -7.75 8.31
C SER A 8 4.45 -7.40 7.38
N ASP A 9 4.79 -8.36 6.51
CA ASP A 9 5.88 -8.15 5.56
C ASP A 9 5.39 -7.28 4.39
N LEU A 10 4.31 -7.71 3.76
CA LEU A 10 3.75 -6.97 2.64
C LEU A 10 3.75 -5.47 2.95
N PHE A 11 3.24 -5.12 4.11
CA PHE A 11 3.20 -3.71 4.51
C PHE A 11 4.59 -3.10 4.41
N ARG A 12 5.52 -3.62 5.21
CA ARG A 12 6.89 -3.13 5.18
C ARG A 12 7.44 -3.23 3.76
N MET A 13 7.13 -4.35 3.11
CA MET A 13 7.56 -4.57 1.74
C MET A 13 7.20 -3.37 0.88
N PHE A 14 6.09 -2.73 1.26
CA PHE A 14 5.61 -1.56 0.52
C PHE A 14 6.29 -0.29 1.04
N ASP A 15 6.36 -0.19 2.37
CA ASP A 15 6.98 0.98 3.00
C ASP A 15 8.50 0.86 2.97
N LYS A 16 9.15 1.86 2.36
CA LYS A 16 10.61 1.86 2.27
C LYS A 16 11.19 3.13 2.89
N ASN A 17 10.41 3.74 3.79
CA ASN A 17 10.85 4.95 4.46
C ASN A 17 10.96 4.73 5.97
N ALA A 18 10.79 3.48 6.39
CA ALA A 18 10.87 3.13 7.80
C ALA A 18 10.00 4.08 8.63
N ASP A 19 8.75 4.24 8.21
CA ASP A 19 7.83 5.11 8.93
C ASP A 19 6.60 4.33 9.40
N GLY A 20 6.23 3.31 8.62
CA GLY A 20 5.08 2.47 8.97
C GLY A 20 3.81 3.03 8.35
N TYR A 21 3.97 3.76 7.25
CA TYR A 21 2.81 4.34 6.57
C TYR A 21 3.14 4.62 5.10
N ILE A 22 2.42 3.95 4.21
CA ILE A 22 2.65 4.14 2.77
C ILE A 22 2.12 5.50 2.34
N ASP A 23 3.01 6.32 1.78
CA ASP A 23 2.62 7.64 1.33
C ASP A 23 2.79 7.75 -0.19
N LEU A 24 1.88 8.48 -0.82
CA LEU A 24 1.93 8.66 -2.26
C LEU A 24 3.38 8.85 -2.72
N GLU A 25 4.10 9.71 -2.00
CA GLU A 25 5.48 9.99 -2.35
C GLU A 25 6.24 8.69 -2.62
N GLU A 26 5.83 7.63 -1.93
CA GLU A 26 6.47 6.33 -2.11
C GLU A 26 5.63 5.45 -3.04
N LEU A 27 4.32 5.46 -2.81
CA LEU A 27 3.42 4.66 -3.62
C LEU A 27 3.72 4.85 -5.10
N LYS A 28 3.66 6.10 -5.55
CA LYS A 28 3.93 6.41 -6.95
C LYS A 28 5.29 5.85 -7.35
N ILE A 29 6.27 6.03 -6.48
CA ILE A 29 7.62 5.52 -6.73
C ILE A 29 7.57 4.01 -6.95
N MET A 30 6.54 3.38 -6.39
CA MET A 30 6.37 1.94 -6.53
C MET A 30 5.87 1.59 -7.93
N LEU A 31 4.95 2.42 -8.43
CA LEU A 31 4.40 2.21 -9.76
C LEU A 31 5.45 2.48 -10.82
N GLN A 32 6.15 3.61 -10.67
CA GLN A 32 7.18 3.99 -11.63
C GLN A 32 8.33 2.99 -11.60
N ALA A 33 8.35 2.14 -10.58
CA ALA A 33 9.40 1.13 -10.46
C ALA A 33 8.94 -0.20 -11.04
N THR A 34 7.63 -0.40 -11.08
CA THR A 34 7.06 -1.63 -11.62
C THR A 34 6.75 -1.48 -13.10
N GLY A 35 7.76 -1.07 -13.87
CA GLY A 35 7.58 -0.88 -15.30
C GLY A 35 6.97 0.49 -15.59
N GLU A 36 6.67 1.24 -14.53
CA GLU A 36 6.08 2.57 -14.69
C GLU A 36 5.08 2.57 -15.84
N THR A 37 4.90 3.74 -16.45
CA THR A 37 3.96 3.87 -17.57
C THR A 37 2.53 3.88 -17.04
N ILE A 38 2.34 4.48 -15.87
CA ILE A 38 1.02 4.56 -15.27
C ILE A 38 0.63 6.02 -15.02
N THR A 39 -0.67 6.29 -15.08
CA THR A 39 -1.16 7.65 -14.87
C THR A 39 -1.65 7.81 -13.42
N GLU A 40 -2.26 8.97 -13.15
CA GLU A 40 -2.77 9.25 -11.81
C GLU A 40 -4.04 8.43 -11.55
N ASP A 41 -4.81 8.18 -12.61
CA ASP A 41 -6.04 7.41 -12.47
C ASP A 41 -5.78 6.11 -11.71
N ASP A 42 -4.54 5.64 -11.77
CA ASP A 42 -4.17 4.40 -11.08
C ASP A 42 -3.65 4.70 -9.68
N ILE A 43 -3.19 5.92 -9.48
CA ILE A 43 -2.66 6.33 -8.17
C ILE A 43 -3.78 6.82 -7.27
N GLU A 44 -4.72 7.55 -7.86
CA GLU A 44 -5.84 8.09 -7.09
C GLU A 44 -6.82 6.97 -6.71
N GLU A 45 -7.42 6.36 -7.73
CA GLU A 45 -8.37 5.28 -7.49
C GLU A 45 -7.76 4.23 -6.58
N LEU A 46 -6.45 4.07 -6.70
CA LEU A 46 -5.73 3.09 -5.88
C LEU A 46 -5.52 3.61 -4.46
N MET A 47 -5.29 4.92 -4.34
CA MET A 47 -5.07 5.52 -3.03
C MET A 47 -6.39 5.84 -2.35
N LYS A 48 -7.18 6.70 -2.99
CA LYS A 48 -8.48 7.09 -2.42
C LYS A 48 -9.23 5.88 -1.90
N ASP A 49 -9.06 4.74 -2.56
CA ASP A 49 -9.74 3.51 -2.14
C ASP A 49 -8.96 2.81 -1.04
N GLY A 50 -7.66 3.13 -0.96
CA GLY A 50 -6.80 2.51 0.05
C GLY A 50 -6.74 3.38 1.31
N ASP A 51 -7.64 4.35 1.40
CA ASP A 51 -7.68 5.24 2.55
C ASP A 51 -9.10 5.36 3.08
N LYS A 52 -9.64 4.23 3.56
CA LYS A 52 -10.99 4.22 4.10
C LYS A 52 -11.05 5.00 5.41
N ASN A 53 -10.00 4.85 6.21
CA ASN A 53 -9.93 5.53 7.50
C ASN A 53 -9.83 7.05 7.30
N ASN A 54 -9.42 7.45 6.11
CA ASN A 54 -9.28 8.86 5.80
C ASN A 54 -8.29 9.52 6.76
N ASP A 55 -7.02 9.12 6.67
CA ASP A 55 -6.00 9.68 7.54
C ASP A 55 -4.94 10.41 6.71
N GLY A 56 -4.80 10.00 5.46
CA GLY A 56 -3.82 10.61 4.56
C GLY A 56 -2.61 9.72 4.39
N ARG A 57 -2.76 8.46 4.78
CA ARG A 57 -1.67 7.49 4.68
C ARG A 57 -2.21 6.06 4.68
N ILE A 58 -1.30 5.10 4.78
CA ILE A 58 -1.69 3.70 4.81
C ILE A 58 -1.31 3.06 6.13
N ASP A 59 -2.30 2.52 6.83
CA ASP A 59 -2.06 1.88 8.13
C ASP A 59 -2.39 0.40 8.07
N TYR A 60 -2.12 -0.31 9.16
CA TYR A 60 -2.39 -1.74 9.23
C TYR A 60 -3.86 -2.02 8.93
N ASP A 61 -4.73 -1.16 9.47
CA ASP A 61 -6.16 -1.33 9.26
C ASP A 61 -6.48 -1.39 7.78
N GLU A 62 -6.33 -0.25 7.10
CA GLU A 62 -6.59 -0.19 5.67
C GLU A 62 -5.78 -1.26 4.93
N PHE A 63 -4.48 -1.29 5.22
CA PHE A 63 -3.61 -2.27 4.59
C PHE A 63 -4.14 -3.68 4.78
N LEU A 64 -4.30 -4.08 6.03
CA LEU A 64 -4.80 -5.41 6.35
C LEU A 64 -6.02 -5.75 5.48
N GLU A 65 -6.93 -4.80 5.36
CA GLU A 65 -8.13 -5.00 4.55
C GLU A 65 -7.80 -4.94 3.06
N PHE A 66 -7.43 -3.75 2.60
CA PHE A 66 -7.10 -3.56 1.19
C PHE A 66 -6.12 -4.63 0.72
N MET A 67 -4.89 -4.57 1.22
CA MET A 67 -3.87 -5.54 0.84
C MET A 67 -3.91 -6.76 1.75
N LYS A 68 -4.97 -7.54 1.63
CA LYS A 68 -5.12 -8.74 2.45
C LYS A 68 -4.13 -9.82 2.01
N GLY A 69 -2.85 -9.50 2.10
CA GLY A 69 -1.81 -10.46 1.70
C GLY A 69 -2.00 -10.88 0.26
N VAL A 70 -1.86 -9.92 -0.65
CA VAL A 70 -2.02 -10.20 -2.08
C VAL A 70 -0.71 -10.68 -2.68
N GLU A 71 -0.61 -11.98 -2.90
CA GLU A 71 0.60 -12.57 -3.47
C GLU A 71 1.75 -12.49 -2.47
CA CA B . 6.65 6.19 4.46
CA CA C . -5.32 5.42 6.57
S1 EMD D . -2.96 -0.76 0.76
C2 EMD D . -4.34 0.20 0.14
O2 EMD D . -5.22 0.60 0.90
N3 EMD D . -4.41 0.46 -1.16
N4 EMD D . -3.46 0.06 -2.09
C5 EMD D . -2.32 -0.53 -1.99
C6 EMD D . -1.76 -0.79 -0.59
C7 EMD D . -0.68 0.24 -0.26
C8 EMD D . -1.63 -1.11 -3.28
C9 EMD D . -1.39 -2.48 -3.39
C10 EMD D . -0.77 -3.01 -4.55
C11 EMD D . -0.38 -2.12 -5.57
C12 EMD D . -0.61 -0.74 -5.45
C13 EMD D . -1.23 -0.24 -4.31
N14 EMD D . 0.31 -2.70 -6.81
C15 EMD D . 0.19 -4.18 -7.07
C16 EMD D . -0.66 -4.99 -6.12
C17 EMD D . -0.53 -4.51 -4.65
C18 EMD D . 1.04 -1.91 -7.70
O18 EMD D . 1.17 -0.70 -7.54
C19 EMD D . 1.72 -2.52 -8.93
C20 EMD D . 1.18 -2.31 -10.20
C21 EMD D . 1.74 -2.94 -11.32
O21 EMD D . 1.17 -2.69 -12.58
C22 EMD D . 2.82 -3.79 -11.16
O22 EMD D . 3.42 -4.46 -12.24
C23 EMD D . 3.36 -4.03 -9.89
C24 EMD D . 2.80 -3.39 -8.77
C25 EMD D . 0.01 -1.86 -12.80
C26 EMD D . 4.34 -5.57 -12.11
H3 EMD D . -5.28 0.92 -1.45
H6 EMD D . -1.30 -1.77 -0.59
H71 EMD D . -0.19 -0.03 0.67
H72 EMD D . -1.12 1.21 -0.16
H73 EMD D . 0.06 0.25 -1.06
H9 EMD D . -1.70 -3.14 -2.60
H12 EMD D . -0.31 -0.07 -6.24
H13 EMD D . -1.42 0.82 -4.22
H151 EMD D . 1.19 -4.61 -7.05
H152 EMD D . -0.20 -4.33 -8.06
H161 EMD D . -0.40 -6.03 -6.19
H162 EMD D . -1.69 -4.92 -6.42
H171 EMD D . 0.49 -4.76 -4.25
H172 EMD D . -1.24 -5.06 -4.00
H20 EMD D . 0.34 -1.64 -10.34
H23 EMD D . 4.20 -4.69 -9.77
H24 EMD D . 3.22 -3.56 -7.79
H251 EMD D . 0.14 -0.90 -12.33
H252 EMD D . -0.86 -2.34 -12.37
H253 EMD D . -0.15 -1.72 -13.85
H261 EMD D . 5.36 -5.22 -12.28
H262 EMD D . 4.12 -6.34 -12.83
H263 EMD D . 4.29 -5.99 -11.12
N GLY A 1 -4.38 -19.11 1.21
CA GLY A 1 -4.55 -18.77 2.61
C GLY A 1 -3.79 -17.49 2.94
N LYS A 2 -2.47 -17.56 2.90
CA LYS A 2 -1.63 -16.39 3.19
C LYS A 2 -1.68 -16.06 4.68
N SER A 3 -2.85 -15.65 5.14
CA SER A 3 -3.03 -15.30 6.54
C SER A 3 -2.27 -14.02 6.87
N GLU A 4 -2.42 -13.55 8.11
CA GLU A 4 -1.75 -12.34 8.54
C GLU A 4 -0.26 -12.57 8.69
N GLU A 5 0.13 -13.85 8.73
CA GLU A 5 1.54 -14.20 8.88
C GLU A 5 2.36 -13.55 7.76
N GLU A 6 1.78 -13.49 6.57
CA GLU A 6 2.46 -12.90 5.43
C GLU A 6 2.20 -11.40 5.38
N LEU A 7 0.93 -11.01 5.50
CA LEU A 7 0.58 -9.60 5.48
C LEU A 7 1.59 -8.78 6.25
N SER A 8 1.90 -9.24 7.46
CA SER A 8 2.88 -8.54 8.31
C SER A 8 4.06 -8.07 7.46
N ASP A 9 4.43 -8.89 6.48
CA ASP A 9 5.54 -8.56 5.59
C ASP A 9 5.08 -7.58 4.52
N LEU A 10 3.96 -7.90 3.89
CA LEU A 10 3.42 -7.04 2.84
C LEU A 10 3.43 -5.58 3.30
N PHE A 11 3.05 -5.37 4.55
CA PHE A 11 3.02 -4.02 5.12
C PHE A 11 4.44 -3.49 5.29
N ARG A 12 5.36 -4.40 5.59
CA ARG A 12 6.76 -4.02 5.77
C ARG A 12 7.42 -3.77 4.42
N MET A 13 7.45 -4.81 3.59
CA MET A 13 8.04 -4.69 2.26
C MET A 13 7.61 -3.39 1.61
N PHE A 14 6.40 -2.95 1.94
CA PHE A 14 5.87 -1.70 1.39
C PHE A 14 6.48 -0.51 2.10
N ASP A 15 6.35 -0.49 3.43
CA ASP A 15 6.90 0.61 4.23
C ASP A 15 8.43 0.56 4.21
N LYS A 16 9.03 1.62 3.69
CA LYS A 16 10.48 1.68 3.61
C LYS A 16 10.98 3.11 3.85
N ASN A 17 10.15 3.91 4.52
CA ASN A 17 10.53 5.29 4.81
C ASN A 17 10.48 5.55 6.31
N ALA A 18 10.49 4.47 7.08
CA ALA A 18 10.45 4.58 8.54
C ALA A 18 9.38 5.58 8.96
N ASP A 19 8.17 5.07 9.15
CA ASP A 19 7.05 5.93 9.56
C ASP A 19 5.97 5.09 10.24
N GLY A 20 5.76 3.89 9.71
CA GLY A 20 4.75 2.99 10.27
C GLY A 20 3.39 3.24 9.63
N TYR A 21 3.40 3.98 8.52
CA TYR A 21 2.16 4.28 7.82
C TYR A 21 2.44 4.52 6.33
N ILE A 22 2.29 3.47 5.53
CA ILE A 22 2.54 3.57 4.09
C ILE A 22 1.87 4.82 3.53
N ASP A 23 2.62 5.52 2.70
CA ASP A 23 2.12 6.73 2.06
C ASP A 23 2.25 6.63 0.54
N LEU A 24 2.27 7.76 -0.15
CA LEU A 24 2.40 7.75 -1.60
C LEU A 24 3.86 7.64 -2.02
N GLU A 25 4.71 8.42 -1.36
CA GLU A 25 6.14 8.41 -1.68
C GLU A 25 6.62 7.00 -1.96
N GLU A 26 5.97 6.02 -1.33
CA GLU A 26 6.35 4.62 -1.53
C GLU A 26 5.56 4.02 -2.69
N LEU A 27 4.24 4.17 -2.64
CA LEU A 27 3.37 3.64 -3.69
C LEU A 27 3.98 3.90 -5.06
N LYS A 28 4.18 5.17 -5.37
CA LYS A 28 4.76 5.54 -6.67
C LYS A 28 5.91 4.62 -7.02
N ILE A 29 6.82 4.44 -6.07
CA ILE A 29 7.98 3.58 -6.29
C ILE A 29 7.54 2.17 -6.67
N MET A 30 6.52 1.68 -5.96
CA MET A 30 6.01 0.33 -6.22
C MET A 30 5.33 0.25 -7.59
N LEU A 31 5.20 1.39 -8.25
CA LEU A 31 4.56 1.43 -9.56
C LEU A 31 5.56 1.74 -10.66
N GLN A 32 5.94 3.02 -10.75
CA GLN A 32 6.90 3.46 -11.76
C GLN A 32 8.26 2.81 -11.58
N ALA A 33 8.68 2.67 -10.32
CA ALA A 33 9.99 2.07 -10.03
C ALA A 33 9.97 0.58 -10.37
N THR A 34 8.89 -0.09 -9.99
CA THR A 34 8.76 -1.52 -10.25
C THR A 34 8.85 -1.77 -11.75
N GLY A 35 8.53 -0.75 -12.53
CA GLY A 35 8.57 -0.87 -13.98
C GLY A 35 7.16 -1.00 -14.53
N GLU A 36 6.19 -0.56 -13.73
CA GLU A 36 4.79 -0.64 -14.12
C GLU A 36 4.41 0.55 -14.99
N THR A 37 3.39 0.35 -15.83
CA THR A 37 2.92 1.39 -16.72
C THR A 37 1.80 2.19 -16.06
N ILE A 38 2.17 3.23 -15.33
CA ILE A 38 1.18 4.05 -14.64
C ILE A 38 1.57 5.53 -14.72
N THR A 39 0.59 6.40 -14.47
CA THR A 39 0.84 7.84 -14.51
C THR A 39 -0.12 8.56 -13.56
N GLU A 40 0.16 8.44 -12.26
CA GLU A 40 -0.69 9.09 -11.26
C GLU A 40 -2.15 8.77 -11.52
N ASP A 41 -2.39 7.59 -12.09
CA ASP A 41 -3.75 7.16 -12.39
C ASP A 41 -4.10 5.88 -11.64
N ASP A 42 -3.08 5.27 -11.04
CA ASP A 42 -3.29 4.03 -10.29
C ASP A 42 -3.12 4.28 -8.78
N ILE A 43 -2.50 5.41 -8.45
CA ILE A 43 -2.28 5.74 -7.05
C ILE A 43 -3.48 6.49 -6.48
N GLU A 44 -3.73 7.68 -7.02
CA GLU A 44 -4.85 8.51 -6.56
C GLU A 44 -6.16 7.72 -6.61
N GLU A 45 -6.16 6.64 -7.39
CA GLU A 45 -7.36 5.82 -7.52
C GLU A 45 -7.41 4.76 -6.41
N LEU A 46 -6.27 4.11 -6.17
CA LEU A 46 -6.20 3.08 -5.14
C LEU A 46 -6.07 3.71 -3.76
N MET A 47 -5.45 4.87 -3.69
CA MET A 47 -5.26 5.56 -2.42
C MET A 47 -6.61 5.94 -1.81
N LYS A 48 -7.43 6.65 -2.58
CA LYS A 48 -8.74 7.07 -2.10
C LYS A 48 -9.47 5.91 -1.43
N ASP A 49 -9.68 4.84 -2.20
CA ASP A 49 -10.38 3.66 -1.68
C ASP A 49 -9.58 3.02 -0.55
N GLY A 50 -8.29 2.82 -0.78
CA GLY A 50 -7.42 2.21 0.22
C GLY A 50 -7.25 3.12 1.44
N ASP A 51 -7.76 4.35 1.33
CA ASP A 51 -7.65 5.30 2.42
C ASP A 51 -9.02 5.57 3.05
N LYS A 52 -9.70 4.50 3.43
CA LYS A 52 -11.03 4.64 4.04
C LYS A 52 -10.98 5.68 5.16
N ASN A 53 -10.05 5.50 6.07
CA ASN A 53 -9.91 6.44 7.19
C ASN A 53 -9.71 7.86 6.68
N ASN A 54 -9.18 7.97 5.46
CA ASN A 54 -8.95 9.28 4.86
C ASN A 54 -8.07 10.14 5.78
N ASP A 55 -6.80 9.74 5.90
CA ASP A 55 -5.87 10.47 6.75
C ASP A 55 -4.71 11.03 5.93
N GLY A 56 -4.45 10.40 4.78
CA GLY A 56 -3.36 10.83 3.91
C GLY A 56 -2.42 9.68 3.60
N ARG A 57 -2.42 8.68 4.49
CA ARG A 57 -1.57 7.51 4.31
C ARG A 57 -2.37 6.23 4.51
N ILE A 58 -1.66 5.15 4.84
CA ILE A 58 -2.30 3.87 5.07
C ILE A 58 -2.04 3.38 6.49
N ASP A 59 -2.96 2.57 7.01
CA ASP A 59 -2.81 2.05 8.37
C ASP A 59 -2.68 0.53 8.33
N TYR A 60 -2.36 -0.05 9.48
CA TYR A 60 -2.19 -1.50 9.58
C TYR A 60 -3.51 -2.21 9.37
N ASP A 61 -4.61 -1.45 9.44
CA ASP A 61 -5.94 -2.03 9.27
C ASP A 61 -6.34 -1.97 7.79
N GLU A 62 -6.47 -0.77 7.26
CA GLU A 62 -6.85 -0.59 5.86
C GLU A 62 -5.97 -1.44 4.96
N PHE A 63 -4.72 -1.63 5.39
CA PHE A 63 -3.78 -2.43 4.62
C PHE A 63 -4.20 -3.90 4.61
N LEU A 64 -4.58 -4.39 5.78
CA LEU A 64 -5.01 -5.78 5.92
C LEU A 64 -6.16 -6.08 4.97
N GLU A 65 -7.14 -5.17 4.93
CA GLU A 65 -8.29 -5.35 4.07
C GLU A 65 -7.87 -5.50 2.61
N PHE A 66 -7.41 -4.40 2.02
CA PHE A 66 -6.98 -4.41 0.63
C PHE A 66 -5.85 -5.41 0.42
N MET A 67 -5.07 -5.65 1.48
CA MET A 67 -3.96 -6.59 1.40
C MET A 67 -4.21 -7.79 2.32
N LYS A 68 -5.24 -8.56 1.99
CA LYS A 68 -5.58 -9.74 2.79
C LYS A 68 -4.81 -10.96 2.29
N GLY A 69 -3.61 -10.74 1.76
CA GLY A 69 -2.78 -11.83 1.25
C GLY A 69 -2.45 -11.61 -0.22
N VAL A 70 -1.88 -10.45 -0.52
CA VAL A 70 -1.50 -10.13 -1.89
C VAL A 70 -0.10 -10.65 -2.21
N GLU A 71 0.19 -10.78 -3.50
CA GLU A 71 1.50 -11.28 -3.92
C GLU A 71 1.71 -12.71 -3.44
CA CA B . 4.89 4.75 4.67
CA CA C . -5.36 4.82 5.36
S1 EMD D . -3.79 0.80 -0.11
C2 EMD D . -4.12 2.33 -0.98
O2 EMD D . -4.74 3.23 -0.42
N3 EMD D . -3.57 2.52 -2.17
N4 EMD D . -2.74 1.63 -2.81
C5 EMD D . -2.20 0.52 -2.46
C6 EMD D . -2.40 0.06 -0.99
C7 EMD D . -1.14 0.32 -0.19
C8 EMD D . -1.58 -0.43 -3.54
C9 EMD D . -1.04 -1.68 -3.16
C10 EMD D . -0.48 -2.53 -4.13
C11 EMD D . -0.48 -2.12 -5.49
C12 EMD D . -1.02 -0.88 -5.86
C13 EMD D . -1.58 -0.04 -4.89
N14 EMD D . 0.14 -3.05 -6.53
C15 EMD D . 0.35 -4.51 -6.15
C16 EMD D . -0.13 -4.94 -4.79
C17 EMD D . 0.11 -3.87 -3.70
C18 EMD D . 0.51 -2.63 -7.80
O18 EMD D . 0.36 -1.46 -8.17
C19 EMD D . 1.12 -3.60 -8.81
C20 EMD D . 0.47 -3.83 -10.04
C21 EMD D . 0.93 -4.85 -10.89
O21 EMD D . 0.25 -5.05 -12.09
C22 EMD D . 2.02 -5.63 -10.52
O22 EMD D . 2.50 -6.66 -11.33
C23 EMD D . 2.67 -5.40 -9.30
C24 EMD D . 2.22 -4.39 -8.44
C25 EMD D . -0.51 -4.03 -12.78
C26 EMD D . 3.72 -7.42 -11.07
H3 EMD D . -3.89 3.38 -2.64
H6 EMD D . -2.57 -1.02 -1.01
H71 EMD D . -0.83 -0.57 0.33
H72 EMD D . -1.32 1.11 0.53
H73 EMD D . -0.34 0.64 -0.86
H9 EMD D . -1.05 -1.97 -2.13
H12 EMD D . -1.02 -0.58 -6.90
H13 EMD D . -1.99 0.91 -5.18
H151 EMD D . 1.41 -4.73 -6.20
H152 EMD D . -0.14 -5.14 -6.88
H161 EMD D . 0.37 -5.88 -4.51
H162 EMD D . -1.18 -5.19 -4.84
H171 EMD D . 1.19 -3.76 -3.50
H172 EMD D . -0.35 -4.19 -2.73
H20 EMD D . -0.37 -3.24 -10.33
H23 EMD D . 3.52 -6.01 -9.01
H24 EMD D . 2.73 -4.22 -7.51
H251 EMD D . -1.57 -4.16 -12.60
H252 EMD D . -0.33 -4.08 -13.85
H253 EMD D . -0.22 -3.04 -12.43
H261 EMD D . 4.57 -6.88 -11.44
H262 EMD D . 3.67 -8.37 -11.54
H263 EMD D . 3.84 -7.56 -10.01
N GLY A 1 -0.05 -18.92 -2.43
CA GLY A 1 -1.08 -18.19 -1.69
C GLY A 1 -0.46 -17.45 -0.51
N LYS A 2 -1.31 -16.76 0.26
CA LYS A 2 -0.83 -16.03 1.41
C LYS A 2 -1.99 -15.75 2.38
N SER A 3 -1.64 -15.60 3.66
CA SER A 3 -2.64 -15.33 4.68
C SER A 3 -2.13 -14.28 5.66
N GLU A 4 -2.73 -14.26 6.85
CA GLU A 4 -2.31 -13.31 7.88
C GLU A 4 -0.81 -13.42 8.13
N GLU A 5 -0.27 -14.60 7.86
CA GLU A 5 1.15 -14.85 8.05
C GLU A 5 1.98 -13.92 7.18
N GLU A 6 1.94 -14.17 5.87
CA GLU A 6 2.69 -13.36 4.91
C GLU A 6 2.17 -11.93 4.91
N LEU A 7 0.87 -11.78 5.16
CA LEU A 7 0.25 -10.45 5.18
C LEU A 7 1.12 -9.47 5.96
N SER A 8 1.51 -9.87 7.17
CA SER A 8 2.35 -9.03 8.01
C SER A 8 3.49 -8.44 7.20
N ASP A 9 4.11 -9.28 6.37
CA ASP A 9 5.23 -8.84 5.54
C ASP A 9 4.75 -7.81 4.53
N LEU A 10 3.64 -8.12 3.87
CA LEU A 10 3.07 -7.22 2.88
C LEU A 10 3.10 -5.78 3.37
N PHE A 11 2.92 -5.61 4.68
CA PHE A 11 2.94 -4.28 5.28
C PHE A 11 4.34 -3.69 5.23
N ARG A 12 5.28 -4.36 5.89
CA ARG A 12 6.65 -3.89 5.90
C ARG A 12 7.18 -3.83 4.46
N MET A 13 6.81 -4.84 3.69
CA MET A 13 7.22 -4.91 2.29
C MET A 13 6.82 -3.62 1.59
N PHE A 14 5.74 -3.02 2.05
CA PHE A 14 5.25 -1.78 1.47
C PHE A 14 5.98 -0.59 2.08
N ASP A 15 6.09 -0.58 3.41
CA ASP A 15 6.77 0.50 4.11
C ASP A 15 8.28 0.40 3.88
N LYS A 16 8.84 1.40 3.21
CA LYS A 16 10.27 1.41 2.92
C LYS A 16 11.03 2.21 3.97
N ASN A 17 10.29 2.90 4.83
CA ASN A 17 10.93 3.70 5.89
C ASN A 17 10.55 3.17 7.27
N ALA A 18 9.52 2.32 7.29
CA ALA A 18 9.06 1.74 8.55
C ALA A 18 8.57 2.84 9.50
N ASP A 19 7.31 3.20 9.35
CA ASP A 19 6.72 4.24 10.20
C ASP A 19 5.45 3.73 10.85
N GLY A 20 4.67 2.96 10.10
CA GLY A 20 3.43 2.42 10.62
C GLY A 20 2.27 2.66 9.65
N TYR A 21 2.37 3.75 8.89
CA TYR A 21 1.33 4.09 7.93
C TYR A 21 1.93 4.29 6.53
N ILE A 22 1.32 3.65 5.55
CA ILE A 22 1.79 3.77 4.17
C ILE A 22 1.22 5.04 3.54
N ASP A 23 2.04 5.75 2.79
CA ASP A 23 1.60 6.98 2.14
C ASP A 23 1.84 6.91 0.64
N LEU A 24 1.36 7.92 -0.07
CA LEU A 24 1.52 7.96 -1.52
C LEU A 24 2.99 7.95 -1.90
N GLU A 25 3.81 8.63 -1.09
CA GLU A 25 5.24 8.70 -1.35
C GLU A 25 5.81 7.31 -1.60
N GLU A 26 5.42 6.37 -0.74
CA GLU A 26 5.89 4.99 -0.87
C GLU A 26 5.16 4.28 -2.01
N LEU A 27 3.86 4.52 -2.11
CA LEU A 27 3.06 3.90 -3.15
C LEU A 27 3.76 3.99 -4.50
N LYS A 28 4.18 5.20 -4.86
CA LYS A 28 4.86 5.43 -6.12
C LYS A 28 6.08 4.51 -6.26
N ILE A 29 6.85 4.41 -5.17
CA ILE A 29 8.03 3.56 -5.19
C ILE A 29 7.67 2.15 -5.62
N MET A 30 6.59 1.62 -5.05
CA MET A 30 6.14 0.27 -5.39
C MET A 30 5.93 0.15 -6.90
N LEU A 31 5.64 1.29 -7.53
CA LEU A 31 5.43 1.31 -8.97
C LEU A 31 6.75 1.56 -9.70
N GLN A 32 7.44 2.61 -9.28
CA GLN A 32 8.73 2.95 -9.89
C GLN A 32 9.72 1.80 -9.71
N ALA A 33 9.53 1.04 -8.64
CA ALA A 33 10.41 -0.09 -8.35
C ALA A 33 10.19 -1.21 -9.36
N THR A 34 8.92 -1.43 -9.71
CA THR A 34 8.58 -2.48 -10.66
C THR A 34 8.75 -1.98 -12.10
N GLY A 35 9.97 -1.56 -12.42
CA GLY A 35 10.25 -1.05 -13.76
C GLY A 35 9.36 0.13 -14.10
N GLU A 36 8.92 0.85 -13.06
CA GLU A 36 8.05 2.01 -13.25
C GLU A 36 7.09 1.78 -14.41
N THR A 37 6.31 0.72 -14.31
CA THR A 37 5.34 0.39 -15.36
C THR A 37 3.94 0.84 -14.97
N ILE A 38 3.88 1.95 -14.22
CA ILE A 38 2.60 2.49 -13.78
C ILE A 38 2.70 4.01 -13.61
N THR A 39 1.62 4.71 -13.93
CA THR A 39 1.61 6.16 -13.82
C THR A 39 1.27 6.58 -12.39
N GLU A 40 0.78 7.81 -12.24
CA GLU A 40 0.42 8.33 -10.93
C GLU A 40 -1.07 8.11 -10.65
N ASP A 41 -1.85 8.04 -11.73
CA ASP A 41 -3.29 7.84 -11.60
C ASP A 41 -3.59 6.49 -10.93
N ASP A 42 -2.58 5.63 -10.90
CA ASP A 42 -2.75 4.30 -10.30
C ASP A 42 -2.62 4.39 -8.78
N ILE A 43 -1.99 5.47 -8.31
CA ILE A 43 -1.81 5.66 -6.87
C ILE A 43 -3.06 6.30 -6.26
N GLU A 44 -3.29 7.56 -6.61
CA GLU A 44 -4.45 8.28 -6.09
C GLU A 44 -5.72 7.45 -6.23
N GLU A 45 -5.95 6.94 -7.43
CA GLU A 45 -7.13 6.12 -7.70
C GLU A 45 -7.24 4.98 -6.69
N LEU A 46 -6.10 4.38 -6.37
CA LEU A 46 -6.08 3.27 -5.42
C LEU A 46 -6.09 3.80 -3.98
N MET A 47 -5.63 5.03 -3.80
CA MET A 47 -5.60 5.62 -2.47
C MET A 47 -6.99 6.06 -2.02
N LYS A 48 -7.90 6.18 -2.99
CA LYS A 48 -9.27 6.60 -2.67
C LYS A 48 -10.05 5.44 -2.06
N ASP A 49 -9.74 4.23 -2.52
CA ASP A 49 -10.42 3.03 -2.01
C ASP A 49 -9.69 2.49 -0.79
N GLY A 50 -8.40 2.24 -0.95
CA GLY A 50 -7.60 1.71 0.16
C GLY A 50 -7.62 2.65 1.35
N ASP A 51 -7.97 3.91 1.10
CA ASP A 51 -8.04 4.90 2.16
C ASP A 51 -9.48 5.17 2.54
N LYS A 52 -10.21 4.10 2.82
CA LYS A 52 -11.62 4.22 3.20
C LYS A 52 -11.83 5.37 4.17
N ASN A 53 -11.00 5.41 5.21
CA ASN A 53 -11.10 6.47 6.22
C ASN A 53 -10.76 7.83 5.62
N ASN A 54 -10.07 7.81 4.49
CA ASN A 54 -9.67 9.06 3.83
C ASN A 54 -9.03 10.01 4.82
N ASP A 55 -7.81 9.66 5.25
CA ASP A 55 -7.08 10.49 6.21
C ASP A 55 -5.78 10.99 5.59
N GLY A 56 -5.26 10.22 4.63
CA GLY A 56 -4.01 10.60 3.97
C GLY A 56 -2.91 9.59 4.28
N ARG A 57 -3.31 8.32 4.41
CA ARG A 57 -2.36 7.26 4.71
C ARG A 57 -3.09 5.94 4.90
N ILE A 58 -2.33 4.88 5.12
CA ILE A 58 -2.92 3.56 5.31
C ILE A 58 -2.61 3.04 6.71
N ASP A 59 -3.57 2.36 7.31
CA ASP A 59 -3.40 1.80 8.64
C ASP A 59 -3.53 0.29 8.62
N TYR A 60 -2.98 -0.37 9.64
CA TYR A 60 -3.04 -1.82 9.73
C TYR A 60 -4.45 -2.32 9.43
N ASP A 61 -5.44 -1.69 10.06
CA ASP A 61 -6.84 -2.08 9.86
C ASP A 61 -7.20 -2.04 8.38
N GLU A 62 -7.22 -0.85 7.81
CA GLU A 62 -7.57 -0.68 6.41
C GLU A 62 -6.71 -1.59 5.53
N PHE A 63 -5.40 -1.48 5.70
CA PHE A 63 -4.47 -2.29 4.92
C PHE A 63 -4.87 -3.75 4.95
N LEU A 64 -5.15 -4.27 6.14
CA LEU A 64 -5.53 -5.66 6.30
C LEU A 64 -6.70 -6.02 5.38
N GLU A 65 -7.86 -5.41 5.64
CA GLU A 65 -9.04 -5.68 4.82
C GLU A 65 -8.71 -5.54 3.34
N PHE A 66 -8.35 -4.32 2.95
CA PHE A 66 -8.00 -4.06 1.55
C PHE A 66 -6.94 -5.04 1.07
N MET A 67 -5.73 -4.88 1.60
CA MET A 67 -4.62 -5.76 1.23
C MET A 67 -4.75 -7.11 1.93
N LYS A 68 -5.83 -7.82 1.61
CA LYS A 68 -6.06 -9.13 2.21
C LYS A 68 -5.25 -10.21 1.50
N GLY A 69 -3.94 -9.97 1.40
CA GLY A 69 -3.05 -10.93 0.73
C GLY A 69 -3.00 -10.65 -0.77
N VAL A 70 -2.56 -9.45 -1.13
CA VAL A 70 -2.47 -9.07 -2.53
C VAL A 70 -1.04 -8.64 -2.87
N GLU A 71 -0.60 -8.98 -4.07
CA GLU A 71 0.75 -8.62 -4.51
C GLU A 71 1.02 -9.17 -5.90
CA CA B . 5.47 5.02 5.26
CA CA C . -6.34 4.60 5.27
S1 EMD D . -3.89 0.87 -0.01
C2 EMD D . -4.31 2.34 -0.93
O2 EMD D . -5.16 3.12 -0.50
N3 EMD D . -3.76 2.54 -2.12
N4 EMD D . -2.84 1.71 -2.72
C5 EMD D . -2.21 0.65 -2.31
C6 EMD D . -2.41 0.21 -0.85
C7 EMD D . -1.20 0.62 -0.02
C8 EMD D . -1.62 -0.34 -3.38
C9 EMD D . -1.58 -1.71 -3.12
C10 EMD D . -1.06 -2.61 -4.06
C11 EMD D . -0.57 -2.10 -5.29
C12 EMD D . -0.61 -0.73 -5.55
C13 EMD D . -1.14 0.16 -4.60
N14 EMD D . 0.00 -3.07 -6.31
C15 EMD D . -0.33 -4.56 -6.16
C16 EMD D . -1.26 -4.94 -5.02
C17 EMD D . -1.02 -4.11 -3.74
C18 EMD D . 0.80 -2.68 -7.38
O18 EMD D . 1.10 -1.51 -7.57
C19 EMD D . 1.35 -3.71 -8.39
C20 EMD D . 0.56 -4.08 -9.47
C21 EMD D . 0.93 -5.19 -10.26
O21 EMD D . 0.10 -5.52 -11.35
C22 EMD D . 2.06 -5.90 -9.96
O22 EMD D . 2.47 -7.01 -10.70
C23 EMD D . 2.86 -5.54 -8.87
C24 EMD D . 2.50 -4.44 -8.07
C25 EMD D . -0.41 -4.58 -12.31
C26 EMD D . 3.36 -8.05 -10.22
H3 EMD D . -4.14 3.36 -2.62
H6 EMD D . -2.48 -0.87 -0.82
H71 EMD D . -0.43 0.99 -0.66
H72 EMD D . -0.83 -0.24 0.53
H73 EMD D . -1.48 1.40 0.69
H9 EMD D . -1.96 -2.10 -2.17
H12 EMD D . -0.24 -0.34 -6.49
H13 EMD D . -1.17 1.22 -4.81
H151 EMD D . 0.60 -5.10 -6.00
H152 EMD D . -0.77 -4.92 -7.07
H161 EMD D . -1.14 -6.00 -4.80
H162 EMD D . -2.27 -4.83 -5.36
H171 EMD D . -0.05 -4.37 -3.28
H172 EMD D . -1.80 -4.35 -2.99
H20 EMD D . -0.34 -3.53 -9.72
H23 EMD D . 3.75 -6.10 -8.63
H24 EMD D . 3.11 -4.16 -7.23
H251 EMD D . -1.43 -4.82 -12.58
H252 EMD D . 0.19 -4.60 -13.21
H253 EMD D . -0.39 -3.58 -11.91
H261 EMD D . 2.99 -9.02 -10.50
H262 EMD D . 3.42 -8.00 -9.14
H263 EMD D . 4.35 -7.92 -10.62
N GLY A 1 -3.48 -17.71 -1.17
CA GLY A 1 -3.27 -16.34 -0.69
C GLY A 1 -2.38 -16.33 0.55
N LYS A 2 -1.47 -15.35 0.61
CA LYS A 2 -0.57 -15.23 1.75
C LYS A 2 -1.34 -14.82 2.99
N SER A 3 -1.16 -15.58 4.08
CA SER A 3 -1.84 -15.28 5.33
C SER A 3 -1.35 -13.95 5.88
N GLU A 4 -1.93 -13.54 7.01
CA GLU A 4 -1.56 -12.28 7.64
C GLU A 4 -0.11 -12.34 8.14
N GLU A 5 0.43 -13.55 8.18
CA GLU A 5 1.81 -13.73 8.65
C GLU A 5 2.79 -13.07 7.69
N GLU A 6 2.47 -13.15 6.40
CA GLU A 6 3.34 -12.56 5.37
C GLU A 6 3.01 -11.09 5.19
N LEU A 7 1.72 -10.77 5.09
CA LEU A 7 1.29 -9.39 4.91
C LEU A 7 2.14 -8.47 5.77
N SER A 8 2.34 -8.86 7.02
CA SER A 8 3.14 -8.05 7.94
C SER A 8 4.35 -7.47 7.23
N ASP A 9 4.84 -8.18 6.22
CA ASP A 9 6.00 -7.74 5.46
C ASP A 9 5.58 -6.76 4.37
N LEU A 10 4.64 -7.19 3.53
CA LEU A 10 4.15 -6.34 2.45
C LEU A 10 3.96 -4.91 2.94
N PHE A 11 3.10 -4.74 3.93
CA PHE A 11 2.84 -3.42 4.49
C PHE A 11 4.15 -2.66 4.67
N ARG A 12 5.14 -3.35 5.24
CA ARG A 12 6.45 -2.73 5.45
C ARG A 12 7.16 -2.58 4.12
N MET A 13 7.14 -3.65 3.34
CA MET A 13 7.78 -3.65 2.03
C MET A 13 7.36 -2.39 1.27
N PHE A 14 6.12 -1.98 1.48
CA PHE A 14 5.59 -0.79 0.81
C PHE A 14 6.08 0.47 1.52
N ASP A 15 5.82 0.55 2.81
CA ASP A 15 6.23 1.71 3.60
C ASP A 15 7.72 1.97 3.42
N LYS A 16 8.06 2.77 2.41
CA LYS A 16 9.45 3.10 2.13
C LYS A 16 9.85 4.36 2.89
N ASN A 17 9.01 4.77 3.84
CA ASN A 17 9.29 5.97 4.62
C ASN A 17 9.45 5.61 6.11
N ALA A 18 9.24 4.33 6.42
CA ALA A 18 9.36 3.88 7.81
C ALA A 18 8.62 4.82 8.75
N ASP A 19 7.32 4.98 8.50
CA ASP A 19 6.49 5.85 9.32
C ASP A 19 5.27 5.10 9.84
N GLY A 20 5.18 3.81 9.52
CA GLY A 20 4.05 3.00 9.96
C GLY A 20 2.78 3.38 9.20
N TYR A 21 2.94 4.22 8.18
CA TYR A 21 1.79 4.65 7.38
C TYR A 21 2.23 5.03 5.98
N ILE A 22 1.95 4.15 5.02
CA ILE A 22 2.32 4.42 3.62
C ILE A 22 1.57 5.65 3.11
N ASP A 23 2.29 6.49 2.37
CA ASP A 23 1.69 7.70 1.82
C ASP A 23 1.76 7.68 0.30
N LEU A 24 1.25 8.74 -0.32
CA LEU A 24 1.26 8.84 -1.78
C LEU A 24 2.69 8.89 -2.29
N GLU A 25 3.52 9.66 -1.59
CA GLU A 25 4.92 9.80 -1.98
C GLU A 25 5.60 8.43 -1.98
N GLU A 26 5.00 7.49 -1.26
CA GLU A 26 5.54 6.13 -1.19
C GLU A 26 4.87 5.23 -2.20
N LEU A 27 3.63 5.58 -2.56
CA LEU A 27 2.88 4.80 -3.53
C LEU A 27 3.58 4.81 -4.88
N LYS A 28 3.75 6.00 -5.44
CA LYS A 28 4.40 6.15 -6.74
C LYS A 28 5.57 5.16 -6.84
N ILE A 29 6.38 5.12 -5.78
CA ILE A 29 7.54 4.23 -5.75
C ILE A 29 7.15 2.83 -6.22
N MET A 30 5.97 2.38 -5.78
CA MET A 30 5.50 1.05 -6.16
C MET A 30 5.22 0.99 -7.65
N LEU A 31 5.12 2.16 -8.27
CA LEU A 31 4.86 2.23 -9.71
C LEU A 31 6.11 2.69 -10.45
N GLN A 32 6.77 3.70 -9.90
CA GLN A 32 7.98 4.23 -10.52
C GLN A 32 9.05 3.14 -10.62
N ALA A 33 9.21 2.39 -9.53
CA ALA A 33 10.21 1.32 -9.50
C ALA A 33 9.80 0.18 -10.42
N THR A 34 8.50 0.06 -10.67
CA THR A 34 8.00 -1.00 -11.54
C THR A 34 7.99 -0.53 -12.99
N GLY A 35 9.14 -0.07 -13.46
CA GLY A 35 9.25 0.39 -14.84
C GLY A 35 8.68 1.80 -14.99
N GLU A 36 8.22 2.37 -13.88
CA GLU A 36 7.65 3.72 -13.90
C GLU A 36 6.84 3.92 -15.18
N THR A 37 5.73 3.19 -15.28
CA THR A 37 4.86 3.30 -16.45
C THR A 37 3.40 3.34 -16.02
N ILE A 38 3.09 4.21 -15.08
CA ILE A 38 1.72 4.35 -14.57
C ILE A 38 1.28 5.80 -14.64
N THR A 39 -0.01 5.99 -14.94
CA THR A 39 -0.55 7.35 -15.03
C THR A 39 -0.82 7.91 -13.64
N GLU A 40 -0.56 9.20 -13.47
CA GLU A 40 -0.78 9.87 -12.18
C GLU A 40 -2.18 9.59 -11.67
N ASP A 41 -3.09 9.27 -12.60
CA ASP A 41 -4.47 8.99 -12.23
C ASP A 41 -4.54 7.84 -11.23
N ASP A 42 -3.64 6.87 -11.39
CA ASP A 42 -3.61 5.71 -10.50
C ASP A 42 -3.24 6.14 -9.09
N ILE A 43 -2.06 6.72 -8.94
CA ILE A 43 -1.60 7.17 -7.63
C ILE A 43 -2.70 7.96 -6.91
N GLU A 44 -3.35 8.84 -7.65
CA GLU A 44 -4.41 9.66 -7.08
C GLU A 44 -5.65 8.82 -6.79
N GLU A 45 -6.27 8.32 -7.85
CA GLU A 45 -7.47 7.49 -7.71
C GLU A 45 -7.20 6.29 -6.81
N LEU A 46 -6.26 5.45 -7.22
CA LEU A 46 -5.92 4.25 -6.45
C LEU A 46 -5.84 4.58 -4.96
N MET A 47 -5.42 5.81 -4.66
CA MET A 47 -5.31 6.24 -3.26
C MET A 47 -6.67 6.64 -2.71
N LYS A 48 -7.52 7.17 -3.58
CA LYS A 48 -8.86 7.60 -3.18
C LYS A 48 -9.62 6.43 -2.54
N ASP A 49 -9.51 5.26 -3.16
CA ASP A 49 -10.19 4.08 -2.66
C ASP A 49 -9.32 3.36 -1.62
N GLY A 50 -8.04 3.72 -1.59
CA GLY A 50 -7.12 3.10 -0.64
C GLY A 50 -7.15 3.82 0.70
N ASP A 51 -7.69 5.04 0.69
CA ASP A 51 -7.76 5.82 1.92
C ASP A 51 -9.19 5.81 2.47
N LYS A 52 -9.75 4.60 2.59
CA LYS A 52 -11.10 4.45 3.10
C LYS A 52 -11.34 5.37 4.30
N ASN A 53 -10.36 5.42 5.19
CA ASN A 53 -10.48 6.27 6.38
C ASN A 53 -10.36 7.75 6.00
N ASN A 54 -9.66 8.01 4.90
CA ASN A 54 -9.48 9.39 4.44
C ASN A 54 -8.68 10.19 5.46
N ASP A 55 -7.40 9.84 5.59
CA ASP A 55 -6.52 10.52 6.54
C ASP A 55 -5.38 11.21 5.81
N GLY A 56 -5.09 10.73 4.60
CA GLY A 56 -4.01 11.30 3.80
C GLY A 56 -2.95 10.24 3.48
N ARG A 57 -3.11 9.07 4.08
CA ARG A 57 -2.16 7.97 3.85
C ARG A 57 -2.88 6.63 3.91
N ILE A 58 -2.10 5.58 4.15
CA ILE A 58 -2.66 4.23 4.23
C ILE A 58 -2.45 3.66 5.63
N ASP A 59 -3.40 2.83 6.07
CA ASP A 59 -3.31 2.22 7.39
C ASP A 59 -3.20 0.69 7.26
N TYR A 60 -3.10 0.02 8.40
CA TYR A 60 -2.99 -1.43 8.41
C TYR A 60 -4.34 -2.07 8.10
N ASP A 61 -5.41 -1.33 8.39
CA ASP A 61 -6.76 -1.85 8.14
C ASP A 61 -7.09 -1.78 6.65
N GLU A 62 -6.76 -0.66 6.03
CA GLU A 62 -7.02 -0.47 4.61
C GLU A 62 -5.97 -1.19 3.77
N PHE A 63 -4.72 -1.14 4.25
CA PHE A 63 -3.62 -1.79 3.55
C PHE A 63 -3.81 -3.30 3.53
N LEU A 64 -4.59 -3.81 4.47
CA LEU A 64 -4.84 -5.24 4.56
C LEU A 64 -5.78 -5.69 3.45
N GLU A 65 -6.97 -5.09 3.41
CA GLU A 65 -7.96 -5.44 2.39
C GLU A 65 -7.44 -5.08 1.00
N PHE A 66 -6.63 -4.03 0.94
CA PHE A 66 -6.07 -3.59 -0.34
C PHE A 66 -4.86 -4.44 -0.72
N MET A 67 -4.16 -4.93 0.30
CA MET A 67 -2.97 -5.75 0.06
C MET A 67 -3.11 -7.11 0.77
N LYS A 68 -4.13 -7.86 0.37
CA LYS A 68 -4.37 -9.18 0.96
C LYS A 68 -3.42 -10.20 0.35
N GLY A 69 -2.12 -10.02 0.62
CA GLY A 69 -1.12 -10.95 0.10
C GLY A 69 -0.93 -10.74 -1.40
N VAL A 70 -0.63 -9.50 -1.79
CA VAL A 70 -0.42 -9.18 -3.19
C VAL A 70 0.89 -8.43 -3.38
N GLU A 71 1.85 -9.09 -4.03
CA GLU A 71 3.16 -8.48 -4.26
C GLU A 71 3.02 -7.30 -5.22
CA CA B . 5.18 6.46 4.96
CA CA C . -5.59 4.60 4.87
S1 EMD D . -2.96 0.29 0.14
C2 EMD D . -4.37 1.16 -0.53
O2 EMD D . -5.28 1.52 0.21
N3 EMD D . -4.44 1.37 -1.83
N4 EMD D . -3.47 1.00 -2.75
C5 EMD D . -2.30 0.48 -2.62
C6 EMD D . -1.74 0.29 -1.20
C7 EMD D . -0.73 1.40 -0.89
C8 EMD D . -1.68 -0.30 -3.84
C9 EMD D . -1.41 -1.67 -3.72
C10 EMD D . -0.86 -2.38 -4.80
C11 EMD D . -0.57 -1.70 -6.00
C12 EMD D . -0.84 -0.32 -6.11
C13 EMD D . -1.39 0.37 -5.04
N14 EMD D . 0.04 -2.47 -7.16
C15 EMD D . -0.04 -4.00 -7.14
C16 EMD D . -0.80 -4.62 -5.99
C17 EMD D . -0.57 -3.88 -4.65
C18 EMD D . 0.67 -1.86 -8.23
O18 EMD D . 0.78 -0.64 -8.31
C19 EMD D . 1.28 -2.68 -9.38
C20 EMD D . 0.68 -2.64 -10.65
C21 EMD D . 1.33 -3.21 -11.75
O21 EMD D . 0.70 -3.16 -13.00
C22 EMD D . 2.57 -3.82 -11.58
O22 EMD D . 3.26 -4.42 -12.65
C23 EMD D . 3.17 -3.87 -10.32
C24 EMD D . 2.52 -3.29 -9.22
C25 EMD D . -0.43 -2.29 -13.29
C26 EMD D . 4.52 -5.14 -12.50
H3 EMD D . -5.34 1.78 -2.15
H6 EMD D . -1.22 -0.65 -1.17
H71 EMD D . -0.54 1.98 -1.78
H72 EMD D . 0.19 0.96 -0.56
H73 EMD D . -1.12 2.04 -0.13
H9 EMD D . -1.64 -2.19 -2.80
H12 EMD D . -0.62 0.20 -7.03
H13 EMD D . -1.60 1.43 -5.12
H151 EMD D . 0.96 -4.39 -7.12
H152 EMD D . -0.51 -4.33 -8.05
H161 EMD D . -0.52 -5.65 -5.88
H162 EMD D . -1.85 -4.64 -6.22
H171 EMD D . 0.47 -4.03 -4.30
H172 EMD D . -1.23 -4.32 -3.85
H20 EMD D . -0.28 -2.17 -10.78
H23 EMD D . 4.13 -4.33 -10.19
H24 EMD D . 2.99 -3.32 -8.25
H251 EMD D . -0.16 -1.26 -13.10
H252 EMD D . -1.27 -2.54 -12.67
H253 EMD D . -0.71 -2.39 -14.33
H261 EMD D . 4.34 -6.12 -12.09
H262 EMD D . 5.18 -4.60 -11.84
H263 EMD D . 4.99 -5.24 -13.46
N GLY A 1 -6.62 -16.47 2.06
CA GLY A 1 -5.23 -16.81 1.76
C GLY A 1 -4.31 -16.35 2.90
N LYS A 2 -3.38 -15.46 2.56
CA LYS A 2 -2.44 -14.94 3.54
C LYS A 2 -3.17 -14.12 4.59
N SER A 3 -2.40 -13.46 5.46
CA SER A 3 -2.99 -12.64 6.52
C SER A 3 -1.92 -11.88 7.28
N GLU A 4 -2.35 -11.17 8.33
CA GLU A 4 -1.44 -10.39 9.15
C GLU A 4 -0.07 -11.07 9.25
N GLU A 5 -0.09 -12.39 9.41
CA GLU A 5 1.16 -13.15 9.52
C GLU A 5 2.15 -12.71 8.44
N GLU A 6 1.89 -13.16 7.22
CA GLU A 6 2.76 -12.81 6.09
C GLU A 6 2.55 -11.35 5.70
N LEU A 7 1.33 -10.86 5.95
CA LEU A 7 0.99 -9.48 5.63
C LEU A 7 2.09 -8.53 6.10
N SER A 8 2.53 -8.74 7.35
CA SER A 8 3.57 -7.89 7.92
C SER A 8 4.63 -7.58 6.87
N ASP A 9 5.06 -8.62 6.15
CA ASP A 9 6.06 -8.44 5.10
C ASP A 9 5.53 -7.49 4.04
N LEU A 10 4.37 -7.83 3.50
CA LEU A 10 3.75 -7.00 2.46
C LEU A 10 3.80 -5.53 2.85
N PHE A 11 3.65 -5.26 4.15
CA PHE A 11 3.69 -3.90 4.65
C PHE A 11 5.05 -3.28 4.38
N ARG A 12 6.10 -3.91 4.91
CA ARG A 12 7.46 -3.42 4.71
C ARG A 12 7.78 -3.45 3.22
N MET A 13 7.38 -4.53 2.57
CA MET A 13 7.61 -4.67 1.14
C MET A 13 7.21 -3.40 0.42
N PHE A 14 6.19 -2.74 0.97
CA PHE A 14 5.70 -1.49 0.39
C PHE A 14 6.29 -0.29 1.13
N ASP A 15 6.24 -0.36 2.46
CA ASP A 15 6.77 0.72 3.29
C ASP A 15 8.29 0.61 3.40
N LYS A 16 8.98 1.58 2.80
CA LYS A 16 10.45 1.60 2.83
C LYS A 16 10.95 2.93 3.37
N ASN A 17 10.15 3.52 4.25
CA ASN A 17 10.52 4.81 4.85
C ASN A 17 10.69 4.66 6.37
N ALA A 18 10.69 3.42 6.83
CA ALA A 18 10.85 3.15 8.25
C ALA A 18 9.93 4.04 9.08
N ASP A 19 8.69 4.20 8.60
CA ASP A 19 7.71 5.02 9.30
C ASP A 19 6.54 4.16 9.78
N GLY A 20 6.36 3.02 9.12
CA GLY A 20 5.27 2.11 9.49
C GLY A 20 3.93 2.61 8.94
N TYR A 21 4.00 3.46 7.91
CA TYR A 21 2.78 3.99 7.31
C TYR A 21 3.05 4.45 5.88
N ILE A 22 2.74 3.56 4.93
CA ILE A 22 2.96 3.87 3.52
C ILE A 22 2.27 5.18 3.15
N ASP A 23 2.91 5.94 2.28
CA ASP A 23 2.34 7.23 1.85
C ASP A 23 2.40 7.33 0.33
N LEU A 24 1.79 8.38 -0.21
CA LEU A 24 1.77 8.58 -1.65
C LEU A 24 3.19 8.64 -2.20
N GLU A 25 4.12 9.11 -1.36
CA GLU A 25 5.52 9.21 -1.76
C GLU A 25 6.04 7.85 -2.18
N GLU A 26 5.91 6.88 -1.28
CA GLU A 26 6.39 5.53 -1.57
C GLU A 26 5.54 4.89 -2.66
N LEU A 27 4.26 5.24 -2.69
CA LEU A 27 3.35 4.70 -3.67
C LEU A 27 3.95 4.79 -5.07
N LYS A 28 4.07 6.01 -5.58
CA LYS A 28 4.63 6.24 -6.91
C LYS A 28 5.90 5.40 -7.09
N ILE A 29 6.87 5.63 -6.21
CA ILE A 29 8.13 4.89 -6.28
C ILE A 29 7.88 3.39 -6.31
N MET A 30 6.95 2.94 -5.47
CA MET A 30 6.62 1.52 -5.42
C MET A 30 6.16 1.04 -6.80
N LEU A 31 5.17 1.73 -7.35
CA LEU A 31 4.64 1.40 -8.66
C LEU A 31 5.79 1.34 -9.68
N GLN A 32 6.59 2.39 -9.68
CA GLN A 32 7.73 2.48 -10.58
C GLN A 32 8.38 1.11 -10.78
N ALA A 33 8.68 0.46 -9.67
CA ALA A 33 9.32 -0.86 -9.72
C ALA A 33 8.31 -1.93 -10.13
N THR A 34 7.05 -1.74 -9.74
CA THR A 34 6.01 -2.71 -10.06
C THR A 34 4.78 -2.03 -10.64
N GLY A 35 4.93 -1.46 -11.83
CA GLY A 35 3.82 -0.79 -12.49
C GLY A 35 4.17 0.65 -12.86
N GLU A 36 5.44 0.88 -13.16
CA GLU A 36 5.89 2.23 -13.54
C GLU A 36 4.90 2.85 -14.52
N THR A 37 4.23 1.98 -15.28
CA THR A 37 3.26 2.45 -16.26
C THR A 37 2.04 3.04 -15.55
N ILE A 38 2.29 4.08 -14.76
CA ILE A 38 1.20 4.74 -14.03
C ILE A 38 1.47 6.24 -13.93
N THR A 39 0.45 7.03 -14.22
CA THR A 39 0.59 8.49 -14.15
C THR A 39 -0.48 9.11 -13.26
N GLU A 40 -0.43 8.76 -11.98
CA GLU A 40 -1.38 9.29 -11.01
C GLU A 40 -2.70 8.51 -11.06
N ASP A 41 -3.22 8.33 -12.26
CA ASP A 41 -4.47 7.60 -12.43
C ASP A 41 -4.54 6.40 -11.48
N ASP A 42 -3.60 5.47 -11.67
CA ASP A 42 -3.56 4.26 -10.84
C ASP A 42 -3.18 4.61 -9.40
N ILE A 43 -2.71 5.83 -9.20
CA ILE A 43 -2.30 6.27 -7.86
C ILE A 43 -3.49 6.85 -7.10
N GLU A 44 -3.94 8.02 -7.53
CA GLU A 44 -5.06 8.69 -6.88
C GLU A 44 -6.29 7.78 -6.85
N GLU A 45 -6.58 7.14 -7.98
CA GLU A 45 -7.73 6.26 -8.08
C GLU A 45 -7.68 5.19 -6.98
N LEU A 46 -6.64 4.37 -7.01
CA LEU A 46 -6.49 3.32 -6.01
C LEU A 46 -6.32 3.92 -4.62
N MET A 47 -5.32 4.79 -4.49
CA MET A 47 -5.06 5.44 -3.20
C MET A 47 -6.36 5.87 -2.55
N LYS A 48 -7.20 6.57 -3.32
CA LYS A 48 -8.47 7.05 -2.79
C LYS A 48 -9.11 6.00 -1.88
N ASP A 49 -9.27 4.79 -2.42
CA ASP A 49 -9.88 3.71 -1.66
C ASP A 49 -8.91 3.18 -0.60
N GLY A 50 -7.62 3.24 -0.93
CA GLY A 50 -6.58 2.76 -0.01
C GLY A 50 -6.56 3.61 1.26
N ASP A 51 -7.25 4.74 1.22
CA ASP A 51 -7.30 5.64 2.37
C ASP A 51 -8.70 5.70 2.96
N LYS A 52 -9.31 4.52 3.12
CA LYS A 52 -10.66 4.45 3.67
C LYS A 52 -10.78 5.36 4.89
N ASN A 53 -9.68 5.48 5.64
CA ASN A 53 -9.67 6.32 6.83
C ASN A 53 -9.46 7.78 6.44
N ASN A 54 -8.70 7.99 5.37
CA ASN A 54 -8.42 9.34 4.90
C ASN A 54 -7.49 10.06 5.87
N ASP A 55 -6.26 9.57 5.96
CA ASP A 55 -5.28 10.18 6.86
C ASP A 55 -4.01 10.56 6.09
N GLY A 56 -3.92 10.12 4.84
CA GLY A 56 -2.76 10.43 4.01
C GLY A 56 -1.71 9.34 4.12
N ARG A 57 -2.15 8.12 4.44
CA ARG A 57 -1.23 7.01 4.58
C ARG A 57 -1.98 5.69 4.67
N ILE A 58 -1.23 4.59 4.78
CA ILE A 58 -1.82 3.27 4.86
C ILE A 58 -1.42 2.60 6.18
N ASP A 59 -2.41 2.04 6.88
CA ASP A 59 -2.13 1.36 8.15
C ASP A 59 -2.53 -0.11 8.08
N TYR A 60 -2.21 -0.85 9.13
CA TYR A 60 -2.54 -2.27 9.18
C TYR A 60 -3.98 -2.50 8.77
N ASP A 61 -4.89 -1.75 9.37
CA ASP A 61 -6.31 -1.88 9.06
C ASP A 61 -6.55 -1.81 7.56
N GLU A 62 -6.37 -0.61 7.00
CA GLU A 62 -6.58 -0.41 5.57
C GLU A 62 -5.67 -1.33 4.75
N PHE A 63 -4.44 -1.50 5.21
CA PHE A 63 -3.48 -2.35 4.51
C PHE A 63 -3.93 -3.81 4.52
N LEU A 64 -4.42 -4.25 5.68
CA LEU A 64 -4.88 -5.63 5.81
C LEU A 64 -6.05 -5.91 4.86
N GLU A 65 -7.03 -5.01 4.86
CA GLU A 65 -8.19 -5.18 3.99
C GLU A 65 -7.80 -5.08 2.52
N PHE A 66 -7.64 -3.85 2.04
CA PHE A 66 -7.27 -3.63 0.64
C PHE A 66 -6.11 -4.53 0.25
N MET A 67 -5.07 -4.53 1.08
CA MET A 67 -3.89 -5.34 0.81
C MET A 67 -3.98 -6.67 1.55
N LYS A 68 -4.99 -7.47 1.19
CA LYS A 68 -5.19 -8.76 1.83
C LYS A 68 -4.31 -9.82 1.15
N GLY A 69 -3.03 -9.81 1.52
CA GLY A 69 -2.09 -10.78 0.94
C GLY A 69 -2.19 -10.78 -0.58
N VAL A 70 -1.82 -9.67 -1.19
CA VAL A 70 -1.87 -9.56 -2.65
C VAL A 70 -0.46 -9.32 -3.22
N GLU A 71 -0.33 -9.49 -4.53
CA GLU A 71 0.96 -9.29 -5.19
C GLU A 71 2.09 -9.88 -4.33
CA CA B . 6.11 5.72 4.82
CA CA C . -5.32 5.60 6.38
S1 EMD D . -2.59 0.03 0.48
C2 EMD D . -4.27 0.48 0.12
O2 EMD D . -5.09 0.60 1.03
N3 EMD D . -4.67 0.55 -1.15
N4 EMD D . -3.85 0.31 -2.23
C5 EMD D . -2.58 0.09 -2.36
C6 EMD D . -1.71 0.18 -1.09
C7 EMD D . -0.95 1.51 -1.08
C8 EMD D . -2.04 -0.55 -3.69
C9 EMD D . -1.47 -1.83 -3.65
C10 EMD D . -0.97 -2.40 -4.84
C11 EMD D . -1.08 -1.69 -6.06
C12 EMD D . -1.66 -0.41 -6.08
C13 EMD D . -2.15 0.15 -4.88
N14 EMD D . -0.54 -2.32 -7.33
C15 EMD D . -0.28 -3.81 -7.34
C16 EMD D . -0.65 -4.58 -6.09
C17 EMD D . -0.33 -3.81 -4.79
C18 EMD D . -0.27 -1.60 -8.48
O18 EMD D . -0.45 -0.38 -8.54
C19 EMD D . 0.27 -2.28 -9.74
C20 EMD D . -0.46 -2.22 -10.93
C21 EMD D . -0.10 -3.04 -12.01
O21 EMD D . -0.87 -2.96 -13.18
C22 EMD D . 0.98 -3.90 -11.91
O22 EMD D . 1.38 -4.74 -12.97
C23 EMD D . 1.73 -3.95 -10.73
C24 EMD D . 1.38 -3.14 -9.65
C25 EMD D . -1.57 -1.77 -13.63
C26 EMD D . 2.72 -5.23 -13.17
H3 EMD D . -5.68 0.71 -1.27
H6 EMD D . -0.98 -0.62 -1.14
H71 EMD D . -0.46 1.64 -0.13
H72 EMD D . -1.65 2.32 -1.23
H73 EMD D . -0.23 1.51 -1.87
H9 EMD D . -1.38 -2.36 -2.73
H12 EMD D . -1.75 0.13 -7.00
H13 EMD D . -2.59 1.14 -4.91
H151 EMD D . 0.77 -3.98 -7.53
H152 EMD D . -0.82 -4.26 -8.16
H161 EMD D . -0.13 -5.53 -6.08
H162 EMD D . -1.69 -4.85 -6.12
H171 EMD D . 0.76 -3.70 -4.65
H172 EMD D . -0.71 -4.36 -3.91
H20 EMD D . -1.31 -1.56 -11.02
H23 EMD D . 2.58 -4.61 -10.65
H24 EMD D . 1.95 -3.18 -8.74
H251 EMD D . -0.94 -0.90 -13.50
H252 EMD D . -2.47 -1.64 -13.05
H253 EMD D . -1.84 -1.86 -14.67
H261 EMD D . 2.71 -6.28 -13.39
H262 EMD D . 3.31 -5.07 -12.27
H263 EMD D . 3.20 -4.70 -13.99
N GLY A 1 -4.39 -18.37 1.10
CA GLY A 1 -3.89 -17.04 0.79
C GLY A 1 -3.00 -16.52 1.91
N LYS A 2 -1.82 -17.13 2.04
CA LYS A 2 -0.87 -16.72 3.07
C LYS A 2 -1.57 -16.62 4.42
N SER A 3 -1.00 -15.81 5.31
CA SER A 3 -1.58 -15.63 6.64
C SER A 3 -1.16 -14.28 7.22
N GLU A 4 -1.60 -14.03 8.45
CA GLU A 4 -1.28 -12.77 9.12
C GLU A 4 0.23 -12.64 9.30
N GLU A 5 0.89 -13.77 9.48
CA GLU A 5 2.35 -13.76 9.65
C GLU A 5 3.03 -13.14 8.43
N GLU A 6 2.52 -13.48 7.25
CA GLU A 6 3.08 -12.96 6.01
C GLU A 6 2.61 -11.51 5.79
N LEU A 7 1.36 -11.25 6.13
CA LEU A 7 0.79 -9.92 5.98
C LEU A 7 1.83 -8.85 6.34
N SER A 8 2.38 -8.97 7.54
CA SER A 8 3.38 -8.03 8.00
C SER A 8 4.32 -7.66 6.86
N ASP A 9 4.90 -8.70 6.25
CA ASP A 9 5.81 -8.48 5.13
C ASP A 9 5.17 -7.58 4.10
N LEU A 10 4.00 -7.99 3.61
CA LEU A 10 3.27 -7.21 2.61
C LEU A 10 3.32 -5.73 2.98
N PHE A 11 3.25 -5.45 4.28
CA PHE A 11 3.29 -4.07 4.74
C PHE A 11 4.67 -3.47 4.49
N ARG A 12 5.66 -3.99 5.21
CA ARG A 12 7.03 -3.50 5.03
C ARG A 12 7.38 -3.55 3.56
N MET A 13 7.04 -4.68 2.93
CA MET A 13 7.29 -4.85 1.50
C MET A 13 6.77 -3.63 0.76
N PHE A 14 5.70 -3.05 1.30
CA PHE A 14 5.09 -1.87 0.71
C PHE A 14 5.71 -0.61 1.33
N ASP A 15 5.96 -0.68 2.63
CA ASP A 15 6.56 0.46 3.35
C ASP A 15 8.03 0.60 3.00
N LYS A 16 8.37 1.66 2.28
CA LYS A 16 9.76 1.90 1.89
C LYS A 16 10.35 3.05 2.70
N ASN A 17 9.72 3.36 3.83
CA ASN A 17 10.20 4.44 4.68
C ASN A 17 10.48 3.94 6.09
N ALA A 18 10.04 2.71 6.37
CA ALA A 18 10.26 2.12 7.69
C ALA A 18 9.57 2.96 8.76
N ASP A 19 8.33 3.34 8.50
CA ASP A 19 7.57 4.14 9.45
C ASP A 19 6.33 3.39 9.92
N GLY A 20 5.89 2.42 9.11
CA GLY A 20 4.72 1.64 9.46
C GLY A 20 3.45 2.27 8.88
N TYR A 21 3.64 3.14 7.89
CA TYR A 21 2.52 3.82 7.27
C TYR A 21 2.80 4.11 5.80
N ILE A 22 2.10 3.42 4.91
CA ILE A 22 2.30 3.62 3.47
C ILE A 22 1.68 4.95 3.04
N ASP A 23 2.38 5.64 2.14
CA ASP A 23 1.91 6.93 1.66
C ASP A 23 1.83 6.91 0.13
N LEU A 24 1.21 7.95 -0.42
CA LEU A 24 1.06 8.06 -1.87
C LEU A 24 2.40 7.79 -2.55
N GLU A 25 3.46 8.42 -2.03
CA GLU A 25 4.79 8.24 -2.59
C GLU A 25 5.13 6.76 -2.70
N GLU A 26 5.21 6.09 -1.55
CA GLU A 26 5.53 4.66 -1.55
C GLU A 26 4.62 3.90 -2.50
N LEU A 27 3.46 4.50 -2.80
CA LEU A 27 2.51 3.88 -3.71
C LEU A 27 2.95 4.03 -5.16
N LYS A 28 4.06 4.73 -5.36
CA LYS A 28 4.58 4.96 -6.71
C LYS A 28 5.78 4.07 -6.97
N ILE A 29 6.54 3.79 -5.91
CA ILE A 29 7.73 2.95 -6.03
C ILE A 29 7.33 1.53 -6.44
N MET A 30 6.18 1.09 -5.94
CA MET A 30 5.69 -0.26 -6.26
C MET A 30 5.25 -0.33 -7.72
N LEU A 31 4.61 0.75 -8.18
CA LEU A 31 4.13 0.81 -9.55
C LEU A 31 5.30 0.94 -10.51
N GLN A 32 6.20 1.87 -10.21
CA GLN A 32 7.38 2.09 -11.04
C GLN A 32 8.32 0.89 -10.98
N ALA A 33 8.02 -0.05 -10.09
CA ALA A 33 8.84 -1.24 -9.94
C ALA A 33 8.24 -2.42 -10.69
N THR A 34 6.92 -2.38 -10.87
CA THR A 34 6.22 -3.47 -11.56
C THR A 34 5.62 -2.98 -12.87
N GLY A 35 6.47 -2.80 -13.88
CA GLY A 35 6.01 -2.35 -15.20
C GLY A 35 6.11 -0.83 -15.32
N GLU A 36 6.08 -0.14 -14.18
CA GLU A 36 6.18 1.31 -14.17
C GLU A 36 5.37 1.91 -15.33
N THR A 37 5.72 3.13 -15.72
CA THR A 37 5.04 3.80 -16.81
C THR A 37 3.57 4.01 -16.47
N ILE A 38 3.31 4.69 -15.35
CA ILE A 38 1.95 4.95 -14.91
C ILE A 38 1.78 6.41 -14.51
N THR A 39 0.55 6.90 -14.62
CA THR A 39 0.26 8.29 -14.28
C THR A 39 -0.26 8.39 -12.84
N GLU A 40 -0.39 9.61 -12.36
CA GLU A 40 -0.88 9.84 -10.99
C GLU A 40 -2.33 9.39 -10.86
N ASP A 41 -2.99 9.22 -12.01
CA ASP A 41 -4.39 8.79 -12.01
C ASP A 41 -4.52 7.40 -11.38
N ASP A 42 -3.51 6.58 -11.60
CA ASP A 42 -3.51 5.21 -11.04
C ASP A 42 -3.29 5.25 -9.54
N ILE A 43 -2.75 6.37 -9.06
CA ILE A 43 -2.48 6.55 -7.64
C ILE A 43 -3.71 7.09 -6.91
N GLU A 44 -4.05 8.33 -7.23
CA GLU A 44 -5.20 8.98 -6.60
C GLU A 44 -6.40 8.03 -6.57
N GLU A 45 -6.52 7.23 -7.62
CA GLU A 45 -7.63 6.28 -7.72
C GLU A 45 -7.50 5.20 -6.64
N LEU A 46 -6.49 4.36 -6.80
CA LEU A 46 -6.25 3.29 -5.83
C LEU A 46 -6.07 3.85 -4.42
N MET A 47 -5.37 4.98 -4.34
CA MET A 47 -5.13 5.63 -3.05
C MET A 47 -6.45 5.93 -2.36
N LYS A 48 -7.37 6.55 -3.11
CA LYS A 48 -8.68 6.90 -2.55
C LYS A 48 -9.35 5.68 -1.94
N ASP A 49 -9.12 4.52 -2.55
CA ASP A 49 -9.71 3.28 -2.06
C ASP A 49 -8.85 2.67 -0.95
N GLY A 50 -7.67 3.25 -0.76
CA GLY A 50 -6.76 2.75 0.28
C GLY A 50 -6.65 3.75 1.42
N ASP A 51 -7.67 4.60 1.55
CA ASP A 51 -7.68 5.60 2.60
C ASP A 51 -9.11 5.81 3.14
N LYS A 52 -9.67 4.74 3.69
CA LYS A 52 -11.04 4.81 4.23
C LYS A 52 -11.06 5.61 5.52
N ASN A 53 -9.87 6.01 5.99
CA ASN A 53 -9.77 6.80 7.21
C ASN A 53 -9.60 8.27 6.89
N ASN A 54 -9.18 8.55 5.65
CA ASN A 54 -8.99 9.92 5.22
C ASN A 54 -7.92 10.61 6.07
N ASP A 55 -6.73 10.01 6.09
CA ASP A 55 -5.62 10.56 6.88
C ASP A 55 -4.44 10.90 5.97
N GLY A 56 -4.47 10.36 4.75
CA GLY A 56 -3.39 10.61 3.80
C GLY A 56 -2.30 9.55 3.92
N ARG A 57 -2.72 8.30 4.11
CA ARG A 57 -1.77 7.20 4.24
C ARG A 57 -2.51 5.91 4.61
N ILE A 58 -1.73 4.86 4.87
CA ILE A 58 -2.31 3.57 5.23
C ILE A 58 -1.89 3.18 6.64
N ASP A 59 -2.78 2.46 7.33
CA ASP A 59 -2.48 2.01 8.69
C ASP A 59 -2.44 0.49 8.76
N TYR A 60 -2.14 -0.02 9.95
CA TYR A 60 -2.06 -1.47 10.14
C TYR A 60 -3.42 -2.12 9.98
N ASP A 61 -4.47 -1.29 9.99
CA ASP A 61 -5.83 -1.80 9.84
C ASP A 61 -6.32 -1.60 8.41
N GLU A 62 -6.03 -0.43 7.85
CA GLU A 62 -6.45 -0.12 6.49
C GLU A 62 -5.67 -0.98 5.50
N PHE A 63 -4.39 -1.19 5.80
CA PHE A 63 -3.54 -2.00 4.94
C PHE A 63 -4.05 -3.43 4.89
N LEU A 64 -4.43 -3.94 6.05
CA LEU A 64 -4.94 -5.31 6.14
C LEU A 64 -6.21 -5.48 5.32
N GLU A 65 -7.29 -4.88 5.81
CA GLU A 65 -8.58 -4.97 5.13
C GLU A 65 -8.44 -4.80 3.62
N PHE A 66 -7.41 -4.06 3.20
CA PHE A 66 -7.19 -3.83 1.77
C PHE A 66 -6.49 -5.03 1.13
N MET A 67 -5.66 -5.71 1.92
CA MET A 67 -4.94 -6.87 1.40
C MET A 67 -4.74 -7.91 2.50
N LYS A 68 -5.81 -8.65 2.79
CA LYS A 68 -5.74 -9.69 3.81
C LYS A 68 -4.79 -10.80 3.39
N GLY A 69 -3.50 -10.53 3.50
CA GLY A 69 -2.48 -11.51 3.12
C GLY A 69 -2.67 -11.96 1.67
N VAL A 70 -2.64 -10.98 0.77
CA VAL A 70 -2.82 -11.28 -0.65
C VAL A 70 -1.62 -10.76 -1.46
N GLU A 71 -1.76 -10.80 -2.78
CA GLU A 71 -0.70 -10.32 -3.66
C GLU A 71 -0.93 -8.87 -4.05
CA CA B . 6.07 5.04 5.04
CA CA C . -5.50 6.63 6.65
S1 EMD D . -2.82 -0.27 0.91
C2 EMD D . -4.31 0.55 0.40
O2 EMD D . -5.01 1.13 1.23
N3 EMD D . -4.59 0.62 -0.90
N4 EMD D . -3.78 0.14 -1.90
C5 EMD D . -2.60 -0.38 -1.91
C6 EMD D . -1.82 -0.43 -0.59
C7 EMD D . -0.77 0.67 -0.58
C8 EMD D . -2.09 -1.12 -3.19
C9 EMD D . -1.83 -2.50 -3.14
C10 EMD D . -1.38 -3.18 -4.28
C11 EMD D . -1.17 -2.46 -5.47
C12 EMD D . -1.43 -1.08 -5.53
C13 EMD D . -1.90 -0.42 -4.39
N14 EMD D . -0.66 -3.20 -6.71
C15 EMD D . -0.77 -4.73 -6.73
C16 EMD D . -1.44 -5.38 -5.54
C17 EMD D . -1.10 -4.69 -4.19
C18 EMD D . -0.10 -2.56 -7.81
O18 EMD D . 0.01 -1.34 -7.84
C19 EMD D . 0.41 -3.33 -9.02
C20 EMD D . -0.11 -3.05 -10.30
C21 EMD D . 0.19 -3.89 -11.38
O21 EMD D . -0.35 -3.56 -12.63
C22 EMD D . 1.01 -4.99 -11.20
O22 EMD D . 1.34 -5.86 -12.24
C23 EMD D . 1.52 -5.28 -9.93
C24 EMD D . 1.23 -4.45 -8.85
C25 EMD D . -0.41 -2.21 -13.17
C26 EMD D . 1.83 -7.20 -12.04
H3 EMD D . -5.52 1.01 -1.10
H6 EMD D . -1.31 -1.37 -0.55
H71 EMD D . 0.08 0.35 0.00
H72 EMD D . -1.19 1.57 -0.14
H73 EMD D . -0.46 0.89 -1.60
H9 EMD D . -1.99 -3.05 -2.22
H12 EMD D . -1.28 -0.54 -6.45
H13 EMD D . -2.09 0.64 -4.43
H151 EMD D . 0.22 -5.13 -6.79
H152 EMD D . -1.31 -5.03 -7.61
H161 EMD D . -1.17 -6.42 -5.50
H162 EMD D . -2.51 -5.37 -5.69
H171 EMD D . -0.04 -4.86 -3.94
H172 EMD D . -1.69 -5.14 -3.37
H20 EMD D . -0.75 -2.19 -10.44
H23 EMD D . 2.16 -6.14 -9.79
H24 EMD D . 1.64 -4.68 -7.87
H251 EMD D . -1.15 -1.63 -12.65
H252 EMD D . -0.66 -2.24 -14.22
H253 EMD D . 0.55 -1.72 -13.07
H261 EMD D . 1.68 -7.80 -12.93
H262 EMD D . 1.29 -7.68 -11.23
H263 EMD D . 2.88 -7.19 -11.79
N GLY A 1 -5.33 -16.82 -0.05
CA GLY A 1 -4.16 -16.19 -0.64
C GLY A 1 -3.07 -16.00 0.40
N LYS A 2 -2.24 -17.03 0.57
CA LYS A 2 -1.15 -16.97 1.55
C LYS A 2 -1.72 -16.87 2.97
N SER A 3 -0.82 -16.85 3.94
CA SER A 3 -1.23 -16.77 5.35
C SER A 3 -0.93 -15.38 5.90
N GLU A 4 -1.85 -14.87 6.72
CA GLU A 4 -1.68 -13.55 7.30
C GLU A 4 -0.23 -13.34 7.73
N GLU A 5 0.39 -14.41 8.22
CA GLU A 5 1.78 -14.34 8.66
C GLU A 5 2.64 -13.69 7.58
N GLU A 6 2.20 -13.82 6.34
CA GLU A 6 2.92 -13.24 5.21
C GLU A 6 2.48 -11.78 5.01
N LEU A 7 1.27 -11.48 5.47
CA LEU A 7 0.73 -10.13 5.34
C LEU A 7 1.58 -9.13 6.13
N SER A 8 1.88 -9.50 7.38
CA SER A 8 2.70 -8.63 8.23
C SER A 8 3.87 -8.07 7.44
N ASP A 9 4.34 -8.83 6.46
CA ASP A 9 5.46 -8.40 5.64
C ASP A 9 4.98 -7.45 4.55
N LEU A 10 3.87 -7.81 3.91
CA LEU A 10 3.32 -6.98 2.85
C LEU A 10 3.38 -5.50 3.24
N PHE A 11 3.00 -5.21 4.47
CA PHE A 11 3.02 -3.82 4.95
C PHE A 11 4.45 -3.29 4.93
N ARG A 12 5.35 -3.98 5.64
CA ARG A 12 6.75 -3.56 5.67
C ARG A 12 7.30 -3.57 4.26
N MET A 13 6.85 -4.54 3.49
CA MET A 13 7.27 -4.67 2.10
C MET A 13 6.96 -3.38 1.35
N PHE A 14 5.93 -2.69 1.85
CA PHE A 14 5.52 -1.42 1.25
C PHE A 14 6.08 -0.27 2.07
N ASP A 15 6.14 -0.46 3.38
CA ASP A 15 6.67 0.57 4.28
C ASP A 15 8.19 0.55 4.27
N LYS A 16 8.78 1.36 3.40
CA LYS A 16 10.23 1.43 3.29
C LYS A 16 10.74 2.76 3.86
N ASN A 17 9.94 3.36 4.73
CA ASN A 17 10.32 4.63 5.34
C ASN A 17 10.20 4.55 6.87
N ALA A 18 9.83 3.38 7.36
CA ALA A 18 9.69 3.18 8.80
C ALA A 18 8.84 4.28 9.42
N ASP A 19 7.53 4.04 9.45
CA ASP A 19 6.60 5.01 10.02
C ASP A 19 5.32 4.31 10.46
N GLY A 20 4.90 3.33 9.66
CA GLY A 20 3.68 2.58 9.97
C GLY A 20 2.52 3.04 9.09
N TYR A 21 2.85 3.74 8.00
CA TYR A 21 1.83 4.23 7.08
C TYR A 21 2.41 4.46 5.69
N ILE A 22 1.78 3.87 4.69
CA ILE A 22 2.23 4.03 3.31
C ILE A 22 1.89 5.43 2.80
N ASP A 23 2.91 6.14 2.32
CA ASP A 23 2.70 7.49 1.81
C ASP A 23 3.03 7.55 0.33
N LEU A 24 2.34 8.44 -0.38
CA LEU A 24 2.56 8.60 -1.82
C LEU A 24 4.04 8.67 -2.12
N GLU A 25 4.79 9.32 -1.23
CA GLU A 25 6.23 9.45 -1.40
C GLU A 25 6.88 8.10 -1.70
N GLU A 26 6.21 7.04 -1.26
CA GLU A 26 6.72 5.68 -1.48
C GLU A 26 5.89 4.96 -2.54
N LEU A 27 4.59 5.20 -2.52
CA LEU A 27 3.70 4.56 -3.48
C LEU A 27 4.20 4.78 -4.90
N LYS A 28 4.35 6.05 -5.28
CA LYS A 28 4.83 6.39 -6.61
C LYS A 28 6.04 5.53 -6.97
N ILE A 29 7.09 5.64 -6.16
CA ILE A 29 8.30 4.87 -6.40
C ILE A 29 7.96 3.42 -6.70
N MET A 30 6.99 2.89 -5.95
CA MET A 30 6.57 1.51 -6.15
C MET A 30 6.09 1.31 -7.59
N LEU A 31 5.27 2.24 -8.06
CA LEU A 31 4.75 2.17 -9.42
C LEU A 31 5.87 2.35 -10.44
N GLN A 32 6.56 3.47 -10.34
CA GLN A 32 7.66 3.75 -11.26
C GLN A 32 8.62 2.57 -11.32
N ALA A 33 8.60 1.76 -10.26
CA ALA A 33 9.47 0.58 -10.21
C ALA A 33 8.88 -0.56 -11.03
N THR A 34 7.55 -0.59 -11.11
CA THR A 34 6.86 -1.63 -11.86
C THR A 34 6.73 -1.24 -13.33
N GLY A 35 7.84 -0.81 -13.92
CA GLY A 35 7.84 -0.41 -15.33
C GLY A 35 7.23 1.00 -15.49
N GLU A 36 7.03 1.67 -14.36
CA GLU A 36 6.47 3.02 -14.39
C GLU A 36 5.36 3.12 -15.45
N THR A 37 5.24 4.30 -16.07
CA THR A 37 4.21 4.51 -17.07
C THR A 37 2.83 4.61 -16.41
N ILE A 38 2.81 5.23 -15.24
CA ILE A 38 1.57 5.40 -14.49
C ILE A 38 1.27 6.87 -14.28
N THR A 39 -0.01 7.22 -14.31
CA THR A 39 -0.44 8.60 -14.11
C THR A 39 -0.80 8.83 -12.65
N GLU A 40 -1.26 10.04 -12.36
CA GLU A 40 -1.64 10.39 -10.99
C GLU A 40 -2.95 9.71 -10.61
N ASP A 41 -3.70 9.28 -11.62
CA ASP A 41 -4.98 8.61 -11.39
C ASP A 41 -4.76 7.30 -10.65
N ASP A 42 -3.97 6.41 -11.24
CA ASP A 42 -3.69 5.12 -10.64
C ASP A 42 -3.36 5.28 -9.16
N ILE A 43 -2.57 6.30 -8.85
CA ILE A 43 -2.17 6.56 -7.48
C ILE A 43 -3.37 7.03 -6.64
N GLU A 44 -3.73 8.29 -6.82
CA GLU A 44 -4.85 8.86 -6.08
C GLU A 44 -6.07 7.93 -6.12
N GLU A 45 -6.36 7.41 -7.31
CA GLU A 45 -7.50 6.51 -7.47
C GLU A 45 -7.39 5.34 -6.50
N LEU A 46 -6.37 4.51 -6.70
CA LEU A 46 -6.16 3.36 -5.83
C LEU A 46 -6.04 3.81 -4.38
N MET A 47 -5.43 4.98 -4.19
CA MET A 47 -5.26 5.53 -2.85
C MET A 47 -6.61 5.84 -2.22
N LYS A 48 -7.63 5.98 -3.07
CA LYS A 48 -8.98 6.27 -2.60
C LYS A 48 -9.63 5.00 -2.07
N ASP A 49 -9.12 3.86 -2.50
CA ASP A 49 -9.66 2.57 -2.07
C ASP A 49 -9.00 2.11 -0.78
N GLY A 50 -7.67 2.17 -0.76
CA GLY A 50 -6.92 1.75 0.42
C GLY A 50 -7.05 2.76 1.55
N ASP A 51 -7.67 3.90 1.25
CA ASP A 51 -7.85 4.94 2.25
C ASP A 51 -9.33 5.05 2.65
N LYS A 52 -9.91 3.92 3.04
CA LYS A 52 -11.31 3.90 3.44
C LYS A 52 -11.55 4.88 4.58
N ASN A 53 -10.64 4.88 5.54
CA ASN A 53 -10.76 5.77 6.69
C ASN A 53 -10.60 7.23 6.24
N ASN A 54 -10.09 7.42 5.03
CA ASN A 54 -9.90 8.76 4.49
C ASN A 54 -9.04 9.59 5.43
N ASP A 55 -7.79 9.17 5.62
CA ASP A 55 -6.87 9.88 6.50
C ASP A 55 -5.68 10.41 5.71
N GLY A 56 -5.50 9.88 4.50
CA GLY A 56 -4.40 10.30 3.64
C GLY A 56 -3.18 9.41 3.83
N ARG A 57 -3.43 8.11 3.96
CA ARG A 57 -2.33 7.16 4.16
C ARG A 57 -2.87 5.73 4.29
N ILE A 58 -1.96 4.81 4.60
CA ILE A 58 -2.35 3.40 4.76
C ILE A 58 -2.05 2.95 6.19
N ASP A 59 -2.96 2.16 6.75
CA ASP A 59 -2.77 1.66 8.11
C ASP A 59 -2.83 0.14 8.14
N TYR A 60 -2.30 -0.45 9.21
CA TYR A 60 -2.31 -1.90 9.35
C TYR A 60 -3.73 -2.44 9.17
N ASP A 61 -4.69 -1.70 9.71
CA ASP A 61 -6.09 -2.11 9.60
C ASP A 61 -6.53 -2.09 8.13
N GLU A 62 -6.65 -0.88 7.58
CA GLU A 62 -7.06 -0.74 6.19
C GLU A 62 -6.17 -1.59 5.30
N PHE A 63 -4.87 -1.59 5.61
CA PHE A 63 -3.91 -2.37 4.84
C PHE A 63 -4.25 -3.85 4.92
N LEU A 64 -4.51 -4.32 6.14
CA LEU A 64 -4.86 -5.72 6.36
C LEU A 64 -6.12 -6.09 5.57
N GLU A 65 -6.96 -5.09 5.33
CA GLU A 65 -8.20 -5.31 4.58
C GLU A 65 -7.93 -5.27 3.07
N PHE A 66 -7.66 -4.07 2.56
CA PHE A 66 -7.40 -3.91 1.14
C PHE A 66 -6.26 -4.83 0.69
N MET A 67 -5.33 -5.10 1.61
CA MET A 67 -4.20 -5.97 1.30
C MET A 67 -4.44 -7.38 1.83
N LYS A 68 -5.60 -7.93 1.49
CA LYS A 68 -5.94 -9.28 1.94
C LYS A 68 -5.05 -10.31 1.25
N GLY A 69 -3.79 -10.36 1.67
CA GLY A 69 -2.84 -11.31 1.09
C GLY A 69 -2.71 -11.08 -0.41
N VAL A 70 -2.30 -9.87 -0.78
CA VAL A 70 -2.14 -9.52 -2.19
C VAL A 70 -0.71 -9.11 -2.48
N GLU A 71 -0.14 -9.69 -3.53
CA GLU A 71 1.23 -9.38 -3.93
C GLU A 71 1.27 -8.71 -5.29
CA CA B . 5.29 4.14 3.90
CA CA C . -6.31 4.42 4.95
S1 EMD D . -3.56 0.75 -0.71
C2 EMD D . -3.78 2.38 -1.38
O2 EMD D . -4.65 3.12 -0.91
N3 EMD D . -3.14 2.73 -2.48
N4 EMD D . -2.25 1.91 -3.17
C5 EMD D . -1.77 0.75 -2.92
C6 EMD D . -2.09 0.09 -1.57
C7 EMD D . -0.91 0.22 -0.61
C8 EMD D . -1.16 -0.09 -4.10
C9 EMD D . -0.75 -1.42 -3.88
C10 EMD D . -0.21 -2.18 -4.93
C11 EMD D . -0.09 -1.58 -6.22
C12 EMD D . -0.51 -0.26 -6.43
C13 EMD D . -1.04 0.48 -5.38
N14 EMD D . 0.50 -2.42 -7.35
C15 EMD D . 0.57 -3.93 -7.18
C16 EMD D . -0.03 -4.50 -5.91
C17 EMD D . 0.23 -3.62 -4.67
C18 EMD D . 0.97 -1.86 -8.54
O18 EMD D . 0.95 -0.65 -8.73
C19 EMD D . 1.56 -2.73 -9.65
C20 EMD D . 1.01 -2.68 -10.93
C21 EMD D . 1.56 -3.47 -11.96
O21 EMD D . 0.98 -3.39 -13.23
C22 EMD D . 2.64 -4.29 -11.70
O22 EMD D . 3.23 -5.09 -12.69
C23 EMD D . 3.20 -4.34 -10.41
C24 EMD D . 2.66 -3.57 -9.38
C25 EMD D . 0.37 -2.19 -13.78
C26 EMD D . 4.44 -5.87 -12.51
H3 EMD D . -3.40 3.65 -2.85
H6 EMD D . -2.27 -0.96 -1.74
H71 EMD D . -1.26 0.38 0.39
H72 EMD D . -0.30 1.05 -0.92
H73 EMD D . -0.32 -0.68 -0.65
H9 EMD D . -0.85 -1.87 -2.90
H12 EMD D . -0.41 0.18 -7.41
H13 EMD D . -1.36 1.50 -5.54
H151 EMD D . 1.60 -4.23 -7.21
H152 EMD D . 0.07 -4.40 -8.02
H161 EMD D . 0.36 -5.50 -5.75
H162 EMD D . -1.09 -4.65 -6.05
H171 EMD D . 1.31 -3.65 -4.41
H172 EMD D . -0.31 -4.03 -3.79
H20 EMD D . 0.17 -2.04 -11.14
H23 EMD D . 4.04 -4.99 -10.21
H24 EMD D . 3.09 -3.61 -8.40
H251 EMD D . 0.37 -2.24 -14.86
H252 EMD D . 0.91 -1.32 -13.47
H253 EMD D . -0.65 -2.11 -13.45
H261 EMD D . 5.04 -5.43 -11.73
H262 EMD D . 5.01 -5.87 -13.43
H263 EMD D . 4.20 -6.88 -12.25
N GLY A 1 -2.63 -17.00 -1.90
CA GLY A 1 -3.48 -17.09 -0.72
C GLY A 1 -2.77 -16.52 0.51
N LYS A 2 -1.70 -17.19 0.91
CA LYS A 2 -0.93 -16.75 2.08
C LYS A 2 -1.80 -16.80 3.34
N SER A 3 -1.22 -16.34 4.45
CA SER A 3 -1.95 -16.34 5.72
C SER A 3 -1.69 -15.03 6.46
N GLU A 4 -2.35 -14.87 7.60
CA GLU A 4 -2.19 -13.65 8.39
C GLU A 4 -0.71 -13.44 8.73
N GLU A 5 0.04 -14.52 8.74
CA GLU A 5 1.47 -14.45 9.03
C GLU A 5 2.20 -13.63 7.98
N GLU A 6 1.72 -13.71 6.74
CA GLU A 6 2.34 -12.96 5.65
C GLU A 6 1.96 -11.49 5.72
N LEU A 7 0.66 -11.23 5.84
CA LEU A 7 0.16 -9.86 5.93
C LEU A 7 1.13 -8.98 6.73
N SER A 8 1.32 -9.35 7.99
CA SER A 8 2.22 -8.59 8.86
C SER A 8 3.50 -8.23 8.11
N ASP A 9 3.96 -9.15 7.26
CA ASP A 9 5.17 -8.92 6.49
C ASP A 9 4.89 -7.98 5.33
N LEU A 10 3.79 -8.23 4.63
CA LEU A 10 3.41 -7.39 3.49
C LEU A 10 3.35 -5.93 3.91
N PHE A 11 2.92 -5.71 5.16
CA PHE A 11 2.80 -4.35 5.68
C PHE A 11 4.18 -3.75 5.96
N ARG A 12 5.02 -4.51 6.67
CA ARG A 12 6.35 -4.03 7.00
C ARG A 12 7.17 -3.86 5.73
N MET A 13 7.32 -4.94 4.98
CA MET A 13 8.07 -4.90 3.74
C MET A 13 7.68 -3.67 2.93
N PHE A 14 6.41 -3.30 3.03
CA PHE A 14 5.89 -2.14 2.31
C PHE A 14 6.52 -0.87 2.84
N ASP A 15 6.67 -0.80 4.17
CA ASP A 15 7.26 0.38 4.80
C ASP A 15 8.79 0.33 4.69
N LYS A 16 9.35 1.33 4.02
CA LYS A 16 10.80 1.38 3.86
C LYS A 16 11.40 2.33 4.91
N ASN A 17 10.54 3.02 5.64
CA ASN A 17 11.00 3.95 6.67
C ASN A 17 10.55 3.48 8.04
N ALA A 18 9.53 2.63 8.06
CA ALA A 18 9.01 2.10 9.32
C ALA A 18 8.29 3.18 10.11
N ASP A 19 7.05 3.47 9.71
CA ASP A 19 6.26 4.50 10.38
C ASP A 19 4.94 3.92 10.89
N GLY A 20 4.66 2.68 10.51
CA GLY A 20 3.43 2.02 10.93
C GLY A 20 2.27 2.38 10.01
N TYR A 21 2.53 3.26 9.05
CA TYR A 21 1.50 3.67 8.10
C TYR A 21 2.12 3.98 6.74
N ILE A 22 1.63 3.29 5.71
CA ILE A 22 2.15 3.50 4.36
C ILE A 22 1.50 4.74 3.74
N ASP A 23 2.30 5.49 2.98
CA ASP A 23 1.80 6.70 2.34
C ASP A 23 1.98 6.63 0.83
N LEU A 24 1.21 7.46 0.11
CA LEU A 24 1.29 7.48 -1.35
C LEU A 24 2.75 7.54 -1.80
N GLU A 25 3.60 8.11 -0.95
CA GLU A 25 5.02 8.21 -1.27
C GLU A 25 5.62 6.82 -1.46
N GLU A 26 5.31 5.92 -0.53
CA GLU A 26 5.82 4.56 -0.61
C GLU A 26 5.14 3.80 -1.73
N LEU A 27 3.98 4.29 -2.15
CA LEU A 27 3.22 3.66 -3.22
C LEU A 27 3.91 3.88 -4.56
N LYS A 28 4.14 5.15 -4.89
CA LYS A 28 4.80 5.50 -6.15
C LYS A 28 6.09 4.71 -6.32
N ILE A 29 6.94 4.77 -5.30
CA ILE A 29 8.22 4.06 -5.34
C ILE A 29 7.98 2.56 -5.47
N MET A 30 6.82 2.11 -4.99
CA MET A 30 6.47 0.70 -5.07
C MET A 30 6.04 0.34 -6.49
N LEU A 31 5.30 1.26 -7.11
CA LEU A 31 4.84 1.05 -8.48
C LEU A 31 5.98 1.28 -9.46
N GLN A 32 6.66 2.41 -9.30
CA GLN A 32 7.79 2.74 -10.17
C GLN A 32 8.78 1.58 -10.21
N ALA A 33 8.75 0.77 -9.17
CA ALA A 33 9.65 -0.38 -9.07
C ALA A 33 9.11 -1.53 -9.92
N THR A 34 7.82 -1.45 -10.26
CA THR A 34 7.18 -2.49 -11.07
C THR A 34 7.22 -2.11 -12.54
N GLY A 35 8.09 -1.17 -12.88
CA GLY A 35 8.22 -0.72 -14.27
C GLY A 35 7.56 0.64 -14.47
N GLU A 36 7.29 1.32 -13.37
CA GLU A 36 6.66 2.65 -13.43
C GLU A 36 5.64 2.71 -14.57
N THR A 37 5.01 1.57 -14.84
CA THR A 37 4.02 1.52 -15.91
C THR A 37 2.62 1.58 -15.32
N ILE A 38 2.44 2.47 -14.35
CA ILE A 38 1.14 2.63 -13.70
C ILE A 38 0.60 4.05 -13.91
N THR A 39 -0.70 4.15 -14.14
CA THR A 39 -1.33 5.45 -14.35
C THR A 39 -1.57 6.15 -13.01
N GLU A 40 -2.08 7.37 -13.08
CA GLU A 40 -2.34 8.14 -11.87
C GLU A 40 -3.52 7.55 -11.10
N ASP A 41 -4.53 7.11 -11.85
CA ASP A 41 -5.72 6.52 -11.25
C ASP A 41 -5.34 5.48 -10.20
N ASP A 42 -4.39 4.62 -10.56
CA ASP A 42 -3.94 3.56 -9.65
C ASP A 42 -3.23 4.16 -8.43
N ILE A 43 -2.91 5.45 -8.50
CA ILE A 43 -2.24 6.11 -7.39
C ILE A 43 -3.25 6.66 -6.39
N GLU A 44 -4.10 7.56 -6.86
CA GLU A 44 -5.12 8.17 -6.00
C GLU A 44 -6.30 7.23 -5.79
N GLU A 45 -6.75 6.60 -6.88
CA GLU A 45 -7.88 5.69 -6.79
C GLU A 45 -7.55 4.48 -5.93
N LEU A 46 -6.55 3.72 -6.38
CA LEU A 46 -6.12 2.53 -5.64
C LEU A 46 -5.95 2.87 -4.16
N MET A 47 -5.16 3.90 -3.89
CA MET A 47 -4.92 4.31 -2.51
C MET A 47 -6.25 4.58 -1.80
N LYS A 48 -7.07 5.42 -2.42
CA LYS A 48 -8.38 5.74 -1.85
C LYS A 48 -9.29 4.52 -1.90
N ASP A 49 -8.89 3.53 -2.69
CA ASP A 49 -9.68 2.30 -2.82
C ASP A 49 -9.50 1.42 -1.59
N GLY A 50 -8.48 1.74 -0.79
CA GLY A 50 -8.20 0.97 0.42
C GLY A 50 -7.98 1.89 1.61
N ASP A 51 -8.34 3.16 1.44
CA ASP A 51 -8.18 4.13 2.51
C ASP A 51 -9.52 4.41 3.19
N LYS A 52 -10.20 3.32 3.57
CA LYS A 52 -11.50 3.44 4.23
C LYS A 52 -11.35 4.03 5.62
N ASN A 53 -10.10 4.17 6.08
CA ASN A 53 -9.84 4.72 7.40
C ASN A 53 -10.27 6.18 7.47
N ASN A 54 -9.99 6.92 6.40
CA ASN A 54 -10.33 8.34 6.31
C ASN A 54 -9.14 9.21 6.71
N ASP A 55 -7.93 8.67 6.53
CA ASP A 55 -6.72 9.40 6.88
C ASP A 55 -5.77 9.46 5.69
N GLY A 56 -6.23 8.96 4.55
CA GLY A 56 -5.41 8.96 3.33
C GLY A 56 -4.37 7.84 3.39
N ARG A 57 -3.58 7.84 4.46
CA ARG A 57 -2.55 6.82 4.63
C ARG A 57 -3.17 5.42 4.71
N ILE A 58 -2.33 4.44 5.03
CA ILE A 58 -2.82 3.06 5.14
C ILE A 58 -2.51 2.50 6.53
N ASP A 59 -3.44 1.72 7.06
CA ASP A 59 -3.25 1.14 8.39
C ASP A 59 -3.47 -0.38 8.35
N TYR A 60 -2.99 -1.05 9.39
CA TYR A 60 -3.13 -2.50 9.48
C TYR A 60 -4.53 -2.93 9.05
N ASP A 61 -5.54 -2.45 9.78
CA ASP A 61 -6.92 -2.79 9.46
C ASP A 61 -7.16 -2.71 7.96
N GLU A 62 -6.88 -1.53 7.38
CA GLU A 62 -7.07 -1.34 5.95
C GLU A 62 -6.24 -2.35 5.18
N PHE A 63 -4.97 -2.45 5.54
CA PHE A 63 -4.08 -3.40 4.88
C PHE A 63 -4.63 -4.82 4.99
N LEU A 64 -5.13 -5.15 6.17
CA LEU A 64 -5.70 -6.48 6.40
C LEU A 64 -6.68 -6.85 5.28
N GLU A 65 -7.66 -5.96 5.07
CA GLU A 65 -8.65 -6.20 4.03
C GLU A 65 -8.00 -6.20 2.65
N PHE A 66 -7.61 -5.00 2.20
CA PHE A 66 -6.97 -4.87 0.90
C PHE A 66 -5.89 -5.93 0.74
N MET A 67 -4.83 -5.81 1.54
CA MET A 67 -3.73 -6.77 1.49
C MET A 67 -4.06 -7.99 2.34
N LYS A 68 -5.12 -8.69 1.95
CA LYS A 68 -5.55 -9.88 2.68
C LYS A 68 -4.44 -10.93 2.71
N GLY A 69 -3.45 -10.74 1.83
CA GLY A 69 -2.33 -11.68 1.77
C GLY A 69 -1.94 -11.95 0.32
N VAL A 70 -1.46 -10.91 -0.35
CA VAL A 70 -1.05 -11.04 -1.75
C VAL A 70 0.46 -11.23 -1.84
N GLU A 71 0.90 -11.79 -2.96
CA GLU A 71 2.32 -12.03 -3.17
C GLU A 71 3.13 -10.80 -2.75
CA CA B . 5.48 4.84 5.33
CA CA C . -5.31 4.94 6.22
S1 EMD D . -3.31 0.11 1.12
C2 EMD D . -4.68 0.88 0.29
O2 EMD D . -5.51 1.52 0.92
N3 EMD D . -4.75 0.81 -1.04
N4 EMD D . -3.81 0.21 -1.85
C5 EMD D . -2.66 -0.33 -1.61
C6 EMD D . -2.10 -0.23 -0.18
C7 EMD D . -1.02 0.86 -0.12
C8 EMD D . -1.94 -1.16 -2.73
C9 EMD D . -1.53 -2.47 -2.48
C10 EMD D . -0.88 -3.22 -3.48
C11 EMD D . -0.65 -2.62 -4.74
C12 EMD D . -1.06 -1.30 -4.98
C13 EMD D . -1.70 -0.56 -3.98
N14 EMD D . 0.07 -3.43 -5.81
C15 EMD D . 0.14 -4.94 -5.66
C16 EMD D . -0.57 -5.53 -4.46
C17 EMD D . -0.44 -4.66 -3.19
C18 EMD D . 0.65 -2.85 -6.94
O18 EMD D . 0.62 -1.63 -7.14
C19 EMD D . 1.36 -3.70 -8.00
C20 EMD D . 0.96 -3.63 -9.34
C21 EMD D . 1.57 -4.44 -10.31
O21 EMD D . 1.14 -4.33 -11.63
C22 EMD D . 2.56 -5.34 -9.93
O22 EMD D . 3.19 -6.18 -10.85
C23 EMD D . 2.96 -5.42 -8.59
C24 EMD D . 2.35 -4.60 -7.62
C25 EMD D . -0.25 -4.24 -12.05
C26 EMD D . 4.39 -6.94 -10.57
H3 EMD D . -5.62 1.19 -1.43
H6 EMD D . -1.62 -1.17 0.05
H71 EMD D . -1.50 1.82 0.04
H72 EMD D . -0.49 0.88 -1.06
H73 EMD D . -0.33 0.64 0.69
H9 EMD D . -1.71 -2.92 -1.51
H12 EMD D . -0.88 -0.85 -5.95
H13 EMD D . -2.02 0.45 -4.17
H151 EMD D . 1.18 -5.23 -5.59
H152 EMD D . -0.27 -5.41 -6.54
H161 EMD D . -0.18 -6.52 -4.26
H162 EMD D . -1.61 -5.68 -4.69
H171 EMD D . 0.61 -4.66 -2.82
H172 EMD D . -1.06 -5.08 -2.36
H20 EMD D . 0.19 -2.93 -9.64
H23 EMD D . 3.73 -6.12 -8.30
H24 EMD D . 2.67 -4.68 -6.59
H251 EMD D . -0.34 -4.45 -13.10
H252 EMD D . -0.63 -3.24 -11.86
H253 EMD D . -0.85 -4.94 -11.50
H261 EMD D . 5.02 -6.98 -11.44
H262 EMD D . 4.14 -7.94 -10.27
H263 EMD D . 4.95 -6.47 -9.77
N GLY A 1 -4.09 -18.38 1.69
CA GLY A 1 -2.92 -19.06 2.23
C GLY A 1 -1.91 -18.05 2.77
N LYS A 2 -2.20 -16.77 2.58
CA LYS A 2 -1.30 -15.72 3.05
C LYS A 2 -1.94 -14.94 4.19
N SER A 3 -1.87 -15.50 5.39
CA SER A 3 -2.45 -14.84 6.57
C SER A 3 -1.53 -13.73 7.06
N GLU A 4 -1.82 -13.23 8.26
CA GLU A 4 -1.01 -12.15 8.84
C GLU A 4 0.47 -12.47 8.67
N GLU A 5 0.82 -13.74 8.86
CA GLU A 5 2.21 -14.16 8.72
C GLU A 5 2.84 -13.51 7.51
N GLU A 6 2.04 -13.28 6.48
CA GLU A 6 2.53 -12.66 5.26
C GLU A 6 2.40 -11.14 5.35
N LEU A 7 1.19 -10.67 5.64
CA LEU A 7 0.94 -9.24 5.75
C LEU A 7 2.10 -8.56 6.47
N SER A 8 2.51 -9.13 7.59
CA SER A 8 3.62 -8.57 8.37
C SER A 8 4.75 -8.11 7.45
N ASP A 9 4.85 -8.75 6.29
CA ASP A 9 5.89 -8.40 5.33
C ASP A 9 5.38 -7.37 4.32
N LEU A 10 4.26 -7.71 3.67
CA LEU A 10 3.67 -6.80 2.69
C LEU A 10 3.68 -5.37 3.21
N PHE A 11 3.62 -5.23 4.53
CA PHE A 11 3.63 -3.90 5.14
C PHE A 11 5.01 -3.26 4.95
N ARG A 12 6.02 -3.91 5.49
CA ARG A 12 7.39 -3.40 5.36
C ARG A 12 7.82 -3.44 3.90
N MET A 13 7.36 -4.47 3.20
CA MET A 13 7.68 -4.63 1.79
C MET A 13 7.26 -3.38 1.03
N PHE A 14 6.20 -2.73 1.53
CA PHE A 14 5.69 -1.51 0.92
C PHE A 14 6.24 -0.29 1.63
N ASP A 15 6.07 -0.27 2.95
CA ASP A 15 6.57 0.85 3.75
C ASP A 15 8.03 1.13 3.43
N LYS A 16 8.26 2.22 2.70
CA LYS A 16 9.62 2.59 2.32
C LYS A 16 10.14 3.72 3.21
N ASN A 17 9.52 3.88 4.38
CA ASN A 17 9.93 4.93 5.30
C ASN A 17 10.31 4.34 6.66
N ALA A 18 9.68 3.22 7.00
CA ALA A 18 9.96 2.56 8.27
C ALA A 18 9.34 3.34 9.43
N ASP A 19 8.09 3.75 9.24
CA ASP A 19 7.38 4.52 10.27
C ASP A 19 6.18 3.74 10.79
N GLY A 20 5.85 2.65 10.10
CA GLY A 20 4.71 1.82 10.50
C GLY A 20 3.44 2.26 9.79
N TYR A 21 3.59 3.16 8.82
CA TYR A 21 2.45 3.65 8.06
C TYR A 21 2.85 3.99 6.64
N ILE A 22 2.29 3.25 5.69
CA ILE A 22 2.61 3.48 4.28
C ILE A 22 1.97 4.77 3.79
N ASP A 23 2.70 5.50 2.96
CA ASP A 23 2.20 6.77 2.42
C ASP A 23 2.14 6.71 0.89
N LEU A 24 1.78 7.84 0.29
CA LEU A 24 1.70 7.91 -1.16
C LEU A 24 3.07 8.16 -1.77
N GLU A 25 3.95 8.77 -0.98
CA GLU A 25 5.30 9.07 -1.46
C GLU A 25 6.02 7.78 -1.86
N GLU A 26 5.49 6.64 -1.39
CA GLU A 26 6.09 5.35 -1.70
C GLU A 26 5.27 4.63 -2.76
N LEU A 27 3.95 4.70 -2.63
CA LEU A 27 3.05 4.05 -3.57
C LEU A 27 3.57 4.21 -5.01
N LYS A 28 4.00 5.43 -5.34
CA LYS A 28 4.51 5.71 -6.67
C LYS A 28 5.77 4.87 -6.95
N ILE A 29 6.60 4.72 -5.93
CA ILE A 29 7.83 3.96 -6.07
C ILE A 29 7.54 2.57 -6.64
N MET A 30 6.41 2.00 -6.23
CA MET A 30 6.03 0.66 -6.70
C MET A 30 5.59 0.72 -8.17
N LEU A 31 4.58 1.54 -8.43
CA LEU A 31 4.07 1.66 -9.81
C LEU A 31 5.21 1.95 -10.77
N GLN A 32 5.77 3.15 -10.67
CA GLN A 32 6.88 3.53 -11.55
C GLN A 32 7.89 2.40 -11.64
N ALA A 33 7.99 1.62 -10.56
CA ALA A 33 8.93 0.50 -10.53
C ALA A 33 8.46 -0.61 -11.46
N THR A 34 7.14 -0.79 -11.53
CA THR A 34 6.57 -1.83 -12.39
C THR A 34 6.25 -1.26 -13.76
N GLY A 35 7.24 -0.59 -14.37
CA GLY A 35 7.05 0.01 -15.68
C GLY A 35 6.01 1.13 -15.62
N GLU A 36 5.74 1.60 -14.41
CA GLU A 36 4.77 2.67 -14.22
C GLU A 36 3.37 2.19 -14.61
N THR A 37 3.17 1.99 -15.91
CA THR A 37 1.88 1.54 -16.41
C THR A 37 0.73 2.18 -15.62
N ILE A 38 0.96 3.41 -15.19
CA ILE A 38 -0.04 4.15 -14.43
C ILE A 38 -0.04 5.62 -14.86
N THR A 39 -1.23 6.15 -15.14
CA THR A 39 -1.35 7.54 -15.56
C THR A 39 -1.90 8.40 -14.43
N GLU A 40 -1.35 8.22 -13.24
CA GLU A 40 -1.78 9.00 -12.09
C GLU A 40 -3.07 8.42 -11.50
N ASP A 41 -4.13 8.45 -12.30
CA ASP A 41 -5.42 7.94 -11.87
C ASP A 41 -5.25 6.67 -11.03
N ASP A 42 -4.58 5.68 -11.60
CA ASP A 42 -4.36 4.41 -10.91
C ASP A 42 -3.84 4.64 -9.50
N ILE A 43 -3.24 5.81 -9.28
CA ILE A 43 -2.70 6.14 -7.96
C ILE A 43 -3.78 6.75 -7.07
N GLU A 44 -4.19 7.96 -7.41
CA GLU A 44 -5.22 8.66 -6.63
C GLU A 44 -6.43 7.75 -6.42
N GLU A 45 -6.60 6.79 -7.32
CA GLU A 45 -7.72 5.85 -7.22
C GLU A 45 -7.36 4.65 -6.35
N LEU A 46 -6.37 3.89 -6.80
CA LEU A 46 -5.94 2.70 -6.07
C LEU A 46 -5.47 3.07 -4.66
N MET A 47 -4.76 4.19 -4.57
CA MET A 47 -4.24 4.63 -3.28
C MET A 47 -5.37 4.93 -2.31
N LYS A 48 -6.47 5.47 -2.85
CA LYS A 48 -7.62 5.81 -2.02
C LYS A 48 -8.59 4.62 -1.94
N ASP A 49 -8.14 3.47 -2.43
CA ASP A 49 -8.98 2.27 -2.41
C ASP A 49 -8.80 1.50 -1.10
N GLY A 50 -7.57 1.52 -0.59
CA GLY A 50 -7.27 0.82 0.66
C GLY A 50 -7.21 1.78 1.84
N ASP A 51 -7.43 3.08 1.56
CA ASP A 51 -7.39 4.08 2.61
C ASP A 51 -8.79 4.34 3.16
N LYS A 52 -9.51 3.24 3.42
CA LYS A 52 -10.86 3.36 3.95
C LYS A 52 -10.90 4.31 5.15
N ASN A 53 -9.82 4.31 5.92
CA ASN A 53 -9.73 5.17 7.09
C ASN A 53 -9.67 6.64 6.66
N ASN A 54 -9.32 6.86 5.40
CA ASN A 54 -9.23 8.22 4.87
C ASN A 54 -8.45 9.11 5.83
N ASP A 55 -7.19 8.73 6.09
CA ASP A 55 -6.35 9.51 7.00
C ASP A 55 -5.13 10.06 6.25
N GLY A 56 -4.76 9.39 5.17
CA GLY A 56 -3.61 9.82 4.38
C GLY A 56 -2.46 8.83 4.51
N ARG A 57 -2.74 7.69 5.15
CA ARG A 57 -1.71 6.67 5.34
C ARG A 57 -2.36 5.30 5.51
N ILE A 58 -1.53 4.29 5.76
CA ILE A 58 -2.03 2.93 5.95
C ILE A 58 -1.72 2.44 7.36
N ASP A 59 -2.72 1.82 7.99
CA ASP A 59 -2.54 1.31 9.34
C ASP A 59 -2.68 -0.22 9.36
N TYR A 60 -2.12 -0.83 10.39
CA TYR A 60 -2.17 -2.28 10.54
C TYR A 60 -3.60 -2.78 10.42
N ASP A 61 -4.55 -1.93 10.79
CA ASP A 61 -5.97 -2.30 10.73
C ASP A 61 -6.48 -2.21 9.29
N GLU A 62 -6.11 -1.14 8.60
CA GLU A 62 -6.55 -0.95 7.22
C GLU A 62 -5.89 -1.98 6.31
N PHE A 63 -4.57 -1.85 6.18
CA PHE A 63 -3.82 -2.78 5.35
C PHE A 63 -4.31 -4.21 5.55
N LEU A 64 -4.46 -4.58 6.82
CA LEU A 64 -4.91 -5.93 7.16
C LEU A 64 -6.01 -6.38 6.19
N GLU A 65 -6.94 -5.47 5.90
CA GLU A 65 -8.04 -5.80 4.99
C GLU A 65 -7.59 -5.70 3.54
N PHE A 66 -7.35 -4.47 3.09
CA PHE A 66 -6.92 -4.24 1.71
C PHE A 66 -5.85 -5.25 1.32
N MET A 67 -4.70 -5.15 1.97
CA MET A 67 -3.59 -6.07 1.68
C MET A 67 -3.66 -7.30 2.59
N LYS A 68 -4.68 -8.12 2.37
CA LYS A 68 -4.85 -9.32 3.16
C LYS A 68 -3.94 -10.44 2.65
N GLY A 69 -2.64 -10.16 2.60
CA GLY A 69 -1.67 -11.14 2.13
C GLY A 69 -1.92 -11.48 0.67
N VAL A 70 -1.86 -10.47 -0.18
CA VAL A 70 -2.09 -10.68 -1.62
C VAL A 70 -1.08 -9.89 -2.43
N GLU A 71 0.07 -10.50 -2.68
CA GLU A 71 1.13 -9.84 -3.46
C GLU A 71 0.62 -9.48 -4.85
CA CA B . 5.09 4.96 4.35
CA CA C . -5.83 5.04 6.69
S1 EMD D . -3.53 0.52 0.78
C2 EMD D . -4.41 1.82 -0.07
O2 EMD D . -5.11 2.60 0.57
N3 EMD D . -4.17 2.03 -1.35
N4 EMD D . -3.25 1.32 -2.10
C5 EMD D . -2.39 0.41 -1.82
C6 EMD D . -2.18 0.06 -0.33
C7 EMD D . -0.91 0.72 0.19
C8 EMD D . -1.74 -0.43 -2.97
C9 EMD D . -1.48 -1.80 -2.77
C10 EMD D . -0.90 -2.57 -3.80
C11 EMD D . -0.58 -1.94 -5.03
C12 EMD D . -0.83 -0.58 -5.21
C13 EMD D . -1.41 0.18 -4.18
N14 EMD D . 0.06 -2.77 -6.12
C15 EMD D . -0.04 -4.30 -6.04
C16 EMD D . -0.83 -4.86 -4.87
C17 EMD D . -0.63 -4.06 -3.56
C18 EMD D . 0.73 -2.22 -7.21
O18 EMD D . 0.84 -1.01 -7.35
C19 EMD D . 1.35 -3.12 -8.29
C20 EMD D . 0.67 -3.32 -9.50
C21 EMD D . 1.09 -4.31 -10.39
O21 EMD D . 0.38 -4.47 -11.59
C22 EMD D . 2.20 -5.10 -10.08
O22 EMD D . 2.66 -6.11 -10.93
C23 EMD D . 2.87 -4.90 -8.87
C24 EMD D . 2.46 -3.91 -7.97
C25 EMD D . -0.61 -3.53 -12.08
C26 EMD D . 3.79 -6.97 -10.64
H3 EMD D . -4.78 2.73 -1.78
H6 EMD D . -2.05 -1.01 -0.27
H71 EMD D . -0.53 0.16 1.04
H72 EMD D . -1.12 1.73 0.51
H73 EMD D . -0.16 0.74 -0.59
H9 EMD D . -1.74 -2.27 -1.83
H12 EMD D . -0.58 -0.10 -6.15
H13 EMD D . -1.60 1.23 -4.33
H151 EMD D . 0.96 -4.70 -5.96
H152 EMD D . -0.48 -4.68 -6.94
H161 EMD D . -0.56 -5.89 -4.72
H162 EMD D . -1.88 -4.88 -5.14
H171 EMD D . 0.40 -4.20 -3.17
H172 EMD D . -1.31 -4.45 -2.77
H20 EMD D . -0.19 -2.71 -9.76
H23 EMD D . 3.73 -5.52 -8.63
H24 EMD D . 2.99 -3.77 -7.05
H251 EMD D . -0.12 -2.64 -12.44
H252 EMD D . -1.30 -3.26 -11.29
H253 EMD D . -1.17 -3.98 -12.89
H261 EMD D . 4.52 -6.44 -10.05
H262 EMD D . 4.26 -7.29 -11.56
H263 EMD D . 3.47 -7.84 -10.10
N GLY A 1 -3.15 -19.11 -0.17
CA GLY A 1 -3.26 -17.66 -0.15
C GLY A 1 -2.55 -17.08 1.06
N LYS A 2 -1.66 -16.11 0.81
CA LYS A 2 -0.91 -15.48 1.89
C LYS A 2 -1.86 -14.91 2.95
N SER A 3 -2.30 -15.77 3.86
CA SER A 3 -3.22 -15.35 4.92
C SER A 3 -2.61 -14.19 5.71
N GLU A 4 -3.46 -13.52 6.49
CA GLU A 4 -3.01 -12.39 7.29
C GLU A 4 -1.63 -12.69 7.90
N GLU A 5 -1.49 -13.89 8.46
CA GLU A 5 -0.23 -14.28 9.08
C GLU A 5 0.95 -13.89 8.20
N GLU A 6 0.71 -13.86 6.90
CA GLU A 6 1.76 -13.50 5.95
C GLU A 6 1.77 -11.99 5.71
N LEU A 7 0.59 -11.40 5.66
CA LEU A 7 0.48 -9.96 5.43
C LEU A 7 1.46 -9.21 6.35
N SER A 8 1.63 -9.73 7.55
CA SER A 8 2.55 -9.10 8.50
C SER A 8 3.87 -8.78 7.82
N ASP A 9 4.21 -9.60 6.83
CA ASP A 9 5.45 -9.40 6.08
C ASP A 9 5.25 -8.32 5.02
N LEU A 10 4.25 -8.53 4.17
CA LEU A 10 3.95 -7.57 3.11
C LEU A 10 3.93 -6.16 3.68
N PHE A 11 3.63 -6.05 4.96
CA PHE A 11 3.59 -4.74 5.62
C PHE A 11 4.99 -4.14 5.68
N ARG A 12 5.92 -4.88 6.28
CA ARG A 12 7.29 -4.41 6.38
C ARG A 12 7.90 -4.34 4.97
N MET A 13 7.41 -5.22 4.11
CA MET A 13 7.87 -5.27 2.72
C MET A 13 7.54 -3.96 2.04
N PHE A 14 6.38 -3.41 2.39
CA PHE A 14 5.93 -2.15 1.82
C PHE A 14 6.58 -0.98 2.54
N ASP A 15 6.79 -1.15 3.85
CA ASP A 15 7.41 -0.12 4.67
C ASP A 15 8.91 -0.02 4.37
N LYS A 16 9.32 1.13 3.86
CA LYS A 16 10.74 1.34 3.54
C LYS A 16 11.33 2.45 4.42
N ASN A 17 10.43 3.24 5.02
CA ASN A 17 10.87 4.34 5.87
C ASN A 17 10.41 4.11 7.31
N ALA A 18 9.15 3.74 7.44
CA ALA A 18 8.57 3.48 8.76
C ALA A 18 8.48 1.98 9.02
N ASP A 19 7.55 1.60 9.89
CA ASP A 19 7.36 0.18 10.22
C ASP A 19 5.95 -0.06 10.76
N GLY A 20 4.99 -0.11 9.85
CA GLY A 20 3.59 -0.34 10.25
C GLY A 20 2.67 0.67 9.59
N TYR A 21 3.24 1.63 8.87
CA TYR A 21 2.45 2.66 8.21
C TYR A 21 3.06 3.01 6.86
N ILE A 22 2.22 2.96 5.82
CA ILE A 22 2.68 3.29 4.47
C ILE A 22 2.01 4.57 3.98
N ASP A 23 2.77 5.37 3.26
CA ASP A 23 2.26 6.63 2.73
C ASP A 23 2.44 6.69 1.21
N LEU A 24 1.66 7.56 0.57
CA LEU A 24 1.74 7.70 -0.88
C LEU A 24 3.19 7.73 -1.35
N GLU A 25 4.02 8.46 -0.63
CA GLU A 25 5.44 8.56 -0.98
C GLU A 25 6.04 7.17 -1.16
N GLU A 26 5.40 6.17 -0.57
CA GLU A 26 5.88 4.80 -0.67
C GLU A 26 5.06 4.01 -1.70
N LEU A 27 3.77 4.33 -1.77
CA LEU A 27 2.89 3.65 -2.71
C LEU A 27 3.34 3.90 -4.15
N LYS A 28 3.47 5.17 -4.50
CA LYS A 28 3.89 5.55 -5.85
C LYS A 28 4.98 4.62 -6.36
N ILE A 29 6.01 4.43 -5.55
CA ILE A 29 7.13 3.57 -5.93
C ILE A 29 6.66 2.12 -6.03
N MET A 30 5.70 1.75 -5.18
CA MET A 30 5.18 0.39 -5.18
C MET A 30 4.14 0.20 -6.29
N LEU A 31 4.05 1.18 -7.17
CA LEU A 31 3.09 1.10 -8.26
C LEU A 31 3.79 1.11 -9.62
N GLN A 32 4.06 2.32 -10.13
CA GLN A 32 4.71 2.47 -11.42
C GLN A 32 6.06 1.75 -11.45
N ALA A 33 6.73 1.71 -10.31
CA ALA A 33 8.04 1.05 -10.22
C ALA A 33 7.90 -0.46 -10.37
N THR A 34 6.76 -0.99 -9.93
CA THR A 34 6.53 -2.43 -10.01
C THR A 34 5.83 -2.79 -11.33
N GLY A 35 6.04 -1.95 -12.34
CA GLY A 35 5.43 -2.19 -13.65
C GLY A 35 3.94 -2.50 -13.50
N GLU A 36 3.29 -1.78 -12.60
CA GLU A 36 1.85 -1.97 -12.37
C GLU A 36 1.06 -1.68 -13.64
N THR A 37 1.68 -0.91 -14.54
CA THR A 37 1.02 -0.55 -15.79
C THR A 37 -0.07 0.50 -15.54
N ILE A 38 0.28 1.52 -14.75
CA ILE A 38 -0.66 2.59 -14.44
C ILE A 38 0.08 3.90 -14.18
N THR A 39 -0.68 4.96 -13.96
CA THR A 39 -0.08 6.27 -13.70
C THR A 39 -1.16 7.29 -13.37
N GLU A 40 -0.98 7.98 -12.26
CA GLU A 40 -1.95 8.99 -11.83
C GLU A 40 -3.27 8.35 -11.44
N ASP A 41 -3.97 7.84 -12.45
CA ASP A 41 -5.27 7.21 -12.21
C ASP A 41 -5.27 6.42 -10.90
N ASP A 42 -4.48 5.35 -10.87
CA ASP A 42 -4.41 4.51 -9.67
C ASP A 42 -3.74 5.26 -8.52
N ILE A 43 -2.85 6.19 -8.85
CA ILE A 43 -2.15 6.96 -7.82
C ILE A 43 -3.13 7.56 -6.81
N GLU A 44 -3.93 8.50 -7.29
CA GLU A 44 -4.91 9.17 -6.41
C GLU A 44 -6.02 8.21 -6.00
N GLU A 45 -6.45 7.37 -6.95
CA GLU A 45 -7.53 6.42 -6.67
C GLU A 45 -7.08 5.38 -5.64
N LEU A 46 -5.98 4.70 -5.94
CA LEU A 46 -5.45 3.68 -5.05
C LEU A 46 -5.21 4.25 -3.64
N MET A 47 -4.35 5.28 -3.57
CA MET A 47 -4.04 5.89 -2.29
C MET A 47 -5.32 6.35 -1.59
N LYS A 48 -6.12 7.12 -2.29
CA LYS A 48 -7.38 7.62 -1.72
C LYS A 48 -8.20 6.48 -1.14
N ASP A 49 -8.29 5.38 -1.91
CA ASP A 49 -9.06 4.22 -1.46
C ASP A 49 -8.44 3.62 -0.21
N GLY A 50 -7.18 3.21 -0.31
CA GLY A 50 -6.49 2.62 0.83
C GLY A 50 -6.47 3.57 2.02
N ASP A 51 -6.69 4.85 1.74
CA ASP A 51 -6.71 5.86 2.79
C ASP A 51 -8.12 6.07 3.32
N LYS A 52 -8.85 4.97 3.50
CA LYS A 52 -10.22 5.05 4.01
C LYS A 52 -10.27 5.92 5.26
N ASN A 53 -9.23 5.82 6.08
CA ASN A 53 -9.16 6.60 7.32
C ASN A 53 -8.73 8.04 7.02
N ASN A 54 -8.34 8.28 5.78
CA ASN A 54 -7.90 9.62 5.37
C ASN A 54 -6.92 10.19 6.40
N ASP A 55 -5.73 9.62 6.45
CA ASP A 55 -4.72 10.07 7.40
C ASP A 55 -3.40 10.39 6.67
N GLY A 56 -3.35 10.07 5.39
CA GLY A 56 -2.15 10.32 4.61
C GLY A 56 -1.20 9.12 4.68
N ARG A 57 -1.71 8.01 5.17
CA ARG A 57 -0.90 6.79 5.29
C ARG A 57 -1.80 5.55 5.37
N ILE A 58 -1.18 4.41 5.64
CA ILE A 58 -1.93 3.16 5.74
C ILE A 58 -1.83 2.59 7.15
N ASP A 59 -2.85 1.85 7.55
CA ASP A 59 -2.87 1.24 8.89
C ASP A 59 -2.89 -0.28 8.78
N TYR A 60 -3.22 -0.93 9.89
CA TYR A 60 -3.26 -2.39 9.92
C TYR A 60 -4.61 -2.90 9.42
N ASP A 61 -5.64 -2.08 9.62
CA ASP A 61 -6.99 -2.47 9.17
C ASP A 61 -7.15 -2.23 7.68
N GLU A 62 -6.46 -1.20 7.19
CA GLU A 62 -6.54 -0.87 5.76
C GLU A 62 -5.63 -1.79 4.96
N PHE A 63 -4.43 -2.03 5.47
CA PHE A 63 -3.48 -2.90 4.80
C PHE A 63 -3.92 -4.36 4.90
N LEU A 64 -4.69 -4.66 5.93
CA LEU A 64 -5.18 -6.02 6.14
C LEU A 64 -6.30 -6.34 5.17
N GLU A 65 -6.95 -5.29 4.65
CA GLU A 65 -8.05 -5.48 3.72
C GLU A 65 -7.57 -5.31 2.28
N PHE A 66 -7.11 -4.11 1.95
CA PHE A 66 -6.63 -3.83 0.60
C PHE A 66 -5.19 -4.32 0.46
N MET A 67 -4.96 -5.57 0.81
CA MET A 67 -3.63 -6.16 0.71
C MET A 67 -3.67 -7.61 1.18
N LYS A 68 -4.79 -8.28 0.92
CA LYS A 68 -4.94 -9.68 1.32
C LYS A 68 -3.87 -10.54 0.66
N GLY A 69 -2.71 -10.63 1.32
CA GLY A 69 -1.60 -11.42 0.80
C GLY A 69 -1.53 -11.30 -0.71
N VAL A 70 -1.32 -10.08 -1.19
CA VAL A 70 -1.23 -9.84 -2.63
C VAL A 70 0.22 -9.95 -3.10
N GLU A 71 0.55 -11.10 -3.68
CA GLU A 71 1.92 -11.33 -4.17
C GLU A 71 2.31 -10.24 -5.16
CA CA B . 6.44 3.94 5.50
CA CA C . -5.33 5.20 5.33
S1 EMD D . -2.53 -0.65 1.55
C2 EMD D . -4.06 0.14 1.09
O2 EMD D . -4.87 0.49 1.97
N3 EMD D . -4.33 0.34 -0.18
N4 EMD D . -3.49 0.02 -1.23
C5 EMD D . -2.28 -0.44 -1.28
C6 EMD D . -1.52 -0.59 0.05
C7 EMD D . -0.51 0.55 0.21
C8 EMD D . -1.79 -1.15 -2.59
C9 EMD D . -0.58 -1.87 -2.58
C10 EMD D . -0.14 -2.50 -3.74
C11 EMD D . -0.91 -2.42 -4.93
C12 EMD D . -2.12 -1.70 -4.93
C13 EMD D . -2.55 -1.06 -3.75
N14 EMD D . -0.41 -3.11 -6.19
C15 EMD D . 0.66 -4.17 -6.05
C16 EMD D . 1.12 -4.52 -4.64
C17 EMD D . 1.19 -3.28 -3.72
C18 EMD D . -0.90 -2.81 -7.46
O18 EMD D . -1.77 -1.96 -7.63
C19 EMD D . -0.37 -3.53 -8.70
C20 EMD D . -1.26 -4.23 -9.52
C21 EMD D . -0.77 -4.96 -10.62
O21 EMD D . -1.70 -5.65 -11.41
C22 EMD D . 0.58 -4.98 -10.90
O22 EMD D . 1.11 -5.69 -11.98
C23 EMD D . 1.48 -4.28 -10.08
C24 EMD D . 1.00 -3.56 -8.98
C25 EMD D . -2.99 -5.12 -11.82
C26 EMD D . 2.50 -5.65 -12.37
H3 EMD D . -5.28 0.72 -0.36
H6 EMD D . -0.96 -1.52 0.00
H71 EMD D . 0.40 0.17 0.63
H72 EMD D . -0.92 1.31 0.86
H73 EMD D . -0.31 0.99 -0.76
H9 EMD D . 0.00 -1.93 -1.67
H12 EMD D . -2.71 -1.63 -5.82
H13 EMD D . -3.48 -0.52 -3.76
H151 EMD D . 1.54 -3.85 -6.59
H152 EMD D . 0.32 -5.09 -6.51
H161 EMD D . 2.07 -5.02 -4.68
H162 EMD D . 0.44 -5.25 -4.23
H171 EMD D . 2.02 -2.61 -4.03
H172 EMD D . 1.42 -3.60 -2.68
H20 EMD D . -2.33 -4.22 -9.32
H23 EMD D . 2.53 -4.30 -10.29
H24 EMD D . 1.69 -3.01 -8.35
H251 EMD D . -3.77 -5.83 -11.61
H252 EMD D . -2.99 -4.92 -12.88
H253 EMD D . -3.20 -4.20 -11.30
H261 EMD D . 2.93 -4.69 -12.10
H262 EMD D . 2.59 -5.78 -13.44
H263 EMD D . 3.05 -6.43 -11.87
N GLY A 1 -2.50 -21.31 1.77
CA GLY A 1 -3.03 -20.59 2.92
C GLY A 1 -2.10 -19.46 3.32
N LYS A 2 -2.58 -18.23 3.20
CA LYS A 2 -1.79 -17.05 3.55
C LYS A 2 -2.05 -16.66 5.01
N SER A 3 -3.15 -15.96 5.24
CA SER A 3 -3.50 -15.53 6.58
C SER A 3 -2.55 -14.44 7.06
N GLU A 4 -2.52 -14.24 8.38
CA GLU A 4 -1.65 -13.22 8.97
C GLU A 4 -0.19 -13.62 8.84
N GLU A 5 0.04 -14.89 8.50
CA GLU A 5 1.41 -15.39 8.33
C GLU A 5 2.14 -14.61 7.24
N GLU A 6 1.50 -14.52 6.07
CA GLU A 6 2.10 -13.80 4.96
C GLU A 6 1.84 -12.30 5.09
N LEU A 7 0.65 -11.96 5.57
CA LEU A 7 0.28 -10.56 5.75
C LEU A 7 1.39 -9.81 6.48
N SER A 8 1.86 -10.39 7.57
CA SER A 8 2.92 -9.77 8.36
C SER A 8 4.07 -9.35 7.47
N ASP A 9 4.21 -10.03 6.32
CA ASP A 9 5.29 -9.73 5.39
C ASP A 9 4.87 -8.59 4.45
N LEU A 10 3.72 -8.76 3.82
CA LEU A 10 3.21 -7.75 2.89
C LEU A 10 3.42 -6.34 3.46
N PHE A 11 2.69 -6.04 4.53
CA PHE A 11 2.80 -4.72 5.16
C PHE A 11 4.24 -4.24 5.14
N ARG A 12 5.07 -4.87 5.97
CA ARG A 12 6.49 -4.50 6.03
C ARG A 12 7.07 -4.51 4.62
N MET A 13 6.85 -5.61 3.91
CA MET A 13 7.34 -5.74 2.55
C MET A 13 7.09 -4.45 1.78
N PHE A 14 5.92 -3.86 2.02
CA PHE A 14 5.56 -2.61 1.38
C PHE A 14 6.26 -1.44 2.07
N ASP A 15 6.42 -1.55 3.39
CA ASP A 15 7.08 -0.51 4.16
C ASP A 15 8.52 -0.34 3.71
N LYS A 16 8.71 0.46 2.66
CA LYS A 16 10.04 0.70 2.14
C LYS A 16 10.73 1.84 2.90
N ASN A 17 10.01 2.41 3.86
CA ASN A 17 10.57 3.50 4.66
C ASN A 17 10.65 3.11 6.13
N ALA A 18 10.24 1.88 6.44
CA ALA A 18 10.26 1.39 7.82
C ALA A 18 9.65 2.42 8.76
N ASP A 19 8.37 2.23 9.06
CA ASP A 19 7.66 3.14 9.96
C ASP A 19 6.46 2.44 10.59
N GLY A 20 5.78 1.63 9.79
CA GLY A 20 4.61 0.91 10.27
C GLY A 20 3.32 1.46 9.67
N TYR A 21 3.47 2.44 8.78
CA TYR A 21 2.30 3.05 8.13
C TYR A 21 2.64 3.47 6.71
N ILE A 22 2.31 2.61 5.75
CA ILE A 22 2.58 2.92 4.35
C ILE A 22 1.90 4.23 3.95
N ASP A 23 2.57 5.00 3.12
CA ASP A 23 2.03 6.27 2.66
C ASP A 23 1.93 6.29 1.14
N LEU A 24 1.68 7.47 0.59
CA LEU A 24 1.55 7.62 -0.85
C LEU A 24 2.93 7.62 -1.52
N GLU A 25 3.97 7.70 -0.69
CA GLU A 25 5.33 7.70 -1.21
C GLU A 25 5.73 6.30 -1.65
N GLU A 26 5.58 5.34 -0.74
CA GLU A 26 5.92 3.95 -1.05
C GLU A 26 5.14 3.46 -2.25
N LEU A 27 3.83 3.72 -2.23
CA LEU A 27 2.95 3.30 -3.32
C LEU A 27 3.49 3.78 -4.67
N LYS A 28 3.36 5.08 -4.91
CA LYS A 28 3.83 5.67 -6.17
C LYS A 28 5.16 5.05 -6.59
N ILE A 29 6.20 5.28 -5.80
CA ILE A 29 7.52 4.75 -6.11
C ILE A 29 7.43 3.29 -6.53
N MET A 30 6.71 2.49 -5.74
CA MET A 30 6.55 1.07 -6.05
C MET A 30 5.98 0.90 -7.45
N LEU A 31 5.09 1.82 -7.82
CA LEU A 31 4.47 1.77 -9.15
C LEU A 31 5.52 1.96 -10.23
N GLN A 32 6.09 3.15 -10.30
CA GLN A 32 7.12 3.45 -11.29
C GLN A 32 8.28 2.48 -11.16
N ALA A 33 8.39 1.87 -9.98
CA ALA A 33 9.46 0.92 -9.72
C ALA A 33 9.10 -0.46 -10.30
N THR A 34 7.80 -0.75 -10.30
CA THR A 34 7.33 -2.03 -10.83
C THR A 34 6.97 -1.90 -12.30
N GLY A 35 7.78 -1.14 -13.03
CA GLY A 35 7.54 -0.94 -14.46
C GLY A 35 6.45 0.10 -14.68
N GLU A 36 6.28 0.99 -13.70
CA GLU A 36 5.26 2.03 -13.80
C GLU A 36 3.99 1.47 -14.46
N THR A 37 3.88 1.65 -15.77
CA THR A 37 2.72 1.16 -16.51
C THR A 37 1.46 1.26 -15.66
N ILE A 38 1.30 2.40 -14.98
CA ILE A 38 0.12 2.61 -14.14
C ILE A 38 -0.32 4.06 -14.21
N THR A 39 -1.64 4.27 -14.14
CA THR A 39 -2.20 5.61 -14.20
C THR A 39 -2.26 6.23 -12.81
N GLU A 40 -2.27 7.56 -12.77
CA GLU A 40 -2.33 8.28 -11.50
C GLU A 40 -3.49 7.78 -10.65
N ASP A 41 -4.57 7.41 -11.31
CA ASP A 41 -5.76 6.92 -10.62
C ASP A 41 -5.39 5.81 -9.64
N ASP A 42 -4.59 4.86 -10.11
CA ASP A 42 -4.18 3.73 -9.28
C ASP A 42 -3.46 4.21 -8.03
N ILE A 43 -3.03 5.47 -8.04
CA ILE A 43 -2.31 6.03 -6.89
C ILE A 43 -3.30 6.63 -5.88
N GLU A 44 -4.00 7.68 -6.32
CA GLU A 44 -4.97 8.35 -5.44
C GLU A 44 -6.25 7.54 -5.31
N GLU A 45 -6.68 6.89 -6.39
CA GLU A 45 -7.90 6.11 -6.36
C GLU A 45 -7.72 4.89 -5.45
N LEU A 46 -6.72 4.08 -5.77
CA LEU A 46 -6.44 2.88 -4.99
C LEU A 46 -6.19 3.25 -3.52
N MET A 47 -5.29 4.19 -3.32
CA MET A 47 -4.96 4.63 -1.97
C MET A 47 -6.23 4.88 -1.14
N LYS A 48 -7.18 5.57 -1.74
CA LYS A 48 -8.44 5.87 -1.03
C LYS A 48 -9.30 4.63 -0.87
N ASP A 49 -8.98 3.58 -1.62
CA ASP A 49 -9.77 2.35 -1.53
C ASP A 49 -9.38 1.56 -0.27
N GLY A 50 -8.13 1.72 0.15
CA GLY A 50 -7.64 1.03 1.34
C GLY A 50 -7.20 2.02 2.41
N ASP A 51 -7.74 3.23 2.33
CA ASP A 51 -7.40 4.27 3.31
C ASP A 51 -8.64 4.70 4.08
N LYS A 52 -9.26 3.74 4.76
CA LYS A 52 -10.46 4.01 5.54
C LYS A 52 -10.25 5.22 6.45
N ASN A 53 -8.98 5.53 6.74
CA ASN A 53 -8.67 6.66 7.60
C ASN A 53 -8.74 7.96 6.80
N ASN A 54 -8.45 7.86 5.51
CA ASN A 54 -8.50 9.03 4.64
C ASN A 54 -7.49 10.08 5.11
N ASP A 55 -6.28 9.61 5.45
CA ASP A 55 -5.23 10.52 5.90
C ASP A 55 -4.06 10.50 4.93
N GLY A 56 -3.96 9.44 4.14
CA GLY A 56 -2.89 9.31 3.17
C GLY A 56 -1.93 8.19 3.55
N ARG A 57 -2.34 7.36 4.50
CA ARG A 57 -1.50 6.25 4.94
C ARG A 57 -2.34 5.00 5.19
N ILE A 58 -1.70 3.96 5.72
CA ILE A 58 -2.39 2.72 6.02
C ILE A 58 -2.12 2.27 7.45
N ASP A 59 -2.95 1.35 7.93
CA ASP A 59 -2.80 0.85 9.30
C ASP A 59 -2.86 -0.67 9.31
N TYR A 60 -2.29 -1.28 10.35
CA TYR A 60 -2.30 -2.74 10.48
C TYR A 60 -3.72 -3.27 10.36
N ASP A 61 -4.67 -2.53 10.93
CA ASP A 61 -6.06 -2.95 10.89
C ASP A 61 -6.63 -2.79 9.48
N GLU A 62 -6.41 -1.62 8.90
CA GLU A 62 -6.91 -1.33 7.56
C GLU A 62 -6.23 -2.24 6.55
N PHE A 63 -4.91 -2.37 6.66
CA PHE A 63 -4.15 -3.21 5.75
C PHE A 63 -4.65 -4.65 5.82
N LEU A 64 -4.98 -5.08 7.04
CA LEU A 64 -5.47 -6.44 7.25
C LEU A 64 -6.81 -6.63 6.53
N GLU A 65 -7.66 -5.62 6.63
CA GLU A 65 -8.97 -5.67 5.98
C GLU A 65 -8.82 -5.66 4.47
N PHE A 66 -8.54 -4.47 3.93
CA PHE A 66 -8.37 -4.34 2.48
C PHE A 66 -7.38 -5.37 1.97
N MET A 67 -6.10 -5.17 2.28
CA MET A 67 -5.07 -6.09 1.84
C MET A 67 -4.92 -7.23 2.85
N LYS A 68 -5.92 -8.11 2.88
CA LYS A 68 -5.90 -9.23 3.81
C LYS A 68 -5.00 -10.36 3.27
N GLY A 69 -3.71 -10.08 3.20
CA GLY A 69 -2.75 -11.06 2.70
C GLY A 69 -3.15 -11.55 1.31
N VAL A 70 -3.02 -10.66 0.33
CA VAL A 70 -3.38 -11.00 -1.05
C VAL A 70 -2.13 -10.94 -1.94
N GLU A 71 -2.04 -11.91 -2.85
CA GLU A 71 -0.90 -11.96 -3.77
C GLU A 71 0.40 -11.71 -3.02
CA CA B . 5.07 2.86 5.40
CA CA C . -5.67 4.44 6.56
S1 EMD D . -3.45 -0.45 1.07
C2 EMD D . -4.30 0.94 0.34
O2 EMD D . -5.09 1.61 1.00
N3 EMD D . -4.01 1.29 -0.91
N4 EMD D . -3.08 0.65 -1.71
C5 EMD D . -2.23 -0.29 -1.50
C6 EMD D . -2.07 -0.80 -0.04
C7 EMD D . -0.82 -0.20 0.59
C8 EMD D . -1.62 -1.07 -2.70
C9 EMD D . -1.46 -2.47 -2.62
C10 EMD D . -0.92 -3.18 -3.71
C11 EMD D . -0.54 -2.47 -4.87
C12 EMD D . -0.70 -1.09 -4.95
C13 EMD D . -1.24 -0.39 -3.87
N14 EMD D . 0.05 -3.26 -6.04
C15 EMD D . -0.14 -4.77 -6.08
C16 EMD D . -0.98 -5.37 -4.98
C17 EMD D . -0.75 -4.70 -3.60
C18 EMD D . 0.77 -2.67 -7.07
O18 EMD D . 0.96 -1.45 -7.11
C19 EMD D . 1.34 -3.50 -8.22
C20 EMD D . 0.53 -3.84 -9.30
C21 EMD D . 0.92 -4.85 -10.20
O21 EMD D . 0.06 -5.15 -11.26
C22 EMD D . 2.11 -5.52 -10.00
O22 EMD D . 2.54 -6.54 -10.87
C23 EMD D . 2.94 -5.19 -8.92
C24 EMD D . 2.56 -4.18 -8.03
C25 EMD D . -0.56 -4.17 -12.12
C26 EMD D . 3.73 -7.33 -10.66
H3 EMD D . -4.62 2.03 -1.29
H6 EMD D . -1.95 -1.87 -0.08
H71 EMD D . -0.16 0.17 -0.19
H72 EMD D . -0.30 -0.96 1.17
H73 EMD D . -1.09 0.62 1.23
H9 EMD D . -1.75 -2.99 -1.73
H12 EMD D . -0.41 -0.55 -5.85
H13 EMD D . -1.37 0.68 -3.92
H151 EMD D . 0.83 -5.24 -6.03
H152 EMD D . -0.60 -5.05 -7.01
H161 EMD D . -0.79 -6.43 -4.90
H162 EMD D . -2.03 -5.30 -5.24
H171 EMD D . 0.26 -4.94 -3.22
H172 EMD D . -1.46 -5.11 -2.84
H20 EMD D . -0.40 -3.33 -9.46
H23 EMD D . 3.87 -5.71 -8.78
H24 EMD D . 3.20 -3.92 -7.20
H251 EMD D . -0.04 -3.22 -12.04
H252 EMD D . -1.59 -4.02 -11.84
H253 EMD D . -0.52 -4.50 -13.15
H261 EMD D . 4.57 -6.90 -11.18
H262 EMD D . 3.58 -8.34 -11.03
H263 EMD D . 3.97 -7.39 -9.60
N GLY A 1 -6.73 -13.88 0.51
CA GLY A 1 -5.54 -13.77 -0.34
C GLY A 1 -4.50 -14.81 0.05
N LYS A 2 -3.45 -14.36 0.73
CA LYS A 2 -2.39 -15.27 1.16
C LYS A 2 -2.51 -15.58 2.64
N SER A 3 -2.12 -14.61 3.47
CA SER A 3 -2.18 -14.77 4.92
C SER A 3 -1.56 -13.58 5.63
N GLU A 4 -2.03 -13.32 6.84
CA GLU A 4 -1.52 -12.19 7.63
C GLU A 4 0.01 -12.23 7.68
N GLU A 5 0.54 -13.38 8.12
CA GLU A 5 1.99 -13.55 8.22
C GLU A 5 2.68 -12.97 6.98
N GLU A 6 2.09 -13.20 5.82
CA GLU A 6 2.65 -12.69 4.58
C GLU A 6 2.50 -11.18 4.50
N LEU A 7 1.32 -10.69 4.85
CA LEU A 7 1.06 -9.26 4.82
C LEU A 7 2.10 -8.51 5.65
N SER A 8 2.42 -9.07 6.82
CA SER A 8 3.41 -8.45 7.69
C SER A 8 4.59 -7.93 6.86
N ASP A 9 4.96 -8.70 5.85
CA ASP A 9 6.08 -8.32 4.98
C ASP A 9 5.62 -7.22 4.02
N LEU A 10 4.56 -7.50 3.28
CA LEU A 10 4.04 -6.53 2.30
C LEU A 10 3.99 -5.14 2.92
N PHE A 11 3.22 -5.02 4.00
CA PHE A 11 3.08 -3.72 4.68
C PHE A 11 4.44 -3.02 4.77
N ARG A 12 5.42 -3.73 5.30
CA ARG A 12 6.76 -3.16 5.44
C ARG A 12 7.42 -3.03 4.07
N MET A 13 7.27 -4.09 3.27
CA MET A 13 7.84 -4.11 1.93
C MET A 13 7.41 -2.86 1.16
N PHE A 14 6.21 -2.38 1.47
CA PHE A 14 5.68 -1.20 0.81
C PHE A 14 6.30 0.06 1.40
N ASP A 15 6.69 -0.02 2.67
CA ASP A 15 7.29 1.12 3.35
C ASP A 15 8.76 1.26 2.95
N LYS A 16 8.99 1.63 1.69
CA LYS A 16 10.35 1.81 1.19
C LYS A 16 10.87 3.19 1.56
N ASN A 17 10.09 3.92 2.37
CA ASN A 17 10.49 5.26 2.79
C ASN A 17 10.36 5.38 4.31
N ALA A 18 9.25 4.89 4.84
CA ALA A 18 9.01 4.94 6.27
C ALA A 18 9.18 3.56 6.89
N ASP A 19 8.64 3.39 8.10
CA ASP A 19 8.74 2.11 8.79
C ASP A 19 7.63 1.98 9.82
N GLY A 20 6.39 2.11 9.37
CA GLY A 20 5.25 2.01 10.28
C GLY A 20 3.96 2.44 9.58
N TYR A 21 4.10 3.38 8.66
CA TYR A 21 2.94 3.89 7.92
C TYR A 21 3.30 4.18 6.48
N ILE A 22 2.43 3.79 5.56
CA ILE A 22 2.67 4.02 4.14
C ILE A 22 1.96 5.29 3.68
N ASP A 23 2.63 6.04 2.81
CA ASP A 23 2.06 7.28 2.29
C ASP A 23 1.95 7.22 0.76
N LEU A 24 1.62 8.36 0.16
CA LEU A 24 1.49 8.43 -1.29
C LEU A 24 2.86 8.35 -1.95
N GLU A 25 3.77 9.20 -1.50
CA GLU A 25 5.12 9.23 -2.05
C GLU A 25 5.63 7.80 -2.28
N GLU A 26 5.23 6.89 -1.40
CA GLU A 26 5.65 5.50 -1.51
C GLU A 26 4.84 4.77 -2.58
N LEU A 27 3.53 4.93 -2.53
CA LEU A 27 2.64 4.28 -3.49
C LEU A 27 3.16 4.48 -4.92
N LYS A 28 3.28 5.74 -5.32
CA LYS A 28 3.75 6.06 -6.67
C LYS A 28 4.98 5.20 -7.00
N ILE A 29 6.03 5.35 -6.21
CA ILE A 29 7.25 4.59 -6.43
C ILE A 29 6.93 3.13 -6.67
N MET A 30 6.12 2.56 -5.78
CA MET A 30 5.74 1.16 -5.90
C MET A 30 5.25 0.89 -7.33
N LEU A 31 4.52 1.85 -7.88
CA LEU A 31 4.01 1.71 -9.23
C LEU A 31 5.13 1.93 -10.24
N GLN A 32 5.58 3.19 -10.35
CA GLN A 32 6.67 3.53 -11.26
C GLN A 32 7.77 2.47 -11.19
N ALA A 33 7.88 1.81 -10.04
CA ALA A 33 8.91 0.79 -9.85
C ALA A 33 8.62 -0.44 -10.69
N THR A 34 7.35 -0.81 -10.81
CA THR A 34 6.97 -1.99 -11.59
C THR A 34 5.93 -1.65 -12.65
N GLY A 35 4.93 -0.87 -12.25
CA GLY A 35 3.86 -0.49 -13.17
C GLY A 35 3.97 0.99 -13.54
N GLU A 36 5.13 1.39 -14.06
CA GLU A 36 5.34 2.78 -14.44
C GLU A 36 4.45 3.15 -15.61
N THR A 37 3.88 2.14 -16.25
CA THR A 37 2.99 2.37 -17.38
C THR A 37 1.57 2.62 -16.87
N ILE A 38 1.46 3.48 -15.86
CA ILE A 38 0.17 3.79 -15.27
C ILE A 38 -0.08 5.30 -15.29
N THR A 39 -1.35 5.67 -15.45
CA THR A 39 -1.72 7.09 -15.48
C THR A 39 -1.67 7.69 -14.08
N GLU A 40 -1.93 8.99 -13.99
CA GLU A 40 -1.91 9.67 -12.71
C GLU A 40 -3.19 9.38 -11.93
N ASP A 41 -4.24 9.01 -12.66
CA ASP A 41 -5.52 8.71 -12.04
C ASP A 41 -5.40 7.45 -11.19
N ASP A 42 -4.37 6.66 -11.47
CA ASP A 42 -4.15 5.42 -10.72
C ASP A 42 -3.24 5.69 -9.51
N ILE A 43 -2.64 6.88 -9.49
CA ILE A 43 -1.75 7.25 -8.39
C ILE A 43 -2.56 7.89 -7.27
N GLU A 44 -3.47 8.77 -7.65
CA GLU A 44 -4.31 9.46 -6.66
C GLU A 44 -5.41 8.53 -6.17
N GLU A 45 -6.20 8.01 -7.10
CA GLU A 45 -7.29 7.11 -6.76
C GLU A 45 -6.78 6.00 -5.84
N LEU A 46 -5.52 5.63 -6.01
CA LEU A 46 -4.92 4.57 -5.20
C LEU A 46 -4.95 4.95 -3.72
N MET A 47 -4.31 6.07 -3.40
CA MET A 47 -4.27 6.54 -2.01
C MET A 47 -5.68 6.72 -1.46
N LYS A 48 -6.56 7.26 -2.30
CA LYS A 48 -7.95 7.48 -1.90
C LYS A 48 -8.56 6.19 -1.37
N ASP A 49 -8.58 5.17 -2.22
CA ASP A 49 -9.14 3.88 -1.83
C ASP A 49 -8.30 3.25 -0.72
N GLY A 50 -7.00 3.15 -0.97
CA GLY A 50 -6.09 2.56 0.02
C GLY A 50 -6.18 3.30 1.35
N ASP A 51 -6.55 4.58 1.27
CA ASP A 51 -6.67 5.39 2.49
C ASP A 51 -8.15 5.55 2.88
N LYS A 52 -8.87 4.44 2.86
CA LYS A 52 -10.29 4.47 3.21
C LYS A 52 -10.51 5.35 4.43
N ASN A 53 -9.53 5.37 5.32
CA ASN A 53 -9.64 6.18 6.54
C ASN A 53 -9.48 7.66 6.21
N ASN A 54 -8.57 7.96 5.27
CA ASN A 54 -8.33 9.34 4.88
C ASN A 54 -7.67 10.11 6.02
N ASP A 55 -6.42 9.77 6.30
CA ASP A 55 -5.69 10.45 7.37
C ASP A 55 -4.32 10.93 6.89
N GLY A 56 -4.06 10.73 5.59
CA GLY A 56 -2.79 11.15 5.00
C GLY A 56 -1.84 9.96 4.87
N ARG A 57 -2.37 8.76 5.10
CA ARG A 57 -1.56 7.56 5.01
C ARG A 57 -2.43 6.32 5.22
N ILE A 58 -1.77 5.16 5.31
CA ILE A 58 -2.49 3.91 5.52
C ILE A 58 -2.02 3.22 6.80
N ASP A 59 -2.87 2.35 7.33
CA ASP A 59 -2.54 1.62 8.55
C ASP A 59 -2.73 0.12 8.33
N TYR A 60 -2.26 -0.66 9.30
CA TYR A 60 -2.38 -2.11 9.21
C TYR A 60 -3.83 -2.52 8.95
N ASP A 61 -4.75 -1.69 9.45
CA ASP A 61 -6.17 -1.97 9.27
C ASP A 61 -6.56 -1.89 7.80
N GLU A 62 -6.20 -0.77 7.17
CA GLU A 62 -6.50 -0.58 5.75
C GLU A 62 -5.60 -1.45 4.90
N PHE A 63 -4.34 -1.54 5.29
CA PHE A 63 -3.37 -2.34 4.56
C PHE A 63 -3.76 -3.82 4.60
N LEU A 64 -4.28 -4.24 5.74
CA LEU A 64 -4.70 -5.64 5.91
C LEU A 64 -5.88 -5.95 5.00
N GLU A 65 -6.70 -4.93 4.73
CA GLU A 65 -7.86 -5.11 3.88
C GLU A 65 -7.50 -4.94 2.41
N PHE A 66 -7.19 -3.70 2.03
CA PHE A 66 -6.83 -3.40 0.65
C PHE A 66 -5.76 -4.37 0.16
N MET A 67 -4.53 -4.20 0.67
CA MET A 67 -3.44 -5.07 0.26
C MET A 67 -3.56 -6.44 0.94
N LYS A 68 -4.65 -7.14 0.62
CA LYS A 68 -4.89 -8.46 1.19
C LYS A 68 -4.06 -9.50 0.47
N GLY A 69 -2.74 -9.41 0.62
CA GLY A 69 -1.83 -10.35 -0.02
C GLY A 69 -1.81 -10.15 -1.54
N VAL A 70 -1.37 -8.96 -1.95
CA VAL A 70 -1.30 -8.64 -3.37
C VAL A 70 -0.11 -9.35 -4.01
N GLU A 71 1.09 -8.93 -3.64
CA GLU A 71 2.30 -9.53 -4.18
C GLU A 71 3.46 -9.40 -3.19
CA CA B . 6.01 5.92 4.50
CA CA C . -5.73 5.53 6.80
S1 EMD D . -2.28 -0.49 0.45
C2 EMD D . -3.90 0.17 0.13
O2 EMD D . -4.68 0.38 1.06
N3 EMD D . -4.25 0.47 -1.12
N4 EMD D . -3.42 0.33 -2.21
C5 EMD D . -2.18 0.00 -2.35
C6 EMD D . -1.34 -0.20 -1.06
C7 EMD D . -0.46 1.02 -0.83
C8 EMD D . -1.65 -0.47 -3.75
C9 EMD D . -0.51 -1.28 -3.83
C10 EMD D . -0.04 -1.70 -5.09
C11 EMD D . -0.73 -1.30 -6.25
C12 EMD D . -1.86 -0.49 -6.16
C13 EMD D . -2.32 -0.08 -4.91
N14 EMD D . -0.19 -1.77 -7.61
C15 EMD D . 0.79 -2.93 -7.65
C16 EMD D . 1.11 -3.59 -6.32
C17 EMD D . 1.22 -2.59 -5.15
C18 EMD D . -0.56 -1.17 -8.81
O18 EMD D . -1.35 -0.23 -8.85
C19 EMD D . -0.01 -1.68 -10.14
C20 EMD D . -0.87 -2.33 -11.05
C21 EMD D . -0.34 -3.05 -12.12
O21 EMD D . -1.24 -3.68 -12.99
C22 EMD D . 1.03 -3.15 -12.28
O22 EMD D . 1.60 -3.87 -13.33
C23 EMD D . 1.89 -2.52 -11.39
C24 EMD D . 1.37 -1.78 -10.32
C25 EMD D . -2.55 -3.15 -13.35
C26 EMD D . 3.02 -3.87 -13.64
H3 EMD D . -5.23 0.76 -1.23
H6 EMD D . -0.69 -1.04 -1.23
H71 EMD D . -1.07 1.91 -0.77
H72 EMD D . 0.24 1.13 -1.64
H73 EMD D . 0.08 0.91 0.10
H9 EMD D . 0.01 -1.57 -2.94
H12 EMD D . -2.38 -0.20 -7.05
H13 EMD D . -3.21 0.54 -4.85
H151 EMD D . 1.72 -2.58 -8.06
H152 EMD D . 0.40 -3.69 -8.30
H161 EMD D . 2.03 -4.15 -6.41
H162 EMD D . 0.36 -4.33 -6.10
H171 EMD D . 2.12 -1.95 -5.28
H172 EMD D . 1.36 -3.12 -4.19
H20 EMD D . -1.94 -2.25 -10.93
H23 EMD D . 2.96 -2.59 -11.52
H24 EMD D . 2.05 -1.29 -9.63
H251 EMD D . -2.66 -2.16 -12.94
H252 EMD D . -3.32 -3.78 -12.96
H253 EMD D . -2.64 -3.10 -14.42
H261 EMD D . 3.17 -3.96 -14.72
H262 EMD D . 3.51 -4.70 -13.16
H263 EMD D . 3.47 -2.95 -13.32
N GLY A 1 -5.48 -15.55 0.65
CA GLY A 1 -5.93 -16.29 1.83
C GLY A 1 -4.79 -17.13 2.40
N LYS A 2 -3.78 -16.46 2.94
CA LYS A 2 -2.63 -17.15 3.51
C LYS A 2 -2.66 -17.09 5.04
N SER A 3 -2.29 -15.93 5.57
CA SER A 3 -2.28 -15.76 7.02
C SER A 3 -1.73 -14.37 7.39
N GLU A 4 -2.29 -13.79 8.44
CA GLU A 4 -1.86 -12.47 8.89
C GLU A 4 -0.35 -12.44 9.08
N GLU A 5 0.18 -13.49 9.70
CA GLU A 5 1.62 -13.58 9.95
C GLU A 5 2.39 -13.10 8.73
N GLU A 6 2.10 -13.71 7.58
CA GLU A 6 2.78 -13.35 6.34
C GLU A 6 2.47 -11.90 5.96
N LEU A 7 1.18 -11.58 5.91
CA LEU A 7 0.75 -10.23 5.56
C LEU A 7 1.63 -9.19 6.26
N SER A 8 1.93 -9.45 7.52
CA SER A 8 2.76 -8.54 8.30
C SER A 8 3.95 -8.08 7.46
N ASP A 9 4.61 -9.04 6.82
CA ASP A 9 5.76 -8.73 5.97
C ASP A 9 5.33 -7.81 4.83
N LEU A 10 4.28 -8.23 4.14
CA LEU A 10 3.76 -7.44 3.02
C LEU A 10 3.68 -5.97 3.41
N PHE A 11 3.21 -5.71 4.62
CA PHE A 11 3.08 -4.34 5.10
C PHE A 11 4.43 -3.61 5.00
N ARG A 12 5.44 -4.18 5.65
CA ARG A 12 6.77 -3.59 5.61
C ARG A 12 7.29 -3.66 4.19
N MET A 13 6.91 -4.74 3.50
CA MET A 13 7.32 -4.94 2.13
C MET A 13 6.84 -3.77 1.28
N PHE A 14 5.86 -3.04 1.80
CA PHE A 14 5.30 -1.89 1.11
C PHE A 14 5.96 -0.61 1.62
N ASP A 15 5.95 -0.45 2.93
CA ASP A 15 6.55 0.73 3.56
C ASP A 15 8.02 0.84 3.19
N LYS A 16 8.31 1.63 2.16
CA LYS A 16 9.69 1.83 1.72
C LYS A 16 10.41 2.81 2.64
N ASN A 17 9.71 3.27 3.67
CA ASN A 17 10.30 4.21 4.62
C ASN A 17 10.35 3.58 6.01
N ALA A 18 9.59 2.51 6.20
CA ALA A 18 9.55 1.81 7.48
C ALA A 18 9.01 2.74 8.56
N ASP A 19 7.70 2.75 8.72
CA ASP A 19 7.06 3.60 9.72
C ASP A 19 5.85 2.89 10.32
N GLY A 20 5.12 2.19 9.47
CA GLY A 20 3.92 1.47 9.92
C GLY A 20 2.69 1.91 9.15
N TYR A 21 2.87 2.89 8.26
CA TYR A 21 1.77 3.40 7.46
C TYR A 21 2.25 3.77 6.06
N ILE A 22 1.57 3.24 5.05
CA ILE A 22 1.94 3.51 3.67
C ILE A 22 1.49 4.92 3.27
N ASP A 23 2.38 5.62 2.57
CA ASP A 23 2.06 6.99 2.13
C ASP A 23 2.09 7.08 0.61
N LEU A 24 1.17 7.88 0.07
CA LEU A 24 1.08 8.06 -1.38
C LEU A 24 2.46 8.35 -1.97
N GLU A 25 3.33 8.93 -1.14
CA GLU A 25 4.68 9.28 -1.58
C GLU A 25 5.52 8.02 -1.79
N GLU A 26 5.11 6.93 -1.14
CA GLU A 26 5.84 5.68 -1.26
C GLU A 26 5.25 4.82 -2.38
N LEU A 27 3.95 4.97 -2.60
CA LEU A 27 3.26 4.20 -3.63
C LEU A 27 3.99 4.33 -4.97
N LYS A 28 4.12 5.58 -5.44
CA LYS A 28 4.80 5.84 -6.70
C LYS A 28 6.03 4.94 -6.84
N ILE A 29 6.72 4.74 -5.74
CA ILE A 29 7.92 3.89 -5.74
C ILE A 29 7.56 2.45 -6.07
N MET A 30 6.51 1.96 -5.42
CA MET A 30 6.06 0.59 -5.64
C MET A 30 5.56 0.42 -7.08
N LEU A 31 5.37 1.55 -7.77
CA LEU A 31 4.89 1.50 -9.15
C LEU A 31 6.03 1.86 -10.12
N GLN A 32 6.60 3.04 -9.92
CA GLN A 32 7.68 3.50 -10.79
C GLN A 32 8.83 2.49 -10.82
N ALA A 33 8.84 1.60 -9.84
CA ALA A 33 9.89 0.58 -9.75
C ALA A 33 9.51 -0.65 -10.56
N THR A 34 8.21 -0.95 -10.61
CA THR A 34 7.73 -2.12 -11.34
C THR A 34 7.46 -1.76 -12.80
N GLY A 35 8.41 -1.06 -13.41
CA GLY A 35 8.27 -0.66 -14.80
C GLY A 35 7.31 0.53 -14.94
N GLU A 36 7.20 1.30 -13.87
CA GLU A 36 6.32 2.48 -13.87
C GLU A 36 5.03 2.17 -14.63
N THR A 37 5.03 2.47 -15.93
CA THR A 37 3.85 2.23 -16.76
C THR A 37 2.57 2.47 -15.98
N ILE A 38 2.61 3.44 -15.06
CA ILE A 38 1.44 3.76 -14.25
C ILE A 38 1.20 5.26 -14.25
N THR A 39 -0.08 5.64 -14.27
CA THR A 39 -0.45 7.05 -14.27
C THR A 39 -0.70 7.53 -12.85
N GLU A 40 -0.59 8.85 -12.65
CA GLU A 40 -0.81 9.44 -11.33
C GLU A 40 -2.15 9.00 -10.75
N ASP A 41 -3.17 8.99 -11.62
CA ASP A 41 -4.51 8.59 -11.19
C ASP A 41 -4.46 7.28 -10.42
N ASP A 42 -3.53 6.41 -10.80
CA ASP A 42 -3.40 5.11 -10.13
C ASP A 42 -2.87 5.28 -8.71
N ILE A 43 -2.17 6.39 -8.47
CA ILE A 43 -1.61 6.65 -7.14
C ILE A 43 -2.62 7.38 -6.26
N GLU A 44 -3.24 8.42 -6.80
CA GLU A 44 -4.21 9.21 -6.04
C GLU A 44 -5.57 8.51 -5.98
N GLU A 45 -6.04 8.05 -7.13
CA GLU A 45 -7.35 7.38 -7.20
C GLU A 45 -7.38 6.16 -6.30
N LEU A 46 -6.30 5.37 -6.33
CA LEU A 46 -6.23 4.15 -5.53
C LEU A 46 -6.02 4.49 -4.05
N MET A 47 -5.28 5.56 -3.79
CA MET A 47 -5.01 5.97 -2.42
C MET A 47 -6.30 5.99 -1.59
N LYS A 48 -7.38 6.45 -2.21
CA LYS A 48 -8.66 6.52 -1.52
C LYS A 48 -9.34 5.15 -1.49
N ASP A 49 -8.93 4.27 -2.41
CA ASP A 49 -9.50 2.93 -2.47
C ASP A 49 -9.15 2.13 -1.22
N GLY A 50 -8.11 2.56 -0.53
CA GLY A 50 -7.68 1.88 0.69
C GLY A 50 -7.67 2.84 1.88
N ASP A 51 -8.26 4.00 1.69
CA ASP A 51 -8.32 5.00 2.76
C ASP A 51 -9.75 5.14 3.29
N LYS A 52 -10.34 4.02 3.65
CA LYS A 52 -11.70 4.01 4.17
C LYS A 52 -11.77 4.79 5.49
N ASN A 53 -10.80 4.52 6.37
CA ASN A 53 -10.76 5.20 7.66
C ASN A 53 -10.71 6.71 7.47
N ASN A 54 -10.35 7.13 6.26
CA ASN A 54 -10.26 8.56 5.96
C ASN A 54 -9.31 9.25 6.93
N ASP A 55 -8.04 8.85 6.89
CA ASP A 55 -7.03 9.43 7.76
C ASP A 55 -5.91 10.08 6.95
N GLY A 56 -5.76 9.62 5.70
CA GLY A 56 -4.72 10.16 4.83
C GLY A 56 -3.47 9.29 4.88
N ARG A 57 -3.68 7.98 4.83
CA ARG A 57 -2.57 7.03 4.87
C ARG A 57 -3.09 5.60 4.89
N ILE A 58 -2.18 4.66 5.13
CA ILE A 58 -2.57 3.24 5.17
C ILE A 58 -2.26 2.66 6.54
N ASP A 59 -3.18 1.83 7.04
CA ASP A 59 -3.00 1.21 8.35
C ASP A 59 -3.14 -0.30 8.24
N TYR A 60 -2.75 -1.00 9.30
CA TYR A 60 -2.84 -2.46 9.33
C TYR A 60 -4.20 -2.92 8.82
N ASP A 61 -5.24 -2.62 9.58
CA ASP A 61 -6.59 -3.01 9.20
C ASP A 61 -6.81 -2.79 7.70
N GLU A 62 -6.76 -1.53 7.29
CA GLU A 62 -6.95 -1.19 5.88
C GLU A 62 -6.02 -2.01 5.00
N PHE A 63 -4.76 -2.09 5.41
CA PHE A 63 -3.76 -2.84 4.66
C PHE A 63 -4.04 -4.34 4.75
N LEU A 64 -4.87 -4.73 5.72
CA LEU A 64 -5.20 -6.13 5.92
C LEU A 64 -6.20 -6.63 4.88
N GLU A 65 -7.34 -5.94 4.78
CA GLU A 65 -8.38 -6.33 3.83
C GLU A 65 -8.00 -5.93 2.41
N PHE A 66 -6.97 -5.11 2.27
CA PHE A 66 -6.54 -4.66 0.95
C PHE A 66 -5.63 -5.70 0.30
N MET A 67 -4.82 -6.35 1.11
CA MET A 67 -3.89 -7.37 0.61
C MET A 67 -3.81 -8.53 1.59
N LYS A 68 -4.79 -9.42 1.54
CA LYS A 68 -4.82 -10.58 2.43
C LYS A 68 -3.94 -11.69 1.89
N GLY A 69 -2.68 -11.35 1.59
CA GLY A 69 -1.75 -12.34 1.06
C GLY A 69 -1.59 -12.21 -0.45
N VAL A 70 -1.24 -11.00 -0.89
CA VAL A 70 -1.05 -10.75 -2.32
C VAL A 70 0.40 -10.34 -2.59
N GLU A 71 0.90 -10.76 -3.75
CA GLU A 71 2.27 -10.43 -4.14
C GLU A 71 2.31 -9.10 -4.88
CA CA B . 5.87 5.14 5.22
CA CA C . -6.29 4.64 4.85
S1 EMD D . -4.21 0.96 -0.42
C2 EMD D . -4.48 2.46 -1.32
O2 EMD D . -5.25 3.32 -0.88
N3 EMD D . -3.81 2.69 -2.44
N4 EMD D . -2.85 1.84 -2.95
C5 EMD D . -2.32 0.74 -2.53
C6 EMD D . -2.69 0.27 -1.11
C7 EMD D . -1.55 0.60 -0.14
C8 EMD D . -1.68 -0.25 -3.57
C9 EMD D . -1.32 -1.55 -3.17
C10 EMD D . -0.75 -2.44 -4.10
C11 EMD D . -0.56 -2.01 -5.43
C12 EMD D . -0.93 -0.72 -5.83
C13 EMD D . -1.49 0.16 -4.89
N14 EMD D . 0.05 -3.00 -6.43
C15 EMD D . 0.09 -4.47 -6.07
C16 EMD D . -0.57 -4.88 -4.76
C17 EMD D . -0.35 -3.85 -3.63
C18 EMD D . 0.59 -2.59 -7.64
O18 EMD D . 0.60 -1.42 -7.99
C19 EMD D . 1.21 -3.62 -8.61
C20 EMD D . 0.67 -3.76 -9.90
C21 EMD D . 1.22 -4.70 -10.78
O21 EMD D . 0.65 -4.81 -12.06
C22 EMD D . 2.29 -5.49 -10.38
O22 EMD D . 2.87 -6.44 -11.24
C23 EMD D . 2.83 -5.34 -9.11
C24 EMD D . 2.29 -4.41 -8.22
C25 EMD D . -0.27 -3.85 -12.63
C26 EMD D . 3.65 -7.57 -10.77
H3 EMD D . -4.10 3.53 -2.95
H6 EMD D . -2.79 -0.81 -1.14
H71 EMD D . -1.94 0.71 0.86
H72 EMD D . -1.08 1.52 -0.44
H73 EMD D . -0.81 -0.20 -0.15
H9 EMD D . -1.46 -1.86 -2.14
H12 EMD D . -0.78 -0.41 -6.85
H13 EMD D . -1.79 1.15 -5.20
H151 EMD D . 1.11 -4.80 -6.02
H152 EMD D . -0.39 -5.04 -6.86
H161 EMD D . -0.22 -5.85 -4.46
H162 EMD D . -1.63 -5.01 -4.93
H171 EMD D . 0.71 -3.85 -3.32
H172 EMD D . -0.94 -4.13 -2.73
H20 EMD D . -0.17 -3.16 -10.21
H23 EMD D . 3.67 -5.95 -8.80
H24 EMD D . 2.71 -4.29 -7.23
H251 EMD D . 0.10 -2.85 -12.48
H252 EMD D . -1.24 -3.94 -12.17
H253 EMD D . -0.37 -4.02 -13.69
H261 EMD D . 3.27 -8.49 -11.19
H262 EMD D . 3.62 -7.63 -9.70
H263 EMD D . 4.68 -7.47 -11.08
N GLY A 1 -6.24 -16.31 0.29
CA GLY A 1 -4.87 -16.60 -0.13
C GLY A 1 -3.88 -16.13 0.93
N LYS A 2 -2.76 -16.86 1.03
CA LYS A 2 -1.74 -16.52 2.00
C LYS A 2 -2.37 -16.21 3.36
N SER A 3 -1.64 -15.44 4.17
CA SER A 3 -2.12 -15.07 5.50
C SER A 3 -1.50 -13.76 5.95
N GLU A 4 -2.05 -13.20 7.02
CA GLU A 4 -1.54 -11.94 7.56
C GLU A 4 -0.03 -12.03 7.76
N GLU A 5 0.43 -13.23 8.08
CA GLU A 5 1.86 -13.44 8.30
C GLU A 5 2.66 -12.98 7.09
N GLU A 6 2.11 -13.23 5.90
CA GLU A 6 2.78 -12.84 4.66
C GLU A 6 2.46 -11.39 4.32
N LEU A 7 1.24 -10.97 4.66
CA LEU A 7 0.81 -9.59 4.40
C LEU A 7 1.71 -8.61 5.15
N SER A 8 2.00 -8.93 6.41
CA SER A 8 2.85 -8.07 7.21
C SER A 8 4.10 -7.68 6.42
N ASP A 9 4.52 -8.57 5.53
CA ASP A 9 5.70 -8.32 4.72
C ASP A 9 5.34 -7.40 3.54
N LEU A 10 4.07 -7.43 3.16
CA LEU A 10 3.60 -6.60 2.05
C LEU A 10 3.73 -5.12 2.41
N PHE A 11 3.56 -4.82 3.69
CA PHE A 11 3.66 -3.45 4.16
C PHE A 11 5.12 -2.99 4.15
N ARG A 12 6.02 -3.89 4.53
CA ARG A 12 7.45 -3.58 4.57
C ARG A 12 7.97 -3.30 3.18
N MET A 13 7.68 -4.22 2.25
CA MET A 13 8.13 -4.07 0.87
C MET A 13 7.72 -2.71 0.31
N PHE A 14 6.56 -2.23 0.76
CA PHE A 14 6.06 -0.94 0.28
C PHE A 14 6.75 0.20 1.03
N ASP A 15 6.60 0.20 2.35
CA ASP A 15 7.21 1.24 3.17
C ASP A 15 8.73 1.21 3.02
N LYS A 16 9.28 2.27 2.44
CA LYS A 16 10.72 2.35 2.24
C LYS A 16 11.33 3.46 3.09
N ASN A 17 10.51 4.05 3.96
CA ASN A 17 10.97 5.13 4.83
C ASN A 17 10.87 4.70 6.30
N ALA A 18 10.16 3.59 6.53
CA ALA A 18 9.99 3.08 7.89
C ALA A 18 9.13 4.03 8.71
N ASP A 19 7.90 4.26 8.24
CA ASP A 19 6.99 5.15 8.95
C ASP A 19 5.74 4.39 9.39
N GLY A 20 5.55 3.20 8.82
CA GLY A 20 4.39 2.38 9.17
C GLY A 20 3.17 2.79 8.35
N TYR A 21 3.28 3.89 7.63
CA TYR A 21 2.18 4.38 6.81
C TYR A 21 2.67 4.80 5.43
N ILE A 22 2.17 4.13 4.40
CA ILE A 22 2.57 4.46 3.03
C ILE A 22 1.96 5.78 2.61
N ASP A 23 2.55 6.37 1.58
CA ASP A 23 2.06 7.65 1.06
C ASP A 23 2.40 7.77 -0.42
N LEU A 24 1.96 8.86 -1.04
CA LEU A 24 2.23 9.07 -2.46
C LEU A 24 3.73 9.02 -2.73
N GLU A 25 4.49 9.77 -1.92
CA GLU A 25 5.94 9.80 -2.09
C GLU A 25 6.48 8.39 -2.29
N GLU A 26 5.78 7.41 -1.74
CA GLU A 26 6.20 6.02 -1.87
C GLU A 26 5.45 5.34 -3.00
N LEU A 27 4.16 5.64 -3.12
CA LEU A 27 3.33 5.05 -4.16
C LEU A 27 3.97 5.25 -5.54
N LYS A 28 3.92 6.49 -6.01
CA LYS A 28 4.50 6.82 -7.32
C LYS A 28 5.77 6.01 -7.58
N ILE A 29 6.67 6.04 -6.61
CA ILE A 29 7.94 5.31 -6.74
C ILE A 29 7.68 3.82 -6.97
N MET A 30 6.71 3.29 -6.24
CA MET A 30 6.38 1.88 -6.36
C MET A 30 5.63 1.61 -7.66
N LEU A 31 5.37 2.66 -8.43
CA LEU A 31 4.65 2.52 -9.69
C LEU A 31 5.51 2.97 -10.86
N GLN A 32 5.62 4.28 -11.05
CA GLN A 32 6.41 4.84 -12.13
C GLN A 32 7.85 4.36 -12.07
N ALA A 33 8.38 4.21 -10.86
CA ALA A 33 9.75 3.77 -10.69
C ALA A 33 9.87 2.27 -10.92
N THR A 34 8.99 1.52 -10.27
CA THR A 34 9.01 0.05 -10.40
C THR A 34 8.89 -0.36 -11.87
N GLY A 35 8.29 0.51 -12.67
CA GLY A 35 8.12 0.23 -14.09
C GLY A 35 6.70 -0.25 -14.37
N GLU A 36 5.74 0.64 -14.15
CA GLU A 36 4.34 0.31 -14.37
C GLU A 36 3.79 1.09 -15.58
N THR A 37 4.61 1.99 -16.10
CA THR A 37 4.20 2.81 -17.24
C THR A 37 2.74 3.21 -17.12
N ILE A 38 2.51 4.34 -16.46
CA ILE A 38 1.15 4.84 -16.28
C ILE A 38 1.15 6.37 -16.20
N THR A 39 1.23 6.90 -14.99
CA THR A 39 1.23 8.35 -14.79
C THR A 39 1.01 8.69 -13.32
N GLU A 40 0.81 9.97 -13.04
CA GLU A 40 0.59 10.41 -11.66
C GLU A 40 -0.89 10.34 -11.30
N ASP A 41 -1.65 9.59 -12.10
CA ASP A 41 -3.08 9.45 -11.85
C ASP A 41 -3.36 8.27 -10.95
N ASP A 42 -3.09 7.06 -11.46
CA ASP A 42 -3.32 5.84 -10.70
C ASP A 42 -2.94 6.04 -9.23
N ILE A 43 -1.88 6.81 -9.02
CA ILE A 43 -1.42 7.07 -7.65
C ILE A 43 -2.49 7.78 -6.84
N GLU A 44 -2.64 9.08 -7.08
CA GLU A 44 -3.63 9.88 -6.36
C GLU A 44 -5.02 9.24 -6.47
N GLU A 45 -5.31 8.72 -7.65
CA GLU A 45 -6.62 8.08 -7.88
C GLU A 45 -6.83 6.93 -6.91
N LEU A 46 -5.95 5.94 -6.99
CA LEU A 46 -6.03 4.77 -6.12
C LEU A 46 -5.85 5.17 -4.66
N MET A 47 -5.13 6.27 -4.45
CA MET A 47 -4.86 6.76 -3.09
C MET A 47 -6.17 6.93 -2.33
N LYS A 48 -6.94 7.95 -2.72
CA LYS A 48 -8.22 8.23 -2.06
C LYS A 48 -9.10 6.99 -2.04
N ASP A 49 -8.94 6.13 -3.05
CA ASP A 49 -9.73 4.91 -3.13
C ASP A 49 -9.19 3.86 -2.16
N GLY A 50 -7.91 3.99 -1.83
CA GLY A 50 -7.26 3.05 -0.91
C GLY A 50 -6.74 3.79 0.32
N ASP A 51 -7.54 4.72 0.82
CA ASP A 51 -7.16 5.50 1.99
C ASP A 51 -8.40 6.04 2.70
N LYS A 52 -9.10 5.16 3.40
CA LYS A 52 -10.31 5.55 4.12
C LYS A 52 -9.99 6.63 5.14
N ASN A 53 -8.76 6.61 5.64
CA ASN A 53 -8.32 7.59 6.63
C ASN A 53 -8.44 9.01 6.07
N ASN A 54 -8.55 9.11 4.76
CA ASN A 54 -8.68 10.41 4.11
C ASN A 54 -7.62 11.37 4.65
N ASP A 55 -6.42 10.85 4.88
CA ASP A 55 -5.33 11.67 5.41
C ASP A 55 -4.15 11.68 4.44
N GLY A 56 -4.28 10.95 3.34
CA GLY A 56 -3.22 10.89 2.33
C GLY A 56 -2.15 9.89 2.75
N ARG A 57 -2.61 8.70 3.18
CA ARG A 57 -1.69 7.66 3.60
C ARG A 57 -2.44 6.36 3.85
N ILE A 58 -1.69 5.32 4.22
CA ILE A 58 -2.30 4.01 4.48
C ILE A 58 -1.93 3.52 5.88
N ASP A 59 -2.85 2.77 6.48
CA ASP A 59 -2.61 2.23 7.82
C ASP A 59 -2.62 0.71 7.79
N TYR A 60 -2.06 0.10 8.83
CA TYR A 60 -2.00 -1.36 8.91
C TYR A 60 -3.36 -1.97 8.57
N ASP A 61 -4.38 -1.55 9.31
CA ASP A 61 -5.73 -2.08 9.09
C ASP A 61 -6.17 -1.81 7.65
N GLU A 62 -6.18 -0.55 7.25
CA GLU A 62 -6.58 -0.19 5.90
C GLU A 62 -5.81 -1.03 4.89
N PHE A 63 -4.52 -1.19 5.15
CA PHE A 63 -3.66 -1.98 4.27
C PHE A 63 -4.17 -3.42 4.21
N LEU A 64 -4.70 -3.89 5.34
CA LEU A 64 -5.21 -5.25 5.41
C LEU A 64 -6.35 -5.45 4.40
N GLU A 65 -7.48 -4.81 4.67
CA GLU A 65 -8.64 -4.93 3.79
C GLU A 65 -8.23 -4.81 2.32
N PHE A 66 -7.76 -3.61 1.96
CA PHE A 66 -7.34 -3.38 0.59
C PHE A 66 -6.27 -4.39 0.17
N MET A 67 -5.10 -4.29 0.80
CA MET A 67 -4.00 -5.20 0.49
C MET A 67 -4.25 -6.55 1.14
N LYS A 68 -5.31 -7.23 0.71
CA LYS A 68 -5.64 -8.53 1.27
C LYS A 68 -4.81 -9.63 0.61
N GLY A 69 -3.49 -9.47 0.67
CA GLY A 69 -2.59 -10.45 0.08
C GLY A 69 -2.52 -10.30 -1.43
N VAL A 70 -1.99 -9.16 -1.88
CA VAL A 70 -1.86 -8.90 -3.31
C VAL A 70 -0.39 -8.80 -3.71
N GLU A 71 0.40 -9.71 -3.16
CA GLU A 71 1.84 -9.73 -3.45
C GLU A 71 2.50 -8.44 -2.99
CA CA B . 5.68 4.17 4.72
CA CA C . -5.46 5.63 5.11
S1 EMD D . -3.65 1.92 -1.12
C2 EMD D . -4.02 3.45 -1.98
O2 EMD D . -4.87 4.22 -1.55
N3 EMD D . -3.47 3.66 -3.17
N4 EMD D . -2.60 2.80 -3.81
C5 EMD D . -2.03 1.70 -3.44
C6 EMD D . -2.23 1.23 -1.99
C7 EMD D . -0.98 1.55 -1.16
C8 EMD D . -1.53 0.70 -4.55
C9 EMD D . -1.12 -0.59 -4.19
C10 EMD D . -0.68 -1.49 -5.18
C11 EMD D . -0.65 -1.07 -6.53
C12 EMD D . -1.07 0.22 -6.89
C13 EMD D . -1.51 1.11 -5.89
N14 EMD D . -0.17 -2.05 -7.60
C15 EMD D . -0.10 -3.53 -7.24
C16 EMD D . -0.60 -3.93 -5.87
C17 EMD D . -0.23 -2.90 -4.77
C18 EMD D . 0.22 -1.65 -8.87
O18 EMD D . 0.19 -0.48 -9.21
C19 EMD D . 0.70 -2.67 -9.91
C20 EMD D . 0.02 -2.81 -11.13
C21 EMD D . 0.44 -3.76 -12.06
O21 EMD D . -0.26 -3.85 -13.27
C22 EMD D . 1.53 -4.58 -11.79
O22 EMD D . 1.98 -5.54 -12.69
C23 EMD D . 2.21 -4.45 -10.56
C24 EMD D . 1.80 -3.51 -9.62
C25 EMD D . -1.33 -2.94 -13.66
C26 EMD D . 3.23 -6.26 -12.55
H3 EMD D . -3.81 4.51 -3.65
H6 EMD D . -2.34 0.16 -2.00
H71 EMD D . -0.53 0.63 -0.82
H72 EMD D . -1.25 2.15 -0.31
H73 EMD D . -0.28 2.10 -1.78
H9 EMD D . -1.14 -0.90 -3.16
H12 EMD D . -1.05 0.54 -7.92
H13 EMD D . -1.82 2.10 -6.17
H151 EMD D . 0.93 -3.85 -7.32
H152 EMD D . -0.68 -4.09 -7.96
H161 EMD D . -0.21 -4.90 -5.60
H162 EMD D . -1.67 -4.05 -5.90
H171 EMD D . 0.86 -2.90 -4.59
H172 EMD D . -0.70 -3.18 -3.80
H20 EMD D . -0.82 -2.17 -11.35
H23 EMD D . 3.06 -5.09 -10.36
H24 EMD D . 2.32 -3.42 -8.69
H251 EMD D . -1.96 -2.72 -12.82
H252 EMD D . -1.93 -3.39 -14.44
H253 EMD D . -0.91 -2.01 -14.03
H261 EMD D . 3.04 -7.25 -12.15
H262 EMD D . 3.90 -5.74 -11.89
H263 EMD D . 3.71 -6.37 -13.52
N GLY A 1 -5.49 -19.56 0.94
CA GLY A 1 -4.44 -18.76 0.31
C GLY A 1 -3.24 -18.62 1.24
N LYS A 2 -3.38 -17.76 2.26
CA LYS A 2 -2.29 -17.54 3.20
C LYS A 2 -2.85 -17.24 4.59
N SER A 3 -1.97 -16.81 5.49
CA SER A 3 -2.38 -16.48 6.85
C SER A 3 -1.65 -15.24 7.35
N GLU A 4 -2.06 -14.75 8.51
CA GLU A 4 -1.44 -13.56 9.09
C GLU A 4 0.08 -13.64 8.95
N GLU A 5 0.61 -14.84 9.19
CA GLU A 5 2.06 -15.03 9.08
C GLU A 5 2.57 -14.49 7.76
N GLU A 6 1.76 -14.64 6.72
CA GLU A 6 2.13 -14.16 5.39
C GLU A 6 1.87 -12.66 5.29
N LEU A 7 0.72 -12.24 5.80
CA LEU A 7 0.36 -10.82 5.76
C LEU A 7 1.49 -9.98 6.33
N SER A 8 1.98 -10.38 7.49
CA SER A 8 3.07 -9.66 8.13
C SER A 8 4.17 -9.35 7.11
N ASP A 9 4.43 -10.34 6.25
CA ASP A 9 5.45 -10.17 5.21
C ASP A 9 4.94 -9.22 4.14
N LEU A 10 3.62 -9.17 3.98
CA LEU A 10 3.01 -8.29 2.99
C LEU A 10 2.99 -6.85 3.50
N PHE A 11 2.43 -6.69 4.69
CA PHE A 11 2.34 -5.36 5.31
C PHE A 11 3.75 -4.80 5.53
N ARG A 12 4.72 -5.71 5.59
CA ARG A 12 6.11 -5.32 5.80
C ARG A 12 6.73 -4.85 4.49
N MET A 13 6.82 -5.78 3.53
CA MET A 13 7.40 -5.45 2.23
C MET A 13 6.90 -4.10 1.75
N PHE A 14 5.64 -3.81 2.08
CA PHE A 14 5.05 -2.54 1.69
C PHE A 14 5.75 -1.38 2.38
N ASP A 15 6.03 -1.56 3.67
CA ASP A 15 6.72 -0.52 4.44
C ASP A 15 8.14 -0.32 3.92
N LYS A 16 8.32 0.77 3.19
CA LYS A 16 9.64 1.08 2.64
C LYS A 16 10.51 1.79 3.67
N ASN A 17 9.99 1.92 4.89
CA ASN A 17 10.72 2.58 5.96
C ASN A 17 10.54 1.83 7.28
N ALA A 18 9.98 0.62 7.19
CA ALA A 18 9.76 -0.19 8.38
C ALA A 18 9.22 0.68 9.51
N ASP A 19 7.90 0.82 9.55
CA ASP A 19 7.26 1.64 10.59
C ASP A 19 5.94 0.99 11.03
N GLY A 20 5.22 0.43 10.07
CA GLY A 20 3.94 -0.22 10.37
C GLY A 20 2.79 0.57 9.76
N TYR A 21 3.12 1.50 8.87
CA TYR A 21 2.11 2.32 8.22
C TYR A 21 2.58 2.72 6.82
N ILE A 22 1.75 2.42 5.82
CA ILE A 22 2.08 2.76 4.45
C ILE A 22 1.37 4.04 4.04
N ASP A 23 2.07 4.85 3.25
CA ASP A 23 1.51 6.11 2.78
C ASP A 23 1.53 6.16 1.26
N LEU A 24 1.57 7.37 0.71
CA LEU A 24 1.60 7.54 -0.74
C LEU A 24 3.02 7.41 -1.27
N GLU A 25 3.93 8.19 -0.68
CA GLU A 25 5.33 8.17 -1.10
C GLU A 25 5.84 6.73 -1.18
N GLU A 26 5.36 5.88 -0.26
CA GLU A 26 5.79 4.49 -0.22
C GLU A 26 4.98 3.64 -1.19
N LEU A 27 3.79 4.14 -1.54
CA LEU A 27 2.92 3.42 -2.46
C LEU A 27 3.50 3.42 -3.87
N LYS A 28 3.99 4.58 -4.29
CA LYS A 28 4.57 4.72 -5.62
C LYS A 28 5.71 3.72 -5.83
N ILE A 29 6.28 3.26 -4.71
CA ILE A 29 7.38 2.31 -4.79
C ILE A 29 6.88 0.94 -5.26
N MET A 30 5.83 0.46 -4.61
CA MET A 30 5.26 -0.84 -4.96
C MET A 30 4.76 -0.84 -6.40
N LEU A 31 4.44 0.35 -6.91
CA LEU A 31 3.95 0.47 -8.27
C LEU A 31 5.10 0.73 -9.24
N GLN A 32 5.81 1.83 -9.02
CA GLN A 32 6.94 2.19 -9.87
C GLN A 32 7.96 1.05 -9.92
N ALA A 33 7.91 0.18 -8.91
CA ALA A 33 8.83 -0.95 -8.85
C ALA A 33 8.25 -2.16 -9.57
N THR A 34 6.96 -2.08 -9.88
CA THR A 34 6.28 -3.18 -10.57
C THR A 34 6.10 -2.84 -12.05
N GLY A 35 7.22 -2.61 -12.73
CA GLY A 35 7.17 -2.27 -14.15
C GLY A 35 6.73 -0.82 -14.36
N GLU A 36 6.49 -0.12 -13.25
CA GLU A 36 6.07 1.28 -13.33
C GLU A 36 5.09 1.46 -14.48
N THR A 37 4.27 0.45 -14.71
CA THR A 37 3.27 0.51 -15.79
C THR A 37 1.93 0.97 -15.24
N ILE A 38 1.97 1.95 -14.34
CA ILE A 38 0.75 2.47 -13.74
C ILE A 38 0.72 4.00 -13.83
N THR A 39 -0.47 4.54 -14.03
CA THR A 39 -0.63 5.99 -14.13
C THR A 39 -0.92 6.60 -12.77
N GLU A 40 -1.21 7.90 -12.75
CA GLU A 40 -1.51 8.59 -11.50
C GLU A 40 -2.95 8.32 -11.06
N ASP A 41 -3.64 7.46 -11.81
CA ASP A 41 -5.03 7.13 -11.49
C ASP A 41 -5.09 5.99 -10.48
N ASP A 42 -3.99 5.25 -10.37
CA ASP A 42 -3.93 4.13 -9.44
C ASP A 42 -3.07 4.48 -8.23
N ILE A 43 -2.64 5.73 -8.16
CA ILE A 43 -1.81 6.19 -7.05
C ILE A 43 -2.67 6.68 -5.89
N GLU A 44 -3.42 7.75 -6.14
CA GLU A 44 -4.29 8.32 -5.11
C GLU A 44 -5.58 7.49 -4.98
N GLU A 45 -6.20 7.20 -6.12
CA GLU A 45 -7.43 6.41 -6.12
C GLU A 45 -7.23 5.10 -5.35
N LEU A 46 -6.21 4.35 -5.75
CA LEU A 46 -5.91 3.08 -5.09
C LEU A 46 -5.58 3.30 -3.63
N MET A 47 -4.84 4.37 -3.35
CA MET A 47 -4.45 4.69 -1.98
C MET A 47 -5.68 4.81 -1.08
N LYS A 48 -6.46 5.87 -1.31
CA LYS A 48 -7.66 6.10 -0.53
C LYS A 48 -8.69 5.00 -0.77
N ASP A 49 -8.42 4.17 -1.78
CA ASP A 49 -9.34 3.08 -2.10
C ASP A 49 -9.72 2.33 -0.83
N GLY A 50 -8.83 2.39 0.16
CA GLY A 50 -9.08 1.73 1.44
C GLY A 50 -9.28 2.75 2.55
N ASP A 51 -8.17 3.11 3.20
CA ASP A 51 -8.22 4.10 4.28
C ASP A 51 -9.52 4.00 5.05
N LYS A 52 -9.90 2.78 5.41
CA LYS A 52 -11.14 2.55 6.15
C LYS A 52 -11.32 3.61 7.24
N ASN A 53 -10.20 4.13 7.73
CA ASN A 53 -10.25 5.15 8.78
C ASN A 53 -10.23 6.55 8.18
N ASN A 54 -9.64 6.67 7.00
CA ASN A 54 -9.56 7.97 6.32
C ASN A 54 -8.65 8.91 7.10
N ASP A 55 -7.40 8.50 7.28
CA ASP A 55 -6.43 9.32 8.01
C ASP A 55 -5.30 9.76 7.09
N GLY A 56 -5.12 9.04 6.00
CA GLY A 56 -4.07 9.37 5.05
C GLY A 56 -3.21 8.15 4.72
N ARG A 57 -2.74 7.49 5.78
CA ARG A 57 -1.90 6.30 5.60
C ARG A 57 -2.70 5.04 5.88
N ILE A 58 -1.98 3.92 5.97
CA ILE A 58 -2.61 2.63 6.26
C ILE A 58 -2.10 2.08 7.59
N ASP A 59 -2.97 1.38 8.31
CA ASP A 59 -2.59 0.81 9.59
C ASP A 59 -2.67 -0.71 9.56
N TYR A 60 -2.01 -1.35 10.52
CA TYR A 60 -2.01 -2.81 10.60
C TYR A 60 -3.44 -3.34 10.51
N ASP A 61 -4.39 -2.50 10.88
CA ASP A 61 -5.80 -2.88 10.83
C ASP A 61 -6.31 -2.90 9.40
N GLU A 62 -6.38 -1.72 8.78
CA GLU A 62 -6.85 -1.60 7.42
C GLU A 62 -6.09 -2.58 6.51
N PHE A 63 -4.77 -2.44 6.48
CA PHE A 63 -3.94 -3.32 5.66
C PHE A 63 -4.36 -4.77 5.84
N LEU A 64 -4.76 -5.11 7.07
CA LEU A 64 -5.18 -6.47 7.38
C LEU A 64 -6.52 -6.77 6.74
N GLU A 65 -7.35 -5.74 6.62
CA GLU A 65 -8.67 -5.91 6.02
C GLU A 65 -8.61 -5.72 4.50
N PHE A 66 -7.80 -4.75 4.08
CA PHE A 66 -7.65 -4.48 2.65
C PHE A 66 -6.71 -5.51 2.01
N MET A 67 -5.60 -5.80 2.68
CA MET A 67 -4.64 -6.77 2.17
C MET A 67 -4.75 -8.08 2.94
N LYS A 68 -5.82 -8.82 2.69
CA LYS A 68 -6.03 -10.10 3.37
C LYS A 68 -5.19 -11.19 2.72
N GLY A 69 -3.89 -10.94 2.60
CA GLY A 69 -2.99 -11.92 2.02
C GLY A 69 -3.23 -12.02 0.51
N VAL A 70 -2.92 -10.95 -0.21
CA VAL A 70 -3.09 -10.93 -1.66
C VAL A 70 -1.77 -11.17 -2.36
N GLU A 71 -1.83 -11.88 -3.49
CA GLU A 71 -0.63 -12.16 -4.26
C GLU A 71 0.29 -13.11 -3.48
CA CA B . 5.36 3.01 5.58
CA CA C . -6.36 4.78 7.31
S1 EMD D . -3.91 0.24 1.72
C2 EMD D . -5.27 1.09 0.96
O2 EMD D . -6.09 1.70 1.65
N3 EMD D . -5.39 1.08 -0.36
N4 EMD D . -4.50 0.46 -1.23
C5 EMD D . -3.37 -0.14 -1.05
C6 EMD D . -2.76 -0.11 0.37
C7 EMD D . -1.64 0.93 0.43
C8 EMD D . -2.76 -1.01 -2.19
C9 EMD D . -2.55 -2.39 -1.98
C10 EMD D . -2.01 -3.19 -3.00
C11 EMD D . -1.68 -2.59 -4.24
C12 EMD D . -1.90 -1.22 -4.45
C13 EMD D . -2.44 -0.43 -3.43
N14 EMD D . -1.07 -3.46 -5.34
C15 EMD D . -1.22 -4.97 -5.22
C16 EMD D . -2.02 -5.50 -4.03
C17 EMD D . -1.78 -4.68 -2.74
C18 EMD D . -0.40 -2.95 -6.44
O18 EMD D . -0.26 -1.74 -6.60
C19 EMD D . 0.18 -3.87 -7.51
C20 EMD D . -0.16 -3.67 -8.86
C21 EMD D . 0.50 -4.41 -9.86
O21 EMD D . 0.12 -4.19 -11.19
C22 EMD D . 1.46 -5.33 -9.52
O22 EMD D . 2.14 -6.10 -10.47
C23 EMD D . 1.81 -5.54 -8.17
C24 EMD D . 1.16 -4.80 -7.17
C25 EMD D . -1.24 -4.23 -11.68
C26 EMD D . 2.75 -7.39 -10.21
H3 EMD D . -6.26 1.51 -0.71
H6 EMD D . -2.32 -1.08 0.55
H71 EMD D . -1.15 1.00 -0.53
H72 EMD D . -0.90 0.62 1.16
H73 EMD D . -2.04 1.89 0.71
H9 EMD D . -2.80 -2.84 -1.03
H12 EMD D . -1.64 -0.77 -5.40
H13 EMD D . -2.60 0.62 -3.59
H151 EMD D . -0.23 -5.41 -5.15
H152 EMD D . -1.69 -5.36 -6.11
H161 EMD D . -1.77 -6.54 -3.86
H162 EMD D . -3.07 -5.49 -4.28
H171 EMD D . -0.75 -4.84 -2.36
H172 EMD D . -2.46 -5.03 -1.94
H20 EMD D . -0.91 -2.96 -9.13
H23 EMD D . 2.56 -6.26 -7.91
H24 EMD D . 1.43 -4.96 -6.13
H251 EMD D . -1.34 -5.02 -12.42
H252 EMD D . -1.50 -3.29 -12.15
H253 EMD D . -1.92 -4.42 -10.88
H261 EMD D . 2.29 -8.16 -10.81
H262 EMD D . 2.64 -7.65 -9.17
H263 EMD D . 3.81 -7.36 -10.45
N GLY A 1 -2.22 -19.17 -0.90
CA GLY A 1 -1.24 -20.15 -0.44
C GLY A 1 -0.59 -19.69 0.86
N LYS A 2 -0.16 -18.43 0.88
CA LYS A 2 0.48 -17.87 2.06
C LYS A 2 -0.58 -17.36 3.04
N SER A 3 -0.12 -17.04 4.25
CA SER A 3 -1.04 -16.53 5.29
C SER A 3 -0.67 -15.10 5.66
N GLU A 4 -1.44 -14.54 6.59
CA GLU A 4 -1.20 -13.16 7.03
C GLU A 4 0.18 -13.06 7.70
N GLU A 5 0.71 -14.21 8.11
CA GLU A 5 2.01 -14.25 8.77
C GLU A 5 3.07 -13.59 7.88
N GLU A 6 3.00 -13.88 6.59
CA GLU A 6 3.95 -13.31 5.64
C GLU A 6 3.59 -11.86 5.34
N LEU A 7 2.30 -11.60 5.22
CA LEU A 7 1.81 -10.26 4.94
C LEU A 7 2.69 -9.22 5.64
N SER A 8 2.97 -9.45 6.92
CA SER A 8 3.81 -8.53 7.68
C SER A 8 4.96 -8.03 6.82
N ASP A 9 5.58 -8.95 6.08
CA ASP A 9 6.68 -8.58 5.21
C ASP A 9 6.21 -7.58 4.16
N LEU A 10 5.12 -7.94 3.48
CA LEU A 10 4.55 -7.08 2.44
C LEU A 10 4.51 -5.64 2.93
N PHE A 11 3.71 -5.40 3.97
CA PHE A 11 3.58 -4.05 4.52
C PHE A 11 4.96 -3.43 4.72
N ARG A 12 5.91 -4.25 5.13
CA ARG A 12 7.27 -3.77 5.34
C ARG A 12 7.98 -3.63 4.01
N MET A 13 7.54 -4.42 3.05
CA MET A 13 8.10 -4.40 1.71
C MET A 13 7.70 -3.11 1.00
N PHE A 14 6.65 -2.49 1.50
CA PHE A 14 6.13 -1.25 0.93
C PHE A 14 6.73 -0.05 1.67
N ASP A 15 6.77 -0.15 2.99
CA ASP A 15 7.32 0.93 3.81
C ASP A 15 8.83 1.03 3.62
N LYS A 16 9.26 2.10 2.97
CA LYS A 16 10.69 2.31 2.74
C LYS A 16 11.16 3.54 3.49
N ASN A 17 10.33 4.00 4.42
CA ASN A 17 10.66 5.18 5.22
C ASN A 17 10.76 4.81 6.69
N ALA A 18 10.21 3.65 7.04
CA ALA A 18 10.25 3.18 8.43
C ALA A 18 9.31 4.02 9.30
N ASP A 19 8.09 4.21 8.82
CA ASP A 19 7.10 5.00 9.56
C ASP A 19 5.89 4.14 9.91
N GLY A 20 5.75 3.02 9.21
CA GLY A 20 4.63 2.10 9.46
C GLY A 20 3.33 2.64 8.86
N TYR A 21 3.45 3.77 8.15
CA TYR A 21 2.27 4.37 7.52
C TYR A 21 2.57 4.71 6.07
N ILE A 22 2.28 3.76 5.18
CA ILE A 22 2.52 3.99 3.76
C ILE A 22 1.73 5.21 3.29
N ASP A 23 2.39 6.02 2.49
CA ASP A 23 1.75 7.22 1.95
C ASP A 23 1.84 7.22 0.43
N LEU A 24 1.51 8.36 -0.17
CA LEU A 24 1.56 8.48 -1.62
C LEU A 24 3.01 8.58 -2.09
N GLU A 25 3.88 8.99 -1.19
CA GLU A 25 5.30 9.13 -1.52
C GLU A 25 5.90 7.78 -1.85
N GLU A 26 5.40 6.73 -1.19
CA GLU A 26 5.89 5.39 -1.42
C GLU A 26 5.05 4.68 -2.49
N LEU A 27 3.81 5.11 -2.63
CA LEU A 27 2.92 4.51 -3.62
C LEU A 27 3.35 4.89 -5.03
N LYS A 28 3.48 6.20 -5.27
CA LYS A 28 3.90 6.67 -6.58
C LYS A 28 5.05 5.82 -7.11
N ILE A 29 5.92 5.41 -6.21
CA ILE A 29 7.07 4.59 -6.59
C ILE A 29 6.64 3.17 -6.92
N MET A 30 5.75 2.62 -6.10
CA MET A 30 5.26 1.27 -6.31
C MET A 30 4.25 1.22 -7.46
N LEU A 31 3.97 2.39 -8.03
CA LEU A 31 3.02 2.48 -9.14
C LEU A 31 3.73 2.95 -10.39
N GLN A 32 4.11 4.22 -10.40
CA GLN A 32 4.81 4.81 -11.55
C GLN A 32 6.32 4.70 -11.39
N ALA A 33 6.78 3.49 -11.09
CA ALA A 33 8.22 3.25 -10.92
C ALA A 33 8.53 1.77 -10.92
N THR A 34 7.62 0.99 -10.31
CA THR A 34 7.80 -0.45 -10.24
C THR A 34 6.95 -1.13 -11.31
N GLY A 35 6.64 -0.38 -12.36
CA GLY A 35 5.82 -0.91 -13.45
C GLY A 35 5.13 0.23 -14.20
N GLU A 36 4.79 1.27 -13.46
CA GLU A 36 4.13 2.44 -14.04
C GLU A 36 3.15 2.02 -15.12
N THR A 37 2.52 0.86 -14.90
CA THR A 37 1.53 0.35 -15.86
C THR A 37 0.13 0.67 -15.36
N ILE A 38 0.01 1.76 -14.61
CA ILE A 38 -1.28 2.17 -14.08
C ILE A 38 -1.67 3.55 -14.59
N THR A 39 -1.34 4.59 -13.81
CA THR A 39 -1.66 5.96 -14.21
C THR A 39 -1.53 6.90 -13.03
N GLU A 40 -1.68 8.19 -13.29
CA GLU A 40 -1.58 9.20 -12.24
C GLU A 40 -2.87 9.25 -11.43
N ASP A 41 -3.99 8.96 -12.09
CA ASP A 41 -5.28 8.96 -11.40
C ASP A 41 -5.28 7.95 -10.27
N ASP A 42 -4.77 6.75 -10.56
CA ASP A 42 -4.72 5.69 -9.55
C ASP A 42 -3.95 6.19 -8.32
N ILE A 43 -2.99 7.07 -8.55
CA ILE A 43 -2.19 7.62 -7.46
C ILE A 43 -3.10 8.27 -6.42
N GLU A 44 -3.91 9.22 -6.88
CA GLU A 44 -4.81 9.94 -5.98
C GLU A 44 -6.05 9.10 -5.68
N GLU A 45 -6.42 8.23 -6.63
CA GLU A 45 -7.60 7.39 -6.44
C GLU A 45 -7.28 6.21 -5.52
N LEU A 46 -6.29 5.41 -5.90
CA LEU A 46 -5.89 4.26 -5.10
C LEU A 46 -5.83 4.64 -3.63
N MET A 47 -5.04 5.67 -3.33
CA MET A 47 -4.89 6.12 -1.95
C MET A 47 -6.25 6.23 -1.27
N LYS A 48 -7.11 7.08 -1.82
CA LYS A 48 -8.45 7.27 -1.27
C LYS A 48 -9.09 5.92 -0.96
N ASP A 49 -9.35 5.14 -2.00
CA ASP A 49 -9.97 3.83 -1.83
C ASP A 49 -9.19 2.99 -0.82
N GLY A 50 -7.86 3.07 -0.89
CA GLY A 50 -7.01 2.31 0.02
C GLY A 50 -6.87 3.02 1.36
N ASP A 51 -7.51 4.17 1.48
CA ASP A 51 -7.44 4.95 2.72
C ASP A 51 -8.84 5.19 3.29
N LYS A 52 -9.56 4.10 3.53
CA LYS A 52 -10.90 4.21 4.07
C LYS A 52 -10.91 5.06 5.34
N ASN A 53 -9.86 4.89 6.15
CA ASN A 53 -9.74 5.64 7.40
C ASN A 53 -9.93 7.12 7.14
N ASN A 54 -9.23 7.64 6.12
CA ASN A 54 -9.33 9.05 5.78
C ASN A 54 -8.43 9.89 6.67
N ASP A 55 -7.13 9.59 6.64
CA ASP A 55 -6.17 10.32 7.45
C ASP A 55 -5.13 11.00 6.58
N GLY A 56 -4.92 10.45 5.38
CA GLY A 56 -3.95 11.01 4.45
C GLY A 56 -2.79 10.03 4.22
N ARG A 57 -2.99 8.79 4.65
CA ARG A 57 -1.96 7.76 4.51
C ARG A 57 -2.59 6.37 4.58
N ILE A 58 -1.75 5.35 4.73
CA ILE A 58 -2.25 3.98 4.80
C ILE A 58 -1.92 3.38 6.17
N ASP A 59 -2.84 2.55 6.66
CA ASP A 59 -2.66 1.91 7.95
C ASP A 59 -2.58 0.39 7.79
N TYR A 60 -2.47 -0.31 8.92
CA TYR A 60 -2.38 -1.77 8.89
C TYR A 60 -3.73 -2.37 8.55
N ASP A 61 -4.78 -1.82 9.16
CA ASP A 61 -6.14 -2.31 8.91
C ASP A 61 -6.48 -2.21 7.43
N GLU A 62 -6.20 -1.05 6.85
CA GLU A 62 -6.47 -0.84 5.44
C GLU A 62 -5.57 -1.71 4.57
N PHE A 63 -4.33 -1.88 5.03
CA PHE A 63 -3.37 -2.70 4.30
C PHE A 63 -3.69 -4.17 4.45
N LEU A 64 -4.23 -4.52 5.62
CA LEU A 64 -4.58 -5.91 5.90
C LEU A 64 -5.80 -6.33 5.07
N GLU A 65 -6.50 -5.34 4.53
CA GLU A 65 -7.69 -5.62 3.72
C GLU A 65 -7.32 -5.66 2.23
N PHE A 66 -7.20 -4.47 1.64
CA PHE A 66 -6.85 -4.37 0.22
C PHE A 66 -5.68 -5.30 -0.11
N MET A 67 -4.74 -5.39 0.83
CA MET A 67 -3.57 -6.26 0.62
C MET A 67 -3.67 -7.49 1.51
N LYS A 68 -4.67 -8.32 1.25
CA LYS A 68 -4.86 -9.54 2.03
C LYS A 68 -3.92 -10.63 1.56
N GLY A 69 -2.61 -10.38 1.71
CA GLY A 69 -1.61 -11.35 1.30
C GLY A 69 -1.56 -11.46 -0.22
N VAL A 70 -1.18 -10.38 -0.87
CA VAL A 70 -1.10 -10.36 -2.34
C VAL A 70 0.35 -10.28 -2.79
N GLU A 71 0.77 -11.23 -3.62
CA GLU A 71 2.13 -11.25 -4.12
C GLU A 71 2.37 -10.07 -5.06
CA CA B . 5.11 4.41 5.12
CA CA C . -5.65 5.42 5.93
S1 EMD D . -3.17 -0.25 1.07
C2 EMD D . -4.82 0.05 0.48
O2 EMD D . -5.72 0.36 1.27
N3 EMD D . -5.06 0.02 -0.83
N4 EMD D . -4.11 -0.22 -1.79
C5 EMD D . -2.83 -0.36 -1.74
C6 EMD D . -2.11 -0.14 -0.39
C7 EMD D . -1.45 1.23 -0.39
C8 EMD D . -2.06 -0.84 -3.02
C9 EMD D . -0.86 -1.58 -2.88
C10 EMD D . -0.16 -2.02 -4.02
C11 EMD D . -0.67 -1.69 -5.30
C12 EMD D . -1.86 -0.97 -5.44
C13 EMD D . -2.55 -0.55 -4.30
N14 EMD D . 0.10 -2.17 -6.52
C15 EMD D . 1.15 -3.27 -6.35
C16 EMD D . 1.29 -3.86 -4.97
C17 EMD D . 1.14 -2.81 -3.84
C18 EMD D . -0.10 -1.64 -7.80
O18 EMD D . -0.93 -0.75 -8.01
C19 EMD D . 0.69 -2.15 -9.01
C20 EMD D . 0.02 -2.68 -10.11
C21 EMD D . 0.74 -3.28 -11.15
O21 EMD D . 0.02 -3.80 -12.23
C22 EMD D . 2.13 -3.34 -11.10
O22 EMD D . 2.90 -3.93 -12.11
C23 EMD D . 2.81 -2.81 -9.99
C24 EMD D . 2.09 -2.20 -8.94
C25 EMD D . -1.42 -3.69 -12.38
C26 EMD D . 4.28 -4.32 -11.97
H3 EMD D . -6.06 0.11 -1.07
H6 EMD D . -1.35 -0.89 -0.31
H71 EMD D . -1.18 1.52 -1.39
H72 EMD D . -0.55 1.19 0.21
H73 EMD D . -2.13 1.97 0.03
H9 EMD D . -0.49 -1.80 -1.90
H12 EMD D . -2.25 -0.73 -6.41
H13 EMD D . -3.47 0.01 -4.40
H151 EMD D . 2.11 -2.86 -6.62
H152 EMD D . 0.92 -4.08 -7.03
H161 EMD D . 2.24 -4.35 -4.88
H162 EMD D . 0.56 -4.64 -4.84
H171 EMD D . 2.00 -2.12 -3.84
H172 EMD D . 1.15 -3.30 -2.85
H20 EMD D . -1.06 -2.63 -10.17
H23 EMD D . 3.89 -2.86 -9.94
H24 EMD D . 2.62 -1.80 -8.10
H251 EMD D . -1.73 -2.67 -12.22
H252 EMD D . -1.91 -4.32 -11.66
H253 EMD D . -1.71 -3.99 -13.37
H261 EMD D . 4.59 -4.27 -10.94
H262 EMD D . 4.91 -3.65 -12.54
H263 EMD D . 4.43 -5.33 -12.32
N GLY A 1 -5.78 -18.16 2.60
CA GLY A 1 -6.33 -17.07 3.41
C GLY A 1 -5.25 -16.03 3.71
N LYS A 2 -4.07 -16.51 4.07
CA LYS A 2 -2.96 -15.61 4.39
C LYS A 2 -3.36 -14.64 5.50
N SER A 3 -3.22 -15.10 6.74
CA SER A 3 -3.57 -14.27 7.89
C SER A 3 -2.59 -13.10 8.02
N GLU A 4 -2.68 -12.40 9.15
CA GLU A 4 -1.80 -11.26 9.39
C GLU A 4 -0.34 -11.70 9.35
N GLU A 5 -0.07 -12.89 9.87
CA GLU A 5 1.29 -13.43 9.89
C GLU A 5 1.98 -13.17 8.54
N GLU A 6 1.20 -13.22 7.47
CA GLU A 6 1.75 -13.00 6.13
C GLU A 6 1.70 -11.53 5.77
N LEU A 7 0.53 -10.91 5.96
CA LEU A 7 0.36 -9.50 5.65
C LEU A 7 1.52 -8.68 6.18
N SER A 8 2.06 -9.11 7.33
CA SER A 8 3.18 -8.42 7.94
C SER A 8 4.27 -8.14 6.91
N ASP A 9 4.53 -9.14 6.07
CA ASP A 9 5.55 -8.99 5.03
C ASP A 9 5.04 -8.10 3.90
N LEU A 10 3.74 -8.12 3.67
CA LEU A 10 3.14 -7.30 2.61
C LEU A 10 3.39 -5.82 2.89
N PHE A 11 3.26 -5.45 4.17
CA PHE A 11 3.46 -4.06 4.57
C PHE A 11 4.92 -3.66 4.39
N ARG A 12 5.82 -4.63 4.56
CA ARG A 12 7.25 -4.37 4.41
C ARG A 12 7.58 -4.11 2.93
N MET A 13 7.32 -5.12 2.11
CA MET A 13 7.59 -5.00 0.68
C MET A 13 7.08 -3.66 0.16
N PHE A 14 5.97 -3.21 0.74
CA PHE A 14 5.36 -1.95 0.34
C PHE A 14 6.12 -0.77 0.94
N ASP A 15 6.22 -0.76 2.27
CA ASP A 15 6.92 0.31 2.96
C ASP A 15 8.37 0.39 2.48
N LYS A 16 8.67 1.47 1.76
CA LYS A 16 10.02 1.66 1.24
C LYS A 16 10.70 2.84 1.92
N ASN A 17 10.21 3.19 3.10
CA ASN A 17 10.77 4.31 3.86
C ASN A 17 11.34 3.81 5.18
N ALA A 18 10.79 2.71 5.68
CA ALA A 18 11.23 2.13 6.95
C ALA A 18 10.67 2.93 8.12
N ASP A 19 9.40 3.30 8.01
CA ASP A 19 8.74 4.06 9.07
C ASP A 19 7.52 3.30 9.60
N GLY A 20 6.91 2.52 8.73
CA GLY A 20 5.73 1.74 9.11
C GLY A 20 4.48 2.25 8.41
N TYR A 21 4.68 3.24 7.53
CA TYR A 21 3.55 3.81 6.79
C TYR A 21 3.93 4.00 5.32
N ILE A 22 2.98 3.70 4.44
CA ILE A 22 3.21 3.84 3.01
C ILE A 22 2.67 5.18 2.50
N ASP A 23 3.36 5.76 1.52
CA ASP A 23 2.94 7.03 0.96
C ASP A 23 2.83 6.93 -0.56
N LEU A 24 2.37 8.01 -1.19
CA LEU A 24 2.22 8.04 -2.64
C LEU A 24 3.57 7.79 -3.31
N GLU A 25 4.57 8.56 -2.90
CA GLU A 25 5.91 8.41 -3.48
C GLU A 25 6.32 6.95 -3.47
N GLU A 26 6.31 6.35 -2.27
CA GLU A 26 6.69 4.94 -2.14
C GLU A 26 5.69 4.07 -2.89
N LEU A 27 4.46 4.56 -3.01
CA LEU A 27 3.42 3.81 -3.71
C LEU A 27 3.78 3.66 -5.18
N LYS A 28 4.03 4.79 -5.84
CA LYS A 28 4.39 4.78 -7.25
C LYS A 28 5.48 3.75 -7.50
N ILE A 29 6.29 3.51 -6.48
CA ILE A 29 7.39 2.54 -6.59
C ILE A 29 6.85 1.19 -7.05
N MET A 30 6.04 0.57 -6.20
CA MET A 30 5.46 -0.73 -6.54
C MET A 30 4.95 -0.74 -7.97
N LEU A 31 4.49 0.42 -8.42
CA LEU A 31 3.97 0.54 -9.78
C LEU A 31 5.11 0.70 -10.78
N GLN A 32 6.08 1.53 -10.41
CA GLN A 32 7.24 1.75 -11.27
C GLN A 32 8.05 0.47 -11.41
N ALA A 33 7.74 -0.52 -10.58
CA ALA A 33 8.44 -1.79 -10.62
C ALA A 33 7.70 -2.78 -11.50
N THR A 34 6.39 -2.56 -11.67
CA THR A 34 5.58 -3.45 -12.49
C THR A 34 5.33 -2.83 -13.86
N GLY A 35 6.40 -2.63 -14.61
CA GLY A 35 6.30 -2.05 -15.94
C GLY A 35 5.91 -0.58 -15.88
N GLU A 36 5.86 -0.05 -14.66
CA GLU A 36 5.50 1.35 -14.46
C GLU A 36 4.39 1.74 -15.43
N THR A 37 3.14 1.48 -15.02
CA THR A 37 2.00 1.82 -15.86
C THR A 37 1.03 2.72 -15.11
N ILE A 38 1.58 3.72 -14.43
CA ILE A 38 0.76 4.65 -13.66
C ILE A 38 1.37 6.05 -13.71
N THR A 39 0.55 7.05 -13.42
CA THR A 39 1.03 8.44 -13.43
C THR A 39 0.14 9.32 -12.55
N GLU A 40 0.26 9.15 -11.25
CA GLU A 40 -0.53 9.94 -10.30
C GLU A 40 -2.02 9.75 -10.57
N ASP A 41 -2.37 8.68 -11.28
CA ASP A 41 -3.76 8.41 -11.60
C ASP A 41 -4.23 7.14 -10.90
N ASP A 42 -3.31 6.21 -10.70
CA ASP A 42 -3.63 4.95 -10.05
C ASP A 42 -3.21 4.97 -8.58
N ILE A 43 -2.36 5.95 -8.24
CA ILE A 43 -1.88 6.08 -6.87
C ILE A 43 -2.91 6.80 -6.00
N GLU A 44 -3.18 8.05 -6.33
CA GLU A 44 -4.15 8.84 -5.58
C GLU A 44 -5.56 8.25 -5.75
N GLU A 45 -5.72 7.47 -6.82
CA GLU A 45 -7.02 6.86 -7.09
C GLU A 45 -7.23 5.65 -6.18
N LEU A 46 -6.27 4.73 -6.19
CA LEU A 46 -6.36 3.53 -5.35
C LEU A 46 -6.26 3.91 -3.88
N MET A 47 -5.27 4.74 -3.56
CA MET A 47 -5.08 5.18 -2.18
C MET A 47 -6.34 5.84 -1.65
N LYS A 48 -7.04 6.54 -2.54
CA LYS A 48 -8.27 7.22 -2.15
C LYS A 48 -9.14 6.29 -1.31
N ASP A 49 -9.61 5.21 -1.94
CA ASP A 49 -10.45 4.24 -1.25
C ASP A 49 -9.67 3.57 -0.12
N GLY A 50 -8.34 3.48 -0.30
CA GLY A 50 -7.49 2.87 0.70
C GLY A 50 -7.14 3.85 1.81
N ASP A 51 -7.63 5.08 1.67
CA ASP A 51 -7.35 6.11 2.68
C ASP A 51 -8.61 6.38 3.51
N LYS A 52 -9.21 5.30 4.02
CA LYS A 52 -10.42 5.44 4.83
C LYS A 52 -10.14 6.26 6.08
N ASN A 53 -9.03 5.94 6.76
CA ASN A 53 -8.66 6.65 7.97
C ASN A 53 -8.67 8.15 7.72
N ASN A 54 -8.31 8.54 6.49
CA ASN A 54 -8.29 9.95 6.12
C ASN A 54 -7.11 10.67 6.77
N ASP A 55 -5.92 10.12 6.58
CA ASP A 55 -4.72 10.73 7.14
C ASP A 55 -3.72 11.09 6.05
N GLY A 56 -3.89 10.49 4.88
CA GLY A 56 -2.99 10.75 3.76
C GLY A 56 -2.04 9.59 3.53
N ARG A 57 -1.89 8.74 4.54
CA ARG A 57 -1.00 7.59 4.43
C ARG A 57 -1.77 6.29 4.69
N ILE A 58 -1.03 5.19 4.74
CA ILE A 58 -1.64 3.88 4.98
C ILE A 58 -1.11 3.29 6.29
N ASP A 59 -2.01 2.62 7.02
CA ASP A 59 -1.63 2.01 8.29
C ASP A 59 -1.99 0.53 8.30
N TYR A 60 -1.58 -0.17 9.36
CA TYR A 60 -1.86 -1.60 9.46
C TYR A 60 -3.36 -1.86 9.29
N ASP A 61 -4.16 -0.92 9.79
CA ASP A 61 -5.62 -1.06 9.69
C ASP A 61 -6.05 -1.09 8.22
N GLU A 62 -5.75 0.00 7.51
CA GLU A 62 -6.11 0.10 6.10
C GLU A 62 -5.35 -0.96 5.29
N PHE A 63 -4.10 -1.17 5.66
CA PHE A 63 -3.26 -2.15 4.98
C PHE A 63 -3.79 -3.57 5.23
N LEU A 64 -4.28 -3.80 6.44
CA LEU A 64 -4.82 -5.11 6.80
C LEU A 64 -6.19 -5.32 6.17
N GLU A 65 -6.95 -4.23 6.06
CA GLU A 65 -8.28 -4.32 5.47
C GLU A 65 -8.21 -4.26 3.95
N PHE A 66 -7.24 -3.49 3.46
CA PHE A 66 -7.06 -3.35 2.01
C PHE A 66 -6.27 -4.53 1.47
N MET A 67 -5.33 -5.01 2.28
CA MET A 67 -4.50 -6.14 1.87
C MET A 67 -5.02 -7.43 2.51
N LYS A 68 -6.22 -7.83 2.12
CA LYS A 68 -6.83 -9.05 2.66
C LYS A 68 -6.13 -10.28 2.09
N GLY A 69 -4.82 -10.36 2.31
CA GLY A 69 -4.05 -11.50 1.82
C GLY A 69 -3.68 -11.33 0.35
N VAL A 70 -2.97 -10.24 0.06
CA VAL A 70 -2.55 -9.98 -1.32
C VAL A 70 -1.91 -11.21 -1.93
N GLU A 71 -2.46 -11.66 -3.06
CA GLU A 71 -1.92 -12.83 -3.74
C GLU A 71 -1.25 -12.43 -5.06
CA CA B . 7.03 5.16 4.37
CA CA C . -4.81 5.42 4.21
S1 EMD D . -2.98 0.09 1.10
C2 EMD D . -4.49 0.83 0.54
O2 EMD D . -5.31 1.28 1.33
N3 EMD D . -4.72 0.89 -0.77
N4 EMD D . -3.85 0.45 -1.75
C5 EMD D . -2.66 -0.03 -1.71
C6 EMD D . -1.92 -0.02 -0.35
C7 EMD D . -0.92 1.12 -0.30
C8 EMD D . -2.11 -0.86 -2.93
C9 EMD D . -1.80 -2.21 -2.75
C10 EMD D . -1.33 -2.98 -3.84
C11 EMD D . -1.15 -2.35 -5.10
C12 EMD D . -1.47 -0.99 -5.26
C13 EMD D . -1.94 -0.25 -4.18
N14 EMD D . -0.62 -3.19 -6.25
C15 EMD D . -0.66 -4.71 -6.14
C16 EMD D . -1.30 -5.28 -4.89
C17 EMD D . -0.99 -4.46 -3.62
C18 EMD D . -0.10 -2.62 -7.42
O18 EMD D . -0.04 -1.40 -7.57
C19 EMD D . 0.42 -3.51 -8.56
C20 EMD D . -0.16 -3.39 -9.84
C21 EMD D . 0.15 -4.34 -10.83
O21 EMD D . -0.45 -4.19 -12.08
C22 EMD D . 1.04 -5.37 -10.56
O22 EMD D . 1.37 -6.33 -11.52
C23 EMD D . 1.62 -5.48 -9.28
C24 EMD D . 1.31 -4.55 -8.29
C25 EMD D . -0.75 -2.91 -12.70
C26 EMD D . 2.61 -7.08 -11.52
H3 EMD D . -5.66 1.24 -1.02
H6 EMD D . -1.37 -0.96 -0.28
H71 EMD D . -0.22 0.97 0.51
H72 EMD D . -1.45 2.06 -0.14
H73 EMD D . -0.37 1.18 -1.23
H9 EMD D . -1.93 -2.68 -1.79
H12 EMD D . -1.34 -0.52 -6.22
H13 EMD D . -2.18 0.79 -4.31
H151 EMD D . 0.34 -5.08 -6.18
H152 EMD D . -1.20 -5.11 -6.99
H161 EMD D . -0.99 -6.30 -4.76
H162 EMD D . -2.37 -5.33 -5.03
H171 EMD D . 0.09 -4.57 -3.35
H172 EMD D . -1.55 -4.85 -2.76
H20 EMD D . -0.85 -2.59 -10.05
H23 EMD D . 2.30 -6.29 -9.08
H24 EMD D . 1.76 -4.64 -7.31
H251 EMD D . -0.80 -2.13 -11.96
H252 EMD D . -1.69 -2.96 -13.22
H253 EMD D . 0.02 -2.66 -13.42
H261 EMD D . 2.45 -8.07 -11.93
H262 EMD D . 2.99 -7.19 -10.52
H263 EMD D . 3.35 -6.58 -12.13
N GLY A 1 -3.52 -19.60 -1.05
CA GLY A 1 -4.18 -19.01 0.11
C GLY A 1 -3.16 -18.49 1.11
N LYS A 2 -3.34 -17.24 1.55
CA LYS A 2 -2.42 -16.63 2.51
C LYS A 2 -3.02 -16.70 3.92
N SER A 3 -2.36 -16.00 4.85
CA SER A 3 -2.82 -15.99 6.23
C SER A 3 -2.38 -14.70 6.93
N GLU A 4 -2.99 -14.43 8.08
CA GLU A 4 -2.65 -13.24 8.85
C GLU A 4 -1.15 -13.12 9.04
N GLU A 5 -0.49 -14.27 9.19
CA GLU A 5 0.96 -14.29 9.38
C GLU A 5 1.66 -13.53 8.26
N GLU A 6 1.25 -13.81 7.03
CA GLU A 6 1.85 -13.16 5.87
C GLU A 6 1.59 -11.65 5.89
N LEU A 7 0.33 -11.29 6.15
CA LEU A 7 -0.04 -9.87 6.19
C LEU A 7 1.05 -9.06 6.87
N SER A 8 1.36 -9.42 8.11
CA SER A 8 2.41 -8.72 8.86
C SER A 8 3.59 -8.41 7.95
N ASP A 9 3.95 -9.40 7.12
CA ASP A 9 5.07 -9.23 6.20
C ASP A 9 4.70 -8.22 5.11
N LEU A 10 3.54 -8.44 4.49
CA LEU A 10 3.06 -7.55 3.43
C LEU A 10 3.31 -6.10 3.83
N PHE A 11 2.81 -5.72 5.00
CA PHE A 11 2.97 -4.35 5.48
C PHE A 11 4.43 -3.92 5.35
N ARG A 12 5.31 -4.63 6.03
CA ARG A 12 6.73 -4.32 5.98
C ARG A 12 7.24 -4.49 4.56
N MET A 13 6.56 -5.38 3.82
CA MET A 13 6.92 -5.65 2.44
C MET A 13 6.59 -4.44 1.58
N PHE A 14 5.57 -3.70 1.98
CA PHE A 14 5.15 -2.50 1.26
C PHE A 14 5.87 -1.28 1.81
N ASP A 15 5.79 -1.10 3.11
CA ASP A 15 6.43 0.05 3.76
C ASP A 15 7.94 -0.16 3.81
N LYS A 16 8.62 0.40 2.81
CA LYS A 16 10.09 0.29 2.74
C LYS A 16 10.74 1.54 3.29
N ASN A 17 10.06 2.17 4.26
CA ASN A 17 10.57 3.38 4.88
C ASN A 17 10.85 3.16 6.36
N ALA A 18 10.25 2.09 6.90
CA ALA A 18 10.44 1.76 8.31
C ALA A 18 9.67 2.73 9.20
N ASP A 19 8.42 2.98 8.84
CA ASP A 19 7.58 3.90 9.62
C ASP A 19 6.31 3.19 10.09
N GLY A 20 5.86 2.22 9.30
CA GLY A 20 4.65 1.48 9.65
C GLY A 20 3.43 2.11 9.01
N TYR A 21 3.66 2.95 8.00
CA TYR A 21 2.57 3.62 7.31
C TYR A 21 2.96 3.93 5.86
N ILE A 22 2.48 3.10 4.94
CA ILE A 22 2.80 3.29 3.53
C ILE A 22 2.41 4.70 3.10
N ASP A 23 3.26 5.31 2.29
CA ASP A 23 3.01 6.67 1.80
C ASP A 23 3.08 6.70 0.28
N LEU A 24 2.33 7.63 -0.31
CA LEU A 24 2.31 7.77 -1.76
C LEU A 24 3.72 7.64 -2.33
N GLU A 25 4.67 8.31 -1.67
CA GLU A 25 6.07 8.26 -2.12
C GLU A 25 6.51 6.82 -2.27
N GLU A 26 6.07 5.98 -1.34
CA GLU A 26 6.42 4.56 -1.39
C GLU A 26 5.57 3.84 -2.43
N LEU A 27 4.38 4.37 -2.66
CA LEU A 27 3.47 3.79 -3.65
C LEU A 27 4.11 3.83 -5.03
N LYS A 28 4.23 5.03 -5.58
CA LYS A 28 4.83 5.20 -6.90
C LYS A 28 6.01 4.24 -7.07
N ILE A 29 6.92 4.27 -6.11
CA ILE A 29 8.09 3.40 -6.16
C ILE A 29 7.67 1.96 -6.45
N MET A 30 6.57 1.55 -5.83
CA MET A 30 6.07 0.19 -6.03
C MET A 30 5.52 0.03 -7.45
N LEU A 31 5.03 1.13 -8.00
CA LEU A 31 4.48 1.12 -9.36
C LEU A 31 5.59 1.33 -10.38
N GLN A 32 6.39 2.37 -10.18
CA GLN A 32 7.49 2.67 -11.09
C GLN A 32 8.38 1.44 -11.25
N ALA A 33 8.58 0.73 -10.14
CA ALA A 33 9.41 -0.47 -10.15
C ALA A 33 8.80 -1.53 -11.06
N THR A 34 7.48 -1.48 -11.21
CA THR A 34 6.77 -2.44 -12.06
C THR A 34 6.57 -1.86 -13.45
N GLY A 35 7.68 -1.65 -14.16
CA GLY A 35 7.61 -1.10 -15.51
C GLY A 35 6.90 0.24 -15.52
N GLU A 36 6.78 0.84 -14.34
CA GLU A 36 6.11 2.13 -14.22
C GLU A 36 4.93 2.22 -15.15
N THR A 37 4.27 1.07 -15.36
CA THR A 37 3.11 1.02 -16.25
C THR A 37 1.87 1.54 -15.54
N ILE A 38 1.95 2.78 -15.04
CA ILE A 38 0.82 3.37 -14.33
C ILE A 38 0.87 4.89 -14.44
N THR A 39 -0.31 5.51 -14.41
CA THR A 39 -0.39 6.97 -14.49
C THR A 39 -1.15 7.51 -13.29
N GLU A 40 -1.51 8.80 -13.36
CA GLU A 40 -2.24 9.43 -12.27
C GLU A 40 -3.65 8.85 -12.16
N ASP A 41 -3.73 7.55 -11.93
CA ASP A 41 -5.02 6.88 -11.81
C ASP A 41 -4.99 5.85 -10.69
N ASP A 42 -4.00 4.96 -10.75
CA ASP A 42 -3.86 3.92 -9.73
C ASP A 42 -3.06 4.44 -8.53
N ILE A 43 -2.58 5.67 -8.64
CA ILE A 43 -1.79 6.27 -7.57
C ILE A 43 -2.70 6.97 -6.57
N GLU A 44 -3.60 7.82 -7.09
CA GLU A 44 -4.52 8.57 -6.23
C GLU A 44 -5.68 7.68 -5.78
N GLU A 45 -6.32 7.03 -6.74
CA GLU A 45 -7.46 6.17 -6.44
C GLU A 45 -7.02 4.94 -5.65
N LEU A 46 -6.27 4.05 -6.29
CA LEU A 46 -5.79 2.84 -5.65
C LEU A 46 -5.31 3.13 -4.23
N MET A 47 -4.79 4.34 -4.03
CA MET A 47 -4.29 4.72 -2.71
C MET A 47 -5.40 5.36 -1.88
N LYS A 48 -5.87 6.53 -2.34
CA LYS A 48 -6.92 7.25 -1.64
C LYS A 48 -8.13 6.35 -1.40
N ASP A 49 -8.20 5.26 -2.16
CA ASP A 49 -9.32 4.32 -2.02
C ASP A 49 -9.11 3.41 -0.81
N GLY A 50 -7.96 3.58 -0.14
CA GLY A 50 -7.66 2.76 1.03
C GLY A 50 -7.19 3.63 2.18
N ASP A 51 -7.70 4.85 2.24
CA ASP A 51 -7.34 5.78 3.30
C ASP A 51 -8.54 6.13 4.16
N LYS A 52 -9.21 5.10 4.67
CA LYS A 52 -10.39 5.30 5.51
C LYS A 52 -10.07 6.31 6.61
N ASN A 53 -8.91 6.16 7.21
CA ASN A 53 -8.49 7.06 8.28
C ASN A 53 -8.31 8.48 7.74
N ASN A 54 -8.33 8.60 6.41
CA ASN A 54 -8.16 9.90 5.76
C ASN A 54 -7.06 10.71 6.44
N ASP A 55 -5.87 10.13 6.49
CA ASP A 55 -4.73 10.81 7.11
C ASP A 55 -3.62 11.05 6.07
N GLY A 56 -3.67 10.30 4.98
CA GLY A 56 -2.67 10.43 3.93
C GLY A 56 -1.66 9.29 3.99
N ARG A 57 -2.16 8.09 4.28
CA ARG A 57 -1.30 6.91 4.37
C ARG A 57 -2.12 5.66 4.65
N ILE A 58 -1.43 4.56 4.92
CA ILE A 58 -2.12 3.30 5.20
C ILE A 58 -1.80 2.82 6.61
N ASP A 59 -2.79 2.22 7.26
CA ASP A 59 -2.61 1.71 8.61
C ASP A 59 -2.92 0.22 8.67
N TYR A 60 -2.32 -0.47 9.64
CA TYR A 60 -2.53 -1.91 9.79
C TYR A 60 -3.99 -2.27 9.50
N ASP A 61 -4.89 -1.67 10.26
CA ASP A 61 -6.33 -1.92 10.08
C ASP A 61 -6.69 -1.86 8.59
N GLU A 62 -6.56 -0.66 8.02
CA GLU A 62 -6.88 -0.47 6.60
C GLU A 62 -6.16 -1.52 5.77
N PHE A 63 -4.84 -1.63 5.99
CA PHE A 63 -4.04 -2.60 5.26
C PHE A 63 -4.62 -4.00 5.42
N LEU A 64 -5.27 -4.22 6.56
CA LEU A 64 -5.87 -5.52 6.85
C LEU A 64 -6.97 -5.84 5.85
N GLU A 65 -7.90 -4.91 5.70
CA GLU A 65 -9.02 -5.10 4.77
C GLU A 65 -8.55 -4.97 3.32
N PHE A 66 -8.00 -3.81 3.00
CA PHE A 66 -7.52 -3.55 1.64
C PHE A 66 -6.55 -4.64 1.19
N MET A 67 -5.62 -4.98 2.07
CA MET A 67 -4.63 -6.01 1.75
C MET A 67 -4.76 -7.19 2.70
N LYS A 68 -5.84 -7.96 2.52
CA LYS A 68 -6.08 -9.12 3.37
C LYS A 68 -5.18 -10.28 2.95
N GLY A 69 -3.90 -10.18 3.29
CA GLY A 69 -2.93 -11.22 2.94
C GLY A 69 -3.06 -11.59 1.46
N VAL A 70 -2.73 -10.63 0.60
CA VAL A 70 -2.81 -10.87 -0.84
C VAL A 70 -1.49 -10.50 -1.51
N GLU A 71 -1.13 -11.26 -2.55
CA GLU A 71 0.11 -11.00 -3.27
C GLU A 71 -0.12 -9.98 -4.38
CA CA B . 6.31 4.55 5.04
CA CA C . -5.07 5.37 6.75
S1 EMD D . -2.96 -0.43 1.10
C2 EMD D . -4.45 0.34 0.50
O2 EMD D . -5.25 0.83 1.29
N3 EMD D . -4.66 0.42 -0.81
N4 EMD D . -3.78 -0.02 -1.78
C5 EMD D . -2.59 -0.51 -1.72
C6 EMD D . -1.88 -0.53 -0.35
C7 EMD D . -0.87 0.60 -0.25
C8 EMD D . -1.97 -1.21 -2.97
C9 EMD D . -1.62 -2.57 -2.90
C10 EMD D . -1.07 -3.22 -4.02
C11 EMD D . -0.87 -2.48 -5.21
C12 EMD D . -1.22 -1.13 -5.27
C13 EMD D . -1.78 -0.49 -4.16
N14 EMD D . -0.26 -3.19 -6.41
C15 EMD D . -0.25 -4.72 -6.43
C16 EMD D . -0.92 -5.42 -5.26
C17 EMD D . -0.68 -4.70 -3.91
C18 EMD D . 0.30 -2.52 -7.49
O18 EMD D . 0.32 -1.30 -7.54
C19 EMD D . 0.90 -3.28 -8.67
C20 EMD D . 0.15 -3.44 -9.84
C21 EMD D . 0.54 -4.39 -10.81
O21 EMD D . -0.25 -4.52 -11.95
C22 EMD D . 1.68 -5.15 -10.60
O22 EMD D . 2.11 -6.10 -11.53
C23 EMD D . 2.45 -4.98 -9.44
C24 EMD D . 2.06 -4.05 -8.48
C25 EMD D . -0.59 -3.44 -12.85
C26 EMD D . 3.20 -7.04 -11.30
H3 EMD D . -5.60 0.78 -1.07
H6 EMD D . -1.34 -1.47 -0.28
H71 EMD D . -0.59 0.92 -1.25
H72 EMD D . 0.01 0.26 0.26
H73 EMD D . -1.30 1.43 0.28
H9 EMD D . -1.77 -3.12 -1.98
H12 EMD D . -1.07 -0.58 -6.19
H13 EMD D . -2.05 0.55 -4.22
H151 EMD D . 0.78 -5.05 -6.45
H152 EMD D . -0.73 -5.06 -7.32
H161 EMD D . -0.57 -6.44 -5.20
H162 EMD D . -1.97 -5.49 -5.45
H171 EMD D . 0.38 -4.79 -3.61
H172 EMD D . -1.27 -5.19 -3.11
H20 EMD D . -0.74 -2.86 -10.00
H23 EMD D . 3.34 -5.58 -9.30
H24 EMD D . 2.66 -3.93 -7.59
H251 EMD D . 0.28 -3.12 -13.40
H252 EMD D . -0.97 -2.60 -12.29
H253 EMD D . -1.34 -3.75 -13.55
H261 EMD D . 3.25 -7.28 -10.25
H262 EMD D . 4.14 -6.61 -11.61
H263 EMD D . 3.03 -7.95 -11.86
N GLY A 1 -4.54 -18.16 0.13
CA GLY A 1 -4.72 -17.91 1.55
C GLY A 1 -3.38 -17.71 2.24
N LYS A 2 -3.07 -16.45 2.56
CA LYS A 2 -1.81 -16.14 3.22
C LYS A 2 -2.06 -15.64 4.64
N SER A 3 -1.01 -15.64 5.45
CA SER A 3 -1.13 -15.18 6.83
C SER A 3 -0.31 -13.93 7.06
N GLU A 4 -0.52 -13.28 8.20
CA GLU A 4 0.21 -12.07 8.52
C GLU A 4 1.70 -12.25 8.25
N GLU A 5 2.18 -13.48 8.43
CA GLU A 5 3.59 -13.79 8.19
C GLU A 5 4.03 -13.22 6.84
N GLU A 6 3.15 -13.35 5.85
CA GLU A 6 3.45 -12.85 4.51
C GLU A 6 3.11 -11.36 4.41
N LEU A 7 1.85 -11.04 4.67
CA LEU A 7 1.39 -9.65 4.60
C LEU A 7 2.37 -8.75 5.34
N SER A 8 2.83 -9.21 6.50
CA SER A 8 3.78 -8.44 7.30
C SER A 8 4.87 -7.86 6.40
N ASP A 9 5.23 -8.62 5.38
CA ASP A 9 6.26 -8.17 4.45
C ASP A 9 5.68 -7.13 3.48
N LEU A 10 4.51 -7.44 2.94
CA LEU A 10 3.84 -6.53 2.00
C LEU A 10 3.91 -5.11 2.53
N PHE A 11 3.51 -4.94 3.80
CA PHE A 11 3.52 -3.61 4.42
C PHE A 11 4.89 -2.95 4.26
N ARG A 12 5.94 -3.69 4.64
CA ARG A 12 7.30 -3.16 4.51
C ARG A 12 7.70 -3.10 3.05
N MET A 13 7.47 -4.20 2.35
CA MET A 13 7.79 -4.27 0.92
C MET A 13 7.36 -2.98 0.24
N PHE A 14 6.30 -2.37 0.77
CA PHE A 14 5.79 -1.12 0.23
C PHE A 14 6.42 0.06 0.96
N ASP A 15 6.44 -0.03 2.28
CA ASP A 15 7.03 1.02 3.11
C ASP A 15 8.55 0.89 3.12
N LYS A 16 9.22 1.89 2.54
CA LYS A 16 10.69 1.87 2.49
C LYS A 16 11.25 3.21 2.95
N ASN A 17 10.54 3.87 3.85
CA ASN A 17 11.00 5.15 4.38
C ASN A 17 11.26 5.06 5.88
N ALA A 18 10.81 3.96 6.48
CA ALA A 18 11.01 3.74 7.91
C ALA A 18 10.16 4.70 8.73
N ASP A 19 8.85 4.68 8.48
CA ASP A 19 7.94 5.56 9.21
C ASP A 19 6.81 4.75 9.84
N GLY A 20 6.44 3.64 9.19
CA GLY A 20 5.37 2.79 9.70
C GLY A 20 4.04 3.15 9.07
N TYR A 21 4.10 3.93 7.98
CA TYR A 21 2.88 4.34 7.29
C TYR A 21 3.20 4.71 5.83
N ILE A 22 2.74 3.87 4.90
CA ILE A 22 2.98 4.13 3.49
C ILE A 22 2.38 5.48 3.10
N ASP A 23 3.02 6.15 2.15
CA ASP A 23 2.53 7.46 1.70
C ASP A 23 2.51 7.54 0.18
N LEU A 24 1.71 8.48 -0.33
CA LEU A 24 1.58 8.66 -1.77
C LEU A 24 2.96 8.78 -2.41
N GLU A 25 3.93 9.26 -1.64
CA GLU A 25 5.29 9.41 -2.14
C GLU A 25 5.86 8.08 -2.58
N GLU A 26 5.65 7.06 -1.75
CA GLU A 26 6.15 5.72 -2.05
C GLU A 26 5.27 5.04 -3.10
N LEU A 27 4.00 5.45 -3.15
CA LEU A 27 3.06 4.88 -4.11
C LEU A 27 3.57 5.08 -5.53
N LYS A 28 3.63 6.34 -5.97
CA LYS A 28 4.10 6.65 -7.31
C LYS A 28 5.35 5.82 -7.63
N ILE A 29 6.26 5.75 -6.67
CA ILE A 29 7.49 4.99 -6.85
C ILE A 29 7.18 3.54 -7.21
N MET A 30 6.18 2.98 -6.55
CA MET A 30 5.78 1.59 -6.81
C MET A 30 5.31 1.44 -8.25
N LEU A 31 4.46 2.36 -8.69
CA LEU A 31 3.94 2.32 -10.05
C LEU A 31 5.07 2.40 -11.06
N GLN A 32 5.79 3.53 -11.03
CA GLN A 32 6.91 3.72 -11.95
C GLN A 32 7.86 2.53 -11.88
N ALA A 33 7.96 1.94 -10.69
CA ALA A 33 8.83 0.80 -10.47
C ALA A 33 8.20 -0.45 -11.08
N THR A 34 6.99 -0.77 -10.65
CA THR A 34 6.29 -1.95 -11.15
C THR A 34 6.38 -2.01 -12.67
N GLY A 35 5.53 -1.23 -13.32
CA GLY A 35 5.52 -1.18 -14.79
C GLY A 35 5.30 0.24 -15.29
N GLU A 36 5.43 1.21 -14.37
CA GLU A 36 5.25 2.60 -14.74
C GLU A 36 4.10 2.75 -15.74
N THR A 37 4.07 3.88 -16.44
CA THR A 37 3.03 4.13 -17.42
C THR A 37 1.65 3.92 -16.77
N ILE A 38 1.38 4.70 -15.73
CA ILE A 38 0.12 4.59 -15.02
C ILE A 38 -0.59 5.95 -14.97
N THR A 39 -1.92 5.92 -15.09
CA THR A 39 -2.71 7.15 -15.06
C THR A 39 -2.92 7.60 -13.62
N GLU A 40 -3.27 8.88 -13.46
CA GLU A 40 -3.51 9.43 -12.13
C GLU A 40 -4.71 8.75 -11.48
N ASP A 41 -5.54 8.11 -12.31
CA ASP A 41 -6.72 7.42 -11.82
C ASP A 41 -6.34 6.19 -11.01
N ASP A 42 -5.05 5.88 -11.00
CA ASP A 42 -4.56 4.72 -10.25
C ASP A 42 -3.71 5.16 -9.08
N ILE A 43 -3.21 6.39 -9.15
CA ILE A 43 -2.38 6.93 -8.09
C ILE A 43 -3.24 7.59 -7.02
N GLU A 44 -4.01 8.60 -7.44
CA GLU A 44 -4.88 9.31 -6.51
C GLU A 44 -6.05 8.42 -6.10
N GLU A 45 -6.65 7.75 -7.07
CA GLU A 45 -7.78 6.88 -6.81
C GLU A 45 -7.39 5.78 -5.82
N LEU A 46 -6.52 4.88 -6.28
CA LEU A 46 -6.06 3.79 -5.43
C LEU A 46 -5.54 4.33 -4.10
N MET A 47 -5.05 5.57 -4.13
CA MET A 47 -4.53 6.20 -2.92
C MET A 47 -5.67 6.59 -1.99
N LYS A 48 -6.80 6.97 -2.58
CA LYS A 48 -7.97 7.38 -1.80
C LYS A 48 -8.71 6.13 -1.31
N ASP A 49 -8.96 5.20 -2.22
CA ASP A 49 -9.65 3.97 -1.87
C ASP A 49 -8.91 3.22 -0.76
N GLY A 50 -7.65 3.59 -0.57
CA GLY A 50 -6.83 2.95 0.46
C GLY A 50 -6.67 3.85 1.67
N ASP A 51 -7.63 4.73 1.88
CA ASP A 51 -7.59 5.66 3.02
C ASP A 51 -8.98 5.82 3.62
N LYS A 52 -9.57 4.70 4.02
CA LYS A 52 -10.90 4.73 4.63
C LYS A 52 -11.04 5.93 5.55
N ASN A 53 -10.10 6.04 6.50
CA ASN A 53 -10.14 7.16 7.45
C ASN A 53 -9.82 8.47 6.73
N ASN A 54 -8.96 8.39 5.73
CA ASN A 54 -8.58 9.57 4.97
C ASN A 54 -7.82 10.56 5.86
N ASP A 55 -6.61 10.17 6.27
CA ASP A 55 -5.80 11.01 7.12
C ASP A 55 -4.52 11.43 6.40
N GLY A 56 -4.10 10.61 5.43
CA GLY A 56 -2.91 10.90 4.66
C GLY A 56 -1.86 9.80 4.83
N ARG A 57 -2.31 8.56 4.75
CA ARG A 57 -1.39 7.42 4.89
C ARG A 57 -2.19 6.12 5.02
N ILE A 58 -1.46 5.02 5.15
CA ILE A 58 -2.08 3.70 5.29
C ILE A 58 -1.69 3.07 6.62
N ASP A 59 -2.61 2.29 7.19
CA ASP A 59 -2.35 1.64 8.47
C ASP A 59 -2.53 0.13 8.35
N TYR A 60 -1.78 -0.61 9.17
CA TYR A 60 -1.86 -2.07 9.15
C TYR A 60 -3.32 -2.53 9.07
N ASP A 61 -4.22 -1.74 9.66
CA ASP A 61 -5.64 -2.08 9.64
C ASP A 61 -6.21 -1.89 8.24
N GLU A 62 -5.97 -0.71 7.67
CA GLU A 62 -6.47 -0.41 6.33
C GLU A 62 -5.66 -1.14 5.27
N PHE A 63 -4.36 -1.25 5.52
CA PHE A 63 -3.47 -1.94 4.57
C PHE A 63 -3.84 -3.42 4.48
N LEU A 64 -4.32 -3.95 5.59
CA LEU A 64 -4.71 -5.36 5.64
C LEU A 64 -5.99 -5.59 4.84
N GLU A 65 -6.92 -4.65 4.97
CA GLU A 65 -8.19 -4.75 4.26
C GLU A 65 -7.95 -4.84 2.75
N PHE A 66 -7.47 -3.74 2.18
CA PHE A 66 -7.18 -3.70 0.75
C PHE A 66 -6.18 -4.79 0.37
N MET A 67 -5.06 -4.80 1.08
CA MET A 67 -4.03 -5.80 0.82
C MET A 67 -4.08 -6.91 1.86
N LYS A 68 -5.12 -7.74 1.76
CA LYS A 68 -5.29 -8.84 2.70
C LYS A 68 -4.51 -10.08 2.26
N GLY A 69 -3.54 -9.86 1.38
CA GLY A 69 -2.73 -10.96 0.87
C GLY A 69 -2.60 -10.90 -0.64
N VAL A 70 -1.98 -9.82 -1.12
CA VAL A 70 -1.80 -9.65 -2.56
C VAL A 70 -0.32 -9.71 -2.93
N GLU A 71 0.08 -10.81 -3.55
CA GLU A 71 1.46 -10.99 -3.95
C GLU A 71 1.66 -10.57 -5.41
CA CA B . 5.70 5.29 3.69
CA CA C . -4.86 5.05 6.49
S1 EMD D . -2.58 -0.02 0.67
C2 EMD D . -4.20 0.61 0.27
O2 EMD D . -5.08 0.66 1.13
N3 EMD D . -4.49 0.87 -1.01
N4 EMD D . -3.62 0.71 -2.07
C5 EMD D . -2.38 0.39 -2.14
C6 EMD D . -1.59 0.24 -0.82
C7 EMD D . -0.72 1.48 -0.59
C8 EMD D . -1.83 -0.23 -3.48
C9 EMD D . -1.35 -1.54 -3.49
C10 EMD D . -0.86 -2.11 -4.69
C11 EMD D . -0.87 -1.34 -5.87
C12 EMD D . -1.36 -0.02 -5.85
C13 EMD D . -1.84 0.53 -4.65
N14 EMD D . -0.34 -1.96 -7.15
C15 EMD D . -0.19 -3.47 -7.22
C16 EMD D . -0.65 -4.26 -6.01
C17 EMD D . -0.33 -3.55 -4.68
C18 EMD D . 0.02 -1.21 -8.27
O18 EMD D . -0.08 0.02 -8.28
C19 EMD D . 0.55 -1.88 -9.54
C20 EMD D . -0.28 -1.94 -10.68
C21 EMD D . 0.06 -2.79 -11.74
O21 EMD D . -0.79 -2.82 -12.86
C22 EMD D . 1.20 -3.57 -11.67
O22 EMD D . 1.58 -4.43 -12.71
C23 EMD D . 2.02 -3.52 -10.54
C24 EMD D . 1.70 -2.67 -9.48
C25 EMD D . -1.59 -1.69 -13.30
C26 EMD D . 2.33 -5.66 -12.52
H3 EMD D . -5.47 1.14 -1.16
H6 EMD D . -0.93 -0.61 -0.93
H71 EMD D . -1.26 2.18 0.04
H72 EMD D . -0.50 1.95 -1.53
H73 EMD D . 0.19 1.20 -0.09
H9 EMD D . -1.35 -2.13 -2.58
H12 EMD D . -1.36 0.57 -6.75
H13 EMD D . -2.20 1.54 -4.65
H151 EMD D . 0.85 -3.70 -7.38
H152 EMD D . -0.74 -3.84 -8.08
H161 EMD D . -0.21 -5.25 -6.03
H162 EMD D . -1.71 -4.43 -6.09
H171 EMD D . 0.76 -3.55 -4.49
H172 EMD D . -0.78 -4.11 -3.83
H20 EMD D . -1.16 -1.34 -10.74
H23 EMD D . 2.91 -4.13 -10.49
H24 EMD D . 2.34 -2.64 -8.61
H251 EMD D . -2.48 -1.60 -12.70
H252 EMD D . -1.88 -1.82 -14.34
H253 EMD D . -1.02 -0.77 -13.22
H261 EMD D . 3.07 -5.76 -13.30
H262 EMD D . 1.68 -6.51 -12.55
H263 EMD D . 2.84 -5.64 -11.56
N GLY A 1 -0.92 -21.17 2.11
CA GLY A 1 -1.38 -19.84 1.74
C GLY A 1 -0.60 -18.77 2.49
N LYS A 2 -1.14 -17.55 2.49
CA LYS A 2 -0.50 -16.44 3.18
C LYS A 2 -1.49 -15.72 4.08
N SER A 3 -0.98 -15.12 5.16
CA SER A 3 -1.85 -14.41 6.10
C SER A 3 -1.01 -13.63 7.10
N GLU A 4 -1.60 -13.36 8.27
CA GLU A 4 -0.92 -12.63 9.32
C GLU A 4 0.57 -12.94 9.33
N GLU A 5 0.91 -14.18 8.98
CA GLU A 5 2.31 -14.59 8.95
C GLU A 5 3.10 -13.75 7.94
N GLU A 6 2.69 -13.84 6.68
CA GLU A 6 3.36 -13.08 5.62
C GLU A 6 2.81 -11.66 5.57
N LEU A 7 1.57 -11.50 6.01
CA LEU A 7 0.91 -10.19 6.01
C LEU A 7 1.90 -9.11 6.46
N SER A 8 2.51 -9.33 7.62
CA SER A 8 3.47 -8.37 8.15
C SER A 8 4.42 -7.89 7.04
N ASP A 9 5.00 -8.85 6.34
CA ASP A 9 5.93 -8.52 5.25
C ASP A 9 5.22 -7.68 4.20
N LEU A 10 4.00 -8.07 3.87
CA LEU A 10 3.22 -7.34 2.87
C LEU A 10 3.17 -5.86 3.21
N PHE A 11 2.92 -5.57 4.49
CA PHE A 11 2.84 -4.19 4.96
C PHE A 11 4.23 -3.56 5.00
N ARG A 12 5.23 -4.38 5.36
CA ARG A 12 6.60 -3.89 5.43
C ARG A 12 7.15 -3.62 4.04
N MET A 13 7.20 -4.68 3.22
CA MET A 13 7.69 -4.55 1.86
C MET A 13 7.14 -3.27 1.22
N PHE A 14 5.92 -2.91 1.62
CA PHE A 14 5.27 -1.71 1.10
C PHE A 14 6.00 -0.45 1.59
N ASP A 15 6.42 -0.49 2.85
CA ASP A 15 7.13 0.65 3.44
C ASP A 15 8.46 0.86 2.74
N LYS A 16 8.64 2.06 2.19
CA LYS A 16 9.88 2.38 1.49
C LYS A 16 10.76 3.30 2.33
N ASN A 17 10.23 3.75 3.47
CA ASN A 17 10.97 4.63 4.35
C ASN A 17 11.00 4.07 5.78
N ALA A 18 10.33 2.94 5.97
CA ALA A 18 10.29 2.32 7.30
C ALA A 18 9.70 3.28 8.32
N ASP A 19 8.43 3.06 8.65
CA ASP A 19 7.75 3.92 9.62
C ASP A 19 6.57 3.19 10.23
N GLY A 20 5.85 2.46 9.40
CA GLY A 20 4.68 1.71 9.87
C GLY A 20 3.42 2.19 9.17
N TYR A 21 3.60 3.01 8.14
CA TYR A 21 2.46 3.54 7.40
C TYR A 21 2.84 3.76 5.93
N ILE A 22 1.87 3.55 5.04
CA ILE A 22 2.11 3.73 3.62
C ILE A 22 1.46 5.03 3.14
N ASP A 23 2.22 5.82 2.42
CA ASP A 23 1.73 7.09 1.89
C ASP A 23 1.78 7.09 0.37
N LEU A 24 1.12 8.07 -0.23
CA LEU A 24 1.11 8.17 -1.68
C LEU A 24 2.51 7.98 -2.24
N GLU A 25 3.43 8.81 -1.77
CA GLU A 25 4.82 8.73 -2.22
C GLU A 25 5.25 7.27 -2.33
N GLU A 26 5.01 6.50 -1.28
CA GLU A 26 5.36 5.08 -1.28
C GLU A 26 4.60 4.35 -2.38
N LEU A 27 3.29 4.55 -2.42
CA LEU A 27 2.46 3.91 -3.43
C LEU A 27 3.10 4.03 -4.80
N LYS A 28 3.39 5.27 -5.19
CA LYS A 28 4.02 5.52 -6.49
C LYS A 28 5.17 4.56 -6.73
N ILE A 29 6.14 4.60 -5.82
CA ILE A 29 7.31 3.73 -5.94
C ILE A 29 6.87 2.29 -6.22
N MET A 30 5.80 1.87 -5.53
CA MET A 30 5.29 0.52 -5.72
C MET A 30 4.83 0.32 -7.17
N LEU A 31 4.61 1.44 -7.86
CA LEU A 31 4.18 1.39 -9.25
C LEU A 31 5.36 1.67 -10.18
N GLN A 32 6.07 2.75 -9.89
CA GLN A 32 7.22 3.13 -10.70
C GLN A 32 8.30 2.07 -10.62
N ALA A 33 8.18 1.17 -9.66
CA ALA A 33 9.16 0.11 -9.47
C ALA A 33 8.71 -1.17 -10.17
N THR A 34 7.40 -1.32 -10.33
CA THR A 34 6.85 -2.51 -10.98
C THR A 34 6.76 -2.29 -12.48
N GLY A 35 7.84 -1.78 -13.07
CA GLY A 35 7.89 -1.53 -14.50
C GLY A 35 7.45 -0.11 -14.84
N GLU A 36 7.10 0.65 -13.80
CA GLU A 36 6.66 2.04 -14.00
C GLU A 36 5.82 2.15 -15.26
N THR A 37 4.55 1.75 -15.15
CA THR A 37 3.64 1.81 -16.29
C THR A 37 2.28 2.34 -15.87
N ILE A 38 2.29 3.20 -14.85
CA ILE A 38 1.04 3.79 -14.35
C ILE A 38 1.22 5.29 -14.14
N THR A 39 0.15 6.04 -14.38
CA THR A 39 0.19 7.49 -14.22
C THR A 39 -0.61 7.93 -12.99
N GLU A 40 -0.71 9.24 -12.82
CA GLU A 40 -1.45 9.79 -11.68
C GLU A 40 -2.93 9.46 -11.78
N ASP A 41 -3.26 8.18 -11.60
CA ASP A 41 -4.65 7.73 -11.68
C ASP A 41 -4.86 6.53 -10.78
N ASP A 42 -4.09 5.47 -11.03
CA ASP A 42 -4.20 4.25 -10.23
C ASP A 42 -3.59 4.46 -8.85
N ILE A 43 -2.89 5.58 -8.69
CA ILE A 43 -2.26 5.89 -7.41
C ILE A 43 -3.26 6.55 -6.46
N GLU A 44 -3.65 7.78 -6.79
CA GLU A 44 -4.60 8.51 -5.96
C GLU A 44 -5.92 7.75 -5.87
N GLU A 45 -6.41 7.29 -7.01
CA GLU A 45 -7.67 6.55 -7.04
C GLU A 45 -7.58 5.29 -6.19
N LEU A 46 -6.80 4.32 -6.66
CA LEU A 46 -6.64 3.07 -5.93
C LEU A 46 -6.37 3.32 -4.45
N MET A 47 -5.43 4.23 -4.18
CA MET A 47 -5.08 4.56 -2.80
C MET A 47 -6.34 4.94 -2.01
N LYS A 48 -7.31 5.54 -2.71
CA LYS A 48 -8.55 5.95 -2.06
C LYS A 48 -9.49 4.77 -1.87
N ASP A 49 -9.01 3.58 -2.20
CA ASP A 49 -9.84 2.37 -2.05
C ASP A 49 -9.70 1.82 -0.64
N GLY A 50 -8.47 1.74 -0.15
CA GLY A 50 -8.22 1.23 1.19
C GLY A 50 -7.65 2.31 2.10
N ASP A 51 -8.32 3.48 2.09
CA ASP A 51 -7.86 4.59 2.91
C ASP A 51 -9.03 5.16 3.72
N LYS A 52 -9.82 4.27 4.31
CA LYS A 52 -10.96 4.70 5.11
C LYS A 52 -10.60 5.93 5.94
N ASN A 53 -9.39 5.95 6.46
CA ASN A 53 -8.92 7.07 7.28
C ASN A 53 -9.16 8.39 6.54
N ASN A 54 -9.02 8.35 5.22
CA ASN A 54 -9.23 9.54 4.40
C ASN A 54 -8.10 10.54 4.64
N ASP A 55 -6.86 10.07 4.50
CA ASP A 55 -5.71 10.94 4.71
C ASP A 55 -4.53 10.48 3.84
N GLY A 56 -4.87 9.85 2.71
CA GLY A 56 -3.84 9.36 1.80
C GLY A 56 -2.78 8.55 2.55
N ARG A 57 -3.23 7.54 3.28
CA ARG A 57 -2.32 6.70 4.04
C ARG A 57 -3.01 5.40 4.45
N ILE A 58 -2.20 4.38 4.73
CA ILE A 58 -2.74 3.08 5.14
C ILE A 58 -2.09 2.62 6.44
N ASP A 59 -2.87 1.95 7.27
CA ASP A 59 -2.37 1.47 8.56
C ASP A 59 -2.59 -0.05 8.67
N TYR A 60 -1.89 -0.66 9.62
CA TYR A 60 -2.00 -2.10 9.83
C TYR A 60 -3.46 -2.54 9.74
N ASP A 61 -4.36 -1.70 10.24
CA ASP A 61 -5.78 -2.00 10.22
C ASP A 61 -6.32 -1.98 8.79
N GLU A 62 -6.27 -0.80 8.17
CA GLU A 62 -6.75 -0.65 6.81
C GLU A 62 -5.99 -1.59 5.87
N PHE A 63 -4.71 -1.76 6.13
CA PHE A 63 -3.88 -2.62 5.30
C PHE A 63 -4.23 -4.09 5.54
N LEU A 64 -4.53 -4.40 6.80
CA LEU A 64 -4.88 -5.78 7.16
C LEU A 64 -6.22 -6.17 6.53
N GLU A 65 -6.98 -5.17 6.11
CA GLU A 65 -8.28 -5.42 5.48
C GLU A 65 -8.13 -5.58 3.97
N PHE A 66 -8.00 -4.45 3.28
CA PHE A 66 -7.86 -4.46 1.84
C PHE A 66 -6.76 -5.43 1.41
N MET A 67 -5.71 -5.51 2.23
CA MET A 67 -4.59 -6.41 1.93
C MET A 67 -4.69 -7.68 2.75
N LYS A 68 -5.77 -8.43 2.53
CA LYS A 68 -5.98 -9.69 3.26
C LYS A 68 -5.05 -10.77 2.71
N GLY A 69 -3.76 -10.51 2.75
CA GLY A 69 -2.77 -11.47 2.25
C GLY A 69 -2.89 -11.63 0.75
N VAL A 70 -2.57 -10.56 0.03
CA VAL A 70 -2.64 -10.59 -1.44
C VAL A 70 -1.41 -11.29 -2.01
N GLU A 71 -0.24 -10.68 -1.81
CA GLU A 71 1.01 -11.25 -2.32
C GLU A 71 2.19 -10.68 -1.55
CA CA B . 6.39 3.30 4.83
CA CA C . -5.53 5.33 6.32
S1 EMD D . -3.48 0.42 0.56
C2 EMD D . -4.94 1.07 -0.22
O2 EMD D . -5.77 1.69 0.46
N3 EMD D . -5.06 1.00 -1.53
N4 EMD D . -4.10 0.49 -2.38
C5 EMD D . -2.90 0.05 -2.19
C6 EMD D . -2.30 0.19 -0.79
C7 EMD D . -1.33 1.38 -0.76
C8 EMD D . -2.21 -0.81 -3.31
C9 EMD D . -1.82 -2.13 -3.03
C10 EMD D . -1.20 -2.91 -4.02
C11 EMD D . -0.98 -2.34 -5.30
C12 EMD D . -1.37 -1.03 -5.58
C13 EMD D . -1.99 -0.27 -4.58
N14 EMD D . -0.30 -3.20 -6.36
C15 EMD D . -0.24 -4.71 -6.16
C16 EMD D . -0.94 -5.26 -4.93
C17 EMD D . -0.78 -4.34 -3.69
C18 EMD D . 0.28 -2.66 -7.52
O18 EMD D . 0.26 -1.46 -7.75
C19 EMD D . 0.95 -3.56 -8.56
C20 EMD D . 0.22 -4.00 -9.67
C21 EMD D . 0.73 -5.02 -10.49
O21 EMD D . -0.04 -5.43 -11.59
C22 EMD D . 1.96 -5.60 -10.20
O22 EMD D . 2.51 -6.62 -10.98
C23 EMD D . 2.69 -5.16 -9.09
C24 EMD D . 2.19 -4.15 -8.27
C25 EMD D . -0.73 -4.53 -12.48
C26 EMD D . 3.71 -7.35 -10.64
H3 EMD D . -5.98 1.31 -1.89
H6 EMD D . -1.73 -0.70 -0.58
H71 EMD D . -1.74 2.17 -0.15
H72 EMD D . -1.17 1.74 -1.77
H73 EMD D . -0.38 1.07 -0.34
H9 EMD D . -2.00 -2.55 -2.05
H12 EMD D . -1.21 -0.61 -6.55
H13 EMD D . -2.30 0.75 -4.80
H151 EMD D . 0.80 -5.00 -6.10
H152 EMD D . -0.67 -5.20 -7.02
H161 EMD D . -0.56 -6.24 -4.71
H162 EMD D . -1.98 -5.40 -5.15
H171 EMD D . 0.28 -4.35 -3.35
H172 EMD D . -1.38 -4.74 -2.85
H20 EMD D . -0.73 -3.56 -9.91
H23 EMD D . 3.65 -5.61 -8.87
H24 EMD D . 2.76 -3.82 -7.41
H251 EMD D . -0.86 -4.98 -13.46
H252 EMD D . -0.17 -3.60 -12.59
H253 EMD D . -1.71 -4.28 -12.09
H261 EMD D . 3.81 -7.43 -9.57
H262 EMD D . 4.58 -6.83 -11.03
H263 EMD D . 3.67 -8.34 -11.06
N GLY A 1 -0.47 -19.53 3.36
CA GLY A 1 0.16 -18.52 4.21
C GLY A 1 -0.17 -17.11 3.71
N LYS A 2 0.74 -16.18 4.00
CA LYS A 2 0.55 -14.80 3.57
C LYS A 2 -0.66 -14.19 4.27
N SER A 3 -1.26 -13.19 3.63
CA SER A 3 -2.43 -12.52 4.19
C SER A 3 -2.07 -11.82 5.50
N GLU A 4 -3.08 -11.44 6.27
CA GLU A 4 -2.86 -10.78 7.55
C GLU A 4 -1.62 -11.34 8.24
N GLU A 5 -1.37 -12.62 8.00
CA GLU A 5 -0.21 -13.29 8.60
C GLU A 5 1.08 -12.59 8.18
N GLU A 6 1.38 -12.62 6.88
CA GLU A 6 2.59 -12.00 6.37
C GLU A 6 2.36 -10.53 6.04
N LEU A 7 1.09 -10.13 6.03
CA LEU A 7 0.75 -8.74 5.73
C LEU A 7 1.75 -7.80 6.40
N SER A 8 2.16 -8.16 7.61
CA SER A 8 3.12 -7.35 8.34
C SER A 8 4.34 -7.05 7.46
N ASP A 9 4.74 -8.05 6.69
CA ASP A 9 5.88 -7.89 5.81
C ASP A 9 5.53 -6.95 4.66
N LEU A 10 4.46 -7.28 3.95
CA LEU A 10 4.03 -6.45 2.82
C LEU A 10 4.05 -4.97 3.23
N PHE A 11 3.30 -4.65 4.28
CA PHE A 11 3.24 -3.29 4.78
C PHE A 11 4.62 -2.63 4.69
N ARG A 12 5.61 -3.28 5.31
CA ARG A 12 6.96 -2.76 5.29
C ARG A 12 7.58 -2.94 3.91
N MET A 13 7.30 -4.09 3.30
CA MET A 13 7.82 -4.38 1.97
C MET A 13 7.57 -3.21 1.04
N PHE A 14 6.54 -2.43 1.35
CA PHE A 14 6.19 -1.27 0.54
C PHE A 14 6.65 0.01 1.22
N ASP A 15 6.51 0.04 2.55
CA ASP A 15 6.91 1.21 3.32
C ASP A 15 8.43 1.34 3.35
N LYS A 16 8.98 1.96 2.32
CA LYS A 16 10.43 2.14 2.24
C LYS A 16 10.82 3.53 2.72
N ASN A 17 10.11 4.02 3.74
CA ASN A 17 10.40 5.33 4.29
C ASN A 17 10.84 5.23 5.75
N ALA A 18 10.48 4.13 6.39
CA ALA A 18 10.85 3.92 7.79
C ALA A 18 9.94 4.71 8.71
N ASP A 19 8.67 4.85 8.30
CA ASP A 19 7.71 5.61 9.09
C ASP A 19 6.59 4.68 9.55
N GLY A 20 6.42 3.56 8.85
CA GLY A 20 5.38 2.60 9.19
C GLY A 20 4.03 3.02 8.60
N TYR A 21 4.08 3.88 7.58
CA TYR A 21 2.86 4.34 6.94
C TYR A 21 3.12 4.70 5.48
N ILE A 22 2.64 3.85 4.58
CA ILE A 22 2.82 4.10 3.15
C ILE A 22 2.06 5.35 2.73
N ASP A 23 2.65 6.10 1.81
CA ASP A 23 2.01 7.33 1.33
C ASP A 23 1.96 7.35 -0.19
N LEU A 24 0.95 8.03 -0.73
CA LEU A 24 0.80 8.12 -2.18
C LEU A 24 2.15 8.32 -2.84
N GLU A 25 3.04 9.02 -2.12
CA GLU A 25 4.38 9.27 -2.65
C GLU A 25 5.09 7.95 -2.94
N GLU A 26 5.34 7.19 -1.88
CA GLU A 26 6.01 5.89 -2.03
C GLU A 26 5.17 4.96 -2.91
N LEU A 27 3.88 5.29 -3.02
CA LEU A 27 2.98 4.49 -3.83
C LEU A 27 3.21 4.74 -5.32
N LYS A 28 3.02 5.99 -5.72
CA LYS A 28 3.22 6.36 -7.12
C LYS A 28 4.62 5.97 -7.59
N ILE A 29 5.52 5.82 -6.62
CA ILE A 29 6.90 5.46 -6.94
C ILE A 29 6.97 3.99 -7.35
N MET A 30 6.18 3.16 -6.68
CA MET A 30 6.16 1.74 -6.97
C MET A 30 5.33 1.45 -8.22
N LEU A 31 4.83 2.51 -8.85
CA LEU A 31 4.01 2.36 -10.05
C LEU A 31 4.81 2.78 -11.29
N GLN A 32 5.00 4.08 -11.45
CA GLN A 32 5.72 4.61 -12.59
C GLN A 32 7.24 4.55 -12.38
N ALA A 33 7.66 4.66 -11.13
CA ALA A 33 9.09 4.62 -10.82
C ALA A 33 9.63 3.20 -10.83
N THR A 34 8.80 2.25 -10.40
CA THR A 34 9.22 0.86 -10.37
C THR A 34 9.46 0.32 -11.78
N GLY A 35 8.59 0.72 -12.70
CA GLY A 35 8.70 0.28 -14.09
C GLY A 35 7.32 -0.10 -14.62
N GLU A 36 6.35 0.78 -14.40
CA GLU A 36 4.99 0.53 -14.86
C GLU A 36 4.42 1.76 -15.57
N THR A 37 4.07 1.59 -16.83
CA THR A 37 3.51 2.69 -17.61
C THR A 37 2.00 2.72 -17.44
N ILE A 38 1.56 3.38 -16.37
CA ILE A 38 0.13 3.49 -16.10
C ILE A 38 -0.31 4.95 -16.09
N THR A 39 -1.62 5.16 -16.21
CA THR A 39 -2.16 6.52 -16.21
C THR A 39 -1.94 7.18 -14.85
N GLU A 40 -2.38 8.42 -14.73
CA GLU A 40 -2.23 9.16 -13.48
C GLU A 40 -3.36 8.81 -12.51
N ASP A 41 -4.51 8.45 -13.07
CA ASP A 41 -5.66 8.10 -12.25
C ASP A 41 -5.35 6.88 -11.38
N ASP A 42 -4.81 5.83 -12.01
CA ASP A 42 -4.47 4.62 -11.28
C ASP A 42 -3.55 4.93 -10.10
N ILE A 43 -2.90 6.09 -10.16
CA ILE A 43 -2.00 6.50 -9.09
C ILE A 43 -2.77 7.16 -7.96
N GLU A 44 -3.33 8.33 -8.25
CA GLU A 44 -4.09 9.06 -7.23
C GLU A 44 -5.27 8.23 -6.75
N GLU A 45 -6.02 7.66 -7.69
CA GLU A 45 -7.16 6.83 -7.34
C GLU A 45 -6.73 5.64 -6.50
N LEU A 46 -5.43 5.36 -6.52
CA LEU A 46 -4.90 4.23 -5.75
C LEU A 46 -5.01 4.50 -4.25
N MET A 47 -4.25 5.48 -3.77
CA MET A 47 -4.27 5.83 -2.35
C MET A 47 -5.62 6.41 -1.96
N LYS A 48 -6.18 7.24 -2.85
CA LYS A 48 -7.46 7.86 -2.58
C LYS A 48 -8.45 6.83 -2.02
N ASP A 49 -8.52 5.68 -2.69
CA ASP A 49 -9.43 4.62 -2.25
C ASP A 49 -8.85 3.90 -1.03
N GLY A 50 -7.53 3.97 -0.89
CA GLY A 50 -6.87 3.32 0.24
C GLY A 50 -6.82 4.25 1.45
N ASP A 51 -7.16 5.51 1.23
CA ASP A 51 -7.16 6.49 2.32
C ASP A 51 -8.52 6.55 2.99
N LYS A 52 -9.09 5.36 3.23
CA LYS A 52 -10.40 5.29 3.87
C LYS A 52 -10.42 6.13 5.14
N ASN A 53 -9.23 6.40 5.68
CA ASN A 53 -9.11 7.20 6.89
C ASN A 53 -8.88 8.66 6.52
N ASN A 54 -8.28 8.86 5.34
CA ASN A 54 -8.02 10.21 4.87
C ASN A 54 -7.00 10.91 5.76
N ASP A 55 -5.79 10.35 5.82
CA ASP A 55 -4.73 10.94 6.64
C ASP A 55 -3.51 11.24 5.79
N GLY A 56 -3.65 11.13 4.48
CA GLY A 56 -2.55 11.40 3.57
C GLY A 56 -1.58 10.22 3.54
N ARG A 57 -2.01 9.09 4.09
CA ARG A 57 -1.16 7.90 4.12
C ARG A 57 -2.02 6.64 4.25
N ILE A 58 -1.36 5.52 4.50
CA ILE A 58 -2.08 4.25 4.64
C ILE A 58 -1.91 3.68 6.04
N ASP A 59 -2.94 3.00 6.53
CA ASP A 59 -2.91 2.41 7.86
C ASP A 59 -3.14 0.91 7.77
N TYR A 60 -2.67 0.19 8.78
CA TYR A 60 -2.82 -1.26 8.81
C TYR A 60 -4.19 -1.66 8.25
N ASP A 61 -5.25 -1.09 8.82
CA ASP A 61 -6.61 -1.40 8.38
C ASP A 61 -6.72 -1.23 6.86
N GLU A 62 -6.45 -0.01 6.39
CA GLU A 62 -6.53 0.28 4.96
C GLU A 62 -5.66 -0.70 4.18
N PHE A 63 -4.37 -0.68 4.48
CA PHE A 63 -3.43 -1.57 3.80
C PHE A 63 -3.93 -3.00 3.83
N LEU A 64 -4.40 -3.43 5.00
CA LEU A 64 -4.91 -4.78 5.17
C LEU A 64 -6.09 -5.02 4.22
N GLU A 65 -7.09 -4.16 4.31
CA GLU A 65 -8.28 -4.27 3.46
C GLU A 65 -7.86 -4.42 2.00
N PHE A 66 -7.25 -3.38 1.46
CA PHE A 66 -6.82 -3.40 0.07
C PHE A 66 -5.77 -4.48 -0.16
N MET A 67 -4.64 -4.35 0.54
CA MET A 67 -3.56 -5.31 0.41
C MET A 67 -3.76 -6.49 1.38
N LYS A 68 -4.85 -7.22 1.17
CA LYS A 68 -5.15 -8.37 2.03
C LYS A 68 -4.40 -9.61 1.54
N GLY A 69 -3.07 -9.54 1.61
CA GLY A 69 -2.24 -10.66 1.16
C GLY A 69 -2.13 -10.66 -0.36
N VAL A 70 -1.57 -9.58 -0.90
CA VAL A 70 -1.41 -9.46 -2.35
C VAL A 70 0.05 -9.18 -2.70
N GLU A 71 0.59 -9.95 -3.63
CA GLU A 71 1.97 -9.76 -4.05
C GLU A 71 2.92 -10.26 -2.97
CA CA B . 6.13 5.97 4.54
CA CA C . -5.36 6.57 5.91
S1 EMD D . -3.34 0.00 -0.11
C2 EMD D . -4.73 0.65 -1.01
O2 EMD D . -5.75 0.99 -0.41
N3 EMD D . -4.68 0.70 -2.33
N4 EMD D . -3.60 0.31 -3.09
C5 EMD D . -2.42 -0.10 -2.79
C6 EMD D . -1.99 -0.07 -1.31
C7 EMD D . -1.09 1.14 -1.05
C8 EMD D . -1.50 -0.73 -3.90
C9 EMD D . -0.39 -1.51 -3.53
C10 EMD D . 0.43 -2.09 -4.51
C11 EMD D . 0.13 -1.86 -5.88
C12 EMD D . -0.98 -1.08 -6.24
C13 EMD D . -1.79 -0.52 -5.25
N14 EMD D . 1.04 -2.47 -6.94
C15 EMD D . 1.97 -3.60 -6.53
C16 EMD D . 1.87 -4.08 -5.09
C17 EMD D . 1.63 -2.93 -4.08
C18 EMD D . 1.05 -2.05 -8.27
O18 EMD D . 0.32 -1.14 -8.65
C19 EMD D . 1.98 -2.70 -9.30
C20 EMD D . 1.43 -3.43 -10.35
C21 EMD D . 2.29 -4.03 -11.30
O21 EMD D . 1.69 -4.77 -12.34
C22 EMD D . 3.66 -3.90 -11.18
O22 EMD D . 4.54 -4.49 -12.09
C23 EMD D . 4.20 -3.17 -10.12
C24 EMD D . 3.37 -2.56 -9.17
C25 EMD D . 0.37 -4.49 -12.88
C26 EMD D . 5.98 -4.50 -11.93
H3 EMD D . -5.57 1.00 -2.77
H6 EMD D . -1.42 -0.95 -1.12
H71 EMD D . -1.30 1.56 -0.08
H72 EMD D . -1.26 1.89 -1.82
H73 EMD D . -0.05 0.84 -1.09
H9 EMD D . -0.17 -1.68 -2.48
H12 EMD D . -1.20 -0.91 -7.28
H13 EMD D . -2.64 0.08 -5.54
H151 EMD D . 2.99 -3.29 -6.69
H152 EMD D . 1.79 -4.46 -7.17
H161 EMD D . 2.77 -4.63 -4.83
H162 EMD D . 1.08 -4.82 -5.01
H171 EMD D . 2.54 -2.29 -4.01
H172 EMD D . 1.46 -3.35 -3.07
H20 EMD D . 0.36 -3.54 -10.45
H23 EMD D . 5.27 -3.06 -10.03
H24 EMD D . 3.79 -1.99 -8.36
H251 EMD D . 0.39 -4.56 -13.96
H252 EMD D . 0.05 -3.49 -12.61
H253 EMD D . -0.35 -5.19 -12.50
H261 EMD D . 6.46 -4.60 -12.90
H262 EMD D . 6.28 -5.33 -11.31
H263 EMD D . 6.32 -3.58 -11.48
N GLY A 1 -5.01 -19.36 2.92
CA GLY A 1 -3.91 -18.76 2.15
C GLY A 1 -3.19 -17.70 2.98
N LYS A 2 -1.99 -18.04 3.43
CA LYS A 2 -1.21 -17.11 4.24
C LYS A 2 -2.02 -16.62 5.44
N SER A 3 -1.40 -15.76 6.24
CA SER A 3 -2.08 -15.22 7.42
C SER A 3 -1.43 -13.91 7.86
N GLU A 4 -2.09 -13.22 8.78
CA GLU A 4 -1.56 -11.95 9.28
C GLU A 4 -0.05 -12.02 9.47
N GLU A 5 0.43 -13.22 9.79
CA GLU A 5 1.86 -13.41 10.00
C GLU A 5 2.66 -12.97 8.77
N GLU A 6 2.11 -13.24 7.59
CA GLU A 6 2.79 -12.88 6.35
C GLU A 6 2.55 -11.41 6.02
N LEU A 7 1.35 -10.92 6.34
CA LEU A 7 1.01 -9.53 6.06
C LEU A 7 2.06 -8.60 6.65
N SER A 8 2.41 -8.83 7.92
CA SER A 8 3.40 -8.00 8.57
C SER A 8 4.54 -7.67 7.61
N ASP A 9 4.95 -8.68 6.84
CA ASP A 9 6.01 -8.50 5.87
C ASP A 9 5.52 -7.60 4.74
N LEU A 10 4.40 -7.98 4.14
CA LEU A 10 3.82 -7.19 3.05
C LEU A 10 3.79 -5.71 3.46
N PHE A 11 3.60 -5.48 4.75
CA PHE A 11 3.56 -4.12 5.29
C PHE A 11 4.95 -3.50 5.28
N ARG A 12 5.94 -4.27 5.71
CA ARG A 12 7.31 -3.78 5.75
C ARG A 12 7.85 -3.54 4.34
N MET A 13 7.84 -4.60 3.54
CA MET A 13 8.32 -4.50 2.16
C MET A 13 7.75 -3.25 1.50
N PHE A 14 6.53 -2.89 1.90
CA PHE A 14 5.88 -1.70 1.35
C PHE A 14 6.56 -0.44 1.88
N ASP A 15 6.88 -0.45 3.16
CA ASP A 15 7.55 0.70 3.78
C ASP A 15 8.97 0.82 3.26
N LYS A 16 9.20 1.79 2.39
CA LYS A 16 10.51 2.00 1.80
C LYS A 16 11.43 2.74 2.77
N ASN A 17 10.86 3.26 3.85
CA ASN A 17 11.65 3.99 4.84
C ASN A 17 11.56 3.31 6.21
N ALA A 18 10.54 2.48 6.38
CA ALA A 18 10.36 1.77 7.65
C ALA A 18 9.95 2.75 8.74
N ASP A 19 8.71 3.23 8.67
CA ASP A 19 8.21 4.18 9.65
C ASP A 19 7.03 3.57 10.42
N GLY A 20 6.38 2.58 9.81
CA GLY A 20 5.25 1.92 10.44
C GLY A 20 3.95 2.28 9.73
N TYR A 21 4.04 3.14 8.72
CA TYR A 21 2.86 3.56 7.97
C TYR A 21 3.22 3.86 6.52
N ILE A 22 2.35 3.43 5.61
CA ILE A 22 2.59 3.66 4.19
C ILE A 22 1.74 4.83 3.71
N ASP A 23 2.31 5.62 2.81
CA ASP A 23 1.62 6.78 2.26
C ASP A 23 1.77 6.81 0.75
N LEU A 24 0.97 7.65 0.10
CA LEU A 24 1.02 7.78 -1.35
C LEU A 24 2.47 7.86 -1.82
N GLU A 25 3.29 8.59 -1.07
CA GLU A 25 4.70 8.74 -1.42
C GLU A 25 5.35 7.38 -1.58
N GLU A 26 4.86 6.41 -0.82
CA GLU A 26 5.40 5.05 -0.88
C GLU A 26 4.71 4.25 -1.98
N LEU A 27 3.51 4.69 -2.34
CA LEU A 27 2.75 4.01 -3.40
C LEU A 27 3.42 4.21 -4.75
N LYS A 28 3.37 5.45 -5.25
CA LYS A 28 3.97 5.77 -6.54
C LYS A 28 5.30 5.05 -6.71
N ILE A 29 6.17 5.21 -5.72
CA ILE A 29 7.48 4.57 -5.77
C ILE A 29 7.35 3.12 -6.20
N MET A 30 6.62 2.34 -5.41
CA MET A 30 6.42 0.92 -5.72
C MET A 30 6.14 0.73 -7.21
N LEU A 31 5.20 1.51 -7.73
CA LEU A 31 4.84 1.41 -9.14
C LEU A 31 6.04 1.73 -10.03
N GLN A 32 6.41 3.01 -10.07
CA GLN A 32 7.53 3.45 -10.89
C GLN A 32 8.69 2.45 -10.83
N ALA A 33 8.79 1.74 -9.70
CA ALA A 33 9.85 0.75 -9.53
C ALA A 33 9.47 -0.58 -10.15
N THR A 34 8.18 -0.92 -10.06
CA THR A 34 7.70 -2.18 -10.61
C THR A 34 6.56 -1.94 -11.60
N GLY A 35 5.47 -1.37 -11.11
CA GLY A 35 4.32 -1.08 -11.96
C GLY A 35 4.44 0.30 -12.60
N GLU A 36 5.65 0.60 -13.06
CA GLU A 36 5.90 1.89 -13.70
C GLU A 36 4.84 2.17 -14.77
N THR A 37 4.46 1.12 -15.49
CA THR A 37 3.46 1.26 -16.55
C THR A 37 2.09 1.57 -15.95
N ILE A 38 1.98 2.74 -15.35
CA ILE A 38 0.72 3.16 -14.74
C ILE A 38 0.55 4.67 -14.86
N THR A 39 -0.70 5.12 -14.80
CA THR A 39 -1.00 6.54 -14.91
C THR A 39 -1.41 7.10 -13.55
N GLU A 40 -2.18 8.19 -13.59
CA GLU A 40 -2.66 8.81 -12.36
C GLU A 40 -4.03 8.27 -11.97
N ASP A 41 -4.24 6.99 -12.26
CA ASP A 41 -5.51 6.35 -11.94
C ASP A 41 -5.33 5.33 -10.81
N ASP A 42 -4.29 4.50 -10.96
CA ASP A 42 -4.01 3.48 -9.95
C ASP A 42 -3.42 4.11 -8.69
N ILE A 43 -3.10 5.40 -8.78
CA ILE A 43 -2.53 6.11 -7.64
C ILE A 43 -3.63 6.67 -6.74
N GLU A 44 -4.39 7.62 -7.28
CA GLU A 44 -5.47 8.25 -6.52
C GLU A 44 -6.61 7.25 -6.30
N GLU A 45 -6.97 6.53 -7.35
CA GLU A 45 -8.05 5.55 -7.25
C GLU A 45 -7.68 4.46 -6.25
N LEU A 46 -6.66 3.68 -6.59
CA LEU A 46 -6.22 2.60 -5.71
C LEU A 46 -6.00 3.11 -4.29
N MET A 47 -5.64 4.38 -4.20
CA MET A 47 -5.40 5.00 -2.89
C MET A 47 -6.73 5.35 -2.22
N LYS A 48 -7.73 5.66 -3.04
CA LYS A 48 -9.05 6.01 -2.53
C LYS A 48 -9.63 4.85 -1.73
N ASP A 49 -9.50 3.65 -2.29
CA ASP A 49 -10.01 2.46 -1.63
C ASP A 49 -9.02 1.95 -0.59
N GLY A 50 -7.75 2.34 -0.75
CA GLY A 50 -6.72 1.93 0.18
C GLY A 50 -6.73 2.80 1.44
N ASP A 51 -7.53 3.87 1.40
CA ASP A 51 -7.63 4.77 2.54
C ASP A 51 -9.07 4.86 3.03
N LYS A 52 -9.64 3.70 3.35
CA LYS A 52 -11.01 3.65 3.82
C LYS A 52 -11.31 4.83 4.75
N ASN A 53 -10.60 4.88 5.88
CA ASN A 53 -10.79 5.96 6.84
C ASN A 53 -10.29 7.28 6.27
N ASN A 54 -9.43 7.19 5.26
CA ASN A 54 -8.87 8.38 4.63
C ASN A 54 -8.05 9.18 5.63
N ASP A 55 -6.82 8.73 5.86
CA ASP A 55 -5.94 9.43 6.80
C ASP A 55 -4.63 9.82 6.13
N GLY A 56 -4.66 9.86 4.79
CA GLY A 56 -3.47 10.22 4.03
C GLY A 56 -2.33 9.24 4.27
N ARG A 57 -2.69 8.00 4.64
CA ARG A 57 -1.69 6.97 4.90
C ARG A 57 -2.36 5.61 5.09
N ILE A 58 -1.52 4.58 5.24
CA ILE A 58 -2.03 3.23 5.43
C ILE A 58 -1.63 2.69 6.79
N ASP A 59 -2.55 1.99 7.45
CA ASP A 59 -2.27 1.43 8.77
C ASP A 59 -2.40 -0.08 8.75
N TYR A 60 -2.19 -0.70 9.91
CA TYR A 60 -2.28 -2.15 10.02
C TYR A 60 -3.73 -2.62 9.90
N ASP A 61 -4.65 -1.67 9.80
CA ASP A 61 -6.06 -2.01 9.67
C ASP A 61 -6.49 -1.97 8.20
N GLU A 62 -6.32 -0.80 7.58
CA GLU A 62 -6.69 -0.63 6.18
C GLU A 62 -5.96 -1.67 5.32
N PHE A 63 -4.65 -1.77 5.53
CA PHE A 63 -3.84 -2.71 4.78
C PHE A 63 -4.32 -4.14 5.04
N LEU A 64 -4.89 -4.35 6.22
CA LEU A 64 -5.40 -5.66 6.60
C LEU A 64 -6.72 -5.95 5.89
N GLU A 65 -7.18 -5.00 5.10
CA GLU A 65 -8.45 -5.17 4.38
C GLU A 65 -8.21 -5.22 2.87
N PHE A 66 -7.40 -4.30 2.37
CA PHE A 66 -7.09 -4.24 0.95
C PHE A 66 -5.99 -5.24 0.60
N MET A 67 -5.18 -5.58 1.61
CA MET A 67 -4.08 -6.53 1.41
C MET A 67 -4.18 -7.68 2.39
N LYS A 68 -5.17 -8.55 2.17
CA LYS A 68 -5.37 -9.71 3.04
C LYS A 68 -4.45 -10.85 2.61
N GLY A 69 -3.19 -10.77 3.04
CA GLY A 69 -2.23 -11.80 2.68
C GLY A 69 -2.31 -12.10 1.19
N VAL A 70 -1.89 -11.14 0.38
CA VAL A 70 -1.92 -11.30 -1.08
C VAL A 70 -0.58 -10.92 -1.70
N GLU A 71 -0.25 -11.58 -2.80
CA GLU A 71 1.00 -11.31 -3.49
C GLU A 71 0.99 -9.91 -4.08
CA CA B . 6.42 4.87 5.17
CA CA C . -6.27 5.94 5.41
S1 EMD D . -2.41 -0.31 0.99
C2 EMD D . -4.02 0.19 0.41
O2 EMD D . -4.94 0.35 1.21
N3 EMD D . -4.25 0.21 -0.90
N4 EMD D . -3.31 -0.08 -1.87
C5 EMD D . -2.05 -0.37 -1.82
C6 EMD D . -1.34 -0.26 -0.46
C7 EMD D . -0.53 1.04 -0.39
C8 EMD D . -1.39 -1.10 -3.04
C9 EMD D . -0.82 -2.36 -2.87
C10 EMD D . -0.23 -3.03 -3.95
C11 EMD D . -0.20 -2.39 -5.22
C12 EMD D . -0.76 -1.13 -5.38
C13 EMD D . -1.35 -0.47 -4.30
N14 EMD D . 0.46 -3.13 -6.38
C15 EMD D . 0.70 -4.62 -6.27
C16 EMD D . 0.20 -5.30 -5.01
C17 EMD D . 0.38 -4.43 -3.75
C18 EMD D . 0.84 -2.49 -7.56
O18 EMD D . 0.68 -1.27 -7.71
C19 EMD D . 1.50 -3.25 -8.71
C20 EMD D . 0.86 -3.34 -9.95
C21 EMD D . 1.41 -4.12 -10.98
O21 EMD D . 0.73 -4.19 -12.19
C22 EMD D . 2.60 -4.80 -10.76
O22 EMD D . 3.20 -5.59 -11.76
C23 EMD D . 3.26 -4.71 -9.52
C24 EMD D . 2.70 -3.93 -8.50
C25 EMD D . 0.17 -3.04 -12.88
C26 EMD D . 4.62 -5.84 -11.86
H3 EMD D . -5.23 0.42 -1.14
H6 EMD D . -0.65 -1.08 -0.39
H71 EMD D . 0.40 0.86 0.12
H72 EMD D . -1.10 1.79 0.15
H73 EMD D . -0.33 1.39 -1.39
H9 EMD D . -0.85 -2.85 -1.90
H12 EMD D . -0.75 -0.65 -6.35
H13 EMD D . -1.79 0.50 -4.43
H151 EMD D . 1.76 -4.81 -6.33
H152 EMD D . 0.24 -5.13 -7.11
H161 EMD D . 0.70 -6.25 -4.88
H162 EMD D . -0.84 -5.55 -5.13
H171 EMD D . 1.46 -4.33 -3.49
H172 EMD D . -0.09 -4.92 -2.86
H20 EMD D . -0.07 -2.81 -10.12
H23 EMD D . 4.18 -5.24 -9.37
H24 EMD D . 3.22 -3.87 -7.55
H251 EMD D . -0.43 -2.45 -12.20
H252 EMD D . -0.46 -3.36 -13.70
H253 EMD D . 0.95 -2.41 -13.28
H261 EMD D . 4.79 -6.83 -12.25
H262 EMD D . 5.08 -5.77 -10.89
H263 EMD D . 5.08 -5.13 -12.53
N GLY A 1 -6.98 -16.19 -1.10
CA GLY A 1 -7.24 -15.65 0.23
C GLY A 1 -6.22 -16.18 1.23
N LYS A 2 -5.42 -15.28 1.78
CA LYS A 2 -4.40 -15.67 2.76
C LYS A 2 -4.76 -15.13 4.14
N SER A 3 -3.81 -15.24 5.06
CA SER A 3 -4.03 -14.75 6.42
C SER A 3 -3.17 -13.53 6.70
N GLU A 4 -3.20 -13.07 7.95
CA GLU A 4 -2.41 -11.90 8.34
C GLU A 4 -0.92 -12.24 8.37
N GLU A 5 -0.62 -13.53 8.42
CA GLU A 5 0.78 -13.97 8.46
C GLU A 5 1.53 -13.45 7.23
N GLU A 6 0.91 -13.60 6.07
CA GLU A 6 1.52 -13.15 4.82
C GLU A 6 1.45 -11.63 4.73
N LEU A 7 0.29 -11.08 5.09
CA LEU A 7 0.09 -9.63 5.03
C LEU A 7 1.31 -8.90 5.59
N SER A 8 1.73 -9.32 6.79
CA SER A 8 2.90 -8.70 7.42
C SER A 8 3.99 -8.42 6.40
N ASP A 9 4.26 -9.43 5.56
CA ASP A 9 5.29 -9.29 4.54
C ASP A 9 4.91 -8.20 3.54
N LEU A 10 3.63 -8.14 3.21
CA LEU A 10 3.13 -7.15 2.27
C LEU A 10 3.33 -5.74 2.83
N PHE A 11 3.18 -5.62 4.14
CA PHE A 11 3.34 -4.34 4.81
C PHE A 11 4.82 -3.93 4.86
N ARG A 12 5.67 -4.88 5.23
CA ARG A 12 7.10 -4.61 5.34
C ARG A 12 7.72 -4.35 3.96
N MET A 13 7.28 -5.14 2.98
CA MET A 13 7.81 -4.98 1.63
C MET A 13 7.39 -3.62 1.05
N PHE A 14 6.19 -3.19 1.41
CA PHE A 14 5.67 -1.91 0.93
C PHE A 14 6.30 -0.76 1.71
N ASP A 15 6.65 -1.03 2.96
CA ASP A 15 7.26 -0.01 3.81
C ASP A 15 8.73 0.17 3.46
N LYS A 16 9.03 1.26 2.77
CA LYS A 16 10.41 1.55 2.38
C LYS A 16 11.14 2.33 3.48
N ASN A 17 10.40 2.67 4.53
CA ASN A 17 10.98 3.42 5.64
C ASN A 17 10.85 2.64 6.95
N ALA A 18 10.03 1.59 6.92
CA ALA A 18 9.82 0.77 8.11
C ALA A 18 9.42 1.65 9.29
N ASP A 19 8.29 2.34 9.14
CA ASP A 19 7.80 3.22 10.20
C ASP A 19 6.46 2.72 10.73
N GLY A 20 5.80 1.89 9.93
CA GLY A 20 4.51 1.34 10.33
C GLY A 20 3.37 1.94 9.50
N TYR A 21 3.71 2.91 8.66
CA TYR A 21 2.70 3.56 7.82
C TYR A 21 3.26 3.84 6.42
N ILE A 22 2.59 3.31 5.41
CA ILE A 22 3.00 3.52 4.03
C ILE A 22 2.58 4.90 3.56
N ASP A 23 3.43 5.53 2.74
CA ASP A 23 3.13 6.86 2.24
C ASP A 23 3.01 6.84 0.72
N LEU A 24 2.63 8.00 0.16
CA LEU A 24 2.47 8.12 -1.29
C LEU A 24 3.78 7.79 -2.01
N GLU A 25 4.86 8.40 -1.54
CA GLU A 25 6.17 8.17 -2.15
C GLU A 25 6.38 6.69 -2.43
N GLU A 26 6.06 5.86 -1.44
CA GLU A 26 6.22 4.42 -1.60
C GLU A 26 5.26 3.90 -2.68
N LEU A 27 4.04 4.41 -2.63
CA LEU A 27 3.03 4.00 -3.62
C LEU A 27 3.59 4.14 -5.04
N LYS A 28 3.72 5.39 -5.49
CA LYS A 28 4.25 5.65 -6.82
C LYS A 28 5.39 4.69 -7.14
N ILE A 29 6.40 4.66 -6.27
CA ILE A 29 7.54 3.77 -6.48
C ILE A 29 7.06 2.34 -6.73
N MET A 30 6.01 1.94 -6.03
CA MET A 30 5.46 0.59 -6.19
C MET A 30 4.87 0.43 -7.58
N LEU A 31 4.66 1.56 -8.26
CA LEU A 31 4.10 1.53 -9.60
C LEU A 31 5.17 1.88 -10.64
N GLN A 32 5.90 2.96 -10.36
CA GLN A 32 6.95 3.40 -11.26
C GLN A 32 8.07 2.37 -11.33
N ALA A 33 8.30 1.69 -10.21
CA ALA A 33 9.36 0.67 -10.15
C ALA A 33 8.96 -0.57 -10.94
N THR A 34 7.65 -0.84 -11.00
CA THR A 34 7.17 -2.01 -11.72
C THR A 34 6.90 -1.67 -13.18
N GLY A 35 7.95 -1.22 -13.88
CA GLY A 35 7.82 -0.87 -15.29
C GLY A 35 7.12 0.47 -15.48
N GLU A 36 6.78 1.11 -14.36
CA GLU A 36 6.11 2.40 -14.40
C GLU A 36 5.13 2.46 -15.57
N THR A 37 4.29 1.44 -15.68
CA THR A 37 3.31 1.39 -16.74
C THR A 37 1.98 1.99 -16.27
N ILE A 38 2.08 2.99 -15.41
CA ILE A 38 0.89 3.65 -14.87
C ILE A 38 1.11 5.15 -14.76
N THR A 39 0.02 5.89 -14.64
CA THR A 39 0.10 7.35 -14.52
C THR A 39 -0.61 7.82 -13.26
N GLU A 40 -0.64 9.13 -13.06
CA GLU A 40 -1.30 9.70 -11.89
C GLU A 40 -2.62 8.99 -11.63
N ASP A 41 -3.35 8.71 -12.70
CA ASP A 41 -4.65 8.04 -12.58
C ASP A 41 -4.44 6.60 -12.12
N ASP A 42 -4.11 6.44 -10.85
CA ASP A 42 -3.88 5.12 -10.27
C ASP A 42 -3.15 5.25 -8.94
N ILE A 43 -2.38 6.33 -8.81
CA ILE A 43 -1.62 6.57 -7.58
C ILE A 43 -2.52 7.22 -6.53
N GLU A 44 -3.15 8.33 -6.91
CA GLU A 44 -4.03 9.05 -6.00
C GLU A 44 -5.37 8.33 -5.88
N GLU A 45 -5.91 7.92 -7.02
CA GLU A 45 -7.20 7.22 -7.03
C GLU A 45 -7.16 6.00 -6.12
N LEU A 46 -6.19 5.12 -6.36
CA LEU A 46 -6.05 3.91 -5.57
C LEU A 46 -5.72 4.25 -4.11
N MET A 47 -4.77 5.16 -3.93
CA MET A 47 -4.37 5.55 -2.58
C MET A 47 -5.59 5.89 -1.73
N LYS A 48 -6.31 6.94 -2.13
CA LYS A 48 -7.51 7.35 -1.41
C LYS A 48 -8.51 6.21 -1.34
N ASP A 49 -8.42 5.30 -2.31
CA ASP A 49 -9.32 4.16 -2.35
C ASP A 49 -9.10 3.27 -1.14
N GLY A 50 -7.84 3.17 -0.72
CA GLY A 50 -7.48 2.37 0.44
C GLY A 50 -7.08 3.26 1.61
N ASP A 51 -7.53 4.50 1.56
CA ASP A 51 -7.23 5.46 2.62
C ASP A 51 -8.49 5.81 3.40
N LYS A 52 -9.12 4.78 3.94
CA LYS A 52 -10.36 4.96 4.71
C LYS A 52 -10.09 5.71 6.01
N ASN A 53 -8.82 5.97 6.29
CA ASN A 53 -8.45 6.68 7.51
C ASN A 53 -8.27 8.16 7.21
N ASN A 54 -8.08 8.47 5.92
CA ASN A 54 -7.91 9.85 5.50
C ASN A 54 -6.75 10.50 6.27
N ASP A 55 -5.57 9.90 6.15
CA ASP A 55 -4.39 10.43 6.84
C ASP A 55 -3.24 10.60 5.87
N GLY A 56 -3.51 10.35 4.57
CA GLY A 56 -2.46 10.48 3.56
C GLY A 56 -1.45 9.35 3.66
N ARG A 57 -1.92 8.19 4.08
CA ARG A 57 -1.04 7.03 4.23
C ARG A 57 -1.88 5.77 4.46
N ILE A 58 -1.19 4.65 4.68
CA ILE A 58 -1.88 3.38 4.89
C ILE A 58 -1.57 2.85 6.29
N ASP A 59 -2.59 2.27 6.93
CA ASP A 59 -2.41 1.73 8.28
C ASP A 59 -2.67 0.22 8.27
N TYR A 60 -2.20 -0.45 9.33
CA TYR A 60 -2.38 -1.90 9.44
C TYR A 60 -3.84 -2.27 9.17
N ASP A 61 -4.75 -1.48 9.73
CA ASP A 61 -6.18 -1.73 9.54
C ASP A 61 -6.55 -1.59 8.07
N GLU A 62 -6.16 -0.47 7.48
CA GLU A 62 -6.45 -0.21 6.08
C GLU A 62 -5.78 -1.26 5.21
N PHE A 63 -4.52 -1.54 5.53
CA PHE A 63 -3.74 -2.53 4.80
C PHE A 63 -4.38 -3.90 4.96
N LEU A 64 -5.03 -4.10 6.10
CA LEU A 64 -5.68 -5.38 6.39
C LEU A 64 -6.99 -5.50 5.62
N GLU A 65 -7.53 -4.36 5.20
CA GLU A 65 -8.79 -4.35 4.46
C GLU A 65 -8.53 -4.28 2.97
N PHE A 66 -7.75 -3.29 2.56
CA PHE A 66 -7.44 -3.11 1.13
C PHE A 66 -6.45 -4.18 0.67
N MET A 67 -5.43 -4.42 1.48
CA MET A 67 -4.42 -5.42 1.14
C MET A 67 -4.57 -6.66 2.01
N LYS A 68 -5.65 -7.40 1.77
CA LYS A 68 -5.91 -8.62 2.54
C LYS A 68 -5.01 -9.76 2.05
N GLY A 69 -3.71 -9.58 2.23
CA GLY A 69 -2.75 -10.59 1.80
C GLY A 69 -3.04 -11.02 0.37
N VAL A 70 -2.88 -10.09 -0.56
CA VAL A 70 -3.14 -10.38 -1.98
C VAL A 70 -1.91 -10.99 -2.62
N GLU A 71 -0.92 -10.15 -2.90
CA GLU A 71 0.32 -10.62 -3.53
C GLU A 71 1.49 -10.45 -2.58
CA CA B . 6.22 3.65 4.47
CA CA C . -4.59 5.84 6.55
S1 EMD D . -2.67 -0.34 0.66
C2 EMD D . -4.20 0.48 0.25
O2 EMD D . -4.97 0.85 1.14
N3 EMD D . -4.51 0.68 -1.03
N4 EMD D . -3.70 0.34 -2.08
C5 EMD D . -2.51 -0.16 -2.17
C6 EMD D . -1.70 -0.31 -0.86
C7 EMD D . -0.68 0.83 -0.75
C8 EMD D . -2.02 -0.79 -3.52
C9 EMD D . -1.70 -2.16 -3.57
C10 EMD D . -1.26 -2.74 -4.77
C11 EMD D . -1.15 -1.93 -5.93
C12 EMD D . -1.48 -0.56 -5.87
C13 EMD D . -1.91 0.01 -4.67
N14 EMD D . -0.67 -2.57 -7.23
C15 EMD D . -0.71 -4.10 -7.34
C16 EMD D . -1.29 -4.85 -6.17
C17 EMD D . -0.91 -4.23 -4.80
C18 EMD D . -0.19 -1.84 -8.31
O18 EMD D . -0.14 -0.61 -8.28
C19 EMD D . 0.28 -2.53 -9.59
C20 EMD D . -0.46 -2.40 -10.77
C21 EMD D . -0.04 -3.05 -11.94
O21 EMD D . -0.81 -2.89 -13.10
C22 EMD D . 1.11 -3.82 -11.92
O22 EMD D . 1.57 -4.50 -13.05
C23 EMD D . 1.85 -3.96 -10.74
C24 EMD D . 1.44 -3.31 -9.58
C25 EMD D . -1.86 -1.90 -13.26
C26 EMD D . 2.58 -5.55 -13.03
H3 EMD D . -5.45 1.07 -1.17
H6 EMD D . -1.16 -1.24 -0.93
H71 EMD D . -0.17 0.95 -1.69
H72 EMD D . 0.03 0.59 0.03
H73 EMD D . -1.20 1.74 -0.49
H9 EMD D . -1.78 -2.76 -2.68
H12 EMD D . -1.39 0.04 -6.76
H13 EMD D . -2.16 1.05 -4.64
H151 EMD D . 0.30 -4.45 -7.48
H152 EMD D . -1.28 -4.36 -8.22
H161 EMD D . -0.96 -5.89 -6.20
H162 EMD D . -2.37 -4.89 -6.27
H171 EMD D . 0.17 -4.37 -4.60
H172 EMD D . -1.44 -4.77 -3.98
H20 EMD D . -1.36 -1.79 -10.79
H23 EMD D . 2.75 -4.56 -10.74
H24 EMD D . 2.02 -3.41 -8.67
H251 EMD D . -2.40 -2.07 -14.17
H252 EMD D . -1.43 -0.91 -13.29
H253 EMD D . -2.55 -1.95 -12.43
H261 EMD D . 3.01 -5.69 -14.01
H262 EMD D . 2.13 -6.47 -12.72
H263 EMD D . 3.36 -5.29 -12.34
#